data_6F5D
#
_entry.id   6F5D
#
_cell.length_a   124.218
_cell.length_b   206.350
_cell.length_c   130.210
_cell.angle_alpha   90.00
_cell.angle_beta   104.85
_cell.angle_gamma   90.00
#
_symmetry.space_group_name_H-M   'P 1 21 1'
#
loop_
_entity.id
_entity.type
_entity.pdbx_description
1 polymer 'ATP synthase subunit alpha, mitochondrial'
2 polymer 'ATP synthase subunit beta, mitochondrial'
3 polymer 'ATP synthase gamma subunit'
4 polymer 'ATP synthase subunit delta, mitochondrial'
5 polymer 'ATP synthase subunit epsilon, mitochondrial'
6 polymer 'ATP synthase subunit p18, mitochondrial'
7 non-polymer "ADENOSINE-5'-DIPHOSPHATE"
8 non-polymer 'MAGNESIUM ION'
9 water water
#
loop_
_entity_poly.entity_id
_entity_poly.type
_entity_poly.pdbx_seq_one_letter_code
_entity_poly.pdbx_strand_id
1 'polypeptide(L)'
;AATAPAGASTTSSTSSAQKSFFKTTEMIGYVHSIDGTIATLIPAPGNPGVAYNTIIQIQVSPTTFAAGLVFNLEKDGRIG
IILMDNITEVQSGQKVMATGQLLHIPVGAGVLGKVVNPLGHEVPVGLVTRSRRLLDSTLGKVDTGAPNIVSRSPVNYNLL
TGFKAVDTMIPIGRGQRELIVGDRQTGKTSIAVSTIINQVRINQQILSKNAVISIYVSIGQRCSNVARIHRLLQSYGALR
YTTVMAATAAEPAGLQYLAPYAGVTMGEYFMNRGRHCLCVYDDLSKQAVAYRQISLLLRRPPGREAYPGDVFYLHSRLLE
RAAMLSPGKGGGSVTALPIVETLSNDVTAYIVTNVISITDGQIYLDTKLFTGGQRPAVNIGLSVSRVGSSAQNAAMKGVA
GKLKGILAEYRKLAADSVGGQQVQTIPMIRGARFVALFNQKQPSYFMNAIVSLYACLNGYLDDVKVQYVKFYEYLLVHRD
LGIMYGTAKNKFFYMYVQELNYLIRFFTLNSPILHGELEEMLKQHTHLFLQHYQSKMNAIKSEKDVKALKNLLYSCKRAV
;
A,B,C
2 'polypeptide(L)'
;ASTAPVADHKGRVGHVSQVIGAVVDVHFADGVPPVLTALDVVDKLGRDEPLTLEIVQHLDAHTGRCIAMQTTDLLKLKAK
VVSTGGNISVPVGRETLGRIFNVLGDAIDQRGPVGEKLRMPIHAVAPKLADQAAEDAVLTTGIKVIDLILPYCKGGKIGL
FGGAGVGKTVIIMELINNVAKGHGGFSVFAGVGERTREGTDLYLEMMQSKVIDLKGESKCVLVYGQMNEPPGARARVAQS
ALTMAEYFRDVEGQDVLLFIDNIFRFTQANSEVSALLGRIPAAVGYQPTLAEDLGQLQERITSTTKGSITSVQAVYVPAD
DITDPAPATTFSHLDATTVLDRAVAESGIYPAVNPLECASRIMDPDVISVDHYNVAQDVVQMLTKYRELQDIIAVLGIDE
LSEEDKLIVDRARKLVKFLSQPFQVAEVFTGMTGHYVQLDDTIDSFSGLLMGTYDQVPEMAFYMVGGINSVLEKAKKMAE
EAAELEKMRRARVAQASS
;
D,E,F
3 'polypeptide(L)'
;SGKLRLYKEKLEGYNRFYSIVKTIKMVTLAKYRAAQGRIRTRDFSLRYTELAFSKPQASRDAVAAAKNALVYIPITTNRG
SCGALNSNIVRCIDSVVSSKMVLMPVGKRGIDSFSKLYPDEFRYGIINDMKESMHFGYATFVIENAYEVSKDADRYQVIF
NRFVSAGVQRNAVYNIPSYEKWKEDLADAASSDNQKNRYLFANALQNEEEQLIRDFFDFHAALAVLNAVGENELSEQAAR
LVAVEGQLTNISSLQQRTSSLYNKTRQFGITAALIEILSAMSSLEGNAMKGVRRNKFWEGAVTK
;
G
4 'polypeptide(L)'
;QSAPHDLPEGFEFMEHKVVNKDIHAPHENLETLRLTLTRQDEFLLREEPVKCVTVTGTNGEYGIYPGHAYKIVQLNPSPL
TVEYTDGTTKKYFVSGGFAHINNEGSCDVNTVECTLLDDLDLAIAEKELAAQQAALGSAKDDKAKSVVEIRISVIEAVIA
ALKHH
;
H
5 'polypeptide(L)' SSSWRDHGISYLKYLNVCTETLHSTVKESRRAKYERWSKPCYTAQRPDGAGGQETIDKVPIHTKDY I
6 'polypeptide(L)'
;AATSAAKKYDLFGYEVDTNTAPWIEKIKKCKYYDEAGEVLVNMNVSNCPPDIATYNATLQCIYQSPSKQSTPVDNESKFC
AMMDLLEEMQHRNRLKPNEESWTWVMKECVKSGQFRLGYCIQQVMETECKGCPADLVKANEANAQKAKTEGKEHPGHLSQ
QAGLFDVKVE
;
J,K,L
#
loop_
_chem_comp.id
_chem_comp.type
_chem_comp.name
_chem_comp.formula
ADP non-polymer ADENOSINE-5'-DIPHOSPHATE 'C10 H15 N5 O10 P2'
MG non-polymer 'MAGNESIUM ION' 'Mg 2'
#
# COMPACT_ATOMS: atom_id res chain seq x y z
N SER A 20 -3.93 6.51 -50.42
CA SER A 20 -3.74 6.48 -51.90
C SER A 20 -2.88 5.29 -52.37
N PHE A 21 -2.84 5.08 -53.68
CA PHE A 21 -1.98 4.06 -54.30
C PHE A 21 -0.53 4.56 -54.29
N PHE A 22 0.31 3.94 -53.47
CA PHE A 22 1.71 4.37 -53.29
C PHE A 22 2.59 4.02 -54.50
N LYS A 23 3.75 4.67 -54.58
CA LYS A 23 4.64 4.58 -55.73
C LYS A 23 5.75 3.55 -55.49
N THR A 24 5.71 2.43 -56.24
CA THR A 24 6.74 1.40 -56.16
C THR A 24 8.01 1.86 -56.89
N THR A 25 9.15 1.25 -56.54
CA THR A 25 10.45 1.55 -57.16
C THR A 25 11.26 0.29 -57.44
N GLU A 26 11.66 -0.41 -56.38
CA GLU A 26 12.56 -1.57 -56.47
C GLU A 26 12.08 -2.71 -55.58
N MET A 27 12.21 -3.94 -56.07
CA MET A 27 11.80 -5.14 -55.34
C MET A 27 12.88 -5.53 -54.31
N ILE A 28 12.66 -5.12 -53.06
CA ILE A 28 13.67 -5.24 -52.00
C ILE A 28 13.81 -6.63 -51.33
N GLY A 29 12.74 -7.42 -51.31
CA GLY A 29 12.80 -8.76 -50.70
C GLY A 29 11.54 -9.58 -50.73
N TYR A 30 11.60 -10.74 -50.05
CA TYR A 30 10.46 -11.65 -49.90
C TYR A 30 10.01 -11.68 -48.44
N VAL A 31 8.74 -12.01 -48.23
CA VAL A 31 8.18 -12.14 -46.87
C VAL A 31 8.58 -13.48 -46.27
N HIS A 32 9.13 -13.45 -45.06
CA HIS A 32 9.65 -14.64 -44.38
C HIS A 32 8.65 -15.15 -43.33
N SER A 33 8.40 -14.34 -42.31
CA SER A 33 7.53 -14.72 -41.20
C SER A 33 6.43 -13.68 -41.02
N ILE A 34 5.28 -14.13 -40.50
CA ILE A 34 4.18 -13.25 -40.12
C ILE A 34 3.77 -13.62 -38.69
N ASP A 35 3.36 -12.62 -37.91
CA ASP A 35 2.85 -12.84 -36.56
C ASP A 35 1.71 -11.85 -36.30
N GLY A 36 0.57 -12.11 -36.94
CA GLY A 36 -0.59 -11.24 -36.88
C GLY A 36 -0.42 -10.02 -37.76
N THR A 37 -0.03 -8.90 -37.16
CA THR A 37 0.11 -7.61 -37.85
C THR A 37 1.59 -7.15 -37.96
N ILE A 38 2.51 -8.08 -37.76
CA ILE A 38 3.95 -7.83 -37.88
C ILE A 38 4.57 -8.91 -38.77
N ALA A 39 5.67 -8.57 -39.43
CA ALA A 39 6.38 -9.51 -40.29
C ALA A 39 7.87 -9.18 -40.37
N THR A 40 8.65 -10.13 -40.86
CA THR A 40 10.05 -9.91 -41.21
C THR A 40 10.31 -10.41 -42.63
N LEU A 41 11.22 -9.74 -43.33
CA LEU A 41 11.54 -10.06 -44.73
C LEU A 41 12.96 -10.63 -44.85
N ILE A 42 13.20 -11.37 -45.93
CA ILE A 42 14.55 -11.77 -46.34
C ILE A 42 14.89 -10.95 -47.58
N PRO A 43 16.12 -10.41 -47.68
CA PRO A 43 16.44 -9.58 -48.84
C PRO A 43 16.55 -10.39 -50.13
N ALA A 44 16.19 -9.76 -51.26
CA ALA A 44 16.29 -10.38 -52.57
C ALA A 44 17.75 -10.45 -53.00
N PRO A 45 18.08 -11.29 -54.02
CA PRO A 45 19.45 -11.36 -54.52
C PRO A 45 20.01 -9.98 -54.92
N GLY A 46 21.21 -9.68 -54.43
CA GLY A 46 21.80 -8.35 -54.56
C GLY A 46 21.86 -7.59 -53.23
N ASN A 47 20.87 -7.82 -52.37
CA ASN A 47 20.74 -7.14 -51.06
C ASN A 47 20.62 -5.62 -51.24
N PRO A 48 19.48 -5.13 -51.76
CA PRO A 48 19.31 -3.69 -51.98
C PRO A 48 19.25 -2.89 -50.68
N GLY A 49 18.45 -3.36 -49.73
CA GLY A 49 18.29 -2.70 -48.44
C GLY A 49 17.38 -1.49 -48.54
N VAL A 50 16.18 -1.61 -47.98
CA VAL A 50 15.22 -0.50 -47.93
C VAL A 50 15.64 0.52 -46.87
N ALA A 51 15.22 1.77 -47.07
CA ALA A 51 15.48 2.84 -46.10
C ALA A 51 14.57 2.72 -44.88
N TYR A 52 15.01 3.29 -43.76
CA TYR A 52 14.29 3.17 -42.47
C TYR A 52 13.05 4.05 -42.41
N ASN A 53 12.01 3.55 -41.74
CA ASN A 53 10.75 4.27 -41.50
C ASN A 53 9.94 4.56 -42.78
N THR A 54 10.21 3.81 -43.85
CA THR A 54 9.56 4.03 -45.14
C THR A 54 8.43 3.04 -45.37
N ILE A 55 7.53 3.37 -46.30
CA ILE A 55 6.43 2.49 -46.67
C ILE A 55 6.95 1.44 -47.67
N ILE A 56 6.41 0.23 -47.59
CA ILE A 56 6.69 -0.84 -48.56
C ILE A 56 5.40 -1.55 -48.95
N GLN A 57 5.27 -1.88 -50.24
CA GLN A 57 4.08 -2.53 -50.79
C GLN A 57 4.33 -4.02 -51.03
N ILE A 58 3.57 -4.87 -50.35
CA ILE A 58 3.67 -6.33 -50.49
C ILE A 58 2.63 -6.79 -51.51
N GLN A 59 3.07 -7.48 -52.55
CA GLN A 59 2.16 -8.03 -53.58
C GLN A 59 1.37 -9.23 -53.06
N VAL A 60 0.18 -8.96 -52.53
CA VAL A 60 -0.73 -10.04 -52.07
C VAL A 60 -1.33 -10.82 -53.24
N SER A 61 -1.59 -10.12 -54.34
CA SER A 61 -2.01 -10.74 -55.61
C SER A 61 -1.32 -9.97 -56.75
N PRO A 62 -1.46 -10.45 -58.00
CA PRO A 62 -0.94 -9.67 -59.14
C PRO A 62 -1.53 -8.26 -59.26
N THR A 63 -2.82 -8.11 -58.95
CA THR A 63 -3.51 -6.81 -59.04
C THR A 63 -3.39 -5.93 -57.77
N THR A 64 -3.43 -6.55 -56.59
CA THR A 64 -3.53 -5.83 -55.31
C THR A 64 -2.19 -5.76 -54.55
N PHE A 65 -2.05 -4.71 -53.74
CA PHE A 65 -0.90 -4.54 -52.84
C PHE A 65 -1.35 -4.44 -51.37
N ALA A 66 -0.38 -4.52 -50.46
CA ALA A 66 -0.62 -4.37 -49.02
C ALA A 66 0.50 -3.57 -48.37
N ALA A 67 0.17 -2.39 -47.86
CA ALA A 67 1.16 -1.45 -47.30
C ALA A 67 1.76 -1.94 -45.98
N GLY A 68 2.93 -1.39 -45.64
CA GLY A 68 3.64 -1.73 -44.41
C GLY A 68 4.78 -0.76 -44.11
N LEU A 69 5.06 -0.54 -42.83
CA LEU A 69 6.10 0.40 -42.40
C LEU A 69 7.32 -0.37 -41.86
N VAL A 70 8.52 0.12 -42.18
CA VAL A 70 9.78 -0.51 -41.78
C VAL A 70 10.19 -0.03 -40.39
N PHE A 71 10.35 -0.95 -39.44
CA PHE A 71 10.67 -0.64 -38.05
C PHE A 71 12.03 -1.16 -37.54
N ASN A 72 12.56 -2.23 -38.16
CA ASN A 72 13.85 -2.82 -37.79
C ASN A 72 14.67 -3.14 -39.05
N LEU A 73 15.95 -2.75 -39.06
CA LEU A 73 16.90 -3.13 -40.13
C LEU A 73 18.03 -3.95 -39.51
N GLU A 74 17.85 -5.27 -39.48
CA GLU A 74 18.78 -6.18 -38.80
C GLU A 74 20.10 -6.38 -39.57
N LYS A 75 21.13 -6.79 -38.83
CA LYS A 75 22.46 -7.06 -39.39
C LYS A 75 22.46 -8.12 -40.49
N ASP A 76 21.58 -9.12 -40.33
CA ASP A 76 21.42 -10.23 -41.28
C ASP A 76 21.08 -9.75 -42.71
N GLY A 77 20.40 -8.61 -42.81
CA GLY A 77 19.82 -8.14 -44.06
C GLY A 77 18.29 -8.15 -43.99
N ARG A 78 17.75 -8.79 -42.95
CA ARG A 78 16.31 -8.89 -42.74
C ARG A 78 15.72 -7.56 -42.31
N ILE A 79 14.46 -7.36 -42.67
CA ILE A 79 13.77 -6.09 -42.47
C ILE A 79 12.44 -6.34 -41.75
N GLY A 80 12.26 -5.73 -40.59
CA GLY A 80 11.03 -5.84 -39.82
C GLY A 80 9.93 -4.92 -40.35
N ILE A 81 8.73 -5.48 -40.54
CA ILE A 81 7.60 -4.77 -41.14
C ILE A 81 6.41 -4.71 -40.18
N ILE A 82 5.73 -3.56 -40.14
CA ILE A 82 4.45 -3.41 -39.44
C ILE A 82 3.36 -3.38 -40.50
N LEU A 83 2.51 -4.41 -40.52
CA LEU A 83 1.46 -4.52 -41.53
C LEU A 83 0.34 -3.51 -41.29
N MET A 84 -0.24 -3.02 -42.38
CA MET A 84 -1.24 -1.93 -42.35
C MET A 84 -2.53 -2.31 -43.06
N ASP A 85 -2.44 -2.64 -44.35
CA ASP A 85 -3.62 -3.05 -45.16
C ASP A 85 -3.60 -4.55 -45.46
N ASN A 86 -4.77 -5.08 -45.79
CA ASN A 86 -4.96 -6.45 -46.30
C ASN A 86 -4.10 -7.49 -45.56
N ILE A 87 -4.25 -7.53 -44.24
CA ILE A 87 -3.43 -8.36 -43.37
C ILE A 87 -3.74 -9.86 -43.54
N THR A 88 -5.02 -10.18 -43.76
CA THR A 88 -5.44 -11.55 -44.07
C THR A 88 -4.83 -12.06 -45.39
N GLU A 89 -4.66 -11.16 -46.35
CA GLU A 89 -4.11 -11.52 -47.67
C GLU A 89 -2.57 -11.64 -47.72
N VAL A 90 -1.87 -11.18 -46.68
CA VAL A 90 -0.41 -11.31 -46.61
C VAL A 90 -0.03 -12.75 -46.33
N GLN A 91 1.02 -13.22 -47.01
CA GLN A 91 1.49 -14.60 -46.92
C GLN A 91 3.01 -14.63 -47.01
N SER A 92 3.60 -15.74 -46.55
CA SER A 92 5.04 -15.94 -46.63
C SER A 92 5.42 -16.32 -48.07
N GLY A 93 6.53 -15.75 -48.55
CA GLY A 93 7.00 -15.98 -49.92
C GLY A 93 6.55 -14.95 -50.94
N GLN A 94 5.76 -13.96 -50.51
CA GLN A 94 5.28 -12.91 -51.42
C GLN A 94 6.35 -11.86 -51.66
N LYS A 95 6.27 -11.21 -52.83
CA LYS A 95 7.24 -10.19 -53.21
C LYS A 95 6.94 -8.87 -52.51
N VAL A 96 7.98 -8.09 -52.24
CA VAL A 96 7.87 -6.82 -51.50
C VAL A 96 8.56 -5.69 -52.26
N MET A 97 7.77 -4.73 -52.71
CA MET A 97 8.28 -3.53 -53.40
C MET A 97 8.47 -2.40 -52.38
N ALA A 98 9.47 -1.56 -52.61
CA ALA A 98 9.76 -0.42 -51.72
C ALA A 98 9.39 0.90 -52.38
N THR A 99 9.04 1.89 -51.56
CA THR A 99 8.81 3.26 -52.00
C THR A 99 10.10 4.09 -51.95
N GLY A 100 10.91 3.87 -50.91
CA GLY A 100 12.09 4.68 -50.65
C GLY A 100 11.76 6.08 -50.15
N GLN A 101 10.56 6.24 -49.55
CA GLN A 101 10.07 7.52 -49.07
C GLN A 101 9.31 7.35 -47.75
N LEU A 102 9.32 8.42 -46.95
CA LEU A 102 8.50 8.48 -45.74
C LEU A 102 7.03 8.60 -46.11
N LEU A 103 6.16 8.29 -45.15
CA LEU A 103 4.72 8.28 -45.40
C LEU A 103 4.18 9.71 -45.59
N HIS A 104 3.70 9.98 -46.80
CA HIS A 104 2.97 11.23 -47.10
C HIS A 104 1.49 10.89 -47.25
N ILE A 105 0.63 11.84 -46.90
CA ILE A 105 -0.83 11.66 -46.92
C ILE A 105 -1.56 12.85 -47.56
N PRO A 106 -2.82 12.65 -48.01
CA PRO A 106 -3.58 13.79 -48.53
C PRO A 106 -3.94 14.78 -47.42
N VAL A 107 -3.65 16.06 -47.65
CA VAL A 107 -3.90 17.12 -46.66
C VAL A 107 -4.40 18.38 -47.39
N GLY A 108 -5.29 19.11 -46.71
CA GLY A 108 -5.82 20.38 -47.22
C GLY A 108 -7.24 20.66 -46.79
N ALA A 109 -7.84 21.67 -47.42
CA ALA A 109 -9.24 22.03 -47.20
C ALA A 109 -10.20 21.02 -47.83
N GLY A 110 -9.78 20.38 -48.93
CA GLY A 110 -10.58 19.34 -49.59
C GLY A 110 -10.81 18.06 -48.80
N VAL A 111 -9.96 17.80 -47.81
CA VAL A 111 -10.09 16.63 -46.93
C VAL A 111 -11.13 16.85 -45.82
N LEU A 112 -11.52 18.10 -45.56
CA LEU A 112 -12.51 18.43 -44.52
C LEU A 112 -13.89 17.85 -44.79
N GLY A 113 -14.61 17.53 -43.72
CA GLY A 113 -15.92 16.89 -43.81
C GLY A 113 -15.92 15.45 -44.25
N LYS A 114 -14.80 14.75 -44.03
CA LYS A 114 -14.62 13.36 -44.45
C LYS A 114 -13.87 12.56 -43.40
N VAL A 115 -14.06 11.24 -43.44
CA VAL A 115 -13.36 10.30 -42.56
C VAL A 115 -12.20 9.67 -43.34
N VAL A 116 -11.03 9.59 -42.72
CA VAL A 116 -9.80 9.14 -43.40
C VAL A 116 -8.90 8.26 -42.52
N ASN A 117 -8.20 7.33 -43.15
CA ASN A 117 -7.22 6.46 -42.47
C ASN A 117 -5.93 7.22 -42.17
N PRO A 118 -5.04 6.63 -41.34
CA PRO A 118 -3.67 7.13 -41.21
C PRO A 118 -2.86 7.08 -42.52
N LEU A 119 -3.15 6.10 -43.39
CA LEU A 119 -2.50 6.00 -44.70
C LEU A 119 -3.05 7.01 -45.73
N GLY A 120 -4.26 7.51 -45.50
CA GLY A 120 -4.85 8.56 -46.34
C GLY A 120 -6.09 8.19 -47.13
N HIS A 121 -6.46 6.90 -47.11
CA HIS A 121 -7.64 6.43 -47.85
C HIS A 121 -8.92 6.92 -47.15
N GLU A 122 -9.87 7.44 -47.92
CA GLU A 122 -11.13 7.94 -47.39
C GLU A 122 -12.07 6.78 -47.06
N VAL A 123 -12.79 6.92 -45.95
CA VAL A 123 -13.78 5.92 -45.52
C VAL A 123 -15.16 6.36 -46.03
N PRO A 124 -15.91 5.47 -46.72
CA PRO A 124 -17.07 5.99 -47.44
C PRO A 124 -18.29 6.36 -46.63
N VAL A 125 -18.71 5.59 -45.61
CA VAL A 125 -19.91 5.88 -44.82
C VAL A 125 -21.18 5.83 -45.68
N SER A 137 -4.96 18.82 -53.53
CA SER A 137 -4.45 18.62 -52.18
C SER A 137 -3.01 18.11 -52.19
N THR A 138 -2.06 19.04 -52.06
CA THR A 138 -0.64 18.70 -51.93
C THR A 138 -0.40 17.93 -50.64
N LEU A 139 0.50 16.95 -50.68
CA LEU A 139 0.72 16.04 -49.55
C LEU A 139 1.64 16.65 -48.50
N GLY A 140 1.75 15.98 -47.35
CA GLY A 140 2.63 16.39 -46.26
C GLY A 140 3.17 15.21 -45.48
N LYS A 141 4.42 15.32 -45.01
CA LYS A 141 5.09 14.25 -44.27
C LYS A 141 4.47 14.05 -42.90
N VAL A 142 4.18 12.79 -42.56
CA VAL A 142 3.73 12.46 -41.20
C VAL A 142 4.88 12.47 -40.20
N ASP A 143 6.06 12.04 -40.65
CA ASP A 143 7.28 12.08 -39.83
C ASP A 143 7.99 13.41 -40.03
N THR A 144 7.69 14.37 -39.14
CA THR A 144 8.21 15.75 -39.26
C THR A 144 8.70 16.27 -37.92
N GLY A 145 9.76 17.07 -37.94
CA GLY A 145 10.28 17.72 -36.74
C GLY A 145 9.42 18.89 -36.31
N ALA A 146 9.36 19.13 -35.00
CA ALA A 146 8.54 20.21 -34.44
C ALA A 146 9.22 21.57 -34.64
N PRO A 147 8.45 22.68 -34.53
CA PRO A 147 9.05 24.03 -34.60
C PRO A 147 10.07 24.29 -33.49
N ASN A 148 11.18 24.93 -33.84
CA ASN A 148 12.31 25.16 -32.93
C ASN A 148 12.01 26.33 -31.95
N ILE A 149 13.04 26.87 -31.29
CA ILE A 149 12.88 27.85 -30.23
C ILE A 149 12.43 29.20 -30.79
N VAL A 150 13.13 29.69 -31.80
CA VAL A 150 12.82 31.00 -32.42
C VAL A 150 11.57 30.94 -33.33
N SER A 151 11.16 29.73 -33.74
CA SER A 151 9.97 29.55 -34.58
C SER A 151 8.64 29.80 -33.84
N ARG A 152 8.60 29.50 -32.53
CA ARG A 152 7.39 29.63 -31.72
C ARG A 152 7.24 31.03 -31.12
N SER A 153 6.10 31.27 -30.46
CA SER A 153 5.86 32.50 -29.70
C SER A 153 4.93 32.23 -28.51
N PRO A 154 4.88 33.15 -27.53
CA PRO A 154 3.97 32.97 -26.39
C PRO A 154 2.50 32.89 -26.80
N VAL A 155 1.74 32.02 -26.13
CA VAL A 155 0.32 31.81 -26.48
C VAL A 155 -0.53 32.96 -25.94
N ASN A 156 -1.17 33.69 -26.85
CA ASN A 156 -2.05 34.82 -26.51
C ASN A 156 -3.51 34.65 -26.96
N TYR A 157 -3.73 34.01 -28.11
CA TYR A 157 -5.09 33.80 -28.66
C TYR A 157 -5.83 32.75 -27.83
N ASN A 158 -7.05 33.07 -27.39
CA ASN A 158 -7.86 32.14 -26.58
C ASN A 158 -8.51 31.05 -27.44
N LEU A 159 -8.83 29.92 -26.81
CA LEU A 159 -9.58 28.84 -27.44
C LEU A 159 -10.72 28.43 -26.52
N LEU A 160 -11.94 28.78 -26.91
CA LEU A 160 -13.12 28.55 -26.08
C LEU A 160 -13.61 27.11 -26.21
N THR A 161 -13.56 26.37 -25.11
CA THR A 161 -14.21 25.06 -25.01
C THR A 161 -15.73 25.19 -24.95
N GLY A 162 -16.22 26.34 -24.47
CA GLY A 162 -17.64 26.60 -24.32
C GLY A 162 -18.18 26.13 -22.98
N PHE A 163 -17.30 26.02 -21.98
CA PHE A 163 -17.68 25.60 -20.63
C PHE A 163 -17.21 26.64 -19.63
N LYS A 164 -18.12 27.08 -18.77
CA LYS A 164 -17.83 28.08 -17.75
C LYS A 164 -16.79 27.57 -16.75
N ALA A 165 -16.83 26.27 -16.45
CA ALA A 165 -15.85 25.64 -15.56
C ALA A 165 -14.44 25.70 -16.15
N VAL A 166 -14.32 25.37 -17.43
CA VAL A 166 -13.02 25.26 -18.11
C VAL A 166 -12.50 26.65 -18.48
N ASP A 167 -13.28 27.41 -19.25
CA ASP A 167 -12.82 28.69 -19.83
C ASP A 167 -12.44 29.77 -18.80
N THR A 168 -12.93 29.65 -17.56
CA THR A 168 -12.53 30.54 -16.46
C THR A 168 -11.30 30.00 -15.73
N MET A 169 -11.42 28.79 -15.18
CA MET A 169 -10.43 28.21 -14.25
C MET A 169 -9.25 27.52 -14.95
N ILE A 170 -9.53 26.81 -16.05
CA ILE A 170 -8.52 26.05 -16.79
C ILE A 170 -8.56 26.50 -18.27
N PRO A 171 -8.14 27.75 -18.54
CA PRO A 171 -8.33 28.30 -19.88
C PRO A 171 -7.29 27.78 -20.88
N ILE A 172 -7.76 27.34 -22.04
CA ILE A 172 -6.90 26.78 -23.08
C ILE A 172 -6.58 27.87 -24.09
N GLY A 173 -5.29 28.02 -24.40
CA GLY A 173 -4.83 28.93 -25.43
C GLY A 173 -4.57 28.19 -26.74
N ARG A 174 -4.53 28.92 -27.85
CA ARG A 174 -4.30 28.35 -29.17
C ARG A 174 -2.80 28.03 -29.33
N GLY A 175 -2.50 26.76 -29.57
CA GLY A 175 -1.12 26.24 -29.56
C GLY A 175 -0.74 25.49 -28.30
N GLN A 176 -1.60 25.54 -27.28
CA GLN A 176 -1.37 24.85 -26.00
C GLN A 176 -1.68 23.36 -26.15
N ARG A 177 -1.06 22.55 -25.29
CA ARG A 177 -1.38 21.14 -25.16
C ARG A 177 -2.06 20.93 -23.80
N GLU A 178 -3.37 20.68 -23.83
CA GLU A 178 -4.16 20.52 -22.61
C GLU A 178 -4.69 19.09 -22.53
N LEU A 179 -4.20 18.34 -21.54
CA LEU A 179 -4.59 16.95 -21.34
C LEU A 179 -6.01 16.83 -20.80
N ILE A 180 -6.69 15.75 -21.17
CA ILE A 180 -7.98 15.37 -20.58
C ILE A 180 -7.81 13.98 -19.97
N VAL A 181 -7.86 13.90 -18.64
CA VAL A 181 -7.71 12.63 -17.91
C VAL A 181 -8.92 12.33 -17.04
N GLY A 182 -9.11 11.04 -16.74
CA GLY A 182 -10.25 10.56 -15.95
C GLY A 182 -10.64 9.15 -16.34
N ASP A 183 -11.58 8.59 -15.60
CA ASP A 183 -12.04 7.21 -15.82
C ASP A 183 -12.98 7.10 -17.02
N ARG A 184 -13.31 5.85 -17.36
CA ARG A 184 -14.33 5.56 -18.38
C ARG A 184 -15.69 6.16 -17.98
N GLN A 185 -16.42 6.65 -18.98
CA GLN A 185 -17.72 7.32 -18.79
C GLN A 185 -17.70 8.48 -17.78
N THR A 186 -16.67 9.33 -17.88
CA THR A 186 -16.60 10.58 -17.11
C THR A 186 -16.78 11.84 -17.97
N GLY A 187 -16.93 11.68 -19.29
CA GLY A 187 -17.13 12.79 -20.21
C GLY A 187 -15.87 13.31 -20.86
N LYS A 188 -14.93 12.42 -21.17
CA LYS A 188 -13.67 12.80 -21.82
C LYS A 188 -13.85 13.11 -23.31
N THR A 189 -14.63 12.28 -24.00
CA THR A 189 -14.93 12.49 -25.42
C THR A 189 -15.90 13.68 -25.60
N SER A 190 -16.97 13.69 -24.82
CA SER A 190 -18.01 14.72 -24.93
C SER A 190 -17.47 16.14 -24.79
N ILE A 191 -16.63 16.36 -23.78
CA ILE A 191 -15.99 17.67 -23.56
C ILE A 191 -15.03 18.06 -24.70
N ALA A 192 -14.39 17.06 -25.32
CA ALA A 192 -13.52 17.26 -26.48
C ALA A 192 -14.33 17.52 -27.76
N VAL A 193 -15.40 16.76 -27.96
CA VAL A 193 -16.27 16.90 -29.14
C VAL A 193 -17.07 18.21 -29.08
N SER A 194 -17.62 18.54 -27.92
CA SER A 194 -18.35 19.81 -27.73
C SER A 194 -17.44 21.05 -27.90
N THR A 195 -16.15 20.92 -27.62
CA THR A 195 -15.17 21.97 -27.91
C THR A 195 -15.05 22.25 -29.41
N ILE A 196 -15.12 21.19 -30.22
CA ILE A 196 -15.15 21.31 -31.68
C ILE A 196 -16.47 21.93 -32.16
N ILE A 197 -17.57 21.51 -31.54
CA ILE A 197 -18.91 22.03 -31.86
C ILE A 197 -19.06 23.51 -31.44
N ASN A 198 -18.39 23.91 -30.37
CA ASN A 198 -18.39 25.31 -29.91
C ASN A 198 -17.77 26.28 -30.92
N GLN A 199 -16.86 25.79 -31.77
CA GLN A 199 -16.20 26.63 -32.78
C GLN A 199 -17.13 27.07 -33.92
N VAL A 200 -18.17 26.30 -34.23
CA VAL A 200 -19.04 26.56 -35.39
C VAL A 200 -19.76 27.92 -35.31
N ARG A 201 -20.26 28.26 -34.11
CA ARG A 201 -20.94 29.55 -33.91
C ARG A 201 -20.00 30.75 -34.14
N ILE A 202 -18.75 30.61 -33.74
CA ILE A 202 -17.73 31.64 -33.98
C ILE A 202 -17.31 31.58 -35.45
N ASN A 203 -16.84 30.42 -35.89
CA ASN A 203 -16.31 30.20 -37.26
C ASN A 203 -17.22 30.70 -38.39
N GLN A 204 -18.53 30.48 -38.23
CA GLN A 204 -19.53 30.97 -39.19
C GLN A 204 -19.54 32.51 -39.31
N GLN A 205 -19.43 33.19 -38.18
CA GLN A 205 -19.49 34.66 -38.11
C GLN A 205 -18.17 35.36 -38.44
N ILE A 206 -17.05 34.76 -38.02
CA ILE A 206 -15.72 35.42 -38.10
C ILE A 206 -15.08 35.32 -39.50
N LEU A 207 -13.95 36.01 -39.69
CA LEU A 207 -13.09 35.81 -40.86
C LEU A 207 -12.44 34.42 -40.79
N SER A 208 -12.43 33.71 -41.93
CA SER A 208 -11.89 32.34 -42.02
C SER A 208 -10.39 32.21 -41.66
N LYS A 209 -9.65 33.32 -41.71
CA LYS A 209 -8.27 33.39 -41.21
C LYS A 209 -8.16 32.91 -39.74
N ASN A 210 -9.09 33.34 -38.89
CA ASN A 210 -9.07 33.00 -37.46
C ASN A 210 -10.03 31.86 -37.08
N ALA A 211 -10.48 31.08 -38.05
CA ALA A 211 -11.38 29.95 -37.80
C ALA A 211 -10.61 28.76 -37.24
N VAL A 212 -11.17 28.12 -36.22
CA VAL A 212 -10.57 26.95 -35.60
C VAL A 212 -11.02 25.69 -36.34
N ILE A 213 -10.16 25.20 -37.23
CA ILE A 213 -10.39 23.95 -37.95
C ILE A 213 -9.99 22.80 -37.01
N SER A 214 -10.87 21.83 -36.88
CA SER A 214 -10.70 20.74 -35.91
C SER A 214 -10.28 19.44 -36.59
N ILE A 215 -9.55 18.60 -35.85
CA ILE A 215 -9.11 17.28 -36.34
C ILE A 215 -9.27 16.24 -35.23
N TYR A 216 -10.41 15.54 -35.27
CA TYR A 216 -10.72 14.50 -34.28
C TYR A 216 -10.07 13.17 -34.72
N VAL A 217 -9.07 12.72 -33.95
CA VAL A 217 -8.39 11.45 -34.19
C VAL A 217 -9.02 10.40 -33.27
N SER A 218 -9.48 9.29 -33.85
CA SER A 218 -10.16 8.21 -33.11
C SER A 218 -9.31 6.94 -33.11
N ILE A 219 -8.48 6.80 -32.07
CA ILE A 219 -7.50 5.71 -31.98
C ILE A 219 -8.06 4.56 -31.15
N GLY A 220 -8.22 3.40 -31.79
CA GLY A 220 -8.65 2.18 -31.11
C GLY A 220 -10.08 2.13 -30.60
N GLN A 221 -10.92 3.06 -31.04
CA GLN A 221 -12.31 3.13 -30.58
C GLN A 221 -13.18 2.14 -31.31
N ARG A 222 -14.38 1.95 -30.80
CA ARG A 222 -15.41 1.12 -31.45
C ARG A 222 -15.91 1.85 -32.70
N CYS A 223 -16.33 1.09 -33.70
CA CYS A 223 -16.69 1.65 -35.02
C CYS A 223 -17.96 2.49 -35.01
N SER A 224 -18.98 2.02 -34.29
CA SER A 224 -20.25 2.75 -34.18
C SER A 224 -20.11 4.08 -33.42
N ASN A 225 -19.16 4.16 -32.50
CA ASN A 225 -18.85 5.41 -31.77
C ASN A 225 -18.36 6.51 -32.73
N VAL A 226 -17.60 6.12 -33.75
CA VAL A 226 -17.12 7.06 -34.77
C VAL A 226 -18.28 7.54 -35.64
N ALA A 227 -19.21 6.64 -35.95
CA ALA A 227 -20.42 6.96 -36.72
C ALA A 227 -21.34 7.95 -35.99
N ARG A 228 -21.55 7.73 -34.69
CA ARG A 228 -22.37 8.63 -33.86
C ARG A 228 -21.77 10.03 -33.71
N ILE A 229 -20.44 10.10 -33.66
CA ILE A 229 -19.73 11.39 -33.63
C ILE A 229 -19.82 12.08 -35.00
N HIS A 230 -19.74 11.30 -36.08
CA HIS A 230 -19.92 11.84 -37.43
C HIS A 230 -21.30 12.49 -37.63
N ARG A 231 -22.34 11.80 -37.18
CA ARG A 231 -23.72 12.34 -37.22
C ARG A 231 -23.90 13.54 -36.29
N LEU A 232 -23.28 13.48 -35.11
CA LEU A 232 -23.32 14.58 -34.14
C LEU A 232 -22.58 15.83 -34.62
N LEU A 233 -21.46 15.61 -35.30
CA LEU A 233 -20.72 16.71 -35.95
C LEU A 233 -21.49 17.29 -37.15
N GLN A 234 -22.16 16.42 -37.91
CA GLN A 234 -22.93 16.83 -39.09
C GLN A 234 -24.16 17.66 -38.74
N SER A 235 -24.86 17.28 -37.67
CA SER A 235 -26.08 17.98 -37.23
C SER A 235 -25.82 19.40 -36.68
N TYR A 236 -24.64 19.62 -36.09
CA TYR A 236 -24.22 20.94 -35.60
C TYR A 236 -23.34 21.74 -36.60
N GLY A 237 -23.28 21.29 -37.86
CA GLY A 237 -22.51 21.97 -38.90
C GLY A 237 -21.00 21.97 -38.71
N ALA A 238 -20.50 20.98 -37.96
CA ALA A 238 -19.07 20.91 -37.61
C ALA A 238 -18.20 20.32 -38.72
N LEU A 239 -18.75 19.40 -39.51
CA LEU A 239 -18.02 18.77 -40.63
C LEU A 239 -17.42 19.76 -41.64
N ARG A 240 -18.06 20.92 -41.80
CA ARG A 240 -17.51 21.99 -42.64
C ARG A 240 -16.13 22.44 -42.14
N TYR A 241 -15.98 22.55 -40.82
CA TYR A 241 -14.73 22.99 -40.19
C TYR A 241 -14.03 21.86 -39.41
N THR A 242 -14.18 20.61 -39.87
CA THR A 242 -13.61 19.44 -39.17
C THR A 242 -13.30 18.28 -40.13
N THR A 243 -12.24 17.53 -39.83
CA THR A 243 -11.90 16.29 -40.52
C THR A 243 -11.64 15.19 -39.49
N VAL A 244 -12.14 13.98 -39.76
CA VAL A 244 -12.12 12.88 -38.78
C VAL A 244 -11.08 11.82 -39.13
N MET A 245 -9.96 11.82 -38.42
CA MET A 245 -8.99 10.71 -38.47
C MET A 245 -9.58 9.52 -37.71
N ALA A 246 -9.47 8.33 -38.28
CA ALA A 246 -10.13 7.14 -37.73
C ALA A 246 -9.29 5.87 -37.87
N ALA A 247 -8.94 5.27 -36.74
CA ALA A 247 -8.33 3.94 -36.68
C ALA A 247 -9.06 3.13 -35.61
N THR A 248 -10.08 2.40 -36.02
CA THR A 248 -10.98 1.70 -35.09
C THR A 248 -10.33 0.43 -34.51
N ALA A 249 -11.01 -0.20 -33.55
CA ALA A 249 -10.51 -1.40 -32.87
C ALA A 249 -10.32 -2.60 -33.79
N ALA A 250 -11.13 -2.70 -34.86
CA ALA A 250 -10.98 -3.76 -35.86
C ALA A 250 -9.67 -3.63 -36.62
N GLU A 251 -9.35 -2.40 -37.02
CA GLU A 251 -8.11 -2.09 -37.75
C GLU A 251 -6.86 -2.37 -36.88
N PRO A 252 -5.73 -2.67 -37.53
CA PRO A 252 -4.55 -3.16 -36.81
C PRO A 252 -3.82 -2.13 -35.95
N ALA A 253 -2.83 -2.60 -35.19
CA ALA A 253 -2.01 -1.78 -34.32
C ALA A 253 -1.15 -0.76 -35.08
N GLY A 254 -0.72 -1.13 -36.29
CA GLY A 254 0.05 -0.24 -37.14
C GLY A 254 -0.64 1.07 -37.46
N LEU A 255 -1.94 1.00 -37.75
CA LEU A 255 -2.76 2.19 -38.01
C LEU A 255 -3.02 2.99 -36.73
N GLN A 256 -3.32 2.29 -35.64
CA GLN A 256 -3.57 2.92 -34.34
C GLN A 256 -2.32 3.68 -33.85
N TYR A 257 -1.16 3.04 -33.96
CA TYR A 257 0.14 3.67 -33.68
C TYR A 257 0.33 4.99 -34.44
N LEU A 258 0.00 4.96 -35.74
CA LEU A 258 0.26 6.08 -36.64
C LEU A 258 -0.86 7.12 -36.73
N ALA A 259 -2.02 6.86 -36.11
CA ALA A 259 -3.20 7.71 -36.27
C ALA A 259 -3.05 9.16 -35.74
N PRO A 260 -2.49 9.33 -34.53
CA PRO A 260 -2.26 10.71 -34.04
C PRO A 260 -1.23 11.49 -34.87
N TYR A 261 -0.26 10.81 -35.44
CA TYR A 261 0.75 11.44 -36.29
C TYR A 261 0.14 11.97 -37.59
N ALA A 262 -0.75 11.18 -38.20
CA ALA A 262 -1.50 11.60 -39.37
C ALA A 262 -2.47 12.76 -39.07
N GLY A 263 -3.01 12.78 -37.85
CA GLY A 263 -3.86 13.88 -37.38
C GLY A 263 -3.16 15.23 -37.30
N VAL A 264 -1.94 15.24 -36.75
CA VAL A 264 -1.15 16.47 -36.61
C VAL A 264 -0.69 16.99 -37.97
N THR A 265 -0.26 16.07 -38.85
CA THR A 265 0.13 16.41 -40.22
C THR A 265 -0.92 17.26 -40.94
N MET A 266 -2.17 16.84 -40.80
CA MET A 266 -3.31 17.58 -41.38
C MET A 266 -3.53 18.95 -40.75
N GLY A 267 -3.25 19.06 -39.46
CA GLY A 267 -3.29 20.33 -38.73
C GLY A 267 -2.15 21.28 -39.05
N GLU A 268 -0.95 20.73 -39.20
CA GLU A 268 0.26 21.52 -39.51
C GLU A 268 0.18 22.28 -40.83
N TYR A 269 -0.58 21.75 -41.79
CA TYR A 269 -0.91 22.45 -43.03
C TYR A 269 -1.52 23.82 -42.75
N PHE A 270 -2.50 23.84 -41.86
CA PHE A 270 -3.17 25.08 -41.47
C PHE A 270 -2.25 25.98 -40.62
N MET A 271 -1.45 25.35 -39.76
CA MET A 271 -0.48 26.07 -38.90
C MET A 271 0.59 26.79 -39.72
N ASN A 272 1.24 26.05 -40.62
CA ASN A 272 2.32 26.59 -41.46
C ASN A 272 1.82 27.59 -42.50
N ARG A 273 0.54 27.52 -42.85
CA ARG A 273 -0.11 28.49 -43.73
C ARG A 273 -0.95 29.52 -42.94
N GLY A 274 -0.45 29.96 -41.78
CA GLY A 274 -1.04 31.06 -41.02
C GLY A 274 -2.49 30.96 -40.58
N ARG A 275 -2.92 29.75 -40.18
CA ARG A 275 -4.27 29.53 -39.67
C ARG A 275 -4.22 28.68 -38.40
N HIS A 276 -5.27 28.80 -37.59
CA HIS A 276 -5.35 28.13 -36.29
C HIS A 276 -6.12 26.82 -36.39
N CYS A 277 -5.65 25.81 -35.65
CA CYS A 277 -6.17 24.45 -35.75
C CYS A 277 -6.28 23.77 -34.38
N LEU A 278 -7.15 22.76 -34.31
CA LEU A 278 -7.37 21.96 -33.10
C LEU A 278 -7.20 20.48 -33.43
N CYS A 279 -6.58 19.74 -32.50
CA CYS A 279 -6.31 18.31 -32.66
C CYS A 279 -6.71 17.55 -31.40
N VAL A 280 -7.71 16.68 -31.53
CA VAL A 280 -8.15 15.80 -30.45
C VAL A 280 -7.64 14.39 -30.73
N TYR A 281 -6.90 13.81 -29.78
CA TYR A 281 -6.50 12.40 -29.86
C TYR A 281 -7.31 11.62 -28.81
N ASP A 282 -8.17 10.72 -29.28
CA ASP A 282 -9.08 9.96 -28.43
C ASP A 282 -8.90 8.45 -28.72
N ASP A 283 -7.96 7.77 -28.06
CA ASP A 283 -7.08 8.33 -27.02
C ASP A 283 -5.66 7.77 -27.09
N LEU A 284 -4.73 8.46 -26.43
CA LEU A 284 -3.32 8.08 -26.42
C LEU A 284 -3.01 6.81 -25.61
N SER A 285 -3.91 6.44 -24.69
CA SER A 285 -3.79 5.18 -23.95
C SER A 285 -3.82 3.96 -24.88
N LYS A 286 -4.79 3.96 -25.81
CA LYS A 286 -4.92 2.88 -26.79
C LYS A 286 -3.84 2.91 -27.88
N GLN A 287 -3.27 4.09 -28.16
CA GLN A 287 -2.12 4.21 -29.06
C GLN A 287 -0.90 3.51 -28.47
N ALA A 288 -0.64 3.78 -27.18
CA ALA A 288 0.49 3.18 -26.47
C ALA A 288 0.41 1.66 -26.43
N VAL A 289 -0.79 1.14 -26.20
CA VAL A 289 -1.04 -0.31 -26.21
C VAL A 289 -0.75 -0.90 -27.59
N ALA A 290 -1.15 -0.17 -28.64
CA ALA A 290 -0.85 -0.56 -30.02
C ALA A 290 0.65 -0.51 -30.33
N TYR A 291 1.34 0.51 -29.83
CA TYR A 291 2.80 0.62 -30.00
C TYR A 291 3.54 -0.45 -29.19
N ARG A 292 3.04 -0.79 -28.01
CA ARG A 292 3.60 -1.86 -27.19
C ARG A 292 3.52 -3.21 -27.89
N GLN A 293 2.36 -3.48 -28.52
CA GLN A 293 2.17 -4.69 -29.31
C GLN A 293 3.22 -4.80 -30.42
N ILE A 294 3.42 -3.71 -31.14
CA ILE A 294 4.39 -3.64 -32.23
C ILE A 294 5.81 -3.88 -31.73
N SER A 295 6.17 -3.21 -30.63
CA SER A 295 7.52 -3.31 -30.05
C SER A 295 7.81 -4.70 -29.49
N LEU A 296 6.86 -5.24 -28.73
CA LEU A 296 7.00 -6.58 -28.14
C LEU A 296 7.08 -7.69 -29.20
N LEU A 297 6.24 -7.60 -30.22
CA LEU A 297 6.25 -8.58 -31.32
C LEU A 297 7.54 -8.58 -32.15
N LEU A 298 8.23 -7.44 -32.17
CA LEU A 298 9.53 -7.31 -32.84
C LEU A 298 10.73 -7.39 -31.89
N ARG A 299 10.51 -7.97 -30.70
CA ARG A 299 11.57 -8.26 -29.73
C ARG A 299 12.35 -7.01 -29.23
N ARG A 300 11.66 -5.88 -29.14
CA ARG A 300 12.24 -4.68 -28.51
C ARG A 300 12.19 -4.87 -27.00
N PRO A 301 13.32 -4.64 -26.29
CA PRO A 301 13.34 -4.87 -24.85
C PRO A 301 12.31 -4.02 -24.09
N PRO A 302 11.39 -4.67 -23.34
CA PRO A 302 10.39 -3.94 -22.56
C PRO A 302 10.90 -3.49 -21.19
N GLY A 303 10.27 -2.45 -20.65
CA GLY A 303 10.61 -1.89 -19.34
C GLY A 303 9.37 -1.84 -18.45
N ARG A 304 9.03 -0.64 -17.99
CA ARG A 304 7.93 -0.46 -17.04
C ARG A 304 6.57 -0.77 -17.66
N GLU A 305 5.79 -1.60 -16.96
CA GLU A 305 4.49 -2.11 -17.46
C GLU A 305 4.57 -2.69 -18.89
N ALA A 306 5.69 -3.36 -19.17
CA ALA A 306 5.95 -4.01 -20.47
C ALA A 306 6.05 -3.10 -21.69
N TYR A 307 6.06 -1.78 -21.50
CA TYR A 307 6.20 -0.83 -22.62
C TYR A 307 7.67 -0.72 -23.01
N PRO A 308 7.96 -0.35 -24.27
CA PRO A 308 9.35 -0.19 -24.69
C PRO A 308 10.02 1.03 -24.04
N GLY A 309 11.31 1.20 -24.31
CA GLY A 309 12.08 2.32 -23.78
C GLY A 309 11.59 3.68 -24.26
N ASP A 310 11.18 3.75 -25.53
CA ASP A 310 10.81 5.01 -26.18
C ASP A 310 9.30 5.34 -26.22
N VAL A 311 8.51 4.79 -25.29
CA VAL A 311 7.07 5.09 -25.23
C VAL A 311 6.79 6.52 -24.74
N PHE A 312 7.74 7.10 -24.00
CA PHE A 312 7.69 8.52 -23.67
C PHE A 312 7.95 9.36 -24.93
N TYR A 313 9.00 8.98 -25.67
CA TYR A 313 9.35 9.63 -26.94
C TYR A 313 8.22 9.59 -27.98
N LEU A 314 7.39 8.54 -27.94
CA LEU A 314 6.21 8.38 -28.81
C LEU A 314 5.24 9.55 -28.67
N HIS A 315 4.81 9.82 -27.44
CA HIS A 315 3.88 10.91 -27.16
C HIS A 315 4.53 12.30 -27.16
N SER A 316 5.83 12.36 -26.88
CA SER A 316 6.53 13.64 -26.77
C SER A 316 6.68 14.32 -28.13
N ARG A 317 7.18 13.60 -29.14
CA ARG A 317 7.33 14.16 -30.48
C ARG A 317 5.98 14.43 -31.18
N LEU A 318 4.93 13.72 -30.75
CA LEU A 318 3.56 13.99 -31.22
C LEU A 318 3.06 15.34 -30.70
N LEU A 319 3.09 15.50 -29.39
CA LEU A 319 2.52 16.68 -28.72
C LEU A 319 3.35 17.95 -28.91
N GLU A 320 4.66 17.82 -29.12
CA GLU A 320 5.52 18.99 -29.36
C GLU A 320 5.32 19.60 -30.75
N ARG A 321 4.87 18.80 -31.71
CA ARG A 321 4.49 19.32 -33.04
C ARG A 321 3.27 20.25 -32.98
N ALA A 322 2.42 20.08 -31.96
CA ALA A 322 1.39 21.06 -31.63
C ALA A 322 2.06 22.26 -30.97
N ALA A 323 1.84 23.46 -31.52
CA ALA A 323 2.52 24.68 -31.04
C ALA A 323 1.82 25.96 -31.51
N MET A 324 2.32 27.10 -31.02
CA MET A 324 1.91 28.44 -31.46
C MET A 324 3.10 29.10 -32.15
N LEU A 325 3.04 29.21 -33.48
CA LEU A 325 4.14 29.78 -34.26
C LEU A 325 4.30 31.28 -34.07
N SER A 326 5.46 31.80 -34.48
CA SER A 326 5.79 33.22 -34.33
C SER A 326 5.10 34.09 -35.38
N PRO A 327 5.14 35.43 -35.19
CA PRO A 327 4.73 36.34 -36.27
C PRO A 327 5.53 36.16 -37.57
N GLY A 328 6.80 35.78 -37.45
CA GLY A 328 7.66 35.52 -38.60
C GLY A 328 7.28 34.35 -39.49
N LYS A 329 6.51 33.39 -38.96
CA LYS A 329 6.05 32.22 -39.72
C LYS A 329 4.51 32.09 -39.70
N GLY A 330 3.83 33.22 -39.91
CA GLY A 330 2.37 33.22 -40.05
C GLY A 330 1.54 33.44 -38.80
N GLY A 331 2.09 33.05 -37.64
CA GLY A 331 1.35 33.13 -36.38
C GLY A 331 0.23 32.12 -36.24
N GLY A 332 0.32 31.00 -36.98
CA GLY A 332 -0.67 29.93 -36.91
C GLY A 332 -0.52 29.08 -35.67
N SER A 333 -1.41 28.09 -35.50
CA SER A 333 -1.40 27.22 -34.32
C SER A 333 -1.99 25.84 -34.55
N VAL A 334 -1.52 24.88 -33.76
CA VAL A 334 -2.17 23.58 -33.59
C VAL A 334 -2.33 23.39 -32.09
N THR A 335 -3.57 23.44 -31.61
CA THR A 335 -3.89 23.17 -30.20
C THR A 335 -4.15 21.68 -30.06
N ALA A 336 -3.63 21.08 -28.99
CA ALA A 336 -3.75 19.64 -28.76
C ALA A 336 -4.63 19.35 -27.55
N LEU A 337 -5.58 18.43 -27.72
CA LEU A 337 -6.40 17.91 -26.63
C LEU A 337 -6.25 16.38 -26.55
N PRO A 338 -5.10 15.91 -26.03
CA PRO A 338 -4.92 14.47 -25.83
C PRO A 338 -5.77 13.94 -24.70
N ILE A 339 -6.49 12.85 -24.95
CA ILE A 339 -7.26 12.14 -23.93
C ILE A 339 -6.44 10.93 -23.47
N VAL A 340 -6.48 10.67 -22.16
CA VAL A 340 -5.74 9.55 -21.55
C VAL A 340 -6.61 8.93 -20.45
N GLU A 341 -7.03 7.69 -20.65
CA GLU A 341 -7.91 6.99 -19.71
C GLU A 341 -7.12 6.49 -18.50
N THR A 342 -7.62 6.80 -17.30
CA THR A 342 -7.03 6.30 -16.04
C THR A 342 -7.92 5.18 -15.48
N LEU A 343 -7.29 4.24 -14.79
CA LEU A 343 -8.01 3.10 -14.20
C LEU A 343 -8.21 3.34 -12.71
N SER A 344 -9.46 3.64 -12.32
CA SER A 344 -9.84 3.92 -10.93
C SER A 344 -9.07 5.10 -10.30
N ASN A 345 -9.01 6.21 -11.03
CA ASN A 345 -8.37 7.46 -10.60
C ASN A 345 -6.90 7.28 -10.22
N ASP A 346 -6.17 6.45 -10.97
CA ASP A 346 -4.76 6.18 -10.72
C ASP A 346 -3.87 6.96 -11.70
N VAL A 347 -3.38 8.11 -11.26
CA VAL A 347 -2.45 8.93 -12.05
C VAL A 347 -1.01 8.40 -12.06
N THR A 348 -0.70 7.45 -11.16
CA THR A 348 0.66 6.90 -11.05
C THR A 348 1.05 5.88 -12.15
N ALA A 349 0.10 5.53 -13.03
CA ALA A 349 0.41 4.66 -14.18
C ALA A 349 1.42 5.30 -15.12
N TYR A 350 2.22 4.46 -15.80
CA TYR A 350 3.37 4.92 -16.58
C TYR A 350 2.97 5.80 -17.78
N ILE A 351 1.96 5.37 -18.52
CA ILE A 351 1.48 6.11 -19.71
C ILE A 351 0.78 7.42 -19.32
N VAL A 352 0.11 7.44 -18.17
CA VAL A 352 -0.61 8.64 -17.71
C VAL A 352 0.39 9.69 -17.20
N THR A 353 1.35 9.24 -16.39
CA THR A 353 2.39 10.10 -15.83
C THR A 353 3.31 10.70 -16.91
N ASN A 354 3.56 9.93 -17.98
CA ASN A 354 4.32 10.43 -19.13
C ASN A 354 3.63 11.61 -19.82
N VAL A 355 2.35 11.45 -20.13
CA VAL A 355 1.60 12.46 -20.87
C VAL A 355 1.36 13.73 -20.04
N ILE A 356 1.20 13.57 -18.71
CA ILE A 356 1.08 14.73 -17.81
C ILE A 356 2.36 15.59 -17.83
N SER A 357 3.52 14.93 -17.82
CA SER A 357 4.81 15.63 -17.85
C SER A 357 5.11 16.32 -19.20
N ILE A 358 4.44 15.93 -20.27
CA ILE A 358 4.59 16.55 -21.59
C ILE A 358 3.65 17.75 -21.78
N THR A 359 2.37 17.56 -21.46
CA THR A 359 1.34 18.57 -21.71
C THR A 359 1.43 19.77 -20.77
N ASP A 360 0.75 20.86 -21.15
CA ASP A 360 0.69 22.09 -20.36
C ASP A 360 -0.50 22.04 -19.41
N GLY A 361 -0.41 21.17 -18.41
CA GLY A 361 -1.48 20.94 -17.46
C GLY A 361 -2.58 20.04 -17.99
N GLN A 362 -3.63 19.84 -17.19
CA GLN A 362 -4.69 18.89 -17.52
C GLN A 362 -6.09 19.36 -17.09
N ILE A 363 -7.10 18.65 -17.59
CA ILE A 363 -8.50 18.80 -17.18
C ILE A 363 -8.94 17.45 -16.62
N TYR A 364 -8.85 17.31 -15.30
CA TYR A 364 -9.19 16.05 -14.61
C TYR A 364 -10.70 15.90 -14.46
N LEU A 365 -11.23 14.75 -14.89
CA LEU A 365 -12.65 14.43 -14.77
C LEU A 365 -12.87 13.34 -13.72
N ASP A 366 -13.44 13.73 -12.58
CA ASP A 366 -13.63 12.83 -11.44
C ASP A 366 -14.90 12.00 -11.61
N THR A 367 -14.82 10.73 -11.22
CA THR A 367 -15.95 9.81 -11.32
C THR A 367 -17.05 10.10 -10.30
N LYS A 368 -16.65 10.55 -9.11
CA LYS A 368 -17.61 10.86 -8.03
C LYS A 368 -18.41 12.14 -8.31
N LEU A 369 -17.76 13.12 -8.94
CA LEU A 369 -18.45 14.33 -9.38
C LEU A 369 -19.46 14.06 -10.52
N PHE A 370 -19.12 13.12 -11.41
CA PHE A 370 -20.01 12.72 -12.51
C PHE A 370 -21.32 12.14 -11.98
N THR A 371 -21.21 11.13 -11.11
CA THR A 371 -22.37 10.49 -10.49
C THR A 371 -23.07 11.41 -9.49
N GLY A 372 -22.30 12.30 -8.86
CA GLY A 372 -22.84 13.27 -7.90
C GLY A 372 -23.80 14.29 -8.49
N GLY A 373 -23.60 14.65 -9.76
CA GLY A 373 -24.47 15.61 -10.45
C GLY A 373 -23.72 16.54 -11.39
N GLN A 374 -22.60 17.09 -10.92
CA GLN A 374 -21.76 18.02 -11.69
C GLN A 374 -21.31 17.42 -13.03
N ARG A 375 -21.81 17.98 -14.13
CA ARG A 375 -21.48 17.54 -15.48
C ARG A 375 -21.33 18.78 -16.38
N PRO A 376 -20.14 19.04 -16.97
CA PRO A 376 -18.98 18.16 -16.93
C PRO A 376 -18.33 18.08 -15.55
N ALA A 377 -17.82 16.90 -15.20
CA ALA A 377 -17.34 16.60 -13.85
C ALA A 377 -15.89 17.06 -13.66
N VAL A 378 -15.66 18.36 -13.81
CA VAL A 378 -14.32 18.92 -13.83
C VAL A 378 -13.84 19.17 -12.39
N ASN A 379 -12.88 18.37 -11.95
CA ASN A 379 -12.25 18.56 -10.64
C ASN A 379 -11.28 19.74 -10.74
N ILE A 380 -11.71 20.89 -10.23
CA ILE A 380 -10.95 22.14 -10.37
C ILE A 380 -9.65 22.13 -9.56
N GLY A 381 -9.68 21.51 -8.39
CA GLY A 381 -8.49 21.35 -7.55
C GLY A 381 -7.39 20.52 -8.20
N LEU A 382 -7.77 19.41 -8.81
CA LEU A 382 -6.83 18.53 -9.54
C LEU A 382 -6.43 19.11 -10.90
N SER A 383 -7.36 19.77 -11.59
CA SER A 383 -7.09 20.36 -12.90
C SER A 383 -6.22 21.61 -12.80
N VAL A 384 -5.57 21.94 -13.91
CA VAL A 384 -4.64 23.07 -13.97
C VAL A 384 -4.28 23.43 -15.42
N SER A 385 -4.11 24.72 -15.70
CA SER A 385 -3.61 25.21 -16.97
C SER A 385 -2.34 26.00 -16.70
N ARG A 386 -1.23 25.58 -17.31
CA ARG A 386 0.08 26.18 -17.05
C ARG A 386 0.28 27.56 -17.71
N VAL A 387 -0.57 27.90 -18.68
CA VAL A 387 -0.50 29.20 -19.35
C VAL A 387 -1.92 29.80 -19.43
N GLY A 388 -2.59 29.82 -18.29
CA GLY A 388 -4.01 30.21 -18.23
C GLY A 388 -4.26 31.69 -18.42
N SER A 389 -3.61 32.52 -17.60
CA SER A 389 -3.86 33.96 -17.56
C SER A 389 -3.64 34.67 -18.90
N SER A 390 -2.50 34.39 -19.53
CA SER A 390 -2.16 34.96 -20.84
C SER A 390 -3.06 34.46 -21.98
N ALA A 391 -3.59 33.24 -21.84
CA ALA A 391 -4.46 32.65 -22.85
C ALA A 391 -5.86 33.27 -22.91
N GLN A 392 -6.39 33.71 -21.76
CA GLN A 392 -7.78 34.22 -21.68
C GLN A 392 -8.02 35.53 -22.44
N ASN A 393 -9.29 35.78 -22.74
CA ASN A 393 -9.73 37.06 -23.31
C ASN A 393 -9.71 38.12 -22.21
N ALA A 394 -9.56 39.39 -22.60
CA ALA A 394 -9.52 40.52 -21.66
C ALA A 394 -10.78 40.62 -20.78
N ALA A 395 -11.94 40.31 -21.37
CA ALA A 395 -13.21 40.29 -20.64
C ALA A 395 -13.28 39.10 -19.68
N MET A 396 -12.92 37.92 -20.17
CA MET A 396 -12.93 36.69 -19.37
C MET A 396 -11.89 36.71 -18.24
N LYS A 397 -10.78 37.41 -18.44
CA LYS A 397 -9.75 37.58 -17.41
C LYS A 397 -10.24 38.43 -16.23
N GLY A 398 -11.15 39.38 -16.50
CA GLY A 398 -11.72 40.24 -15.47
C GLY A 398 -12.57 39.51 -14.46
N VAL A 399 -13.54 38.74 -14.95
CA VAL A 399 -14.43 37.95 -14.08
C VAL A 399 -13.73 36.77 -13.41
N ALA A 400 -12.89 36.04 -14.17
CA ALA A 400 -12.27 34.80 -13.70
C ALA A 400 -11.24 34.98 -12.59
N GLY A 401 -10.54 36.11 -12.59
CA GLY A 401 -9.59 36.44 -11.52
C GLY A 401 -10.21 36.49 -10.12
N LYS A 402 -11.46 36.95 -10.05
CA LYS A 402 -12.21 36.99 -8.80
C LYS A 402 -12.73 35.61 -8.39
N LEU A 403 -13.22 34.83 -9.36
CA LEU A 403 -13.74 33.47 -9.12
C LEU A 403 -12.76 32.53 -8.43
N LYS A 404 -11.46 32.70 -8.69
CA LYS A 404 -10.43 31.91 -8.02
C LYS A 404 -10.38 32.22 -6.52
N GLY A 405 -10.54 33.49 -6.16
CA GLY A 405 -10.61 33.91 -4.77
C GLY A 405 -11.86 33.45 -4.03
N ILE A 406 -13.00 33.41 -4.72
CA ILE A 406 -14.28 33.04 -4.13
C ILE A 406 -14.35 31.52 -3.88
N LEU A 407 -14.03 30.74 -4.92
CA LEU A 407 -14.08 29.28 -4.84
C LEU A 407 -12.99 28.69 -3.93
N ALA A 408 -11.86 29.40 -3.77
CA ALA A 408 -10.83 28.99 -2.80
C ALA A 408 -11.35 29.08 -1.37
N GLU A 409 -12.03 30.19 -1.05
CA GLU A 409 -12.63 30.40 0.28
C GLU A 409 -13.87 29.52 0.50
N TYR A 410 -14.65 29.28 -0.56
CA TYR A 410 -15.84 28.42 -0.48
C TYR A 410 -15.47 26.95 -0.19
N ARG A 411 -14.47 26.44 -0.89
CA ARG A 411 -14.00 25.06 -0.69
C ARG A 411 -13.42 24.82 0.69
N LYS A 412 -12.67 25.80 1.21
CA LYS A 412 -12.12 25.74 2.57
C LYS A 412 -13.21 25.80 3.64
N LEU A 413 -14.13 26.76 3.50
CA LEU A 413 -15.23 26.93 4.46
C LEU A 413 -16.28 25.81 4.40
N ALA A 414 -16.40 25.15 3.25
CA ALA A 414 -17.29 23.99 3.10
C ALA A 414 -16.81 22.79 3.92
N ALA A 415 -15.50 22.58 3.97
CA ALA A 415 -14.89 21.53 4.78
C ALA A 415 -15.05 21.80 6.27
N ASP A 416 -14.49 22.93 6.72
CA ASP A 416 -14.52 23.33 8.14
C ASP A 416 -15.95 23.67 8.61
N VAL A 423 -24.16 29.03 9.07
CA VAL A 423 -23.55 30.37 8.98
C VAL A 423 -23.01 30.62 7.56
N GLN A 424 -23.75 31.43 6.79
CA GLN A 424 -23.42 31.72 5.39
C GLN A 424 -22.82 33.11 5.17
N THR A 425 -21.58 33.13 4.69
CA THR A 425 -20.90 34.37 4.28
C THR A 425 -21.32 34.74 2.86
N ILE A 426 -20.86 35.89 2.38
CA ILE A 426 -21.11 36.32 0.98
C ILE A 426 -20.40 35.37 -0.02
N PRO A 427 -19.11 35.03 0.24
CA PRO A 427 -18.44 33.97 -0.53
C PRO A 427 -19.13 32.60 -0.55
N MET A 428 -19.74 32.21 0.57
CA MET A 428 -20.47 30.93 0.65
C MET A 428 -21.73 30.92 -0.22
N ILE A 429 -22.46 32.03 -0.23
CA ILE A 429 -23.66 32.17 -1.07
C ILE A 429 -23.25 32.15 -2.54
N ARG A 430 -22.43 33.13 -2.92
CA ARG A 430 -22.03 33.32 -4.33
C ARG A 430 -21.21 32.15 -4.89
N GLY A 431 -20.39 31.53 -4.03
CA GLY A 431 -19.62 30.34 -4.40
C GLY A 431 -20.46 29.13 -4.80
N ALA A 432 -21.55 28.91 -4.07
CA ALA A 432 -22.47 27.80 -4.35
C ALA A 432 -23.22 27.97 -5.68
N ARG A 433 -23.54 29.21 -6.04
CA ARG A 433 -24.22 29.51 -7.31
C ARG A 433 -23.31 29.23 -8.53
N PHE A 434 -22.02 29.53 -8.41
CA PHE A 434 -21.03 29.19 -9.46
C PHE A 434 -21.03 27.69 -9.78
N VAL A 435 -21.08 26.87 -8.72
CA VAL A 435 -21.12 25.41 -8.86
C VAL A 435 -22.36 24.94 -9.62
N ALA A 436 -23.50 25.57 -9.33
CA ALA A 436 -24.75 25.31 -10.06
C ALA A 436 -24.68 25.75 -11.53
N LEU A 437 -24.03 26.89 -11.76
CA LEU A 437 -23.83 27.41 -13.13
C LEU A 437 -22.89 26.57 -14.00
N PHE A 438 -21.89 25.94 -13.39
CA PHE A 438 -20.92 25.12 -14.14
C PHE A 438 -21.51 23.85 -14.77
N ASN A 439 -22.65 23.38 -14.27
CA ASN A 439 -23.36 22.23 -14.86
C ASN A 439 -23.96 22.60 -16.22
N GLN A 440 -23.60 21.83 -17.26
CA GLN A 440 -24.13 22.07 -18.61
C GLN A 440 -23.85 20.88 -19.54
N LYS A 441 -24.79 20.58 -20.43
CA LYS A 441 -24.63 19.48 -21.38
C LYS A 441 -23.89 19.96 -22.63
N GLN A 442 -24.53 20.85 -23.39
CA GLN A 442 -23.95 21.42 -24.62
C GLN A 442 -23.20 22.72 -24.30
N PRO A 443 -22.24 23.12 -25.15
CA PRO A 443 -21.37 24.24 -24.83
C PRO A 443 -22.07 25.60 -24.94
N SER A 444 -21.74 26.51 -24.02
CA SER A 444 -22.32 27.85 -23.97
C SER A 444 -21.58 28.81 -24.89
N TYR A 445 -22.32 29.78 -25.44
CA TYR A 445 -21.76 30.87 -26.24
C TYR A 445 -21.08 31.88 -25.31
N PHE A 446 -20.00 32.50 -25.77
CA PHE A 446 -19.16 33.36 -24.93
C PHE A 446 -19.92 34.50 -24.22
N MET A 447 -20.88 35.09 -24.92
CA MET A 447 -21.72 36.15 -24.35
C MET A 447 -22.64 35.62 -23.26
N ASN A 448 -23.31 34.50 -23.55
CA ASN A 448 -24.27 33.89 -22.61
C ASN A 448 -23.61 33.33 -21.35
N ALA A 449 -22.34 32.94 -21.46
CA ALA A 449 -21.56 32.44 -20.33
C ALA A 449 -21.11 33.58 -19.42
N ILE A 450 -20.38 34.54 -20.00
CA ILE A 450 -19.72 35.60 -19.22
C ILE A 450 -20.69 36.53 -18.48
N VAL A 451 -21.89 36.73 -19.02
CA VAL A 451 -22.91 37.58 -18.39
C VAL A 451 -23.53 36.88 -17.18
N SER A 452 -23.83 35.59 -17.32
CA SER A 452 -24.36 34.78 -16.19
C SER A 452 -23.33 34.58 -15.06
N LEU A 453 -22.03 34.60 -15.41
CA LEU A 453 -20.95 34.58 -14.41
C LEU A 453 -20.75 35.96 -13.76
N TYR A 454 -20.82 37.02 -14.58
CA TYR A 454 -20.73 38.40 -14.08
C TYR A 454 -21.87 38.75 -13.11
N ALA A 455 -23.06 38.22 -13.36
CA ALA A 455 -24.20 38.36 -12.46
C ALA A 455 -23.92 37.77 -11.08
N CYS A 456 -23.38 36.55 -11.07
CA CYS A 456 -23.01 35.86 -9.82
C CYS A 456 -21.84 36.51 -9.08
N LEU A 457 -20.91 37.11 -9.83
CA LEU A 457 -19.74 37.79 -9.27
C LEU A 457 -20.13 39.02 -8.43
N ASN A 458 -20.93 39.91 -9.03
CA ASN A 458 -21.38 41.13 -8.38
C ASN A 458 -22.57 40.90 -7.42
N GLY A 459 -23.13 39.69 -7.48
CA GLY A 459 -24.08 39.22 -6.48
C GLY A 459 -25.54 39.48 -6.83
N TYR A 460 -25.91 39.16 -8.06
CA TYR A 460 -27.29 39.28 -8.54
C TYR A 460 -28.12 38.02 -8.29
N LEU A 461 -27.46 36.90 -7.99
CA LEU A 461 -28.14 35.63 -7.67
C LEU A 461 -28.03 35.25 -6.19
N ASP A 462 -27.93 36.26 -5.30
CA ASP A 462 -27.80 36.03 -3.87
C ASP A 462 -29.17 35.71 -3.25
N ASP A 463 -30.16 36.54 -3.56
CA ASP A 463 -31.55 36.30 -3.12
C ASP A 463 -32.20 35.11 -3.85
N VAL A 464 -31.72 34.80 -5.06
CA VAL A 464 -32.20 33.65 -5.82
C VAL A 464 -31.62 32.37 -5.20
N LYS A 465 -32.47 31.37 -4.98
CA LYS A 465 -32.05 30.09 -4.37
C LYS A 465 -31.19 29.26 -5.33
N VAL A 466 -30.51 28.26 -4.78
CA VAL A 466 -29.53 27.45 -5.51
C VAL A 466 -30.18 26.55 -6.57
N GLN A 467 -31.36 26.01 -6.27
CA GLN A 467 -32.07 25.13 -7.21
C GLN A 467 -32.65 25.86 -8.43
N TYR A 468 -32.89 27.17 -8.31
CA TYR A 468 -33.50 27.96 -9.40
C TYR A 468 -32.49 28.83 -10.16
N VAL A 469 -31.21 28.44 -10.15
CA VAL A 469 -30.16 29.19 -10.87
C VAL A 469 -30.23 28.92 -12.37
N LYS A 470 -30.50 27.67 -12.75
CA LYS A 470 -30.62 27.30 -14.17
C LYS A 470 -31.88 27.86 -14.82
N PHE A 471 -32.97 27.97 -14.05
CA PHE A 471 -34.19 28.65 -14.52
C PHE A 471 -33.96 30.17 -14.64
N TYR A 472 -33.19 30.73 -13.71
CA TYR A 472 -32.75 32.13 -13.78
C TYR A 472 -31.85 32.39 -15.01
N GLU A 473 -30.93 31.47 -15.28
CA GLU A 473 -30.00 31.59 -16.42
C GLU A 473 -30.69 31.39 -17.76
N TYR A 474 -31.65 30.47 -17.83
CA TYR A 474 -32.43 30.21 -19.05
C TYR A 474 -33.24 31.45 -19.45
N LEU A 475 -33.94 32.03 -18.47
CA LEU A 475 -34.75 33.24 -18.70
C LEU A 475 -33.91 34.48 -19.01
N LEU A 476 -32.64 34.48 -18.62
CA LEU A 476 -31.71 35.54 -19.01
C LEU A 476 -31.32 35.46 -20.49
N VAL A 477 -30.94 34.26 -20.94
CA VAL A 477 -30.41 34.09 -22.31
C VAL A 477 -31.50 34.15 -23.38
N HIS A 478 -32.45 33.23 -23.34
CA HIS A 478 -33.41 33.06 -24.44
C HIS A 478 -34.55 34.09 -24.36
N ARG A 479 -35.19 34.16 -23.20
CA ARG A 479 -36.21 35.16 -22.92
C ARG A 479 -35.57 36.44 -22.41
N ASP A 480 -36.39 37.44 -22.08
CA ASP A 480 -35.95 38.64 -21.35
C ASP A 480 -37.14 39.27 -20.64
N LEU A 481 -36.98 39.54 -19.34
CA LEU A 481 -38.08 39.98 -18.47
C LEU A 481 -38.38 41.49 -18.56
N GLY A 482 -37.36 42.30 -18.81
CA GLY A 482 -37.54 43.74 -18.99
C GLY A 482 -38.43 44.09 -20.18
N ILE A 483 -38.13 43.46 -21.31
CA ILE A 483 -38.91 43.64 -22.54
C ILE A 483 -40.29 42.96 -22.44
N MET A 484 -40.39 41.91 -21.64
CA MET A 484 -41.66 41.21 -21.40
C MET A 484 -42.67 42.15 -20.75
N TYR A 485 -43.30 42.93 -21.64
CA TYR A 485 -44.04 44.19 -21.39
C TYR A 485 -43.87 44.96 -20.07
N GLY A 486 -42.80 45.75 -19.99
CA GLY A 486 -42.73 46.78 -18.95
C GLY A 486 -41.43 47.54 -18.84
N THR A 487 -40.72 47.29 -17.74
CA THR A 487 -39.58 48.12 -17.31
C THR A 487 -38.29 47.83 -18.08
N ALA A 488 -38.31 48.07 -19.40
CA ALA A 488 -37.12 47.88 -20.26
C ALA A 488 -36.27 49.16 -20.33
N LYS A 489 -36.43 49.96 -21.37
CA LYS A 489 -35.69 51.22 -21.57
C LYS A 489 -34.15 51.11 -21.51
N ASN A 490 -33.59 50.08 -22.17
CA ASN A 490 -32.15 50.02 -22.46
C ASN A 490 -31.95 50.41 -23.92
N LYS A 491 -30.94 51.23 -24.18
CA LYS A 491 -30.71 51.78 -25.52
C LYS A 491 -30.05 50.78 -26.47
N PHE A 492 -29.12 49.96 -25.97
CA PHE A 492 -28.45 48.93 -26.81
C PHE A 492 -28.31 47.53 -26.19
N PHE A 493 -27.94 47.43 -24.92
CA PHE A 493 -27.59 46.13 -24.32
C PHE A 493 -28.80 45.25 -24.03
N TYR A 494 -28.93 44.17 -24.81
CA TYR A 494 -29.89 43.10 -24.55
C TYR A 494 -29.23 41.74 -24.83
N MET A 495 -29.90 40.67 -24.41
CA MET A 495 -29.36 39.31 -24.56
C MET A 495 -29.78 38.65 -25.88
N TYR A 496 -30.91 39.08 -26.46
CA TYR A 496 -31.35 38.58 -27.76
C TYR A 496 -30.39 38.97 -28.90
N VAL A 497 -29.81 40.17 -28.79
CA VAL A 497 -28.76 40.63 -29.72
C VAL A 497 -27.44 39.89 -29.44
N GLN A 498 -27.21 38.81 -30.18
CA GLN A 498 -26.01 37.98 -30.05
C GLN A 498 -24.73 38.65 -30.56
N GLU A 499 -24.87 39.69 -31.41
CA GLU A 499 -23.72 40.38 -31.99
C GLU A 499 -22.90 41.22 -30.99
N LEU A 500 -23.48 41.55 -29.84
CA LEU A 500 -22.75 42.23 -28.76
C LEU A 500 -21.58 41.42 -28.18
N ASN A 501 -21.64 40.10 -28.35
CA ASN A 501 -20.55 39.18 -28.03
C ASN A 501 -19.14 39.74 -28.30
N TYR A 502 -18.93 40.24 -29.52
CA TYR A 502 -17.62 40.70 -29.97
C TYR A 502 -17.23 42.10 -29.47
N LEU A 503 -18.24 42.92 -29.14
CA LEU A 503 -18.01 44.20 -28.44
C LEU A 503 -17.56 43.99 -26.99
N ILE A 504 -18.14 42.98 -26.34
CA ILE A 504 -17.76 42.60 -24.97
C ILE A 504 -16.32 42.10 -24.93
N ARG A 505 -15.93 41.27 -25.89
CA ARG A 505 -14.55 40.77 -26.01
C ARG A 505 -13.51 41.88 -26.17
N PHE A 506 -13.89 42.97 -26.84
CA PHE A 506 -12.99 44.13 -27.03
C PHE A 506 -12.89 44.96 -25.74
N PHE A 507 -14.03 45.44 -25.26
CA PHE A 507 -14.07 46.45 -24.18
C PHE A 507 -14.20 45.90 -22.76
N THR A 508 -14.64 44.65 -22.62
CA THR A 508 -14.96 44.03 -21.31
C THR A 508 -16.25 44.61 -20.70
N LEU A 509 -16.75 43.93 -19.67
CA LEU A 509 -17.96 44.35 -18.98
C LEU A 509 -17.66 45.50 -18.02
N ASN A 510 -16.59 45.36 -17.24
CA ASN A 510 -16.07 46.44 -16.39
C ASN A 510 -15.41 47.50 -17.28
N SER A 511 -16.25 48.38 -17.83
CA SER A 511 -15.81 49.45 -18.74
C SER A 511 -16.89 50.51 -18.87
N PRO A 512 -16.52 51.80 -19.00
CA PRO A 512 -17.52 52.89 -19.05
C PRO A 512 -18.58 52.79 -20.16
N ILE A 513 -18.31 52.04 -21.22
CA ILE A 513 -19.25 51.86 -22.33
C ILE A 513 -20.43 50.96 -21.94
N LEU A 514 -20.13 49.79 -21.35
CA LEU A 514 -21.14 48.75 -21.10
C LEU A 514 -21.55 48.54 -19.64
N HIS A 515 -20.82 49.12 -18.67
CA HIS A 515 -21.05 48.83 -17.24
C HIS A 515 -22.44 49.24 -16.75
N GLY A 516 -22.80 50.50 -16.98
CA GLY A 516 -24.11 51.03 -16.58
C GLY A 516 -25.29 50.40 -17.31
N GLU A 517 -25.10 50.10 -18.59
CA GLU A 517 -26.14 49.48 -19.42
C GLU A 517 -26.38 48.01 -19.05
N LEU A 518 -25.29 47.31 -18.73
CA LEU A 518 -25.37 45.91 -18.27
C LEU A 518 -26.05 45.77 -16.91
N GLU A 519 -25.67 46.63 -15.97
CA GLU A 519 -26.23 46.57 -14.61
C GLU A 519 -27.72 46.93 -14.53
N GLU A 520 -28.24 47.61 -15.56
CA GLU A 520 -29.69 47.78 -15.73
C GLU A 520 -30.34 46.43 -16.08
N MET A 521 -29.87 45.81 -17.16
CA MET A 521 -30.36 44.49 -17.63
C MET A 521 -30.49 43.47 -16.50
N LEU A 522 -29.45 43.38 -15.67
CA LEU A 522 -29.42 42.43 -14.55
C LEU A 522 -30.35 42.84 -13.40
N LYS A 523 -30.42 44.14 -13.10
CA LYS A 523 -31.35 44.66 -12.07
C LYS A 523 -32.81 44.43 -12.44
N GLN A 524 -33.15 44.60 -13.71
CA GLN A 524 -34.50 44.33 -14.21
C GLN A 524 -34.81 42.83 -14.15
N HIS A 525 -33.83 42.01 -14.52
CA HIS A 525 -33.99 40.55 -14.56
C HIS A 525 -34.16 39.93 -13.17
N THR A 526 -33.38 40.41 -12.19
CA THR A 526 -33.45 39.90 -10.82
C THR A 526 -34.75 40.28 -10.10
N HIS A 527 -35.08 41.57 -10.13
CA HIS A 527 -36.27 42.09 -9.45
C HIS A 527 -37.57 41.45 -9.97
N LEU A 528 -37.67 41.30 -11.29
CA LEU A 528 -38.84 40.66 -11.91
C LEU A 528 -38.87 39.15 -11.68
N PHE A 529 -37.71 38.50 -11.70
CA PHE A 529 -37.61 37.06 -11.43
C PHE A 529 -37.98 36.72 -9.99
N LEU A 530 -37.46 37.51 -9.04
CA LEU A 530 -37.78 37.33 -7.61
C LEU A 530 -39.25 37.62 -7.30
N GLN A 531 -39.79 38.68 -7.90
CA GLN A 531 -41.18 39.09 -7.66
C GLN A 531 -42.18 38.16 -8.33
N HIS A 532 -42.06 38.01 -9.66
CA HIS A 532 -43.06 37.30 -10.46
C HIS A 532 -42.83 35.79 -10.58
N TYR A 533 -41.57 35.39 -10.81
CA TYR A 533 -41.24 33.98 -11.11
C TYR A 533 -40.88 33.13 -9.88
N GLN A 534 -40.12 33.68 -8.93
CA GLN A 534 -39.72 32.94 -7.71
C GLN A 534 -40.84 32.89 -6.65
N SER A 535 -41.83 33.79 -6.74
CA SER A 535 -43.01 33.73 -5.86
C SER A 535 -43.79 32.42 -5.90
N LYS A 536 -43.77 31.73 -7.05
CA LYS A 536 -44.39 30.40 -7.20
C LYS A 536 -43.90 29.34 -6.22
N MET A 537 -42.63 29.40 -5.81
CA MET A 537 -42.05 28.35 -4.94
C MET A 537 -42.61 28.30 -3.52
N ASN A 538 -43.00 29.45 -2.98
CA ASN A 538 -43.76 29.51 -1.72
C ASN A 538 -45.17 28.92 -1.91
N ALA A 539 -45.75 29.19 -3.09
CA ALA A 539 -47.05 28.65 -3.45
C ALA A 539 -47.06 27.13 -3.68
N ILE A 540 -46.42 26.68 -4.74
CA ILE A 540 -46.54 25.31 -5.28
C ILE A 540 -46.19 24.23 -4.24
N LYS A 541 -47.22 23.71 -3.56
CA LYS A 541 -47.06 22.60 -2.61
C LYS A 541 -48.15 21.54 -2.88
N SER A 542 -48.33 21.16 -4.14
CA SER A 542 -49.38 20.22 -4.53
C SER A 542 -48.92 19.22 -5.59
N GLU A 543 -49.65 18.11 -5.69
CA GLU A 543 -49.40 17.08 -6.70
C GLU A 543 -49.77 17.62 -8.09
N LYS A 544 -48.94 17.25 -9.07
CA LYS A 544 -49.06 17.74 -10.47
C LYS A 544 -48.55 19.17 -10.71
N ASP A 545 -48.16 19.88 -9.64
CA ASP A 545 -47.47 21.17 -9.74
C ASP A 545 -46.02 21.09 -9.27
N VAL A 546 -45.77 20.31 -8.22
CA VAL A 546 -44.41 20.00 -7.76
C VAL A 546 -43.65 19.18 -8.82
N LYS A 547 -44.35 18.22 -9.44
CA LYS A 547 -43.80 17.44 -10.55
C LYS A 547 -43.57 18.29 -11.80
N ALA A 548 -44.48 19.21 -12.08
CA ALA A 548 -44.34 20.17 -13.19
C ALA A 548 -43.15 21.12 -12.98
N LEU A 549 -42.93 21.53 -11.72
CA LEU A 549 -41.76 22.34 -11.37
C LEU A 549 -40.45 21.58 -11.58
N LYS A 550 -40.43 20.29 -11.22
CA LYS A 550 -39.24 19.45 -11.39
C LYS A 550 -38.86 19.31 -12.86
N ASN A 551 -39.80 18.81 -13.67
CA ASN A 551 -39.60 18.62 -15.11
C ASN A 551 -39.18 19.90 -15.85
N LEU A 552 -39.64 21.05 -15.37
CA LEU A 552 -39.18 22.35 -15.86
C LEU A 552 -37.71 22.59 -15.49
N LEU A 553 -37.37 22.40 -14.22
CA LEU A 553 -36.01 22.64 -13.71
C LEU A 553 -34.96 21.65 -14.24
N TYR A 554 -35.37 20.42 -14.49
CA TYR A 554 -34.44 19.39 -15.00
C TYR A 554 -34.04 19.66 -16.45
N SER A 555 -35.00 20.08 -17.28
CA SER A 555 -34.73 20.52 -18.66
C SER A 555 -33.86 21.79 -18.74
N CYS A 556 -33.92 22.64 -17.72
CA CYS A 556 -33.08 23.84 -17.65
C CYS A 556 -31.59 23.56 -17.41
N LYS A 557 -31.24 22.38 -16.88
CA LYS A 557 -29.84 21.98 -16.73
C LYS A 557 -29.13 21.79 -18.08
N ARG A 558 -29.87 21.29 -19.07
CA ARG A 558 -29.32 20.99 -20.40
C ARG A 558 -28.99 22.27 -21.17
N ALA A 559 -30.01 23.08 -21.44
CA ALA A 559 -29.83 24.34 -22.16
C ALA A 559 -29.30 25.40 -21.20
N VAL A 560 -28.15 25.99 -21.53
CA VAL A 560 -27.48 26.96 -20.66
C VAL A 560 -28.24 28.29 -20.71
N PHE B 22 51.24 -4.02 -11.87
CA PHE B 22 51.16 -5.51 -11.84
C PHE B 22 52.19 -6.16 -12.77
N LYS B 23 52.45 -7.45 -12.52
CA LYS B 23 53.45 -8.23 -13.26
C LYS B 23 52.78 -9.03 -14.39
N THR B 24 53.10 -8.66 -15.63
CA THR B 24 52.63 -9.41 -16.81
C THR B 24 53.43 -10.72 -16.96
N THR B 25 52.85 -11.69 -17.68
CA THR B 25 53.49 -12.99 -17.93
C THR B 25 53.29 -13.45 -19.38
N GLU B 26 52.04 -13.72 -19.76
CA GLU B 26 51.71 -14.30 -21.06
C GLU B 26 50.51 -13.58 -21.68
N MET B 27 50.55 -13.38 -23.00
CA MET B 27 49.47 -12.73 -23.75
C MET B 27 48.35 -13.73 -24.02
N ILE B 28 47.31 -13.67 -23.19
CA ILE B 28 46.24 -14.68 -23.20
C ILE B 28 45.14 -14.50 -24.26
N GLY B 29 44.89 -13.27 -24.71
CA GLY B 29 43.87 -13.04 -25.74
C GLY B 29 43.66 -11.60 -26.17
N TYR B 30 42.63 -11.41 -26.99
CA TYR B 30 42.21 -10.09 -27.49
C TYR B 30 40.85 -9.72 -26.92
N VAL B 31 40.58 -8.42 -26.83
CA VAL B 31 39.29 -7.92 -26.34
C VAL B 31 38.26 -8.02 -27.45
N HIS B 32 37.10 -8.61 -27.15
CA HIS B 32 36.03 -8.82 -28.13
C HIS B 32 34.92 -7.78 -27.97
N SER B 33 34.26 -7.79 -26.82
CA SER B 33 33.12 -6.89 -26.56
C SER B 33 33.36 -6.11 -25.28
N ILE B 34 32.80 -4.90 -25.22
CA ILE B 34 32.74 -4.11 -23.98
C ILE B 34 31.29 -3.67 -23.79
N ASP B 35 30.87 -3.59 -22.53
CA ASP B 35 29.53 -3.10 -22.17
C ASP B 35 29.63 -2.28 -20.88
N GLY B 36 30.19 -1.08 -21.02
CA GLY B 36 30.45 -0.21 -19.89
C GLY B 36 31.68 -0.65 -19.12
N THR B 37 31.46 -1.35 -18.01
CA THR B 37 32.54 -1.80 -17.12
C THR B 37 32.75 -3.31 -17.14
N ILE B 38 32.19 -3.98 -18.15
CA ILE B 38 32.34 -5.44 -18.32
C ILE B 38 32.78 -5.73 -19.75
N ALA B 39 33.50 -6.84 -19.94
CA ALA B 39 34.00 -7.21 -21.26
C ALA B 39 34.19 -8.72 -21.37
N THR B 40 34.31 -9.20 -22.61
CA THR B 40 34.65 -10.59 -22.88
C THR B 40 35.80 -10.64 -23.88
N LEU B 41 36.66 -11.65 -23.74
CA LEU B 41 37.85 -11.82 -24.57
C LEU B 41 37.72 -13.03 -25.49
N ILE B 42 38.47 -13.02 -26.60
CA ILE B 42 38.68 -14.20 -27.45
C ILE B 42 40.11 -14.66 -27.20
N PRO B 43 40.34 -15.98 -27.06
CA PRO B 43 41.71 -16.44 -26.78
C PRO B 43 42.64 -16.28 -27.97
N ALA B 44 43.92 -16.03 -27.69
CA ALA B 44 44.95 -15.90 -28.72
C ALA B 44 45.28 -17.29 -29.30
N PRO B 45 45.94 -17.34 -30.48
CA PRO B 45 46.31 -18.64 -31.06
C PRO B 45 47.12 -19.51 -30.10
N GLY B 46 46.70 -20.76 -29.94
CA GLY B 46 47.25 -21.67 -28.93
C GLY B 46 46.28 -21.96 -27.80
N ASN B 47 45.45 -20.97 -27.45
CA ASN B 47 44.48 -21.05 -26.34
C ASN B 47 45.21 -21.31 -24.99
N PRO B 48 45.93 -20.29 -24.49
CA PRO B 48 46.65 -20.47 -23.20
C PRO B 48 45.72 -20.63 -22.01
N GLY B 49 44.70 -19.79 -21.92
CA GLY B 49 43.69 -19.91 -20.88
C GLY B 49 44.17 -19.35 -19.55
N VAL B 50 43.62 -18.21 -19.16
CA VAL B 50 43.97 -17.56 -17.90
C VAL B 50 43.30 -18.28 -16.72
N ALA B 51 43.92 -18.18 -15.55
CA ALA B 51 43.37 -18.74 -14.31
C ALA B 51 42.20 -17.90 -13.78
N TYR B 52 41.33 -18.52 -12.99
CA TYR B 52 40.11 -17.88 -12.48
C TYR B 52 40.39 -16.89 -11.36
N ASN B 53 39.62 -15.80 -11.32
CA ASN B 53 39.68 -14.77 -10.28
C ASN B 53 41.02 -13.99 -10.24
N THR B 54 41.75 -14.01 -11.36
CA THR B 54 43.06 -13.36 -11.46
C THR B 54 42.96 -12.01 -12.14
N ILE B 55 43.97 -11.17 -11.94
CA ILE B 55 44.07 -9.86 -12.59
C ILE B 55 44.63 -10.05 -13.98
N ILE B 56 44.16 -9.23 -14.93
CA ILE B 56 44.71 -9.20 -16.29
C ILE B 56 44.88 -7.74 -16.74
N GLN B 57 45.99 -7.48 -17.45
CA GLN B 57 46.33 -6.13 -17.91
C GLN B 57 46.04 -6.00 -19.40
N ILE B 58 45.14 -5.09 -19.75
CA ILE B 58 44.78 -4.81 -21.16
C ILE B 58 45.62 -3.63 -21.65
N GLN B 59 46.36 -3.83 -22.75
CA GLN B 59 47.19 -2.76 -23.33
C GLN B 59 46.33 -1.73 -24.05
N VAL B 60 45.96 -0.67 -23.34
CA VAL B 60 45.21 0.45 -23.93
C VAL B 60 46.07 1.29 -24.89
N SER B 61 47.35 1.42 -24.54
CA SER B 61 48.34 2.05 -25.42
C SER B 61 49.65 1.26 -25.27
N PRO B 62 50.68 1.59 -26.08
CA PRO B 62 51.99 0.95 -25.88
C PRO B 62 52.60 1.17 -24.49
N THR B 63 52.40 2.36 -23.92
CA THR B 63 52.94 2.71 -22.59
C THR B 63 52.02 2.31 -21.41
N THR B 64 50.71 2.44 -21.57
CA THR B 64 49.74 2.29 -20.47
C THR B 64 49.01 0.94 -20.49
N PHE B 65 48.58 0.48 -19.31
CA PHE B 65 47.75 -0.72 -19.15
C PHE B 65 46.42 -0.38 -18.46
N ALA B 66 45.50 -1.34 -18.48
CA ALA B 66 44.19 -1.22 -17.80
C ALA B 66 43.81 -2.54 -17.14
N ALA B 67 43.75 -2.54 -15.81
CA ALA B 67 43.52 -3.76 -15.03
C ALA B 67 42.08 -4.28 -15.15
N GLY B 68 41.91 -5.56 -14.84
CA GLY B 68 40.60 -6.21 -14.85
C GLY B 68 40.61 -7.59 -14.23
N LEU B 69 39.48 -7.99 -13.64
CA LEU B 69 39.36 -9.26 -12.92
C LEU B 69 38.55 -10.28 -13.73
N VAL B 70 38.98 -11.54 -13.68
CA VAL B 70 38.34 -12.62 -14.45
C VAL B 70 37.19 -13.22 -13.65
N PHE B 71 35.98 -13.19 -14.23
CA PHE B 71 34.77 -13.69 -13.56
C PHE B 71 34.11 -14.93 -14.20
N ASN B 72 34.30 -15.11 -15.51
CA ASN B 72 33.71 -16.23 -16.27
C ASN B 72 34.77 -16.87 -17.18
N LEU B 73 34.86 -18.20 -17.15
CA LEU B 73 35.72 -18.96 -18.08
C LEU B 73 34.85 -19.90 -18.91
N GLU B 74 34.36 -19.41 -20.05
CA GLU B 74 33.40 -20.15 -20.89
C GLU B 74 34.03 -21.31 -21.65
N LYS B 75 33.19 -22.27 -22.03
CA LYS B 75 33.62 -23.47 -22.79
C LYS B 75 34.26 -23.14 -24.13
N ASP B 76 33.77 -22.08 -24.76
CA ASP B 76 34.29 -21.57 -26.05
C ASP B 76 35.79 -21.25 -26.01
N GLY B 77 36.30 -20.85 -24.84
CA GLY B 77 37.65 -20.32 -24.69
C GLY B 77 37.60 -18.86 -24.29
N ARG B 78 36.42 -18.24 -24.40
CA ARG B 78 36.22 -16.83 -24.05
C ARG B 78 36.30 -16.61 -22.56
N ILE B 79 36.74 -15.42 -22.17
CA ILE B 79 37.00 -15.08 -20.77
C ILE B 79 36.28 -13.77 -20.43
N GLY B 80 35.40 -13.81 -19.44
CA GLY B 80 34.69 -12.63 -18.96
C GLY B 80 35.53 -11.77 -18.03
N ILE B 81 35.56 -10.47 -18.29
CA ILE B 81 36.40 -9.51 -17.56
C ILE B 81 35.54 -8.42 -16.89
N ILE B 82 35.91 -8.05 -15.67
CA ILE B 82 35.34 -6.89 -14.97
C ILE B 82 36.37 -5.78 -15.02
N LEU B 83 36.07 -4.72 -15.77
CA LEU B 83 37.02 -3.62 -15.97
C LEU B 83 37.15 -2.77 -14.71
N MET B 84 38.36 -2.27 -14.46
CA MET B 84 38.71 -1.56 -13.23
C MET B 84 39.31 -0.17 -13.50
N ASP B 85 40.42 -0.11 -14.25
CA ASP B 85 41.08 1.15 -14.61
C ASP B 85 40.85 1.52 -16.07
N ASN B 86 41.04 2.80 -16.37
CA ASN B 86 41.08 3.35 -17.74
C ASN B 86 40.01 2.74 -18.66
N ILE B 87 38.77 2.83 -18.22
CA ILE B 87 37.63 2.19 -18.91
C ILE B 87 37.31 2.88 -20.24
N THR B 88 37.45 4.20 -20.27
CA THR B 88 37.31 4.95 -21.53
C THR B 88 38.36 4.56 -22.58
N GLU B 89 39.57 4.23 -22.12
CA GLU B 89 40.68 3.85 -23.01
C GLU B 89 40.64 2.40 -23.51
N VAL B 90 39.79 1.56 -22.93
CA VAL B 90 39.63 0.17 -23.39
C VAL B 90 38.87 0.15 -24.72
N GLN B 91 39.33 -0.73 -25.61
CA GLN B 91 38.77 -0.84 -26.96
C GLN B 91 38.78 -2.31 -27.39
N SER B 92 37.96 -2.63 -28.38
CA SER B 92 37.90 -3.97 -28.94
C SER B 92 39.10 -4.17 -29.87
N GLY B 93 39.71 -5.36 -29.79
CA GLY B 93 40.91 -5.70 -30.56
C GLY B 93 42.23 -5.47 -29.86
N GLN B 94 42.20 -4.94 -28.63
CA GLN B 94 43.43 -4.69 -27.86
C GLN B 94 43.96 -5.98 -27.26
N LYS B 95 45.27 -6.01 -27.03
CA LYS B 95 45.96 -7.18 -26.46
C LYS B 95 45.74 -7.24 -24.96
N VAL B 96 45.71 -8.47 -24.42
CA VAL B 96 45.43 -8.70 -23.00
C VAL B 96 46.51 -9.61 -22.40
N MET B 97 47.29 -9.07 -21.47
CA MET B 97 48.31 -9.81 -20.74
C MET B 97 47.73 -10.32 -19.43
N ALA B 98 48.19 -11.50 -18.99
CA ALA B 98 47.73 -12.11 -17.74
C ALA B 98 48.80 -12.04 -16.66
N THR B 99 48.37 -11.99 -15.40
CA THR B 99 49.27 -12.07 -14.24
C THR B 99 49.46 -13.52 -13.78
N GLY B 100 48.38 -14.30 -13.83
CA GLY B 100 48.39 -15.66 -13.28
C GLY B 100 48.40 -15.69 -11.76
N GLN B 101 47.92 -14.61 -11.14
CA GLN B 101 47.87 -14.48 -9.68
C GLN B 101 46.59 -13.78 -9.23
N LEU B 102 46.12 -14.12 -8.03
CA LEU B 102 45.02 -13.42 -7.38
C LEU B 102 45.40 -11.99 -7.04
N LEU B 103 44.41 -11.14 -6.76
CA LEU B 103 44.69 -9.73 -6.46
C LEU B 103 45.37 -9.57 -5.11
N HIS B 104 46.63 -9.15 -5.14
CA HIS B 104 47.40 -8.75 -3.99
C HIS B 104 47.55 -7.23 -4.04
N ILE B 105 47.63 -6.60 -2.86
CA ILE B 105 47.74 -5.14 -2.73
C ILE B 105 48.81 -4.75 -1.72
N PRO B 106 49.30 -3.48 -1.78
CA PRO B 106 50.27 -3.03 -0.77
C PRO B 106 49.64 -2.93 0.61
N VAL B 107 50.29 -3.54 1.61
CA VAL B 107 49.83 -3.51 2.99
C VAL B 107 51.00 -3.34 3.95
N GLY B 108 50.78 -2.60 5.03
CA GLY B 108 51.77 -2.41 6.10
C GLY B 108 51.69 -1.03 6.74
N ALA B 109 52.74 -0.70 7.51
CA ALA B 109 52.82 0.60 8.18
C ALA B 109 53.13 1.75 7.21
N GLY B 110 53.86 1.43 6.13
CA GLY B 110 54.19 2.43 5.10
C GLY B 110 53.02 2.95 4.28
N VAL B 111 51.91 2.19 4.26
CA VAL B 111 50.69 2.58 3.54
C VAL B 111 49.85 3.60 4.35
N LEU B 112 50.10 3.71 5.66
CA LEU B 112 49.36 4.62 6.54
C LEU B 112 49.56 6.08 6.17
N GLY B 113 48.53 6.89 6.43
CA GLY B 113 48.53 8.32 6.11
C GLY B 113 48.42 8.62 4.63
N LYS B 114 47.84 7.69 3.86
CA LYS B 114 47.70 7.84 2.41
C LYS B 114 46.34 7.33 1.95
N VAL B 115 45.92 7.84 0.79
CA VAL B 115 44.68 7.41 0.14
C VAL B 115 45.02 6.42 -0.97
N VAL B 116 44.27 5.33 -1.06
CA VAL B 116 44.58 4.21 -1.98
C VAL B 116 43.34 3.58 -2.62
N ASN B 117 43.51 3.09 -3.85
CA ASN B 117 42.45 2.36 -4.57
C ASN B 117 42.28 0.94 -4.01
N PRO B 118 41.21 0.24 -4.41
CA PRO B 118 41.11 -1.21 -4.19
C PRO B 118 42.22 -2.02 -4.86
N LEU B 119 42.72 -1.56 -6.00
CA LEU B 119 43.84 -2.22 -6.70
C LEU B 119 45.21 -1.92 -6.07
N GLY B 120 45.30 -0.84 -5.29
CA GLY B 120 46.53 -0.53 -4.52
C GLY B 120 47.25 0.75 -4.91
N HIS B 121 46.82 1.38 -6.01
CA HIS B 121 47.46 2.61 -6.50
C HIS B 121 47.14 3.78 -5.58
N GLU B 122 48.16 4.55 -5.22
CA GLU B 122 48.00 5.68 -4.31
C GLU B 122 47.38 6.87 -5.02
N VAL B 123 46.48 7.57 -4.33
CA VAL B 123 45.82 8.77 -4.86
C VAL B 123 46.57 10.00 -4.36
N PRO B 124 46.94 10.93 -5.26
CA PRO B 124 47.51 12.19 -4.76
C PRO B 124 46.50 13.10 -4.01
N VAL B 125 47.00 13.86 -3.05
CA VAL B 125 46.18 14.75 -2.22
C VAL B 125 46.76 16.16 -2.22
N GLY B 126 45.89 17.16 -2.07
CA GLY B 126 46.26 18.57 -2.25
C GLY B 126 47.11 19.17 -1.15
N LEU B 127 47.46 20.45 -1.34
CA LEU B 127 48.32 21.18 -0.42
C LEU B 127 47.99 22.67 -0.43
N SER B 137 56.97 -3.15 2.28
CA SER B 137 55.56 -3.53 2.48
C SER B 137 55.22 -4.79 1.69
N THR B 138 55.31 -5.95 2.37
CA THR B 138 54.88 -7.23 1.80
C THR B 138 53.37 -7.22 1.53
N LEU B 139 52.96 -7.83 0.43
CA LEU B 139 51.57 -7.76 -0.04
C LEU B 139 50.68 -8.79 0.70
N GLY B 140 49.37 -8.70 0.46
CA GLY B 140 48.40 -9.60 1.08
C GLY B 140 47.20 -9.86 0.17
N LYS B 141 46.69 -11.09 0.19
CA LYS B 141 45.58 -11.49 -0.68
C LYS B 141 44.28 -10.83 -0.26
N VAL B 142 43.55 -10.25 -1.23
CA VAL B 142 42.22 -9.70 -0.97
C VAL B 142 41.17 -10.82 -0.83
N ASP B 143 41.33 -11.90 -1.61
CA ASP B 143 40.47 -13.07 -1.53
C ASP B 143 41.04 -14.05 -0.49
N THR B 144 40.55 -13.93 0.76
CA THR B 144 41.06 -14.72 1.88
C THR B 144 39.92 -15.27 2.73
N GLY B 145 40.09 -16.48 3.26
CA GLY B 145 39.11 -17.09 4.15
C GLY B 145 39.18 -16.49 5.54
N ALA B 146 38.04 -16.44 6.23
CA ALA B 146 37.97 -15.90 7.59
C ALA B 146 38.52 -16.91 8.61
N PRO B 147 38.89 -16.43 9.83
CA PRO B 147 39.34 -17.34 10.88
C PRO B 147 38.27 -18.34 11.32
N ASN B 148 38.66 -19.60 11.52
CA ASN B 148 37.71 -20.69 11.84
C ASN B 148 37.28 -20.65 13.32
N ILE B 149 36.74 -21.75 13.83
CA ILE B 149 36.08 -21.77 15.15
C ILE B 149 37.13 -21.68 16.27
N VAL B 150 38.15 -22.55 16.19
CA VAL B 150 39.21 -22.57 17.21
C VAL B 150 40.22 -21.42 17.07
N SER B 151 40.24 -20.75 15.91
CA SER B 151 41.12 -19.59 15.69
C SER B 151 40.72 -18.32 16.44
N ARG B 152 39.41 -18.15 16.68
CA ARG B 152 38.88 -16.96 17.36
C ARG B 152 38.85 -17.12 18.89
N SER B 153 38.49 -16.04 19.59
CA SER B 153 38.28 -16.06 21.04
C SER B 153 37.22 -15.00 21.45
N PRO B 154 36.67 -15.11 22.68
CA PRO B 154 35.70 -14.11 23.14
C PRO B 154 36.28 -12.70 23.21
N VAL B 155 35.47 -11.70 22.84
CA VAL B 155 35.91 -10.31 22.86
C VAL B 155 35.95 -9.78 24.30
N ASN B 156 37.14 -9.37 24.73
CA ASN B 156 37.37 -8.77 26.06
C ASN B 156 37.91 -7.32 26.01
N TYR B 157 38.76 -7.01 25.03
CA TYR B 157 39.35 -5.68 24.90
C TYR B 157 38.30 -4.66 24.43
N ASN B 158 38.19 -3.54 25.14
CA ASN B 158 37.21 -2.49 24.79
C ASN B 158 37.68 -1.65 23.59
N LEU B 159 36.73 -1.04 22.89
CA LEU B 159 37.01 -0.08 21.82
C LEU B 159 36.16 1.16 22.04
N LEU B 160 36.80 2.25 22.45
CA LEU B 160 36.10 3.49 22.77
C LEU B 160 35.78 4.28 21.52
N THR B 161 34.48 4.46 21.27
CA THR B 161 34.00 5.40 20.25
C THR B 161 34.19 6.85 20.68
N GLY B 162 34.23 7.09 22.00
CA GLY B 162 34.36 8.43 22.56
C GLY B 162 33.03 9.14 22.73
N PHE B 163 31.95 8.35 22.85
CA PHE B 163 30.60 8.89 23.06
C PHE B 163 29.99 8.25 24.30
N LYS B 164 29.47 9.09 25.18
CA LYS B 164 28.85 8.63 26.42
C LYS B 164 27.60 7.77 26.16
N ALA B 165 26.87 8.11 25.11
CA ALA B 165 25.70 7.33 24.69
C ALA B 165 26.08 5.91 24.25
N VAL B 166 27.13 5.81 23.43
CA VAL B 166 27.55 4.55 22.84
C VAL B 166 28.35 3.70 23.84
N ASP B 167 29.43 4.26 24.39
CA ASP B 167 30.37 3.50 25.23
C ASP B 167 29.77 2.93 26.53
N THR B 168 28.64 3.49 26.99
CA THR B 168 27.89 2.94 28.12
C THR B 168 26.86 1.90 27.67
N MET B 169 25.93 2.32 26.81
CA MET B 169 24.76 1.52 26.45
C MET B 169 25.00 0.49 25.33
N ILE B 170 25.79 0.88 24.33
CA ILE B 170 26.07 0.02 23.17
C ILE B 170 27.60 -0.11 23.02
N PRO B 171 28.26 -0.81 23.96
CA PRO B 171 29.72 -0.80 23.99
C PRO B 171 30.31 -1.75 22.93
N ILE B 172 31.30 -1.26 22.18
CA ILE B 172 31.90 -2.02 21.09
C ILE B 172 33.20 -2.64 21.61
N GLY B 173 33.35 -3.94 21.37
CA GLY B 173 34.58 -4.67 21.70
C GLY B 173 35.48 -4.82 20.48
N ARG B 174 36.76 -5.08 20.71
CA ARG B 174 37.73 -5.22 19.63
C ARG B 174 37.57 -6.60 18.97
N GLY B 175 37.28 -6.59 17.66
CA GLY B 175 36.91 -7.80 16.91
C GLY B 175 35.43 -7.95 16.64
N GLN B 176 34.62 -7.08 17.26
CA GLN B 176 33.17 -7.08 17.07
C GLN B 176 32.80 -6.43 15.74
N ARG B 177 31.64 -6.81 15.21
CA ARG B 177 31.05 -6.16 14.04
C ARG B 177 29.81 -5.39 14.52
N GLU B 178 29.92 -4.06 14.57
CA GLU B 178 28.84 -3.21 15.06
C GLU B 178 28.30 -2.35 13.91
N LEU B 179 27.06 -2.62 13.52
CA LEU B 179 26.41 -1.91 12.43
C LEU B 179 26.05 -0.47 12.81
N ILE B 180 26.09 0.43 11.83
CA ILE B 180 25.58 1.79 11.98
C ILE B 180 24.48 1.98 10.93
N VAL B 181 23.23 2.11 11.38
CA VAL B 181 22.07 2.28 10.50
C VAL B 181 21.31 3.57 10.81
N GLY B 182 20.58 4.05 9.81
CA GLY B 182 19.82 5.29 9.90
C GLY B 182 19.70 5.98 8.55
N ASP B 183 18.93 7.06 8.51
CA ASP B 183 18.67 7.81 7.28
C ASP B 183 19.86 8.69 6.89
N ARG B 184 19.77 9.27 5.69
CA ARG B 184 20.74 10.27 5.23
C ARG B 184 20.78 11.48 6.17
N GLN B 185 21.97 12.03 6.36
CA GLN B 185 22.20 13.17 7.27
C GLN B 185 21.70 12.93 8.71
N THR B 186 21.97 11.74 9.25
CA THR B 186 21.71 11.43 10.68
C THR B 186 22.98 11.29 11.53
N GLY B 187 24.15 11.41 10.91
CA GLY B 187 25.43 11.33 11.63
C GLY B 187 26.07 9.95 11.60
N LYS B 188 25.92 9.24 10.48
CA LYS B 188 26.49 7.90 10.32
C LYS B 188 28.00 7.95 10.08
N THR B 189 28.44 8.87 9.23
CA THR B 189 29.86 9.07 8.94
C THR B 189 30.58 9.70 10.12
N SER B 190 30.01 10.77 10.67
CA SER B 190 30.64 11.55 11.74
C SER B 190 30.96 10.68 12.96
N ILE B 191 29.99 9.87 13.39
CA ILE B 191 30.20 8.94 14.52
C ILE B 191 31.26 7.85 14.22
N ALA B 192 31.37 7.45 12.96
CA ALA B 192 32.41 6.51 12.52
C ALA B 192 33.79 7.17 12.41
N VAL B 193 33.83 8.39 11.88
CA VAL B 193 35.08 9.15 11.72
C VAL B 193 35.63 9.61 13.08
N SER B 194 34.75 10.11 13.94
CA SER B 194 35.14 10.52 15.29
C SER B 194 35.62 9.34 16.18
N THR B 195 35.14 8.13 15.89
CA THR B 195 35.65 6.91 16.55
C THR B 195 37.13 6.66 16.20
N ILE B 196 37.50 6.95 14.96
CA ILE B 196 38.90 6.89 14.51
C ILE B 196 39.74 7.99 15.14
N ILE B 197 39.17 9.19 15.22
CA ILE B 197 39.82 10.36 15.84
C ILE B 197 40.00 10.16 17.35
N ASN B 198 39.06 9.46 17.99
CA ASN B 198 39.14 9.16 19.43
C ASN B 198 40.36 8.29 19.80
N GLN B 199 40.84 7.48 18.86
CA GLN B 199 41.99 6.60 19.09
C GLN B 199 43.33 7.35 19.24
N VAL B 200 43.46 8.53 18.64
CA VAL B 200 44.75 9.26 18.61
C VAL B 200 45.25 9.64 20.02
N ARG B 201 44.34 10.09 20.88
CA ARG B 201 44.70 10.47 22.26
C ARG B 201 45.22 9.28 23.07
N ILE B 202 44.64 8.10 22.84
CA ILE B 202 45.10 6.86 23.48
C ILE B 202 46.38 6.40 22.78
N ASN B 203 46.30 6.19 21.47
CA ASN B 203 47.43 5.67 20.66
C ASN B 203 48.77 6.40 20.85
N GLN B 204 48.71 7.72 20.99
CA GLN B 204 49.89 8.53 21.27
C GLN B 204 50.56 8.17 22.60
N GLN B 205 49.75 7.95 23.63
CA GLN B 205 50.22 7.68 24.99
C GLN B 205 50.61 6.21 25.24
N ILE B 206 49.86 5.29 24.63
CA ILE B 206 50.01 3.84 24.91
C ILE B 206 51.18 3.19 24.17
N LEU B 207 51.45 1.92 24.47
CA LEU B 207 52.35 1.09 23.66
C LEU B 207 51.72 0.78 22.30
N SER B 208 52.50 0.90 21.23
CA SER B 208 52.01 0.69 19.86
C SER B 208 51.45 -0.72 19.57
N LYS B 209 51.80 -1.70 20.40
CA LYS B 209 51.18 -3.03 20.34
C LYS B 209 49.66 -2.99 20.48
N ASN B 210 49.16 -2.15 21.39
CA ASN B 210 47.71 -2.01 21.64
C ASN B 210 47.06 -0.80 20.95
N ALA B 211 47.73 -0.22 19.95
CA ALA B 211 47.20 0.93 19.22
C ALA B 211 46.16 0.47 18.20
N VAL B 212 45.05 1.22 18.13
CA VAL B 212 43.98 0.94 17.18
C VAL B 212 44.27 1.64 15.85
N ILE B 213 44.81 0.88 14.89
CA ILE B 213 45.05 1.40 13.54
C ILE B 213 43.72 1.32 12.79
N SER B 214 43.35 2.42 12.15
CA SER B 214 42.03 2.55 11.50
C SER B 214 42.13 2.43 9.99
N ILE B 215 41.05 1.94 9.37
CA ILE B 215 40.97 1.82 7.91
C ILE B 215 39.59 2.26 7.42
N TYR B 216 39.50 3.53 7.01
CA TYR B 216 38.26 4.12 6.52
C TYR B 216 38.09 3.80 5.02
N VAL B 217 37.10 2.96 4.71
CA VAL B 217 36.76 2.61 3.33
C VAL B 217 35.61 3.51 2.87
N SER B 218 35.79 4.21 1.75
CA SER B 218 34.81 5.15 1.21
C SER B 218 34.24 4.63 -0.11
N ILE B 219 33.13 3.90 -0.02
CA ILE B 219 32.52 3.21 -1.16
C ILE B 219 31.40 4.07 -1.76
N GLY B 220 31.59 4.49 -3.02
CA GLY B 220 30.56 5.21 -3.77
C GLY B 220 30.25 6.63 -3.32
N GLN B 221 31.09 7.20 -2.45
CA GLN B 221 30.85 8.53 -1.91
C GLN B 221 31.24 9.61 -2.91
N ARG B 222 30.80 10.83 -2.61
CA ARG B 222 31.21 12.01 -3.37
C ARG B 222 32.69 12.31 -3.08
N CYS B 223 33.39 12.89 -4.05
CA CYS B 223 34.85 13.04 -3.99
C CYS B 223 35.28 14.09 -2.97
N SER B 224 34.55 15.21 -2.88
CA SER B 224 34.83 16.27 -1.91
C SER B 224 34.64 15.83 -0.45
N ASN B 225 33.72 14.89 -0.22
CA ASN B 225 33.50 14.30 1.12
C ASN B 225 34.73 13.55 1.62
N VAL B 226 35.44 12.89 0.70
CA VAL B 226 36.69 12.18 1.04
C VAL B 226 37.79 13.18 1.38
N ALA B 227 37.83 14.30 0.65
CA ALA B 227 38.79 15.37 0.90
C ALA B 227 38.60 16.04 2.26
N ARG B 228 37.35 16.32 2.62
CA ARG B 228 37.03 16.92 3.93
C ARG B 228 37.36 15.99 5.11
N ILE B 229 37.18 14.68 4.92
CA ILE B 229 37.57 13.69 5.92
C ILE B 229 39.09 13.57 6.01
N HIS B 230 39.79 13.67 4.87
CA HIS B 230 41.26 13.68 4.85
C HIS B 230 41.83 14.85 5.67
N ARG B 231 41.28 16.05 5.44
CA ARG B 231 41.68 17.25 6.20
C ARG B 231 41.31 17.14 7.68
N LEU B 232 40.13 16.59 7.96
CA LEU B 232 39.66 16.40 9.34
C LEU B 232 40.48 15.34 10.09
N LEU B 233 40.89 14.29 9.40
CA LEU B 233 41.81 13.29 9.97
C LEU B 233 43.22 13.86 10.18
N GLN B 234 43.67 14.69 9.25
CA GLN B 234 45.00 15.30 9.31
C GLN B 234 45.15 16.31 10.46
N SER B 235 44.11 17.12 10.69
CA SER B 235 44.12 18.13 11.74
C SER B 235 44.12 17.56 13.17
N TYR B 236 43.51 16.38 13.35
CA TYR B 236 43.51 15.68 14.65
C TYR B 236 44.60 14.59 14.76
N GLY B 237 45.59 14.61 13.86
CA GLY B 237 46.70 13.64 13.90
C GLY B 237 46.33 12.20 13.65
N ALA B 238 45.21 11.97 12.96
CA ALA B 238 44.68 10.62 12.74
C ALA B 238 45.38 9.87 11.61
N LEU B 239 45.83 10.60 10.59
CA LEU B 239 46.55 10.00 9.43
C LEU B 239 47.76 9.16 9.82
N ARG B 240 48.42 9.50 10.93
CA ARG B 240 49.51 8.68 11.46
C ARG B 240 49.05 7.24 11.77
N TYR B 241 47.86 7.12 12.35
CA TYR B 241 47.28 5.82 12.73
C TYR B 241 46.06 5.43 11.86
N THR B 242 46.06 5.85 10.59
CA THR B 242 44.92 5.59 9.68
C THR B 242 45.34 5.53 8.21
N THR B 243 44.66 4.68 7.44
CA THR B 243 44.82 4.61 5.98
C THR B 243 43.43 4.65 5.33
N VAL B 244 43.30 5.42 4.26
CA VAL B 244 41.99 5.70 3.65
C VAL B 244 41.79 4.95 2.33
N MET B 245 41.00 3.89 2.37
CA MET B 245 40.52 3.21 1.16
C MET B 245 39.46 4.10 0.50
N ALA B 246 39.53 4.27 -0.82
CA ALA B 246 38.67 5.21 -1.54
C ALA B 246 38.23 4.70 -2.92
N ALA B 247 36.93 4.54 -3.09
CA ALA B 247 36.31 4.30 -4.39
C ALA B 247 35.11 5.24 -4.53
N THR B 248 35.35 6.40 -5.12
CA THR B 248 34.33 7.46 -5.21
C THR B 248 33.26 7.16 -6.28
N ALA B 249 32.23 8.00 -6.33
CA ALA B 249 31.10 7.82 -7.26
C ALA B 249 31.49 7.90 -8.74
N ALA B 250 32.54 8.68 -9.05
CA ALA B 250 33.06 8.77 -10.42
C ALA B 250 33.66 7.43 -10.88
N GLU B 251 34.44 6.81 -9.99
CA GLU B 251 35.08 5.51 -10.25
C GLU B 251 34.03 4.40 -10.43
N PRO B 252 34.38 3.35 -11.20
CA PRO B 252 33.40 2.34 -11.62
C PRO B 252 32.91 1.41 -10.52
N ALA B 253 31.91 0.60 -10.86
CA ALA B 253 31.30 -0.35 -9.94
C ALA B 253 32.25 -1.46 -9.51
N GLY B 254 33.17 -1.85 -10.41
CA GLY B 254 34.19 -2.88 -10.10
C GLY B 254 35.05 -2.52 -8.90
N LEU B 255 35.47 -1.26 -8.81
CA LEU B 255 36.24 -0.77 -7.65
C LEU B 255 35.38 -0.66 -6.39
N GLN B 256 34.16 -0.14 -6.54
CA GLN B 256 33.22 -0.01 -5.41
C GLN B 256 32.88 -1.37 -4.80
N TYR B 257 32.60 -2.34 -5.68
CA TYR B 257 32.39 -3.75 -5.28
C TYR B 257 33.53 -4.29 -4.43
N LEU B 258 34.76 -4.02 -4.87
CA LEU B 258 35.97 -4.58 -4.27
C LEU B 258 36.57 -3.75 -3.12
N ALA B 259 36.06 -2.55 -2.89
CA ALA B 259 36.68 -1.61 -1.92
C ALA B 259 36.68 -2.08 -0.46
N PRO B 260 35.56 -2.62 0.05
CA PRO B 260 35.57 -3.15 1.43
C PRO B 260 36.48 -4.37 1.61
N TYR B 261 36.64 -5.18 0.56
CA TYR B 261 37.52 -6.34 0.60
C TYR B 261 38.99 -5.93 0.72
N ALA B 262 39.38 -4.91 -0.04
CA ALA B 262 40.72 -4.32 0.07
C ALA B 262 40.98 -3.65 1.42
N GLY B 263 39.92 -3.08 2.01
CA GLY B 263 39.99 -2.50 3.36
C GLY B 263 40.32 -3.50 4.45
N VAL B 264 39.67 -4.66 4.42
CA VAL B 264 39.88 -5.73 5.41
C VAL B 264 41.26 -6.36 5.26
N THR B 265 41.69 -6.58 4.02
CA THR B 265 43.03 -7.09 3.72
C THR B 265 44.13 -6.30 4.44
N MET B 266 44.02 -4.98 4.39
CA MET B 266 44.97 -4.08 5.06
C MET B 266 44.90 -4.18 6.58
N GLY B 267 43.70 -4.44 7.12
CA GLY B 267 43.51 -4.67 8.54
C GLY B 267 43.99 -6.02 9.04
N GLU B 268 43.78 -7.06 8.23
CA GLU B 268 44.19 -8.43 8.56
C GLU B 268 45.71 -8.60 8.77
N TYR B 269 46.49 -7.76 8.09
CA TYR B 269 47.94 -7.68 8.33
C TYR B 269 48.25 -7.40 9.79
N PHE B 270 47.56 -6.42 10.36
CA PHE B 270 47.73 -6.06 11.77
C PHE B 270 47.15 -7.14 12.69
N MET B 271 46.03 -7.73 12.29
CA MET B 271 45.37 -8.80 13.05
C MET B 271 46.23 -10.07 13.16
N ASN B 272 46.71 -10.54 12.02
CA ASN B 272 47.54 -11.75 11.95
C ASN B 272 48.93 -11.57 12.57
N ARG B 273 49.39 -10.32 12.64
CA ARG B 273 50.64 -9.97 13.34
C ARG B 273 50.39 -9.39 14.75
N GLY B 274 49.40 -9.92 15.46
CA GLY B 274 49.16 -9.61 16.88
C GLY B 274 48.91 -8.15 17.25
N ARG B 275 48.21 -7.41 16.41
CA ARG B 275 47.83 -6.02 16.69
C ARG B 275 46.35 -5.79 16.39
N HIS B 276 45.78 -4.76 17.02
CA HIS B 276 44.36 -4.47 16.92
C HIS B 276 44.08 -3.40 15.87
N CYS B 277 42.98 -3.57 15.13
CA CYS B 277 42.64 -2.74 13.98
C CYS B 277 41.15 -2.41 13.90
N LEU B 278 40.84 -1.32 13.21
CA LEU B 278 39.47 -0.86 12.99
C LEU B 278 39.20 -0.69 11.49
N CYS B 279 38.00 -1.07 11.07
CA CYS B 279 37.58 -0.99 9.66
C CYS B 279 36.19 -0.37 9.54
N VAL B 280 36.12 0.80 8.91
CA VAL B 280 34.85 1.47 8.62
C VAL B 280 34.55 1.29 7.14
N TYR B 281 33.36 0.76 6.83
CA TYR B 281 32.87 0.71 5.44
C TYR B 281 31.73 1.71 5.32
N ASP B 282 31.94 2.75 4.51
CA ASP B 282 30.98 3.85 4.35
C ASP B 282 30.69 4.03 2.85
N ASP B 283 29.72 3.32 2.29
CA ASP B 283 28.84 2.38 3.01
C ASP B 283 28.53 1.13 2.19
N LEU B 284 28.05 0.09 2.88
CA LEU B 284 27.72 -1.18 2.23
C LEU B 284 26.47 -1.12 1.35
N SER B 285 25.60 -0.12 1.56
CA SER B 285 24.44 0.10 0.68
C SER B 285 24.87 0.40 -0.75
N LYS B 286 25.84 1.29 -0.91
CA LYS B 286 26.37 1.64 -2.23
C LYS B 286 27.26 0.56 -2.84
N GLN B 287 27.86 -0.29 -2.01
CA GLN B 287 28.58 -1.48 -2.50
C GLN B 287 27.61 -2.47 -3.17
N ALA B 288 26.50 -2.73 -2.48
CA ALA B 288 25.46 -3.63 -2.99
C ALA B 288 24.89 -3.14 -4.32
N VAL B 289 24.67 -1.84 -4.44
CA VAL B 289 24.17 -1.23 -5.69
C VAL B 289 25.21 -1.41 -6.80
N ALA B 290 26.49 -1.29 -6.47
CA ALA B 290 27.58 -1.54 -7.42
C ALA B 290 27.66 -3.01 -7.83
N TYR B 291 27.46 -3.91 -6.87
CA TYR B 291 27.43 -5.34 -7.17
C TYR B 291 26.18 -5.74 -7.96
N ARG B 292 25.06 -5.10 -7.69
CA ARG B 292 23.82 -5.32 -8.46
C ARG B 292 23.98 -4.90 -9.92
N GLN B 293 24.63 -3.77 -10.14
CA GLN B 293 24.97 -3.30 -11.50
C GLN B 293 25.78 -4.34 -12.25
N ILE B 294 26.81 -4.87 -11.59
CA ILE B 294 27.69 -5.90 -12.19
C ILE B 294 26.89 -7.16 -12.53
N SER B 295 26.09 -7.62 -11.57
CA SER B 295 25.29 -8.85 -11.73
C SER B 295 24.21 -8.71 -12.81
N LEU B 296 23.48 -7.61 -12.80
CA LEU B 296 22.43 -7.34 -13.79
C LEU B 296 22.98 -7.17 -15.21
N LEU B 297 24.10 -6.46 -15.34
CA LEU B 297 24.76 -6.28 -16.65
C LEU B 297 25.30 -7.58 -17.26
N LEU B 298 25.61 -8.57 -16.40
CA LEU B 298 26.03 -9.89 -16.85
C LEU B 298 24.91 -10.94 -16.83
N ARG B 299 23.66 -10.48 -16.82
CA ARG B 299 22.47 -11.33 -16.92
C ARG B 299 22.35 -12.39 -15.81
N ARG B 300 22.81 -12.05 -14.60
CA ARG B 300 22.62 -12.92 -13.44
C ARG B 300 21.17 -12.73 -12.97
N PRO B 301 20.44 -13.85 -12.73
CA PRO B 301 19.03 -13.73 -12.36
C PRO B 301 18.81 -12.91 -11.07
N PRO B 302 18.02 -11.83 -11.16
CA PRO B 302 17.74 -11.00 -9.98
C PRO B 302 16.57 -11.53 -9.16
N GLY B 303 16.56 -11.17 -7.88
CA GLY B 303 15.53 -11.59 -6.94
C GLY B 303 14.91 -10.39 -6.25
N ARG B 304 14.97 -10.36 -4.92
CA ARG B 304 14.33 -9.30 -4.13
C ARG B 304 15.01 -7.94 -4.35
N GLU B 305 14.19 -6.93 -4.64
CA GLU B 305 14.66 -5.58 -5.01
C GLU B 305 15.74 -5.58 -6.11
N ALA B 306 15.58 -6.49 -7.08
CA ALA B 306 16.49 -6.65 -8.22
C ALA B 306 17.95 -7.05 -7.91
N TYR B 307 18.25 -7.41 -6.66
CA TYR B 307 19.60 -7.84 -6.29
C TYR B 307 19.79 -9.31 -6.68
N PRO B 308 21.05 -9.74 -6.90
CA PRO B 308 21.29 -11.15 -7.22
C PRO B 308 21.05 -12.08 -6.03
N GLY B 309 21.16 -13.38 -6.26
CA GLY B 309 21.01 -14.38 -5.21
C GLY B 309 22.03 -14.27 -4.09
N ASP B 310 23.27 -13.94 -4.43
CA ASP B 310 24.40 -13.97 -3.48
C ASP B 310 24.80 -12.61 -2.88
N VAL B 311 23.85 -11.66 -2.83
CA VAL B 311 24.11 -10.34 -2.22
C VAL B 311 24.25 -10.42 -0.69
N PHE B 312 23.64 -11.45 -0.09
CA PHE B 312 23.88 -11.77 1.31
C PHE B 312 25.31 -12.28 1.51
N TYR B 313 25.71 -13.23 0.66
CA TYR B 313 27.06 -13.79 0.68
C TYR B 313 28.16 -12.73 0.49
N LEU B 314 27.85 -11.67 -0.27
CA LEU B 314 28.75 -10.53 -0.48
C LEU B 314 29.19 -9.88 0.83
N HIS B 315 28.22 -9.49 1.65
CA HIS B 315 28.49 -8.84 2.94
C HIS B 315 28.90 -9.81 4.03
N SER B 316 28.50 -11.08 3.91
CA SER B 316 28.77 -12.07 4.96
C SER B 316 30.25 -12.44 5.03
N ARG B 317 30.84 -12.78 3.88
CA ARG B 317 32.27 -13.13 3.82
C ARG B 317 33.18 -11.92 4.10
N LEU B 318 32.69 -10.71 3.85
CA LEU B 318 33.39 -9.47 4.21
C LEU B 318 33.47 -9.29 5.72
N LEU B 319 32.31 -9.31 6.37
CA LEU B 319 32.20 -9.01 7.80
C LEU B 319 32.73 -10.13 8.70
N GLU B 320 32.69 -11.37 8.23
CA GLU B 320 33.22 -12.50 9.01
C GLU B 320 34.76 -12.50 9.08
N ARG B 321 35.43 -11.91 8.08
CA ARG B 321 36.88 -11.72 8.12
C ARG B 321 37.34 -10.77 9.24
N ALA B 322 36.44 -9.86 9.65
CA ALA B 322 36.62 -9.08 10.88
C ALA B 322 36.36 -9.99 12.09
N ALA B 323 37.33 -10.10 13.00
CA ALA B 323 37.23 -11.02 14.14
C ALA B 323 38.21 -10.67 15.27
N MET B 324 38.09 -11.40 16.38
CA MET B 324 39.03 -11.35 17.51
C MET B 324 39.73 -12.71 17.59
N LEU B 325 41.00 -12.74 17.21
CA LEU B 325 41.77 -13.99 17.19
C LEU B 325 42.10 -14.51 18.59
N SER B 326 42.48 -15.78 18.65
CA SER B 326 42.81 -16.45 19.92
C SER B 326 44.21 -16.05 20.45
N PRO B 327 44.53 -16.42 21.70
CA PRO B 327 45.90 -16.32 22.19
C PRO B 327 46.91 -17.12 21.35
N GLY B 328 46.48 -18.23 20.76
CA GLY B 328 47.32 -19.05 19.89
C GLY B 328 47.75 -18.42 18.58
N LYS B 329 47.03 -17.41 18.10
CA LYS B 329 47.37 -16.70 16.87
C LYS B 329 47.53 -15.18 17.10
N GLY B 330 48.23 -14.81 18.18
CA GLY B 330 48.59 -13.41 18.45
C GLY B 330 47.61 -12.61 19.30
N GLY B 331 46.33 -12.97 19.28
CA GLY B 331 45.30 -12.22 19.98
C GLY B 331 44.97 -10.88 19.35
N GLY B 332 45.23 -10.73 18.05
CA GLY B 332 44.94 -9.48 17.33
C GLY B 332 43.46 -9.37 16.99
N SER B 333 43.09 -8.25 16.35
CA SER B 333 41.69 -7.99 16.03
C SER B 333 41.48 -7.08 14.82
N VAL B 334 40.35 -7.27 14.16
CA VAL B 334 39.81 -6.31 13.19
C VAL B 334 38.36 -6.05 13.61
N THR B 335 38.11 -4.84 14.12
CA THR B 335 36.77 -4.40 14.48
C THR B 335 36.12 -3.78 13.24
N ALA B 336 34.85 -4.10 13.00
CA ALA B 336 34.14 -3.64 11.81
C ALA B 336 33.02 -2.68 12.19
N LEU B 337 32.97 -1.54 11.50
CA LEU B 337 31.87 -0.58 11.61
C LEU B 337 31.22 -0.36 10.24
N PRO B 338 30.42 -1.35 9.78
CA PRO B 338 29.70 -1.17 8.52
C PRO B 338 28.56 -0.16 8.66
N ILE B 339 28.48 0.78 7.72
CA ILE B 339 27.39 1.74 7.65
C ILE B 339 26.41 1.26 6.57
N VAL B 340 25.12 1.40 6.84
CA VAL B 340 24.05 0.98 5.92
C VAL B 340 22.90 2.00 5.97
N GLU B 341 22.68 2.70 4.87
CA GLU B 341 21.65 3.74 4.78
C GLU B 341 20.26 3.12 4.63
N THR B 342 19.33 3.56 5.47
CA THR B 342 17.91 3.16 5.40
C THR B 342 17.08 4.29 4.78
N LEU B 343 16.01 3.91 4.09
CA LEU B 343 15.11 4.87 3.45
C LEU B 343 13.86 5.07 4.31
N SER B 344 13.77 6.24 4.96
CA SER B 344 12.65 6.63 5.83
C SER B 344 12.42 5.66 7.01
N ASN B 345 13.51 5.32 7.69
CA ASN B 345 13.49 4.44 8.87
C ASN B 345 12.85 3.06 8.61
N ASP B 346 13.13 2.50 7.44
CA ASP B 346 12.61 1.20 7.04
C ASP B 346 13.70 0.13 7.17
N VAL B 347 13.67 -0.61 8.28
CA VAL B 347 14.60 -1.73 8.50
C VAL B 347 14.25 -3.01 7.71
N THR B 348 13.04 -3.06 7.15
CA THR B 348 12.57 -4.24 6.40
C THR B 348 13.15 -4.38 4.97
N ALA B 349 13.94 -3.40 4.52
CA ALA B 349 14.63 -3.49 3.22
C ALA B 349 15.62 -4.65 3.20
N TYR B 350 15.83 -5.22 2.02
CA TYR B 350 16.59 -6.46 1.84
C TYR B 350 18.06 -6.34 2.24
N ILE B 351 18.72 -5.27 1.79
CA ILE B 351 20.15 -5.05 2.09
C ILE B 351 20.38 -4.71 3.57
N VAL B 352 19.41 -4.03 4.19
CA VAL B 352 19.51 -3.62 5.59
C VAL B 352 19.30 -4.82 6.51
N THR B 353 18.27 -5.61 6.22
CA THR B 353 17.95 -6.82 6.98
C THR B 353 19.04 -7.89 6.88
N ASN B 354 19.71 -7.97 5.72
CA ASN B 354 20.85 -8.88 5.55
C ASN B 354 22.00 -8.54 6.48
N VAL B 355 22.40 -7.27 6.50
CA VAL B 355 23.55 -6.81 7.29
C VAL B 355 23.28 -6.87 8.80
N ILE B 356 22.03 -6.63 9.21
CA ILE B 356 21.63 -6.78 10.62
C ILE B 356 21.81 -8.22 11.10
N SER B 357 21.41 -9.19 10.26
CA SER B 357 21.54 -10.61 10.59
C SER B 357 22.99 -11.12 10.63
N ILE B 358 23.93 -10.39 10.01
CA ILE B 358 25.36 -10.73 10.04
C ILE B 358 26.07 -10.11 11.25
N THR B 359 25.87 -8.81 11.47
CA THR B 359 26.59 -8.05 12.51
C THR B 359 26.16 -8.40 13.93
N ASP B 360 26.99 -8.02 14.90
CA ASP B 360 26.73 -8.22 16.32
C ASP B 360 25.98 -7.01 16.89
N GLY B 361 24.73 -6.84 16.46
CA GLY B 361 23.91 -5.70 16.90
C GLY B 361 24.21 -4.44 16.10
N GLN B 362 23.54 -3.34 16.44
CA GLN B 362 23.63 -2.09 15.68
C GLN B 362 23.59 -0.82 16.54
N ILE B 363 23.93 0.30 15.91
CA ILE B 363 23.78 1.63 16.48
C ILE B 363 22.82 2.42 15.57
N TYR B 364 21.54 2.42 15.95
CA TYR B 364 20.50 3.07 15.15
C TYR B 364 20.48 4.57 15.37
N LEU B 365 20.52 5.33 14.27
CA LEU B 365 20.47 6.79 14.30
C LEU B 365 19.13 7.31 13.76
N ASP B 366 18.29 7.81 14.67
CA ASP B 366 16.93 8.24 14.32
C ASP B 366 16.93 9.66 13.75
N THR B 367 16.10 9.89 12.74
CA THR B 367 15.98 11.19 12.09
C THR B 367 15.28 12.23 12.96
N LYS B 368 14.30 11.79 13.77
CA LYS B 368 13.55 12.68 14.65
C LYS B 368 14.38 13.17 15.84
N LEU B 369 15.26 12.30 16.35
CA LEU B 369 16.21 12.68 17.40
C LEU B 369 17.27 13.67 16.89
N PHE B 370 17.69 13.52 15.64
CA PHE B 370 18.66 14.44 15.00
C PHE B 370 18.11 15.86 14.95
N THR B 371 16.92 16.01 14.37
CA THR B 371 16.25 17.30 14.26
C THR B 371 15.75 17.81 15.61
N GLY B 372 15.42 16.89 16.51
CA GLY B 372 14.98 17.24 17.88
C GLY B 372 16.03 17.92 18.74
N GLY B 373 17.30 17.60 18.51
CA GLY B 373 18.41 18.22 19.26
C GLY B 373 19.54 17.24 19.54
N GLN B 374 19.19 16.05 20.02
CA GLN B 374 20.16 15.00 20.37
C GLN B 374 21.09 14.64 19.21
N ARG B 375 22.38 14.97 19.38
CA ARG B 375 23.41 14.66 18.39
C ARG B 375 24.69 14.19 19.13
N PRO B 376 25.16 12.95 18.92
CA PRO B 376 24.64 12.00 17.95
C PRO B 376 23.25 11.46 18.31
N ALA B 377 22.43 11.25 17.29
CA ALA B 377 21.02 10.90 17.47
C ALA B 377 20.82 9.40 17.71
N VAL B 378 21.41 8.89 18.78
CA VAL B 378 21.47 7.45 19.03
C VAL B 378 20.18 6.98 19.71
N ASN B 379 19.36 6.24 18.98
CA ASN B 379 18.14 5.64 19.54
C ASN B 379 18.54 4.41 20.36
N ILE B 380 18.57 4.59 21.68
CA ILE B 380 19.07 3.55 22.61
C ILE B 380 18.14 2.32 22.66
N GLY B 381 16.84 2.55 22.55
CA GLY B 381 15.86 1.46 22.50
C GLY B 381 16.01 0.55 21.30
N LEU B 382 16.21 1.15 20.12
CA LEU B 382 16.43 0.41 18.88
C LEU B 382 17.85 -0.17 18.79
N SER B 383 18.84 0.56 19.29
CA SER B 383 20.24 0.10 19.26
C SER B 383 20.50 -1.02 20.26
N VAL B 384 21.56 -1.79 20.00
CA VAL B 384 21.90 -2.96 20.82
C VAL B 384 23.33 -3.45 20.48
N SER B 385 24.03 -3.92 21.51
CA SER B 385 25.33 -4.58 21.37
C SER B 385 25.21 -6.00 21.92
N ARG B 386 25.49 -7.00 21.08
CA ARG B 386 25.31 -8.40 21.46
C ARG B 386 26.38 -8.92 22.42
N VAL B 387 27.51 -8.23 22.53
CA VAL B 387 28.58 -8.61 23.47
C VAL B 387 29.07 -7.38 24.23
N GLY B 388 28.10 -6.68 24.82
CA GLY B 388 28.34 -5.38 25.48
C GLY B 388 29.10 -5.49 26.80
N SER B 389 28.54 -6.27 27.72
CA SER B 389 29.06 -6.37 29.10
C SER B 389 30.52 -6.82 29.17
N SER B 390 30.86 -7.88 28.44
CA SER B 390 32.23 -8.40 28.41
C SER B 390 33.22 -7.46 27.71
N ALA B 391 32.72 -6.65 26.78
CA ALA B 391 33.55 -5.69 26.04
C ALA B 391 34.01 -4.49 26.88
N GLN B 392 33.17 -4.03 27.81
CA GLN B 392 33.42 -2.80 28.58
C GLN B 392 34.59 -2.90 29.55
N ASN B 393 35.11 -1.73 29.92
CA ASN B 393 36.13 -1.59 30.96
C ASN B 393 35.47 -1.79 32.32
N ALA B 394 36.27 -2.23 33.30
CA ALA B 394 35.80 -2.45 34.68
C ALA B 394 35.18 -1.20 35.31
N ALA B 395 35.77 -0.04 35.04
CA ALA B 395 35.25 1.25 35.52
C ALA B 395 33.96 1.63 34.81
N MET B 396 33.96 1.50 33.49
CA MET B 396 32.78 1.83 32.66
C MET B 396 31.60 0.89 32.91
N LYS B 397 31.89 -0.37 33.27
CA LYS B 397 30.84 -1.34 33.63
C LYS B 397 30.11 -0.98 34.92
N GLY B 398 30.82 -0.32 35.85
CA GLY B 398 30.25 0.09 37.13
C GLY B 398 29.17 1.16 36.99
N VAL B 399 29.49 2.23 36.29
CA VAL B 399 28.52 3.34 36.06
C VAL B 399 27.39 2.95 35.10
N ALA B 400 27.73 2.26 34.02
CA ALA B 400 26.78 1.95 32.93
C ALA B 400 25.65 0.99 33.33
N GLY B 401 25.94 0.05 34.24
CA GLY B 401 24.94 -0.88 34.75
C GLY B 401 23.76 -0.20 35.43
N LYS B 402 24.03 0.90 36.10
CA LYS B 402 22.99 1.71 36.77
C LYS B 402 22.21 2.56 35.76
N LEU B 403 22.90 3.15 34.79
CA LEU B 403 22.27 3.99 33.75
C LEU B 403 21.14 3.31 32.96
N LYS B 404 21.27 1.99 32.77
CA LYS B 404 20.23 1.20 32.12
C LYS B 404 18.94 1.18 32.95
N GLY B 405 19.08 1.06 34.26
CA GLY B 405 17.96 1.12 35.20
C GLY B 405 17.28 2.49 35.29
N ILE B 406 18.08 3.56 35.21
CA ILE B 406 17.55 4.93 35.32
C ILE B 406 16.81 5.34 34.05
N LEU B 407 17.45 5.15 32.90
CA LEU B 407 16.85 5.51 31.61
C LEU B 407 15.65 4.64 31.21
N ALA B 408 15.60 3.40 31.70
CA ALA B 408 14.43 2.54 31.52
C ALA B 408 13.20 3.12 32.24
N GLU B 409 13.39 3.55 33.49
CA GLU B 409 12.32 4.16 34.28
C GLU B 409 11.97 5.58 33.79
N TYR B 410 12.98 6.33 33.31
CA TYR B 410 12.75 7.67 32.78
C TYR B 410 11.92 7.67 31.49
N ARG B 411 12.25 6.75 30.58
CA ARG B 411 11.50 6.61 29.31
C ARG B 411 10.04 6.18 29.52
N LYS B 412 9.82 5.27 30.48
CA LYS B 412 8.47 4.82 30.84
C LYS B 412 7.66 5.93 31.49
N LEU B 413 8.26 6.62 32.47
CA LEU B 413 7.59 7.71 33.19
C LEU B 413 7.38 8.97 32.33
N ALA B 414 8.22 9.16 31.31
CA ALA B 414 8.06 10.27 30.35
C ALA B 414 6.81 10.07 29.49
N GLN B 421 0.53 16.46 35.32
CA GLN B 421 1.43 17.50 34.83
C GLN B 421 2.78 17.43 35.56
N GLN B 422 3.82 17.05 34.83
CA GLN B 422 5.21 16.97 35.33
C GLN B 422 5.40 15.92 36.46
N VAL B 423 5.54 16.33 37.73
CA VAL B 423 5.81 15.45 38.86
C VAL B 423 7.17 14.72 38.73
N GLN B 424 8.18 15.21 39.46
CA GLN B 424 9.57 14.77 39.24
C GLN B 424 10.11 13.86 40.37
N THR B 425 10.40 12.62 40.03
CA THR B 425 11.11 11.67 40.92
C THR B 425 12.62 11.91 40.82
N ILE B 426 13.39 11.20 41.61
CA ILE B 426 14.88 11.24 41.53
C ILE B 426 15.38 10.68 40.17
N PRO B 427 14.84 9.51 39.73
CA PRO B 427 15.09 9.02 38.37
C PRO B 427 14.73 9.98 37.23
N MET B 428 13.63 10.73 37.38
CA MET B 428 13.21 11.70 36.37
C MET B 428 14.18 12.88 36.25
N ILE B 429 14.68 13.37 37.39
CA ILE B 429 15.66 14.45 37.42
C ILE B 429 16.96 13.97 36.79
N ARG B 430 17.55 12.93 37.39
CA ARG B 430 18.86 12.42 36.97
C ARG B 430 18.86 11.83 35.55
N GLY B 431 17.73 11.23 35.15
CA GLY B 431 17.55 10.71 33.80
C GLY B 431 17.60 11.76 32.71
N ALA B 432 17.01 12.92 32.97
CA ALA B 432 16.99 14.04 32.02
C ALA B 432 18.38 14.65 31.81
N ARG B 433 19.20 14.67 32.86
CA ARG B 433 20.58 15.18 32.78
C ARG B 433 21.48 14.29 31.92
N PHE B 434 21.30 12.97 31.99
CA PHE B 434 22.02 12.03 31.12
C PHE B 434 21.78 12.33 29.64
N VAL B 435 20.52 12.62 29.29
CA VAL B 435 20.14 12.96 27.91
C VAL B 435 20.83 14.24 27.44
N ALA B 436 20.95 15.22 28.33
CA ALA B 436 21.69 16.46 28.04
C ALA B 436 23.19 16.20 27.88
N LEU B 437 23.74 15.30 28.70
CA LEU B 437 25.17 14.92 28.63
C LEU B 437 25.53 14.14 27.37
N PHE B 438 24.62 13.33 26.84
CA PHE B 438 24.89 12.53 25.64
C PHE B 438 25.07 13.35 24.36
N ASN B 439 24.60 14.60 24.33
CA ASN B 439 24.82 15.50 23.19
C ASN B 439 26.29 15.93 23.12
N GLN B 440 26.93 15.70 21.97
CA GLN B 440 28.33 16.08 21.76
C GLN B 440 28.72 16.00 20.28
N LYS B 441 29.56 16.93 19.84
CA LYS B 441 30.03 16.96 18.45
C LYS B 441 31.27 16.06 18.31
N GLN B 442 32.37 16.44 18.95
CA GLN B 442 33.63 15.70 18.90
C GLN B 442 33.70 14.72 20.08
N PRO B 443 34.53 13.65 19.95
CA PRO B 443 34.49 12.57 20.95
C PRO B 443 35.16 12.95 22.27
N SER B 444 34.59 12.46 23.37
CA SER B 444 35.10 12.73 24.71
C SER B 444 36.20 11.73 25.08
N TYR B 445 37.14 12.19 25.89
CA TYR B 445 38.21 11.35 26.46
C TYR B 445 37.61 10.51 27.59
N PHE B 446 38.11 9.30 27.78
CA PHE B 446 37.53 8.33 28.72
C PHE B 446 37.39 8.85 30.16
N MET B 447 38.38 9.62 30.61
CA MET B 447 38.34 10.24 31.95
C MET B 447 37.27 11.31 32.04
N ASN B 448 37.23 12.20 31.05
CA ASN B 448 36.28 13.33 31.02
C ASN B 448 34.82 12.88 30.85
N ALA B 449 34.61 11.72 30.22
CA ALA B 449 33.28 11.14 30.06
C ALA B 449 32.78 10.51 31.36
N ILE B 450 33.55 9.55 31.87
CA ILE B 450 33.13 8.72 33.02
C ILE B 450 32.90 9.52 34.32
N VAL B 451 33.65 10.60 34.51
CA VAL B 451 33.50 11.46 35.70
C VAL B 451 32.21 12.30 35.63
N SER B 452 31.92 12.87 34.45
CA SER B 452 30.68 13.61 34.23
C SER B 452 29.42 12.72 34.30
N LEU B 453 29.56 11.44 33.96
CA LEU B 453 28.49 10.45 34.12
C LEU B 453 28.35 9.99 35.59
N TYR B 454 29.48 9.80 36.26
CA TYR B 454 29.51 9.44 37.68
C TYR B 454 28.88 10.53 38.57
N ALA B 455 29.10 11.79 38.20
CA ALA B 455 28.48 12.93 38.88
C ALA B 455 26.95 12.86 38.81
N CYS B 456 26.43 12.60 37.60
CA CYS B 456 24.98 12.48 37.38
C CYS B 456 24.37 11.24 38.05
N LEU B 457 25.15 10.16 38.13
CA LEU B 457 24.69 8.91 38.76
C LEU B 457 24.42 9.07 40.26
N ASN B 458 25.40 9.60 40.98
CA ASN B 458 25.30 9.83 42.43
C ASN B 458 24.50 11.09 42.78
N GLY B 459 24.20 11.91 41.77
CA GLY B 459 23.24 13.00 41.88
C GLY B 459 23.85 14.33 42.25
N TYR B 460 24.93 14.69 41.56
CA TYR B 460 25.61 15.97 41.74
C TYR B 460 25.03 17.08 40.84
N LEU B 461 24.27 16.70 39.81
CA LEU B 461 23.63 17.66 38.90
C LEU B 461 22.10 17.72 39.10
N ASP B 462 21.64 17.47 40.32
CA ASP B 462 20.20 17.48 40.64
C ASP B 462 19.70 18.91 40.83
N ASP B 463 20.42 19.68 41.64
CA ASP B 463 20.13 21.11 41.84
C ASP B 463 20.47 21.96 40.62
N VAL B 464 21.40 21.48 39.78
CA VAL B 464 21.76 22.16 38.53
C VAL B 464 20.65 21.92 37.51
N LYS B 465 20.20 22.98 36.83
CA LYS B 465 19.13 22.88 35.82
C LYS B 465 19.61 22.16 34.55
N VAL B 466 18.64 21.77 33.73
CA VAL B 466 18.89 20.94 32.54
C VAL B 466 19.65 21.70 31.44
N GLN B 467 19.33 22.99 31.27
CA GLN B 467 19.98 23.82 30.24
C GLN B 467 21.44 24.15 30.54
N TYR B 468 21.84 24.11 31.82
CA TYR B 468 23.21 24.46 32.25
C TYR B 468 24.09 23.25 32.57
N VAL B 469 23.77 22.09 31.99
CA VAL B 469 24.55 20.86 32.21
C VAL B 469 25.85 20.89 31.41
N LYS B 470 25.79 21.39 30.18
CA LYS B 470 26.98 21.52 29.33
C LYS B 470 27.96 22.59 29.83
N PHE B 471 27.44 23.67 30.42
CA PHE B 471 28.27 24.68 31.08
C PHE B 471 28.90 24.12 32.36
N TYR B 472 28.14 23.29 33.09
CA TYR B 472 28.65 22.56 34.25
C TYR B 472 29.74 21.56 33.87
N GLU B 473 29.54 20.85 32.75
CA GLU B 473 30.51 19.84 32.29
C GLU B 473 31.78 20.47 31.71
N TYR B 474 31.63 21.61 31.02
CA TYR B 474 32.79 22.35 30.47
C TYR B 474 33.70 22.86 31.58
N LEU B 475 33.10 23.46 32.61
CA LEU B 475 33.84 23.97 33.77
C LEU B 475 34.48 22.86 34.63
N LEU B 476 33.94 21.65 34.54
CA LEU B 476 34.55 20.48 35.20
C LEU B 476 35.84 20.05 34.49
N VAL B 477 35.78 19.91 33.16
CA VAL B 477 36.90 19.35 32.37
C VAL B 477 38.06 20.34 32.23
N HIS B 478 37.82 21.49 31.60
CA HIS B 478 38.91 22.40 31.19
C HIS B 478 39.35 23.27 32.36
N ARG B 479 38.39 23.95 32.99
CA ARG B 479 38.64 24.74 34.18
C ARG B 479 38.55 23.85 35.43
N ASP B 480 38.71 24.46 36.60
CA ASP B 480 38.42 23.80 37.88
C ASP B 480 38.14 24.86 38.95
N LEU B 481 37.01 24.71 39.64
CA LEU B 481 36.51 25.74 40.57
C LEU B 481 37.16 25.70 41.95
N GLY B 482 37.56 24.51 42.41
CA GLY B 482 38.26 24.35 43.69
C GLY B 482 39.60 25.06 43.71
N ILE B 483 40.39 24.87 42.66
CA ILE B 483 41.69 25.53 42.50
C ILE B 483 41.53 27.02 42.20
N MET B 484 40.42 27.40 41.56
CA MET B 484 40.12 28.81 41.26
C MET B 484 39.96 29.61 42.57
N TYR B 485 38.83 29.42 43.24
CA TYR B 485 38.42 30.28 44.36
C TYR B 485 39.35 30.17 45.58
N GLY B 486 39.47 28.96 46.11
CA GLY B 486 40.20 28.74 47.35
C GLY B 486 40.10 27.33 47.89
N THR B 487 38.89 26.79 47.96
CA THR B 487 38.60 25.54 48.66
C THR B 487 39.01 24.27 47.89
N ALA B 488 40.31 24.12 47.60
CA ALA B 488 40.83 22.96 46.89
C ALA B 488 41.24 21.85 47.88
N LYS B 489 42.53 21.77 48.24
CA LYS B 489 43.05 20.76 49.17
C LYS B 489 42.75 19.28 48.83
N ASN B 490 42.91 18.93 47.55
CA ASN B 490 42.96 17.52 47.12
C ASN B 490 44.42 17.15 46.89
N LYS B 491 44.82 15.97 47.36
CA LYS B 491 46.22 15.54 47.30
C LYS B 491 46.65 15.08 45.90
N PHE B 492 45.76 14.38 45.18
CA PHE B 492 46.08 13.90 43.82
C PHE B 492 45.00 14.10 42.75
N PHE B 493 43.72 13.84 43.07
CA PHE B 493 42.66 13.80 42.07
C PHE B 493 42.25 15.21 41.59
N TYR B 494 42.60 15.51 40.34
CA TYR B 494 42.10 16.70 39.63
C TYR B 494 41.78 16.34 38.18
N MET B 495 41.11 17.25 37.48
CA MET B 495 40.69 17.02 36.10
C MET B 495 41.73 17.49 35.09
N TYR B 496 42.57 18.46 35.46
CA TYR B 496 43.67 18.91 34.58
C TYR B 496 44.72 17.81 34.35
N VAL B 497 44.96 16.99 35.39
CA VAL B 497 45.84 15.81 35.27
C VAL B 497 45.15 14.71 34.47
N GLN B 498 45.43 14.68 33.16
CA GLN B 498 44.85 13.69 32.24
C GLN B 498 45.40 12.27 32.42
N GLU B 499 46.55 12.14 33.08
CA GLU B 499 47.20 10.83 33.28
C GLU B 499 46.45 9.90 34.26
N LEU B 500 45.57 10.46 35.10
CA LEU B 500 44.71 9.67 35.99
C LEU B 500 43.73 8.74 35.25
N ASN B 501 43.44 9.08 33.99
CA ASN B 501 42.66 8.23 33.08
C ASN B 501 42.93 6.72 33.23
N TYR B 502 44.21 6.34 33.19
CA TYR B 502 44.60 4.92 33.19
C TYR B 502 44.59 4.29 34.59
N LEU B 503 44.71 5.11 35.64
CA LEU B 503 44.49 4.64 37.02
C LEU B 503 43.02 4.34 37.29
N ILE B 504 42.12 5.16 36.73
CA ILE B 504 40.67 4.94 36.83
C ILE B 504 40.25 3.65 36.13
N ARG B 505 40.81 3.41 34.94
CA ARG B 505 40.55 2.17 34.19
C ARG B 505 40.96 0.89 34.95
N PHE B 506 42.02 0.99 35.76
CA PHE B 506 42.48 -0.14 36.59
C PHE B 506 41.58 -0.35 37.81
N PHE B 507 41.46 0.68 38.63
CA PHE B 507 40.83 0.58 39.95
C PHE B 507 39.33 0.89 40.02
N THR B 508 38.80 1.60 39.02
CA THR B 508 37.42 2.13 39.01
C THR B 508 37.24 3.30 39.98
N LEU B 509 36.11 3.99 39.86
CA LEU B 509 35.78 5.12 40.72
C LEU B 509 35.28 4.64 42.08
N ASN B 510 34.36 3.68 42.06
CA ASN B 510 33.91 2.99 43.28
C ASN B 510 35.03 2.06 43.77
N SER B 511 35.96 2.65 44.51
CA SER B 511 37.12 1.93 45.05
C SER B 511 37.77 2.76 46.16
N PRO B 512 38.31 2.10 47.22
CA PRO B 512 38.88 2.83 48.36
C PRO B 512 40.02 3.83 48.04
N ILE B 513 40.69 3.66 46.90
CA ILE B 513 41.78 4.56 46.49
C ILE B 513 41.22 5.93 46.04
N LEU B 514 40.24 5.93 45.15
CA LEU B 514 39.76 7.15 44.48
C LEU B 514 38.39 7.69 44.93
N HIS B 515 37.62 6.91 45.69
CA HIS B 515 36.22 7.27 46.00
C HIS B 515 36.09 8.57 46.81
N GLY B 516 36.81 8.64 47.93
CA GLY B 516 36.79 9.81 48.80
C GLY B 516 37.40 11.07 48.17
N GLU B 517 38.46 10.87 47.38
CA GLU B 517 39.14 11.97 46.70
C GLU B 517 38.31 12.53 45.54
N LEU B 518 37.61 11.66 44.82
CA LEU B 518 36.70 12.06 43.73
C LEU B 518 35.49 12.85 44.25
N GLU B 519 34.87 12.34 45.31
CA GLU B 519 33.68 12.97 45.88
C GLU B 519 33.94 14.36 46.50
N GLU B 520 35.19 14.65 46.83
CA GLU B 520 35.61 16.01 47.16
C GLU B 520 35.54 16.93 45.94
N MET B 521 36.26 16.54 44.88
CA MET B 521 36.29 17.28 43.59
C MET B 521 34.90 17.69 43.11
N LEU B 522 33.95 16.75 43.16
CA LEU B 522 32.58 17.00 42.72
C LEU B 522 31.79 17.89 43.68
N LYS B 523 31.98 17.69 44.99
CA LYS B 523 31.35 18.54 46.02
C LYS B 523 31.80 19.99 45.94
N GLN B 524 33.10 20.21 45.68
CA GLN B 524 33.64 21.56 45.48
C GLN B 524 33.10 22.19 44.20
N HIS B 525 33.01 21.39 43.14
CA HIS B 525 32.55 21.87 41.83
C HIS B 525 31.06 22.24 41.82
N THR B 526 30.23 21.45 42.49
CA THR B 526 28.77 21.71 42.55
C THR B 526 28.43 22.94 43.40
N HIS B 527 28.95 22.97 44.62
CA HIS B 527 28.68 24.06 45.57
C HIS B 527 29.11 25.43 45.03
N LEU B 528 30.29 25.48 44.42
CA LEU B 528 30.80 26.72 43.81
C LEU B 528 30.05 27.10 42.53
N PHE B 529 29.68 26.11 41.72
CA PHE B 529 28.91 26.36 40.49
C PHE B 529 27.49 26.86 40.80
N LEU B 530 26.83 26.25 41.78
CA LEU B 530 25.50 26.68 42.22
C LEU B 530 25.52 28.07 42.86
N GLN B 531 26.52 28.32 43.70
CA GLN B 531 26.64 29.60 44.42
C GLN B 531 27.07 30.75 43.49
N HIS B 532 28.22 30.57 42.83
CA HIS B 532 28.85 31.66 42.06
C HIS B 532 28.39 31.75 40.60
N TYR B 533 28.27 30.61 39.93
CA TYR B 533 28.00 30.58 38.48
C TYR B 533 26.51 30.50 38.12
N GLN B 534 25.72 29.69 38.83
CA GLN B 534 24.28 29.56 38.55
C GLN B 534 23.44 30.72 39.13
N SER B 535 23.99 31.47 40.07
CA SER B 535 23.33 32.70 40.58
C SER B 535 22.99 33.75 39.50
N LYS B 536 23.79 33.79 38.44
CA LYS B 536 23.53 34.67 37.28
C LYS B 536 22.17 34.47 36.58
N MET B 537 21.64 33.25 36.61
CA MET B 537 20.39 32.94 35.89
C MET B 537 19.13 33.60 36.49
N ASN B 538 19.11 33.77 37.81
CA ASN B 538 18.08 34.58 38.48
C ASN B 538 18.25 36.05 38.12
N ALA B 539 19.49 36.50 37.98
CA ALA B 539 19.83 37.82 37.42
C ALA B 539 19.71 37.68 35.89
N ILE B 540 20.24 38.64 35.14
CA ILE B 540 20.30 38.60 33.67
C ILE B 540 18.87 38.55 33.12
N LYS B 541 18.27 39.73 33.04
CA LYS B 541 16.94 39.94 32.45
C LYS B 541 16.97 41.16 31.52
N SER B 542 17.98 41.20 30.65
CA SER B 542 18.19 42.28 29.68
C SER B 542 18.73 41.73 28.36
N GLU B 543 18.64 42.52 27.29
CA GLU B 543 18.87 42.02 25.94
C GLU B 543 20.31 41.63 25.57
N LYS B 544 21.33 42.43 25.92
CA LYS B 544 22.73 42.10 25.63
C LYS B 544 23.37 41.06 26.60
N ASP B 545 22.58 40.54 27.54
CA ASP B 545 23.02 39.59 28.55
C ASP B 545 22.36 38.21 28.40
N VAL B 546 21.07 38.20 28.03
CA VAL B 546 20.35 36.96 27.68
C VAL B 546 20.94 36.36 26.40
N LYS B 547 21.27 37.22 25.42
CA LYS B 547 21.94 36.79 24.19
C LYS B 547 23.38 36.31 24.45
N ALA B 548 24.07 36.97 25.37
CA ALA B 548 25.42 36.55 25.78
C ALA B 548 25.40 35.19 26.50
N LEU B 549 24.36 34.96 27.31
CA LEU B 549 24.13 33.65 27.95
C LEU B 549 23.89 32.54 26.92
N LYS B 550 23.10 32.84 25.88
CA LYS B 550 22.80 31.87 24.83
C LYS B 550 24.05 31.46 24.07
N ASN B 551 24.75 32.43 23.49
CA ASN B 551 25.99 32.19 22.72
C ASN B 551 27.06 31.43 23.54
N LEU B 552 27.09 31.66 24.85
CA LEU B 552 27.93 30.86 25.74
C LEU B 552 27.47 29.41 25.81
N LEU B 553 26.18 29.20 26.05
CA LEU B 553 25.61 27.85 26.19
C LEU B 553 25.60 27.03 24.89
N TYR B 554 25.45 27.70 23.74
CA TYR B 554 25.50 27.04 22.43
C TYR B 554 26.87 26.42 22.12
N SER B 555 27.91 27.21 22.37
CA SER B 555 29.30 26.76 22.22
C SER B 555 29.69 25.62 23.20
N CYS B 556 29.03 25.57 24.35
CA CYS B 556 29.25 24.49 25.33
C CYS B 556 28.75 23.11 24.88
N LYS B 557 27.80 23.07 23.94
CA LYS B 557 27.33 21.79 23.39
C LYS B 557 28.41 21.06 22.59
N ARG B 558 29.26 21.83 21.89
CA ARG B 558 30.30 21.27 21.03
C ARG B 558 31.43 20.63 21.85
N ALA B 559 32.11 21.43 22.66
CA ALA B 559 33.19 20.95 23.52
C ALA B 559 32.60 20.24 24.75
N VAL B 560 32.97 18.98 24.94
CA VAL B 560 32.42 18.16 26.03
C VAL B 560 33.04 18.60 27.35
N PHE C 22 5.88 -51.80 -16.94
CA PHE C 22 5.34 -51.29 -18.24
C PHE C 22 5.93 -52.05 -19.42
N LYS C 23 5.23 -51.96 -20.56
CA LYS C 23 5.54 -52.77 -21.76
C LYS C 23 6.42 -51.99 -22.74
N THR C 24 7.66 -52.44 -22.92
CA THR C 24 8.58 -51.88 -23.91
C THR C 24 8.18 -52.28 -25.33
N THR C 25 8.64 -51.49 -26.30
CA THR C 25 8.40 -51.76 -27.73
C THR C 25 9.65 -51.51 -28.58
N GLU C 26 10.09 -50.25 -28.64
CA GLU C 26 11.19 -49.84 -29.51
C GLU C 26 12.16 -48.90 -28.78
N MET C 27 13.46 -49.07 -29.04
CA MET C 27 14.51 -48.25 -28.43
C MET C 27 14.61 -46.90 -29.15
N ILE C 28 13.98 -45.88 -28.57
CA ILE C 28 13.83 -44.56 -29.22
C ILE C 28 15.04 -43.61 -29.13
N GLY C 29 15.87 -43.75 -28.10
CA GLY C 29 17.05 -42.88 -27.98
C GLY C 29 17.92 -43.09 -26.76
N TYR C 30 18.90 -42.20 -26.59
CA TYR C 30 19.83 -42.19 -25.46
C TYR C 30 19.58 -40.96 -24.59
N VAL C 31 19.93 -41.06 -23.31
CA VAL C 31 19.79 -39.94 -22.38
C VAL C 31 20.97 -38.97 -22.57
N HIS C 32 20.65 -37.68 -22.73
CA HIS C 32 21.66 -36.66 -23.00
C HIS C 32 21.98 -35.86 -21.73
N SER C 33 20.99 -35.15 -21.21
CA SER C 33 21.18 -34.29 -20.04
C SER C 33 20.18 -34.65 -18.95
N ILE C 34 20.58 -34.41 -17.70
CA ILE C 34 19.69 -34.56 -16.54
C ILE C 34 19.81 -33.27 -15.73
N ASP C 35 18.69 -32.85 -15.13
CA ASP C 35 18.67 -31.69 -14.23
C ASP C 35 17.69 -31.99 -13.08
N GLY C 36 18.13 -32.85 -12.18
CA GLY C 36 17.31 -33.31 -11.06
C GLY C 36 16.31 -34.35 -11.52
N THR C 37 15.06 -33.90 -11.72
CA THR C 37 13.94 -34.77 -12.07
C THR C 37 13.44 -34.55 -13.51
N ILE C 38 14.26 -33.89 -14.34
CA ILE C 38 13.96 -33.65 -15.75
C ILE C 38 15.16 -34.07 -16.59
N ALA C 39 14.91 -34.47 -17.83
CA ALA C 39 15.96 -34.86 -18.75
C ALA C 39 15.58 -34.59 -20.20
N THR C 40 16.58 -34.61 -21.08
CA THR C 40 16.36 -34.57 -22.52
C THR C 40 17.13 -35.71 -23.18
N LEU C 41 16.58 -36.25 -24.27
CA LEU C 41 17.15 -37.38 -24.98
C LEU C 41 17.67 -36.96 -26.37
N ILE C 42 18.61 -37.74 -26.90
CA ILE C 42 19.00 -37.65 -28.32
C ILE C 42 18.43 -38.89 -29.01
N PRO C 43 17.85 -38.73 -30.22
CA PRO C 43 17.27 -39.90 -30.88
C PRO C 43 18.32 -40.90 -31.36
N ALA C 44 17.95 -42.18 -31.36
CA ALA C 44 18.83 -43.25 -31.85
C ALA C 44 18.91 -43.21 -33.38
N PRO C 45 19.93 -43.88 -33.97
CA PRO C 45 20.02 -43.93 -35.44
C PRO C 45 18.72 -44.42 -36.10
N GLY C 46 18.26 -43.68 -37.10
CA GLY C 46 16.95 -43.91 -37.72
C GLY C 46 15.94 -42.81 -37.38
N ASN C 47 16.04 -42.25 -36.17
CA ASN C 47 15.12 -41.22 -35.66
C ASN C 47 13.67 -41.73 -35.63
N PRO C 48 13.36 -42.66 -34.69
CA PRO C 48 12.01 -43.21 -34.62
C PRO C 48 10.96 -42.20 -34.18
N GLY C 49 11.27 -41.44 -33.14
CA GLY C 49 10.36 -40.44 -32.61
C GLY C 49 9.25 -41.05 -31.77
N VAL C 50 9.31 -40.85 -30.46
CA VAL C 50 8.27 -41.33 -29.55
C VAL C 50 7.03 -40.44 -29.63
N ALA C 51 5.88 -41.02 -29.30
CA ALA C 51 4.61 -40.29 -29.27
C ALA C 51 4.53 -39.38 -28.04
N TYR C 52 3.72 -38.32 -28.14
CA TYR C 52 3.62 -37.31 -27.09
C TYR C 52 2.79 -37.79 -25.88
N ASN C 53 3.20 -37.35 -24.68
CA ASN C 53 2.51 -37.65 -23.42
C ASN C 53 2.54 -39.14 -23.02
N THR C 54 3.48 -39.90 -23.58
CA THR C 54 3.58 -41.35 -23.34
C THR C 54 4.66 -41.66 -22.32
N ILE C 55 4.58 -42.85 -21.73
CA ILE C 55 5.58 -43.33 -20.78
C ILE C 55 6.78 -43.88 -21.57
N ILE C 56 7.97 -43.72 -21.02
CA ILE C 56 9.19 -44.31 -21.57
C ILE C 56 10.05 -44.90 -20.44
N GLN C 57 10.63 -46.08 -20.70
CA GLN C 57 11.43 -46.80 -19.71
C GLN C 57 12.92 -46.64 -20.02
N ILE C 58 13.66 -46.04 -19.07
CA ILE C 58 15.10 -45.84 -19.20
C ILE C 58 15.81 -46.99 -18.49
N GLN C 59 16.69 -47.70 -19.21
CA GLN C 59 17.45 -48.81 -18.64
C GLN C 59 18.57 -48.30 -17.73
N VAL C 60 18.27 -48.21 -16.43
CA VAL C 60 19.26 -47.82 -15.42
C VAL C 60 20.30 -48.92 -15.18
N SER C 61 19.86 -50.18 -15.26
CA SER C 61 20.73 -51.35 -15.23
C SER C 61 20.18 -52.38 -16.23
N PRO C 62 20.91 -53.49 -16.46
CA PRO C 62 20.36 -54.56 -17.29
C PRO C 62 19.03 -55.14 -16.79
N THR C 63 18.88 -55.26 -15.47
CA THR C 63 17.66 -55.81 -14.86
C THR C 63 16.54 -54.77 -14.61
N THR C 64 16.91 -53.56 -14.22
CA THR C 64 15.95 -52.53 -13.74
C THR C 64 15.66 -51.46 -14.79
N PHE C 65 14.46 -50.87 -14.71
CA PHE C 65 14.06 -49.73 -15.55
C PHE C 65 13.69 -48.51 -14.69
N ALA C 66 13.53 -47.36 -15.33
CA ALA C 66 13.11 -46.12 -14.67
C ALA C 66 12.13 -45.35 -15.57
N ALA C 67 10.89 -45.23 -15.11
CA ALA C 67 9.82 -44.61 -15.89
C ALA C 67 9.98 -43.10 -16.06
N GLY C 68 9.31 -42.57 -17.08
CA GLY C 68 9.35 -41.14 -17.39
C GLY C 68 8.31 -40.73 -18.42
N LEU C 69 7.79 -39.51 -18.32
CA LEU C 69 6.74 -39.00 -19.21
C LEU C 69 7.30 -37.98 -20.19
N VAL C 70 6.82 -38.04 -21.44
CA VAL C 70 7.30 -37.16 -22.53
C VAL C 70 6.52 -35.85 -22.52
N PHE C 71 7.23 -34.74 -22.38
CA PHE C 71 6.61 -33.40 -22.28
C PHE C 71 6.95 -32.42 -23.43
N ASN C 72 8.09 -32.63 -24.11
CA ASN C 72 8.53 -31.79 -25.23
C ASN C 72 9.05 -32.66 -26.37
N LEU C 73 8.61 -32.38 -27.60
CA LEU C 73 9.14 -33.01 -28.82
C LEU C 73 9.75 -31.92 -29.70
N GLU C 74 11.05 -31.67 -29.51
CA GLU C 74 11.75 -30.57 -30.19
C GLU C 74 12.02 -30.87 -31.66
N LYS C 75 12.23 -29.80 -32.44
CA LYS C 75 12.51 -29.89 -33.89
C LYS C 75 13.77 -30.68 -34.21
N ASP C 76 14.77 -30.57 -33.32
CA ASP C 76 16.04 -31.29 -33.46
C ASP C 76 15.88 -32.82 -33.55
N GLY C 77 14.84 -33.35 -32.92
CA GLY C 77 14.67 -34.79 -32.72
C GLY C 77 14.75 -35.14 -31.25
N ARG C 78 15.21 -34.19 -30.42
CA ARG C 78 15.35 -34.39 -28.98
C ARG C 78 13.99 -34.45 -28.30
N ILE C 79 13.93 -35.19 -27.20
CA ILE C 79 12.69 -35.47 -26.49
C ILE C 79 12.86 -35.14 -25.01
N GLY C 80 12.03 -34.23 -24.50
CA GLY C 80 12.05 -33.84 -23.08
C GLY C 80 11.31 -34.86 -22.21
N ILE C 81 11.95 -35.26 -21.12
CA ILE C 81 11.44 -36.31 -20.22
C ILE C 81 11.25 -35.76 -18.80
N ILE C 82 10.16 -36.17 -18.15
CA ILE C 82 9.93 -35.90 -16.72
C ILE C 82 10.19 -37.21 -15.98
N LEU C 83 11.24 -37.26 -15.17
CA LEU C 83 11.63 -38.49 -14.46
C LEU C 83 10.65 -38.78 -13.33
N MET C 84 10.42 -40.08 -13.09
CA MET C 84 9.41 -40.55 -12.14
C MET C 84 9.98 -41.50 -11.09
N ASP C 85 10.56 -42.62 -11.55
CA ASP C 85 11.19 -43.61 -10.67
C ASP C 85 12.71 -43.58 -10.78
N ASN C 86 13.35 -44.15 -9.76
CA ASN C 86 14.80 -44.38 -9.72
C ASN C 86 15.62 -43.23 -10.31
N ILE C 87 15.40 -42.04 -9.76
CA ILE C 87 16.00 -40.81 -10.29
C ILE C 87 17.51 -40.76 -10.03
N THR C 88 17.93 -41.26 -8.87
CA THR C 88 19.35 -41.39 -8.55
C THR C 88 20.09 -42.34 -9.50
N GLU C 89 19.39 -43.38 -9.96
CA GLU C 89 19.98 -44.37 -10.87
C GLU C 89 20.03 -43.96 -12.35
N VAL C 90 19.34 -42.88 -12.72
CA VAL C 90 19.37 -42.36 -14.11
C VAL C 90 20.72 -41.69 -14.36
N GLN C 91 21.25 -41.92 -15.56
CA GLN C 91 22.55 -41.42 -15.98
C GLN C 91 22.53 -41.04 -17.45
N SER C 92 23.48 -40.21 -17.86
CA SER C 92 23.63 -39.83 -19.25
C SER C 92 24.27 -40.97 -20.04
N GLY C 93 23.76 -41.22 -21.25
CA GLY C 93 24.23 -42.31 -22.11
C GLY C 93 23.47 -43.61 -21.99
N GLN C 94 22.45 -43.66 -21.11
CA GLN C 94 21.64 -44.86 -20.93
C GLN C 94 20.60 -45.00 -22.05
N LYS C 95 20.21 -46.24 -22.33
CA LYS C 95 19.24 -46.54 -23.39
C LYS C 95 17.82 -46.24 -22.89
N VAL C 96 16.95 -45.86 -23.82
CA VAL C 96 15.58 -45.46 -23.51
C VAL C 96 14.59 -46.20 -24.41
N MET C 97 13.77 -47.06 -23.80
CA MET C 97 12.72 -47.81 -24.49
C MET C 97 11.40 -47.04 -24.38
N ALA C 98 10.57 -47.13 -25.41
CA ALA C 98 9.27 -46.47 -25.44
C ALA C 98 8.12 -47.47 -25.29
N THR C 99 7.02 -47.00 -24.73
CA THR C 99 5.78 -47.79 -24.63
C THR C 99 4.87 -47.55 -25.85
N GLY C 100 4.80 -46.29 -26.30
CA GLY C 100 3.87 -45.90 -27.36
C GLY C 100 2.43 -45.84 -26.88
N GLN C 101 2.25 -45.64 -25.57
CA GLN C 101 0.93 -45.61 -24.94
C GLN C 101 0.88 -44.56 -23.83
N LEU C 102 -0.33 -44.07 -23.58
CA LEU C 102 -0.59 -43.19 -22.43
C LEU C 102 -0.50 -44.01 -21.13
N LEU C 103 -0.34 -43.30 -20.02
CA LEU C 103 -0.21 -43.94 -18.71
C LEU C 103 -1.50 -44.58 -18.25
N HIS C 104 -1.50 -45.90 -18.14
CA HIS C 104 -2.58 -46.67 -17.51
C HIS C 104 -2.15 -47.13 -16.12
N ILE C 105 -3.10 -47.26 -15.19
CA ILE C 105 -2.81 -47.63 -13.80
C ILE C 105 -3.79 -48.69 -13.28
N PRO C 106 -3.41 -49.42 -12.19
CA PRO C 106 -4.36 -50.37 -11.60
C PRO C 106 -5.53 -49.66 -10.93
N VAL C 107 -6.74 -50.08 -11.26
CA VAL C 107 -7.98 -49.47 -10.76
C VAL C 107 -9.03 -50.56 -10.48
N GLY C 108 -9.84 -50.34 -9.45
CA GLY C 108 -10.91 -51.27 -9.08
C GLY C 108 -11.21 -51.26 -7.60
N ALA C 109 -12.05 -52.22 -7.18
CA ALA C 109 -12.36 -52.44 -5.77
C ALA C 109 -11.19 -53.08 -5.02
N GLY C 110 -10.35 -53.86 -5.71
CA GLY C 110 -9.16 -54.47 -5.13
C GLY C 110 -8.07 -53.50 -4.68
N VAL C 111 -8.08 -52.29 -5.23
CA VAL C 111 -7.12 -51.24 -4.85
C VAL C 111 -7.49 -50.53 -3.53
N LEU C 112 -8.75 -50.68 -3.09
CA LEU C 112 -9.23 -50.04 -1.85
C LEU C 112 -8.53 -50.54 -0.60
N GLY C 113 -8.40 -49.66 0.39
CA GLY C 113 -7.69 -49.95 1.64
C GLY C 113 -6.19 -50.06 1.50
N LYS C 114 -5.62 -49.40 0.49
CA LYS C 114 -4.18 -49.44 0.22
C LYS C 114 -3.67 -48.06 -0.20
N VAL C 115 -2.36 -47.87 -0.05
CA VAL C 115 -1.68 -46.65 -0.47
C VAL C 115 -0.98 -46.93 -1.79
N VAL C 116 -1.09 -46.00 -2.75
CA VAL C 116 -0.59 -46.21 -4.12
C VAL C 116 0.03 -44.95 -4.74
N ASN C 117 1.03 -45.15 -5.61
CA ASN C 117 1.66 -44.07 -6.36
C ASN C 117 0.77 -43.60 -7.50
N PRO C 118 1.13 -42.45 -8.13
CA PRO C 118 0.53 -42.08 -9.41
C PRO C 118 0.80 -43.07 -10.55
N LEU C 119 1.95 -43.75 -10.52
CA LEU C 119 2.28 -44.78 -11.53
C LEU C 119 1.56 -46.11 -11.28
N GLY C 120 1.10 -46.34 -10.05
CA GLY C 120 0.28 -47.50 -9.72
C GLY C 120 0.87 -48.49 -8.74
N HIS C 121 2.15 -48.32 -8.38
CA HIS C 121 2.82 -49.21 -7.43
C HIS C 121 2.29 -49.00 -6.02
N GLU C 122 2.01 -50.10 -5.33
CA GLU C 122 1.49 -50.05 -3.96
C GLU C 122 2.61 -49.74 -2.98
N VAL C 123 2.31 -48.91 -1.97
CA VAL C 123 3.27 -48.53 -0.94
C VAL C 123 3.07 -49.45 0.27
N PRO C 124 4.14 -50.08 0.79
CA PRO C 124 3.97 -50.83 2.04
C PRO C 124 3.71 -49.94 3.28
N VAL C 125 2.95 -50.48 4.23
CA VAL C 125 2.63 -49.77 5.48
C VAL C 125 2.89 -50.69 6.66
N SER C 137 -8.08 -56.55 -11.70
CA SER C 137 -8.22 -55.10 -11.80
C SER C 137 -7.81 -54.59 -13.18
N THR C 138 -8.81 -54.43 -14.06
CA THR C 138 -8.60 -53.84 -15.39
C THR C 138 -8.14 -52.39 -15.25
N LEU C 139 -7.23 -51.96 -16.13
CA LEU C 139 -6.60 -50.64 -16.03
C LEU C 139 -7.50 -49.54 -16.61
N GLY C 140 -7.08 -48.29 -16.39
CA GLY C 140 -7.78 -47.12 -16.94
C GLY C 140 -6.83 -45.98 -17.24
N LYS C 141 -7.12 -45.22 -18.30
CA LYS C 141 -6.27 -44.10 -18.73
C LYS C 141 -6.32 -42.94 -17.75
N VAL C 142 -5.15 -42.43 -17.37
CA VAL C 142 -5.07 -41.21 -16.54
C VAL C 142 -5.35 -39.96 -17.38
N ASP C 143 -4.90 -39.97 -18.64
CA ASP C 143 -5.18 -38.87 -19.57
C ASP C 143 -6.47 -39.20 -20.33
N THR C 144 -7.61 -38.71 -19.80
CA THR C 144 -8.92 -38.94 -20.40
C THR C 144 -9.73 -37.64 -20.47
N GLY C 145 -10.55 -37.52 -21.50
CA GLY C 145 -11.46 -36.40 -21.65
C GLY C 145 -12.65 -36.53 -20.72
N ALA C 146 -13.18 -35.37 -20.28
CA ALA C 146 -14.30 -35.33 -19.35
C ALA C 146 -15.62 -35.63 -20.06
N PRO C 147 -16.68 -36.00 -19.30
CA PRO C 147 -18.01 -36.22 -19.89
C PRO C 147 -18.58 -34.97 -20.57
N ASN C 148 -19.18 -35.15 -21.75
CA ASN C 148 -19.66 -34.03 -22.58
C ASN C 148 -21.01 -33.49 -22.05
N ILE C 149 -21.74 -32.73 -22.88
CA ILE C 149 -22.92 -31.99 -22.41
C ILE C 149 -24.08 -32.95 -22.15
N VAL C 150 -24.38 -33.81 -23.12
CA VAL C 150 -25.48 -34.78 -22.97
C VAL C 150 -25.15 -35.95 -22.03
N SER C 151 -23.87 -36.18 -21.74
CA SER C 151 -23.44 -37.23 -20.81
C SER C 151 -23.76 -36.95 -19.33
N ARG C 152 -23.77 -35.67 -18.95
CA ARG C 152 -24.01 -35.26 -17.55
C ARG C 152 -25.50 -35.07 -17.26
N SER C 153 -25.82 -34.81 -15.99
CA SER C 153 -27.17 -34.45 -15.56
C SER C 153 -27.13 -33.53 -14.33
N PRO C 154 -28.25 -32.84 -14.01
CA PRO C 154 -28.28 -31.97 -12.82
C PRO C 154 -28.02 -32.74 -11.53
N VAL C 155 -27.27 -32.13 -10.60
CA VAL C 155 -26.91 -32.78 -9.34
C VAL C 155 -28.10 -32.75 -8.38
N ASN C 156 -28.56 -33.95 -8.00
CA ASN C 156 -29.70 -34.11 -7.07
C ASN C 156 -29.34 -34.88 -5.79
N TYR C 157 -28.45 -35.86 -5.88
CA TYR C 157 -28.04 -36.69 -4.73
C TYR C 157 -27.16 -35.87 -3.78
N ASN C 158 -27.51 -35.85 -2.49
CA ASN C 158 -26.73 -35.10 -1.48
C ASN C 158 -25.45 -35.81 -1.08
N LEU C 159 -24.48 -35.05 -0.60
CA LEU C 159 -23.24 -35.59 -0.04
C LEU C 159 -22.98 -34.94 1.32
N LEU C 160 -23.15 -35.70 2.38
CA LEU C 160 -23.04 -35.17 3.74
C LEU C 160 -21.59 -35.11 4.19
N THR C 161 -21.12 -33.89 4.45
CA THR C 161 -19.83 -33.67 5.10
C THR C 161 -19.89 -34.03 6.59
N GLY C 162 -21.09 -33.97 7.16
CA GLY C 162 -21.29 -34.24 8.59
C GLY C 162 -21.10 -33.02 9.46
N PHE C 163 -21.26 -31.83 8.88
CA PHE C 163 -21.12 -30.57 9.60
C PHE C 163 -22.38 -29.74 9.41
N LYS C 164 -22.95 -29.27 10.50
CA LYS C 164 -24.17 -28.45 10.47
C LYS C 164 -23.95 -27.13 9.74
N ALA C 165 -22.75 -26.57 9.88
CA ALA C 165 -22.38 -25.34 9.15
C ALA C 165 -22.38 -25.55 7.64
N VAL C 166 -21.78 -26.65 7.20
CA VAL C 166 -21.61 -26.93 5.77
C VAL C 166 -22.91 -27.45 5.16
N ASP C 167 -23.43 -28.55 5.70
CA ASP C 167 -24.58 -29.26 5.10
C ASP C 167 -25.88 -28.44 5.00
N THR C 168 -26.01 -27.39 5.79
CA THR C 168 -27.13 -26.43 5.69
C THR C 168 -26.84 -25.31 4.71
N MET C 169 -25.77 -24.55 4.99
CA MET C 169 -25.47 -23.30 4.28
C MET C 169 -24.70 -23.49 2.97
N ILE C 170 -23.75 -24.42 2.96
CA ILE C 170 -22.91 -24.70 1.79
C ILE C 170 -23.02 -26.19 1.43
N PRO C 171 -24.21 -26.62 0.94
CA PRO C 171 -24.43 -28.06 0.77
C PRO C 171 -23.76 -28.60 -0.48
N ILE C 172 -23.07 -29.72 -0.34
CA ILE C 172 -22.32 -30.33 -1.44
C ILE C 172 -23.19 -31.45 -2.02
N GLY C 173 -23.34 -31.44 -3.35
CA GLY C 173 -24.03 -32.49 -4.08
C GLY C 173 -23.04 -33.47 -4.68
N ARG C 174 -23.51 -34.67 -5.01
CA ARG C 174 -22.67 -35.71 -5.61
C ARG C 174 -22.41 -35.39 -7.08
N GLY C 175 -21.14 -35.24 -7.44
CA GLY C 175 -20.72 -34.75 -8.76
C GLY C 175 -20.28 -33.29 -8.78
N GLN C 176 -20.50 -32.58 -7.67
CA GLN C 176 -20.12 -31.16 -7.55
C GLN C 176 -18.62 -31.04 -7.28
N ARG C 177 -18.05 -29.89 -7.63
CA ARG C 177 -16.69 -29.53 -7.29
C ARG C 177 -16.74 -28.41 -6.25
N GLU C 178 -16.42 -28.73 -5.01
CA GLU C 178 -16.48 -27.76 -3.91
C GLU C 178 -15.09 -27.50 -3.36
N LEU C 179 -14.59 -26.28 -3.57
CA LEU C 179 -13.26 -25.87 -3.13
C LEU C 179 -13.18 -25.72 -1.61
N ILE C 180 -12.01 -26.01 -1.05
CA ILE C 180 -11.69 -25.71 0.35
C ILE C 180 -10.48 -24.79 0.37
N VAL C 181 -10.69 -23.53 0.78
CA VAL C 181 -9.61 -22.52 0.83
C VAL C 181 -9.45 -21.96 2.23
N GLY C 182 -8.25 -21.43 2.49
CA GLY C 182 -7.89 -20.89 3.81
C GLY C 182 -6.40 -21.04 4.09
N ASP C 183 -5.97 -20.47 5.21
CA ASP C 183 -4.55 -20.49 5.61
C ASP C 183 -4.13 -21.83 6.18
N ARG C 184 -2.82 -21.97 6.43
CA ARG C 184 -2.28 -23.13 7.14
C ARG C 184 -2.88 -23.23 8.56
N GLN C 185 -3.10 -24.46 9.01
CA GLN C 185 -3.71 -24.76 10.30
C GLN C 185 -5.08 -24.07 10.54
N THR C 186 -5.93 -24.08 9.51
CA THR C 186 -7.33 -23.62 9.63
C THR C 186 -8.36 -24.77 9.56
N GLY C 187 -7.89 -26.00 9.35
CA GLY C 187 -8.76 -27.18 9.28
C GLY C 187 -9.19 -27.58 7.89
N LYS C 188 -8.31 -27.41 6.91
CA LYS C 188 -8.59 -27.78 5.51
C LYS C 188 -8.57 -29.28 5.29
N THR C 189 -7.57 -29.96 5.85
CA THR C 189 -7.44 -31.42 5.75
C THR C 189 -8.51 -32.11 6.62
N SER C 190 -8.64 -31.66 7.87
CA SER C 190 -9.56 -32.27 8.84
C SER C 190 -11.00 -32.31 8.34
N ILE C 191 -11.49 -31.19 7.81
CA ILE C 191 -12.84 -31.11 7.24
C ILE C 191 -13.02 -32.02 6.00
N ALA C 192 -11.94 -32.20 5.24
CA ALA C 192 -11.95 -33.12 4.09
C ALA C 192 -11.88 -34.59 4.53
N VAL C 193 -11.04 -34.88 5.51
CA VAL C 193 -10.87 -36.24 6.04
C VAL C 193 -12.11 -36.69 6.81
N SER C 194 -12.66 -35.82 7.65
CA SER C 194 -13.90 -36.13 8.39
C SER C 194 -15.11 -36.32 7.48
N THR C 195 -15.11 -35.69 6.29
CA THR C 195 -16.14 -35.94 5.27
C THR C 195 -16.09 -37.38 4.74
N ILE C 196 -14.88 -37.92 4.60
CA ILE C 196 -14.67 -39.33 4.22
C ILE C 196 -15.10 -40.25 5.38
N ILE C 197 -14.76 -39.87 6.60
CA ILE C 197 -15.13 -40.64 7.80
C ILE C 197 -16.64 -40.62 8.05
N ASN C 198 -17.31 -39.51 7.70
CA ASN C 198 -18.77 -39.40 7.81
C ASN C 198 -19.53 -40.40 6.94
N GLN C 199 -18.92 -40.84 5.83
CA GLN C 199 -19.55 -41.81 4.93
C GLN C 199 -19.66 -43.23 5.50
N VAL C 200 -18.80 -43.61 6.43
CA VAL C 200 -18.76 -44.99 6.95
C VAL C 200 -20.05 -45.39 7.68
N ARG C 201 -20.62 -44.48 8.46
CA ARG C 201 -21.88 -44.73 9.17
C ARG C 201 -23.04 -44.98 8.22
N ILE C 202 -23.07 -44.26 7.10
CA ILE C 202 -24.07 -44.45 6.06
C ILE C 202 -23.71 -45.72 5.27
N ASN C 203 -22.51 -45.74 4.69
CA ASN C 203 -22.03 -46.84 3.82
C ASN C 203 -22.22 -48.25 4.39
N GLN C 204 -21.97 -48.39 5.70
CA GLN C 204 -22.18 -49.67 6.41
C GLN C 204 -23.64 -50.13 6.38
N GLN C 205 -24.56 -49.19 6.56
CA GLN C 205 -26.00 -49.47 6.64
C GLN C 205 -26.69 -49.60 5.28
N ILE C 206 -26.27 -48.78 4.31
CA ILE C 206 -26.93 -48.64 2.99
C ILE C 206 -26.58 -49.78 2.02
N LEU C 207 -27.27 -49.82 0.88
CA LEU C 207 -26.86 -50.66 -0.25
C LEU C 207 -25.57 -50.13 -0.88
N SER C 208 -24.62 -51.02 -1.18
CA SER C 208 -23.30 -50.64 -1.73
C SER C 208 -23.34 -49.90 -3.07
N LYS C 209 -24.45 -50.01 -3.81
CA LYS C 209 -24.70 -49.19 -5.01
C LYS C 209 -24.57 -47.68 -4.73
N ASN C 210 -25.13 -47.23 -3.60
CA ASN C 210 -25.14 -45.81 -3.23
C ASN C 210 -24.05 -45.43 -2.20
N ALA C 211 -23.05 -46.29 -2.01
CA ALA C 211 -21.96 -46.03 -1.07
C ALA C 211 -20.98 -45.03 -1.67
N VAL C 212 -20.54 -44.06 -0.85
CA VAL C 212 -19.56 -43.06 -1.26
C VAL C 212 -18.14 -43.59 -1.03
N ILE C 213 -17.53 -44.09 -2.11
CA ILE C 213 -16.14 -44.55 -2.08
C ILE C 213 -15.26 -43.31 -2.21
N SER C 214 -14.28 -43.19 -1.30
CA SER C 214 -13.43 -42.01 -1.21
C SER C 214 -12.05 -42.24 -1.81
N ILE C 215 -11.43 -41.17 -2.32
CA ILE C 215 -10.07 -41.22 -2.86
C ILE C 215 -9.28 -39.99 -2.39
N TYR C 216 -8.53 -40.17 -1.31
CA TYR C 216 -7.71 -39.10 -0.74
C TYR C 216 -6.36 -39.04 -1.47
N VAL C 217 -6.14 -37.96 -2.22
CA VAL C 217 -4.89 -37.71 -2.93
C VAL C 217 -4.03 -36.78 -2.08
N SER C 218 -2.80 -37.21 -1.79
CA SER C 218 -1.88 -36.46 -0.92
C SER C 218 -0.68 -35.95 -1.73
N ILE C 219 -0.81 -34.72 -2.24
CA ILE C 219 0.18 -34.14 -3.15
C ILE C 219 1.15 -33.25 -2.38
N GLY C 220 2.43 -33.64 -2.40
CA GLY C 220 3.50 -32.85 -1.81
C GLY C 220 3.53 -32.74 -0.30
N GLN C 221 2.76 -33.57 0.40
CA GLN C 221 2.67 -33.52 1.85
C GLN C 221 3.85 -34.21 2.49
N ARG C 222 3.99 -33.98 3.80
CA ARG C 222 5.00 -34.67 4.62
C ARG C 222 4.59 -36.14 4.77
N CYS C 223 5.57 -37.03 4.91
CA CYS C 223 5.32 -38.47 4.88
C CYS C 223 4.57 -39.00 6.11
N SER C 224 4.94 -38.49 7.29
CA SER C 224 4.27 -38.88 8.54
C SER C 224 2.80 -38.43 8.61
N ASN C 225 2.48 -37.33 7.94
CA ASN C 225 1.09 -36.85 7.84
C ASN C 225 0.18 -37.85 7.10
N VAL C 226 0.74 -38.53 6.09
CA VAL C 226 0.02 -39.56 5.35
C VAL C 226 -0.20 -40.79 6.23
N ALA C 227 0.81 -41.12 7.04
CA ALA C 227 0.73 -42.24 7.99
C ALA C 227 -0.34 -42.03 9.07
N ARG C 228 -0.40 -40.81 9.63
CA ARG C 228 -1.41 -40.47 10.64
C ARG C 228 -2.84 -40.48 10.09
N ILE C 229 -3.00 -40.08 8.83
CA ILE C 229 -4.30 -40.16 8.14
C ILE C 229 -4.67 -41.63 7.84
N HIS C 230 -3.67 -42.45 7.50
CA HIS C 230 -3.89 -43.89 7.28
C HIS C 230 -4.42 -44.57 8.55
N ARG C 231 -3.78 -44.29 9.68
CA ARG C 231 -4.22 -44.80 10.99
C ARG C 231 -5.58 -44.26 11.41
N LEU C 232 -5.82 -42.97 11.14
CA LEU C 232 -7.10 -42.33 11.44
C LEU C 232 -8.24 -42.86 10.57
N LEU C 233 -7.95 -43.15 9.31
CA LEU C 233 -8.92 -43.81 8.42
C LEU C 233 -9.18 -45.27 8.84
N GLN C 234 -8.13 -45.95 9.27
CA GLN C 234 -8.23 -47.37 9.69
C GLN C 234 -9.05 -47.55 10.98
N SER C 235 -8.87 -46.64 11.94
CA SER C 235 -9.59 -46.71 13.22
C SER C 235 -11.09 -46.45 13.12
N TYR C 236 -11.50 -45.63 12.14
CA TYR C 236 -12.93 -45.36 11.87
C TYR C 236 -13.52 -46.24 10.74
N GLY C 237 -12.82 -47.31 10.36
CA GLY C 237 -13.30 -48.23 9.32
C GLY C 237 -13.42 -47.66 7.92
N ALA C 238 -12.65 -46.61 7.63
CA ALA C 238 -12.75 -45.89 6.37
C ALA C 238 -11.98 -46.56 5.22
N LEU C 239 -10.87 -47.24 5.54
CA LEU C 239 -10.07 -47.95 4.53
C LEU C 239 -10.85 -48.95 3.67
N ARG C 240 -11.90 -49.54 4.23
CA ARG C 240 -12.81 -50.41 3.47
C ARG C 240 -13.43 -49.67 2.28
N TYR C 241 -13.84 -48.42 2.51
CA TYR C 241 -14.47 -47.58 1.48
C TYR C 241 -13.58 -46.41 1.04
N THR C 242 -12.26 -46.61 1.03
CA THR C 242 -11.29 -45.55 0.70
C THR C 242 -9.98 -46.11 0.13
N THR C 243 -9.38 -45.37 -0.81
CA THR C 243 -8.03 -45.66 -1.34
C THR C 243 -7.20 -44.39 -1.29
N VAL C 244 -5.93 -44.51 -0.87
CA VAL C 244 -5.09 -43.33 -0.62
C VAL C 244 -4.02 -43.15 -1.71
N MET C 245 -4.26 -42.18 -2.60
CA MET C 245 -3.22 -41.72 -3.53
C MET C 245 -2.19 -40.90 -2.76
N ALA C 246 -0.90 -41.15 -3.02
CA ALA C 246 0.17 -40.54 -2.23
C ALA C 246 1.40 -40.18 -3.06
N ALA C 247 1.72 -38.88 -3.09
CA ALA C 247 2.96 -38.37 -3.64
C ALA C 247 3.55 -37.38 -2.64
N THR C 248 4.42 -37.88 -1.76
CA THR C 248 4.95 -37.09 -0.66
C THR C 248 6.03 -36.10 -1.12
N ALA C 249 6.48 -35.24 -0.20
CA ALA C 249 7.48 -34.21 -0.51
C ALA C 249 8.85 -34.76 -0.94
N ALA C 250 9.21 -35.95 -0.45
CA ALA C 250 10.44 -36.63 -0.85
C ALA C 250 10.41 -37.03 -2.33
N GLU C 251 9.27 -37.59 -2.74
CA GLU C 251 9.04 -38.02 -4.12
C GLU C 251 9.06 -36.83 -5.09
N PRO C 252 9.43 -37.08 -6.37
CA PRO C 252 9.69 -35.99 -7.32
C PRO C 252 8.47 -35.20 -7.78
N ALA C 253 8.73 -34.12 -8.52
CA ALA C 253 7.68 -33.25 -9.03
C ALA C 253 6.80 -33.93 -10.08
N GLY C 254 7.39 -34.86 -10.85
CA GLY C 254 6.65 -35.65 -11.83
C GLY C 254 5.47 -36.42 -11.25
N LEU C 255 5.68 -37.04 -10.08
CA LEU C 255 4.62 -37.75 -9.38
C LEU C 255 3.59 -36.79 -8.78
N GLN C 256 4.06 -35.71 -8.17
CA GLN C 256 3.18 -34.69 -7.58
C GLN C 256 2.27 -34.05 -8.64
N TYR C 257 2.86 -33.71 -9.79
CA TYR C 257 2.11 -33.22 -10.95
C TYR C 257 0.97 -34.17 -11.36
N LEU C 258 1.29 -35.46 -11.40
CA LEU C 258 0.38 -36.48 -11.92
C LEU C 258 -0.55 -37.11 -10.86
N ALA C 259 -0.37 -36.78 -9.58
CA ALA C 259 -1.10 -37.44 -8.49
C ALA C 259 -2.63 -37.22 -8.50
N PRO C 260 -3.10 -35.97 -8.69
CA PRO C 260 -4.56 -35.76 -8.78
C PRO C 260 -5.20 -36.43 -10.01
N TYR C 261 -4.46 -36.55 -11.11
CA TYR C 261 -4.95 -37.21 -12.31
C TYR C 261 -5.16 -38.70 -12.08
N ALA C 262 -4.20 -39.34 -11.39
CA ALA C 262 -4.32 -40.74 -10.99
C ALA C 262 -5.46 -40.98 -9.99
N GLY C 263 -5.71 -39.99 -9.13
CA GLY C 263 -6.83 -40.02 -8.19
C GLY C 263 -8.20 -40.06 -8.85
N VAL C 264 -8.40 -39.21 -9.87
CA VAL C 264 -9.68 -39.15 -10.59
C VAL C 264 -9.91 -40.41 -11.42
N THR C 265 -8.86 -40.92 -12.06
CA THR C 265 -8.91 -42.17 -12.82
C THR C 265 -9.51 -43.32 -12.01
N MET C 266 -9.06 -43.44 -10.77
CA MET C 266 -9.58 -44.45 -9.83
C MET C 266 -11.05 -44.22 -9.45
N GLY C 267 -11.45 -42.96 -9.37
CA GLY C 267 -12.85 -42.58 -9.13
C GLY C 267 -13.77 -42.79 -10.32
N GLU C 268 -13.27 -42.48 -11.52
CA GLU C 268 -14.03 -42.62 -12.77
C GLU C 268 -14.47 -44.06 -13.06
N TYR C 269 -13.72 -45.04 -12.58
CA TYR C 269 -14.10 -46.45 -12.61
C TYR C 269 -15.46 -46.67 -11.94
N PHE C 270 -15.62 -46.09 -10.76
CA PHE C 270 -16.88 -46.19 -10.01
C PHE C 270 -17.99 -45.35 -10.68
N MET C 271 -17.61 -44.19 -11.21
CA MET C 271 -18.56 -43.29 -11.91
C MET C 271 -19.14 -43.93 -13.18
N ASN C 272 -18.26 -44.43 -14.04
CA ASN C 272 -18.65 -45.05 -15.31
C ASN C 272 -19.39 -46.38 -15.12
N ARG C 273 -19.17 -47.04 -13.98
CA ARG C 273 -19.89 -48.25 -13.60
C ARG C 273 -21.01 -47.97 -12.58
N GLY C 274 -21.71 -46.84 -12.73
CA GLY C 274 -22.93 -46.54 -11.97
C GLY C 274 -22.84 -46.49 -10.46
N ARG C 275 -21.73 -45.98 -9.93
CA ARG C 275 -21.54 -45.80 -8.48
C ARG C 275 -20.99 -44.42 -8.18
N HIS C 276 -21.23 -43.95 -6.96
CA HIS C 276 -20.86 -42.60 -6.53
C HIS C 276 -19.53 -42.60 -5.79
N CYS C 277 -18.73 -41.57 -6.04
CA CYS C 277 -17.35 -41.49 -5.56
C CYS C 277 -16.97 -40.08 -5.08
N LEU C 278 -15.96 -40.02 -4.22
CA LEU C 278 -15.43 -38.77 -3.68
C LEU C 278 -13.92 -38.69 -3.92
N CYS C 279 -13.44 -37.49 -4.26
CA CYS C 279 -12.02 -37.26 -4.55
C CYS C 279 -11.53 -36.01 -3.82
N VAL C 280 -10.60 -36.20 -2.88
CA VAL C 280 -9.96 -35.11 -2.17
C VAL C 280 -8.55 -34.93 -2.72
N TYR C 281 -8.23 -33.71 -3.17
CA TYR C 281 -6.85 -33.36 -3.56
C TYR C 281 -6.28 -32.43 -2.51
N ASP C 282 -5.26 -32.89 -1.79
CA ASP C 282 -4.65 -32.16 -0.69
C ASP C 282 -3.13 -32.06 -0.92
N ASP C 283 -2.66 -31.05 -1.65
CA ASP C 283 -3.48 -29.94 -2.20
C ASP C 283 -3.00 -29.52 -3.59
N LEU C 284 -3.87 -28.80 -4.30
CA LEU C 284 -3.57 -28.33 -5.65
C LEU C 284 -2.52 -27.21 -5.71
N SER C 285 -2.30 -26.51 -4.59
CA SER C 285 -1.24 -25.50 -4.49
C SER C 285 0.14 -26.11 -4.71
N LYS C 286 0.40 -27.25 -4.04
CA LYS C 286 1.67 -27.96 -4.17
C LYS C 286 1.81 -28.70 -5.50
N GLN C 287 0.69 -29.07 -6.13
CA GLN C 287 0.71 -29.63 -7.49
C GLN C 287 1.21 -28.59 -8.50
N ALA C 288 0.65 -27.38 -8.40
CA ALA C 288 1.03 -26.27 -9.28
C ALA C 288 2.52 -25.92 -9.16
N VAL C 289 3.04 -25.93 -7.94
CA VAL C 289 4.46 -25.68 -7.69
C VAL C 289 5.31 -26.78 -8.34
N ALA C 290 4.84 -28.03 -8.26
CA ALA C 290 5.51 -29.15 -8.93
C ALA C 290 5.45 -29.04 -10.45
N TYR C 291 4.31 -28.60 -10.99
CA TYR C 291 4.17 -28.37 -12.43
C TYR C 291 5.00 -27.18 -12.92
N ARG C 292 5.11 -26.15 -12.08
CA ARG C 292 5.95 -24.97 -12.38
C ARG C 292 7.42 -25.37 -12.48
N GLN C 293 7.88 -26.21 -11.54
CA GLN C 293 9.24 -26.75 -11.56
C GLN C 293 9.52 -27.47 -12.88
N ILE C 294 8.60 -28.33 -13.29
CA ILE C 294 8.72 -29.10 -14.53
C ILE C 294 8.78 -28.17 -15.75
N SER C 295 7.87 -27.20 -15.79
CA SER C 295 7.78 -26.26 -16.93
C SER C 295 9.00 -25.35 -17.03
N LEU C 296 9.41 -24.78 -15.89
CA LEU C 296 10.58 -23.89 -15.85
C LEU C 296 11.88 -24.61 -16.21
N LEU C 297 12.06 -25.82 -15.67
CA LEU C 297 13.26 -26.63 -15.97
C LEU C 297 13.38 -27.05 -17.43
N LEU C 298 12.24 -27.14 -18.13
CA LEU C 298 12.21 -27.47 -19.57
C LEU C 298 12.01 -26.22 -20.46
N ARG C 299 12.33 -25.05 -19.91
CA ARG C 299 12.36 -23.78 -20.67
C ARG C 299 11.00 -23.39 -21.29
N ARG C 300 9.90 -23.73 -20.61
CA ARG C 300 8.59 -23.22 -20.99
C ARG C 300 8.48 -21.76 -20.51
N PRO C 301 8.06 -20.83 -21.40
CA PRO C 301 7.93 -19.43 -20.98
C PRO C 301 6.99 -19.23 -19.78
N PRO C 302 7.50 -18.64 -18.69
CA PRO C 302 6.66 -18.34 -17.51
C PRO C 302 5.91 -17.02 -17.65
N GLY C 303 4.80 -16.91 -16.92
CA GLY C 303 3.97 -15.71 -16.87
C GLY C 303 3.79 -15.22 -15.45
N ARG C 304 2.53 -15.15 -15.01
CA ARG C 304 2.19 -14.59 -13.69
C ARG C 304 2.68 -15.49 -12.55
N GLU C 305 3.39 -14.88 -11.60
CA GLU C 305 4.05 -15.58 -10.48
C GLU C 305 4.91 -16.76 -10.94
N ALA C 306 5.58 -16.57 -12.08
CA ALA C 306 6.49 -17.57 -12.67
C ALA C 306 5.85 -18.90 -13.13
N TYR C 307 4.52 -19.01 -13.11
CA TYR C 307 3.84 -20.22 -13.57
C TYR C 307 3.74 -20.20 -15.09
N PRO C 308 3.62 -21.39 -15.72
CA PRO C 308 3.48 -21.43 -17.18
C PRO C 308 2.13 -20.90 -17.65
N GLY C 309 1.95 -20.82 -18.97
CA GLY C 309 0.70 -20.35 -19.57
C GLY C 309 -0.50 -21.23 -19.25
N ASP C 310 -0.29 -22.55 -19.21
CA ASP C 310 -1.36 -23.53 -19.07
C ASP C 310 -1.59 -24.08 -17.65
N VAL C 311 -1.21 -23.32 -16.62
CA VAL C 311 -1.45 -23.71 -15.22
C VAL C 311 -2.95 -23.66 -14.84
N PHE C 312 -3.71 -22.83 -15.54
CA PHE C 312 -5.18 -22.85 -15.45
C PHE C 312 -5.72 -24.14 -16.05
N TYR C 313 -5.25 -24.46 -17.26
CA TYR C 313 -5.64 -25.70 -17.96
C TYR C 313 -5.32 -26.98 -17.16
N LEU C 314 -4.25 -26.93 -16.35
CA LEU C 314 -3.86 -28.03 -15.46
C LEU C 314 -4.98 -28.44 -14.50
N HIS C 315 -5.49 -27.46 -13.75
CA HIS C 315 -6.55 -27.70 -12.78
C HIS C 315 -7.95 -27.82 -13.42
N SER C 316 -8.13 -27.22 -14.60
CA SER C 316 -9.44 -27.22 -15.26
C SER C 316 -9.83 -28.61 -15.78
N ARG C 317 -8.93 -29.24 -16.53
CA ARG C 317 -9.19 -30.59 -17.05
C ARG C 317 -9.23 -31.66 -15.96
N LEU C 318 -8.58 -31.40 -14.82
CA LEU C 318 -8.67 -32.26 -13.64
C LEU C 318 -10.07 -32.22 -13.03
N LEU C 319 -10.51 -31.02 -12.70
CA LEU C 319 -11.77 -30.81 -11.97
C LEU C 319 -13.02 -31.05 -12.83
N GLU C 320 -12.92 -30.85 -14.14
CA GLU C 320 -14.05 -31.12 -15.05
C GLU C 320 -14.34 -32.61 -15.24
N ARG C 321 -13.33 -33.46 -15.06
CA ARG C 321 -13.53 -34.92 -15.06
C ARG C 321 -14.39 -35.41 -13.88
N ALA C 322 -14.39 -34.65 -12.79
CA ALA C 322 -15.35 -34.83 -11.71
C ALA C 322 -16.72 -34.30 -12.17
N ALA C 323 -17.74 -35.16 -12.12
CA ALA C 323 -19.07 -34.81 -12.65
C ALA C 323 -20.18 -35.72 -12.12
N MET C 324 -21.42 -35.39 -12.47
CA MET C 324 -22.60 -36.22 -12.20
C MET C 324 -23.16 -36.70 -13.54
N LEU C 325 -22.98 -37.98 -13.84
CA LEU C 325 -23.41 -38.55 -15.12
C LEU C 325 -24.93 -38.67 -15.24
N SER C 326 -25.40 -38.86 -16.46
CA SER C 326 -26.83 -38.95 -16.77
C SER C 326 -27.41 -40.33 -16.40
N PRO C 327 -28.76 -40.46 -16.40
CA PRO C 327 -29.39 -41.78 -16.32
C PRO C 327 -28.96 -42.75 -17.44
N GLY C 328 -28.66 -42.20 -18.62
CA GLY C 328 -28.19 -42.99 -19.76
C GLY C 328 -26.82 -43.66 -19.60
N LYS C 329 -25.98 -43.14 -18.70
CA LYS C 329 -24.65 -43.71 -18.44
C LYS C 329 -24.47 -44.07 -16.95
N GLY C 330 -25.48 -44.71 -16.36
CA GLY C 330 -25.41 -45.23 -15.00
C GLY C 330 -25.86 -44.32 -13.87
N GLY C 331 -25.76 -43.00 -14.09
CA GLY C 331 -26.08 -42.04 -13.03
C GLY C 331 -25.06 -41.97 -11.91
N GLY C 332 -23.82 -42.38 -12.19
CA GLY C 332 -22.74 -42.35 -11.21
C GLY C 332 -22.18 -40.95 -11.02
N SER C 333 -21.21 -40.81 -10.11
CA SER C 333 -20.62 -39.50 -9.78
C SER C 333 -19.19 -39.57 -9.26
N VAL C 334 -18.46 -38.48 -9.50
CA VAL C 334 -17.19 -38.20 -8.82
C VAL C 334 -17.32 -36.79 -8.26
N THR C 335 -17.41 -36.69 -6.94
CA THR C 335 -17.43 -35.39 -6.25
C THR C 335 -15.98 -35.00 -5.94
N ALA C 336 -15.67 -33.71 -6.15
CA ALA C 336 -14.31 -33.21 -5.97
C ALA C 336 -14.23 -32.24 -4.79
N LEU C 337 -13.25 -32.45 -3.92
CA LEU C 337 -12.94 -31.53 -2.82
C LEU C 337 -11.47 -31.08 -2.94
N PRO C 338 -11.18 -30.18 -3.90
CA PRO C 338 -9.83 -29.63 -4.01
C PRO C 338 -9.52 -28.66 -2.87
N ILE C 339 -8.35 -28.85 -2.25
CA ILE C 339 -7.85 -27.95 -1.22
C ILE C 339 -6.82 -27.02 -1.86
N VAL C 340 -6.84 -25.74 -1.48
CA VAL C 340 -5.93 -24.73 -2.01
C VAL C 340 -5.52 -23.78 -0.88
N GLU C 341 -4.24 -23.81 -0.52
CA GLU C 341 -3.71 -22.99 0.58
C GLU C 341 -3.53 -21.53 0.15
N THR C 342 -4.06 -20.61 0.95
CA THR C 342 -3.87 -19.16 0.73
C THR C 342 -2.85 -18.62 1.74
N LEU C 343 -2.12 -17.59 1.34
CA LEU C 343 -1.12 -16.95 2.19
C LEU C 343 -1.69 -15.66 2.79
N SER C 344 -1.98 -15.70 4.10
CA SER C 344 -2.53 -14.56 4.85
C SER C 344 -3.86 -14.04 4.29
N ASN C 345 -4.79 -14.97 4.02
CA ASN C 345 -6.14 -14.67 3.51
C ASN C 345 -6.14 -13.83 2.22
N ASP C 346 -5.22 -14.16 1.32
CA ASP C 346 -5.09 -13.47 0.03
C ASP C 346 -5.67 -14.35 -1.09
N VAL C 347 -6.92 -14.05 -1.45
CA VAL C 347 -7.60 -14.74 -2.58
C VAL C 347 -7.14 -14.26 -3.95
N THR C 348 -6.43 -13.13 -4.01
CA THR C 348 -5.98 -12.56 -5.28
C THR C 348 -4.76 -13.26 -5.92
N ALA C 349 -4.19 -14.26 -5.25
CA ALA C 349 -3.09 -15.07 -5.83
C ALA C 349 -3.57 -15.83 -7.06
N TYR C 350 -2.64 -16.07 -7.99
CA TYR C 350 -2.97 -16.60 -9.31
C TYR C 350 -3.56 -18.02 -9.27
N ILE C 351 -2.92 -18.90 -8.50
CA ILE C 351 -3.38 -20.29 -8.37
C ILE C 351 -4.71 -20.42 -7.62
N VAL C 352 -4.95 -19.51 -6.67
CA VAL C 352 -6.18 -19.54 -5.87
C VAL C 352 -7.35 -19.03 -6.69
N THR C 353 -7.14 -17.91 -7.39
CA THR C 353 -8.15 -17.30 -8.26
C THR C 353 -8.55 -18.20 -9.44
N ASN C 354 -7.59 -18.97 -9.95
CA ASN C 354 -7.85 -19.94 -11.02
C ASN C 354 -8.82 -21.03 -10.57
N VAL C 355 -8.53 -21.64 -9.41
CA VAL C 355 -9.32 -22.77 -8.90
C VAL C 355 -10.72 -22.33 -8.46
N ILE C 356 -10.85 -21.10 -7.94
CA ILE C 356 -12.18 -20.55 -7.59
C ILE C 356 -13.07 -20.41 -8.83
N SER C 357 -12.49 -19.95 -9.95
CA SER C 357 -13.24 -19.78 -11.20
C SER C 357 -13.63 -21.12 -11.87
N ILE C 358 -12.97 -22.22 -11.51
CA ILE C 358 -13.31 -23.56 -12.03
C ILE C 358 -14.39 -24.25 -11.18
N THR C 359 -14.20 -24.25 -9.86
CA THR C 359 -15.08 -25.01 -8.94
C THR C 359 -16.47 -24.38 -8.80
N ASP C 360 -17.40 -25.17 -8.26
CA ASP C 360 -18.77 -24.72 -7.99
C ASP C 360 -18.87 -24.13 -6.58
N GLY C 361 -18.23 -22.97 -6.40
CA GLY C 361 -18.17 -22.32 -5.11
C GLY C 361 -17.11 -22.91 -4.19
N GLN C 362 -17.03 -22.39 -2.97
CA GLN C 362 -15.99 -22.76 -2.01
C GLN C 362 -16.46 -22.84 -0.56
N ILE C 363 -15.60 -23.42 0.29
CA ILE C 363 -15.76 -23.42 1.73
C ILE C 363 -14.54 -22.70 2.32
N TYR C 364 -14.69 -21.41 2.59
CA TYR C 364 -13.59 -20.58 3.10
C TYR C 364 -13.39 -20.78 4.60
N LEU C 365 -12.15 -21.07 5.00
CA LEU C 365 -11.78 -21.25 6.40
C LEU C 365 -10.93 -20.08 6.89
N ASP C 366 -11.53 -19.24 7.75
CA ASP C 366 -10.89 -18.02 8.23
C ASP C 366 -9.98 -18.32 9.41
N THR C 367 -8.82 -17.65 9.46
CA THR C 367 -7.85 -17.84 10.53
C THR C 367 -8.30 -17.21 11.86
N LYS C 368 -9.01 -16.09 11.77
CA LYS C 368 -9.51 -15.38 12.97
C LYS C 368 -10.65 -16.13 13.65
N LEU C 369 -11.50 -16.78 12.86
CA LEU C 369 -12.57 -17.64 13.39
C LEU C 369 -12.01 -18.90 14.07
N PHE C 370 -10.91 -19.45 13.53
CA PHE C 370 -10.25 -20.62 14.11
C PHE C 370 -9.73 -20.32 15.52
N THR C 371 -8.95 -19.25 15.64
CA THR C 371 -8.40 -18.83 16.93
C THR C 371 -9.49 -18.25 17.85
N GLY C 372 -10.52 -17.66 17.27
CA GLY C 372 -11.66 -17.11 18.01
C GLY C 372 -12.49 -18.13 18.77
N GLY C 373 -12.57 -19.36 18.25
CA GLY C 373 -13.32 -20.44 18.89
C GLY C 373 -14.06 -21.34 17.93
N GLN C 374 -14.75 -20.73 16.95
CA GLN C 374 -15.51 -21.47 15.93
C GLN C 374 -14.65 -22.48 15.17
N ARG C 375 -14.93 -23.76 15.38
CA ARG C 375 -14.24 -24.86 14.71
C ARG C 375 -15.25 -25.94 14.30
N PRO C 376 -15.42 -26.24 13.01
CA PRO C 376 -14.63 -25.72 11.90
C PRO C 376 -14.88 -24.24 11.64
N ALA C 377 -13.83 -23.52 11.26
CA ALA C 377 -13.85 -22.06 11.14
C ALA C 377 -14.43 -21.62 9.79
N VAL C 378 -15.67 -22.00 9.52
CA VAL C 378 -16.29 -21.79 8.21
C VAL C 378 -16.87 -20.37 8.14
N ASN C 379 -16.24 -19.53 7.32
CA ASN C 379 -16.73 -18.17 7.07
C ASN C 379 -17.91 -18.27 6.10
N ILE C 380 -19.12 -18.16 6.64
CA ILE C 380 -20.36 -18.39 5.87
C ILE C 380 -20.60 -17.29 4.83
N GLY C 381 -20.22 -16.05 5.16
CA GLY C 381 -20.31 -14.92 4.23
C GLY C 381 -19.42 -15.07 3.00
N LEU C 382 -18.18 -15.50 3.21
CA LEU C 382 -17.24 -15.74 2.12
C LEU C 382 -17.53 -17.06 1.37
N SER C 383 -17.96 -18.08 2.09
CA SER C 383 -18.27 -19.38 1.49
C SER C 383 -19.56 -19.34 0.68
N VAL C 384 -19.69 -20.29 -0.25
CA VAL C 384 -20.84 -20.37 -1.16
C VAL C 384 -20.88 -21.72 -1.89
N SER C 385 -22.09 -22.22 -2.14
CA SER C 385 -22.33 -23.39 -2.97
C SER C 385 -23.22 -22.98 -4.13
N ARG C 386 -22.73 -23.16 -5.36
CA ARG C 386 -23.45 -22.71 -6.55
C ARG C 386 -24.66 -23.59 -6.92
N VAL C 387 -24.75 -24.79 -6.38
CA VAL C 387 -25.86 -25.71 -6.63
C VAL C 387 -26.37 -26.29 -5.30
N GLY C 388 -26.60 -25.40 -4.33
CA GLY C 388 -26.90 -25.82 -2.95
C GLY C 388 -28.29 -26.41 -2.77
N SER C 389 -29.31 -25.64 -3.16
CA SER C 389 -30.72 -26.01 -2.90
C SER C 389 -31.12 -27.36 -3.49
N SER C 390 -30.78 -27.59 -4.75
CA SER C 390 -31.08 -28.86 -5.44
C SER C 390 -30.29 -30.05 -4.88
N ALA C 391 -29.10 -29.78 -4.33
CA ALA C 391 -28.24 -30.81 -3.76
C ALA C 391 -28.73 -31.38 -2.43
N GLN C 392 -29.40 -30.56 -1.61
CA GLN C 392 -29.83 -30.97 -0.27
C GLN C 392 -30.92 -32.04 -0.25
N ASN C 393 -31.03 -32.72 0.88
CA ASN C 393 -32.12 -33.66 1.16
C ASN C 393 -33.41 -32.87 1.42
N ALA C 394 -34.56 -33.50 1.15
CA ALA C 394 -35.88 -32.87 1.35
C ALA C 394 -36.10 -32.38 2.79
N ALA C 395 -35.63 -33.15 3.77
CA ALA C 395 -35.69 -32.77 5.18
C ALA C 395 -34.74 -31.63 5.51
N MET C 396 -33.50 -31.73 5.03
CA MET C 396 -32.47 -30.70 5.26
C MET C 396 -32.80 -29.37 4.55
N LYS C 397 -33.50 -29.45 3.41
CA LYS C 397 -33.95 -28.25 2.68
C LYS C 397 -35.02 -27.46 3.45
N GLY C 398 -35.83 -28.16 4.24
CA GLY C 398 -36.88 -27.54 5.04
C GLY C 398 -36.35 -26.62 6.14
N VAL C 399 -35.43 -27.15 6.95
CA VAL C 399 -34.82 -26.38 8.04
C VAL C 399 -33.85 -25.30 7.53
N ALA C 400 -33.02 -25.65 6.55
CA ALA C 400 -31.92 -24.77 6.10
C ALA C 400 -32.40 -23.53 5.35
N GLY C 401 -33.52 -23.60 4.66
CA GLY C 401 -34.13 -22.43 3.99
C GLY C 401 -34.45 -21.28 4.93
N LYS C 402 -34.86 -21.62 6.16
CA LYS C 402 -35.13 -20.63 7.20
C LYS C 402 -33.85 -20.07 7.82
N LEU C 403 -32.86 -20.93 8.06
CA LEU C 403 -31.57 -20.53 8.64
C LEU C 403 -30.84 -19.43 7.86
N LYS C 404 -31.00 -19.40 6.54
CA LYS C 404 -30.44 -18.33 5.71
C LYS C 404 -31.06 -16.97 6.05
N GLY C 405 -32.37 -16.97 6.27
CA GLY C 405 -33.10 -15.76 6.69
C GLY C 405 -32.75 -15.27 8.09
N ILE C 406 -32.50 -16.20 9.02
CA ILE C 406 -32.20 -15.86 10.42
C ILE C 406 -30.77 -15.32 10.55
N LEU C 407 -29.80 -16.03 9.99
CA LEU C 407 -28.39 -15.61 10.04
C LEU C 407 -28.08 -14.35 9.24
N ALA C 408 -28.87 -14.08 8.19
CA ALA C 408 -28.77 -12.83 7.44
C ALA C 408 -29.15 -11.63 8.32
N GLU C 409 -30.26 -11.76 9.04
CA GLU C 409 -30.73 -10.72 9.97
C GLU C 409 -29.86 -10.62 11.22
N TYR C 410 -29.34 -11.75 11.70
CA TYR C 410 -28.43 -11.77 12.86
C TYR C 410 -27.10 -11.06 12.59
N ARG C 411 -26.51 -11.33 11.44
CA ARG C 411 -25.25 -10.69 11.03
C ARG C 411 -25.39 -9.17 10.84
N LYS C 412 -26.51 -8.75 10.26
CA LYS C 412 -26.82 -7.32 10.09
C LYS C 412 -27.05 -6.61 11.42
N LEU C 413 -27.87 -7.22 12.27
CA LEU C 413 -28.20 -6.66 13.59
C LEU C 413 -27.03 -6.70 14.58
N ALA C 414 -26.10 -7.64 14.39
CA ALA C 414 -24.88 -7.71 15.20
C ALA C 414 -23.94 -6.52 14.95
N ALA C 415 -23.86 -6.09 13.69
CA ALA C 415 -23.07 -4.91 13.31
C ALA C 415 -23.70 -3.62 13.87
N ASP C 416 -24.93 -3.34 13.45
CA ASP C 416 -25.66 -2.11 13.83
C ASP C 416 -26.03 -2.13 15.32
N GLN C 424 -32.58 -7.42 22.06
CA GLN C 424 -32.57 -8.74 21.46
C GLN C 424 -33.91 -9.14 20.83
N THR C 425 -33.91 -9.33 19.51
CA THR C 425 -35.07 -9.83 18.77
C THR C 425 -35.09 -11.37 18.85
N ILE C 426 -36.13 -12.00 18.29
CA ILE C 426 -36.18 -13.46 18.19
C ILE C 426 -35.10 -14.02 17.27
N PRO C 427 -34.89 -13.41 16.08
CA PRO C 427 -33.71 -13.73 15.25
C PRO C 427 -32.35 -13.60 15.93
N MET C 428 -32.19 -12.59 16.79
CA MET C 428 -30.92 -12.39 17.53
C MET C 428 -30.65 -13.50 18.55
N ILE C 429 -31.70 -13.94 19.25
CA ILE C 429 -31.60 -15.05 20.20
C ILE C 429 -31.27 -16.34 19.45
N ARG C 430 -32.18 -16.73 18.55
CA ARG C 430 -32.06 -18.00 17.83
C ARG C 430 -30.84 -18.06 16.90
N GLY C 431 -30.46 -16.92 16.34
CA GLY C 431 -29.26 -16.81 15.50
C GLY C 431 -27.96 -17.11 16.23
N ALA C 432 -27.84 -16.64 17.47
CA ALA C 432 -26.66 -16.87 18.30
C ALA C 432 -26.49 -18.34 18.70
N ARG C 433 -27.60 -19.04 18.90
CA ARG C 433 -27.58 -20.48 19.25
C ARG C 433 -27.08 -21.35 18.08
N PHE C 434 -27.46 -20.99 16.84
CA PHE C 434 -26.94 -21.67 15.64
C PHE C 434 -25.41 -21.62 15.58
N VAL C 435 -24.83 -20.46 15.90
CA VAL C 435 -23.38 -20.26 15.90
C VAL C 435 -22.70 -21.18 16.92
N ALA C 436 -23.33 -21.33 18.09
CA ALA C 436 -22.84 -22.26 19.13
C ALA C 436 -22.96 -23.72 18.67
N LEU C 437 -24.05 -24.04 17.98
CA LEU C 437 -24.27 -25.40 17.45
C LEU C 437 -23.30 -25.80 16.33
N PHE C 438 -22.86 -24.84 15.52
CA PHE C 438 -21.94 -25.13 14.40
C PHE C 438 -20.53 -25.59 14.82
N ASN C 439 -20.14 -25.30 16.06
CA ASN C 439 -18.86 -25.79 16.60
C ASN C 439 -18.89 -27.30 16.82
N GLN C 440 -17.93 -28.03 16.23
CA GLN C 440 -17.82 -29.49 16.38
C GLN C 440 -16.48 -30.01 15.89
N LYS C 441 -15.93 -31.02 16.58
CA LYS C 441 -14.66 -31.63 16.19
C LYS C 441 -14.91 -32.74 15.16
N GLN C 442 -15.58 -33.81 15.58
CA GLN C 442 -15.88 -34.95 14.68
C GLN C 442 -17.24 -34.76 14.01
N PRO C 443 -17.48 -35.41 12.85
CA PRO C 443 -18.69 -35.14 12.08
C PRO C 443 -19.96 -35.73 12.71
N SER C 444 -21.06 -34.99 12.62
CA SER C 444 -22.34 -35.39 13.20
C SER C 444 -23.11 -36.29 12.23
N TYR C 445 -23.90 -37.20 12.82
CA TYR C 445 -24.82 -38.07 12.05
C TYR C 445 -26.03 -37.23 11.64
N PHE C 446 -26.60 -37.55 10.47
CA PHE C 446 -27.66 -36.72 9.87
C PHE C 446 -28.88 -36.52 10.77
N MET C 447 -29.26 -37.55 11.52
CA MET C 447 -30.37 -37.47 12.47
C MET C 447 -30.05 -36.54 13.65
N ASN C 448 -28.86 -36.73 14.23
CA ASN C 448 -28.43 -35.95 15.41
C ASN C 448 -28.20 -34.46 15.09
N ALA C 449 -27.86 -34.16 13.83
CA ALA C 449 -27.66 -32.79 13.39
C ALA C 449 -29.00 -32.08 13.16
N ILE C 450 -29.84 -32.66 12.30
CA ILE C 450 -31.08 -32.00 11.86
C ILE C 450 -32.10 -31.75 12.98
N VAL C 451 -32.12 -32.62 13.99
CA VAL C 451 -33.03 -32.47 15.14
C VAL C 451 -32.58 -31.31 16.05
N SER C 452 -31.28 -31.22 16.32
CA SER C 452 -30.72 -30.11 17.11
C SER C 452 -30.82 -28.75 16.41
N LEU C 453 -30.84 -28.76 15.07
CA LEU C 453 -31.10 -27.55 14.28
C LEU C 453 -32.58 -27.20 14.22
N TYR C 454 -33.43 -28.22 14.09
CA TYR C 454 -34.89 -28.06 14.11
C TYR C 454 -35.39 -27.49 15.45
N ALA C 455 -34.76 -27.90 16.55
CA ALA C 455 -35.04 -27.36 17.88
C ALA C 455 -34.78 -25.86 17.94
N CYS C 456 -33.63 -25.44 17.43
CA CYS C 456 -33.26 -24.01 17.40
C CYS C 456 -34.12 -23.19 16.44
N LEU C 457 -34.57 -23.80 15.35
CA LEU C 457 -35.42 -23.13 14.35
C LEU C 457 -36.77 -22.73 14.92
N ASN C 458 -37.47 -23.69 15.53
CA ASN C 458 -38.80 -23.45 16.12
C ASN C 458 -38.72 -22.80 17.51
N GLY C 459 -37.51 -22.71 18.06
CA GLY C 459 -37.23 -21.89 19.23
C GLY C 459 -37.33 -22.63 20.55
N TYR C 460 -36.72 -23.81 20.61
CA TYR C 460 -36.67 -24.62 21.82
C TYR C 460 -35.46 -24.29 22.71
N LEU C 461 -34.47 -23.59 22.14
CA LEU C 461 -33.27 -23.17 22.89
C LEU C 461 -33.25 -21.65 23.16
N ASP C 462 -34.42 -21.04 23.27
CA ASP C 462 -34.54 -19.59 23.51
C ASP C 462 -34.30 -19.26 24.98
N ASP C 463 -34.98 -19.99 25.86
CA ASP C 463 -34.78 -19.86 27.32
C ASP C 463 -33.44 -20.43 27.78
N VAL C 464 -32.88 -21.38 27.02
CA VAL C 464 -31.56 -21.94 27.30
C VAL C 464 -30.49 -20.92 26.90
N LYS C 465 -29.52 -20.68 27.79
CA LYS C 465 -28.45 -19.70 27.52
C LYS C 465 -27.46 -20.21 26.47
N VAL C 466 -26.64 -19.28 25.96
CA VAL C 466 -25.76 -19.56 24.83
C VAL C 466 -24.60 -20.50 25.20
N GLN C 467 -24.08 -20.37 26.41
CA GLN C 467 -22.97 -21.23 26.87
C GLN C 467 -23.37 -22.69 27.12
N TYR C 468 -24.66 -22.94 27.39
CA TYR C 468 -25.15 -24.29 27.71
C TYR C 468 -25.88 -24.99 26.54
N VAL C 469 -25.57 -24.58 25.31
CA VAL C 469 -26.19 -25.16 24.12
C VAL C 469 -25.58 -26.54 23.81
N LYS C 470 -24.27 -26.66 23.97
CA LYS C 470 -23.58 -27.94 23.75
C LYS C 470 -23.91 -29.00 24.81
N PHE C 471 -24.15 -28.57 26.05
CA PHE C 471 -24.63 -29.45 27.11
C PHE C 471 -26.08 -29.87 26.85
N TYR C 472 -26.88 -28.94 26.32
CA TYR C 472 -28.25 -29.22 25.87
C TYR C 472 -28.27 -30.22 24.70
N GLU C 473 -27.36 -30.04 23.75
CA GLU C 473 -27.28 -30.91 22.57
C GLU C 473 -26.74 -32.31 22.90
N TYR C 474 -25.78 -32.38 23.82
CA TYR C 474 -25.22 -33.66 24.27
C TYR C 474 -26.28 -34.52 24.96
N LEU C 475 -27.04 -33.91 25.86
CA LEU C 475 -28.11 -34.59 26.58
C LEU C 475 -29.30 -34.98 25.68
N LEU C 476 -29.45 -34.31 24.55
CA LEU C 476 -30.45 -34.68 23.54
C LEU C 476 -30.04 -35.97 22.80
N VAL C 477 -28.80 -36.03 22.32
CA VAL C 477 -28.33 -37.14 21.47
C VAL C 477 -28.11 -38.43 22.26
N HIS C 478 -27.17 -38.41 23.21
CA HIS C 478 -26.71 -39.64 23.87
C HIS C 478 -27.65 -40.07 24.97
N ARG C 479 -27.96 -39.15 25.88
CA ARG C 479 -28.95 -39.38 26.95
C ARG C 479 -30.35 -39.04 26.43
N ASP C 480 -31.35 -39.16 27.30
CA ASP C 480 -32.70 -38.67 27.04
C ASP C 480 -33.42 -38.41 28.36
N LEU C 481 -33.99 -37.21 28.51
CA LEU C 481 -34.56 -36.76 29.78
C LEU C 481 -35.99 -37.25 30.05
N GLY C 482 -36.76 -37.43 28.98
CA GLY C 482 -38.13 -37.98 29.10
C GLY C 482 -38.15 -39.40 29.66
N ILE C 483 -37.28 -40.25 29.10
CA ILE C 483 -37.13 -41.64 29.58
C ILE C 483 -36.46 -41.70 30.96
N MET C 484 -35.59 -40.72 31.26
CA MET C 484 -34.93 -40.64 32.56
C MET C 484 -35.95 -40.45 33.69
N TYR C 485 -36.51 -39.24 33.79
CA TYR C 485 -37.31 -38.84 34.94
C TYR C 485 -38.62 -39.60 35.08
N GLY C 486 -39.45 -39.52 34.04
CA GLY C 486 -40.78 -40.10 34.09
C GLY C 486 -41.65 -39.78 32.88
N THR C 487 -41.70 -38.51 32.50
CA THR C 487 -42.67 -38.00 31.53
C THR C 487 -42.28 -38.30 30.05
N ALA C 488 -42.20 -39.59 29.72
CA ALA C 488 -41.88 -40.04 28.36
C ALA C 488 -43.15 -40.19 27.50
N LYS C 489 -43.69 -41.41 27.39
CA LYS C 489 -44.91 -41.71 26.62
C LYS C 489 -44.91 -41.25 25.15
N ASN C 490 -43.80 -41.49 24.45
CA ASN C 490 -43.76 -41.40 22.99
C ASN C 490 -43.81 -42.81 22.42
N LYS C 491 -44.61 -43.00 21.37
CA LYS C 491 -44.83 -44.33 20.80
C LYS C 491 -43.66 -44.83 19.94
N PHE C 492 -43.03 -43.93 19.18
CA PHE C 492 -41.89 -44.32 18.31
C PHE C 492 -40.67 -43.39 18.34
N PHE C 493 -40.87 -42.07 18.30
CA PHE C 493 -39.77 -41.12 18.12
C PHE C 493 -38.91 -40.94 19.38
N TYR C 494 -37.68 -41.46 19.30
CA TYR C 494 -36.65 -41.21 20.31
C TYR C 494 -35.30 -41.00 19.61
N MET C 495 -34.31 -40.54 20.38
CA MET C 495 -32.98 -40.24 19.83
C MET C 495 -32.03 -41.44 19.89
N TYR C 496 -32.26 -42.36 20.83
CA TYR C 496 -31.47 -43.59 20.92
C TYR C 496 -31.66 -44.50 19.70
N VAL C 497 -32.89 -44.53 19.16
CA VAL C 497 -33.18 -45.25 17.91
C VAL C 497 -32.60 -44.51 16.70
N GLN C 498 -31.40 -44.90 16.30
CA GLN C 498 -30.69 -44.29 15.18
C GLN C 498 -31.30 -44.62 13.81
N GLU C 499 -32.11 -45.67 13.72
CA GLU C 499 -32.72 -46.10 12.46
C GLU C 499 -33.79 -45.14 11.91
N LEU C 500 -34.34 -44.28 12.77
CA LEU C 500 -35.28 -43.22 12.33
C LEU C 500 -34.66 -42.22 11.34
N ASN C 501 -33.33 -42.10 11.36
CA ASN C 501 -32.56 -41.32 10.38
C ASN C 501 -33.11 -41.36 8.95
N TYR C 502 -33.35 -42.56 8.44
CA TYR C 502 -33.78 -42.76 7.04
C TYR C 502 -35.27 -42.50 6.80
N LEU C 503 -36.09 -42.64 7.85
CA LEU C 503 -37.50 -42.22 7.81
C LEU C 503 -37.64 -40.69 7.75
N ILE C 504 -36.76 -39.99 8.47
CA ILE C 504 -36.72 -38.52 8.46
C ILE C 504 -36.33 -38.00 7.07
N ARG C 505 -35.32 -38.63 6.46
CA ARG C 505 -34.88 -38.28 5.11
C ARG C 505 -35.99 -38.43 4.04
N PHE C 506 -36.88 -39.40 4.23
CA PHE C 506 -38.00 -39.62 3.32
C PHE C 506 -39.11 -38.58 3.54
N PHE C 507 -39.63 -38.52 4.76
CA PHE C 507 -40.85 -37.76 5.07
C PHE C 507 -40.62 -36.31 5.55
N THR C 508 -39.41 -36.01 6.02
CA THR C 508 -39.09 -34.71 6.66
C THR C 508 -39.71 -34.59 8.07
N LEU C 509 -39.26 -33.57 8.80
CA LEU C 509 -39.75 -33.32 10.16
C LEU C 509 -41.11 -32.61 10.10
N ASN C 510 -41.21 -31.58 9.26
CA ASN C 510 -42.49 -30.92 8.97
C ASN C 510 -43.34 -31.84 8.10
N SER C 511 -44.03 -32.77 8.77
CA SER C 511 -44.88 -33.76 8.11
C SER C 511 -45.83 -34.39 9.12
N PRO C 512 -47.09 -34.71 8.72
CA PRO C 512 -48.08 -35.26 9.67
C PRO C 512 -47.68 -36.54 10.43
N ILE C 513 -46.71 -37.30 9.90
CA ILE C 513 -46.25 -38.54 10.53
C ILE C 513 -45.39 -38.24 11.77
N LEU C 514 -44.40 -37.36 11.63
CA LEU C 514 -43.39 -37.13 12.68
C LEU C 514 -43.50 -35.80 13.45
N HIS C 515 -44.31 -34.86 12.99
CA HIS C 515 -44.35 -33.49 13.56
C HIS C 515 -44.77 -33.46 15.03
N GLY C 516 -45.92 -34.06 15.32
CA GLY C 516 -46.46 -34.12 16.68
C GLY C 516 -45.62 -34.95 17.64
N GLU C 517 -45.06 -36.04 17.14
CA GLU C 517 -44.22 -36.93 17.94
C GLU C 517 -42.85 -36.31 18.26
N LEU C 518 -42.29 -35.57 17.30
CA LEU C 518 -41.02 -34.85 17.49
C LEU C 518 -41.17 -33.71 18.50
N GLU C 519 -42.22 -32.91 18.36
CA GLU C 519 -42.45 -31.76 19.25
C GLU C 519 -42.75 -32.15 20.71
N GLU C 520 -43.14 -33.39 20.95
CA GLU C 520 -43.19 -33.95 22.31
C GLU C 520 -41.78 -34.13 22.86
N MET C 521 -40.95 -34.89 22.14
CA MET C 521 -39.54 -35.15 22.51
C MET C 521 -38.79 -33.87 22.92
N LEU C 522 -38.94 -32.82 22.12
CA LEU C 522 -38.28 -31.53 22.38
C LEU C 522 -38.88 -30.77 23.56
N LYS C 523 -40.21 -30.81 23.69
CA LYS C 523 -40.90 -30.19 24.84
C LYS C 523 -40.52 -30.83 26.18
N GLN C 524 -40.38 -32.16 26.19
CA GLN C 524 -39.93 -32.89 27.37
C GLN C 524 -38.47 -32.57 27.70
N HIS C 525 -37.63 -32.49 26.66
CA HIS C 525 -36.20 -32.21 26.82
C HIS C 525 -35.91 -30.80 27.32
N THR C 526 -36.64 -29.81 26.82
CA THR C 526 -36.45 -28.41 27.23
C THR C 526 -36.90 -28.14 28.65
N HIS C 527 -38.14 -28.54 28.96
CA HIS C 527 -38.75 -28.31 30.28
C HIS C 527 -37.94 -28.97 31.41
N LEU C 528 -37.50 -30.20 31.19
CA LEU C 528 -36.67 -30.92 32.16
C LEU C 528 -35.25 -30.36 32.27
N PHE C 529 -34.67 -29.95 31.14
CA PHE C 529 -33.33 -29.34 31.13
C PHE C 529 -33.31 -27.98 31.84
N LEU C 530 -34.32 -27.15 31.56
CA LEU C 530 -34.45 -25.85 32.22
C LEU C 530 -34.74 -25.98 33.72
N GLN C 531 -35.62 -26.91 34.10
CA GLN C 531 -36.00 -27.12 35.49
C GLN C 531 -34.89 -27.78 36.30
N HIS C 532 -34.45 -28.96 35.86
CA HIS C 532 -33.52 -29.79 36.65
C HIS C 532 -32.03 -29.50 36.40
N TYR C 533 -31.65 -29.32 35.13
CA TYR C 533 -30.24 -29.18 34.75
C TYR C 533 -29.70 -27.74 34.74
N GLN C 534 -30.49 -26.80 34.21
CA GLN C 534 -30.07 -25.39 34.14
C GLN C 534 -30.22 -24.65 35.48
N SER C 535 -31.02 -25.18 36.41
CA SER C 535 -31.14 -24.60 37.76
C SER C 535 -29.82 -24.53 38.54
N LYS C 536 -28.91 -25.48 38.27
CA LYS C 536 -27.61 -25.54 38.94
C LYS C 536 -26.72 -24.30 38.65
N MET C 537 -26.86 -23.72 37.45
CA MET C 537 -25.98 -22.63 37.01
C MET C 537 -26.23 -21.32 37.74
N ASN C 538 -27.47 -21.07 38.17
CA ASN C 538 -27.77 -19.96 39.09
C ASN C 538 -27.15 -20.21 40.46
N ALA C 539 -27.15 -21.47 40.89
CA ALA C 539 -26.53 -21.89 42.14
C ALA C 539 -24.99 -21.78 42.11
N ILE C 540 -24.35 -22.66 41.35
CA ILE C 540 -22.88 -22.81 41.39
C ILE C 540 -22.10 -21.53 41.13
N LYS C 541 -21.71 -20.84 42.21
CA LYS C 541 -20.90 -19.62 42.14
C LYS C 541 -19.75 -19.69 43.16
N SER C 542 -19.01 -20.79 43.09
CA SER C 542 -17.92 -21.08 44.04
C SER C 542 -16.73 -21.74 43.34
N GLU C 543 -15.58 -21.69 44.01
CA GLU C 543 -14.36 -22.34 43.52
C GLU C 543 -14.50 -23.88 43.58
N LYS C 544 -13.98 -24.54 42.56
CA LYS C 544 -14.10 -26.01 42.38
C LYS C 544 -15.47 -26.49 41.87
N ASP C 545 -16.44 -25.58 41.74
CA ASP C 545 -17.71 -25.86 41.05
C ASP C 545 -17.84 -25.09 39.74
N VAL C 546 -17.36 -23.84 39.70
CA VAL C 546 -17.24 -23.06 38.48
C VAL C 546 -16.23 -23.71 37.51
N LYS C 547 -15.13 -24.21 38.06
CA LYS C 547 -14.13 -24.95 37.26
C LYS C 547 -14.67 -26.30 36.77
N ALA C 548 -15.45 -26.97 37.62
CA ALA C 548 -16.11 -28.23 37.25
C ALA C 548 -17.16 -28.02 36.15
N LEU C 549 -17.86 -26.89 36.20
CA LEU C 549 -18.80 -26.49 35.13
C LEU C 549 -18.09 -26.24 33.80
N LYS C 550 -16.94 -25.59 33.85
CA LYS C 550 -16.16 -25.28 32.65
C LYS C 550 -15.68 -26.57 31.96
N ASN C 551 -14.95 -27.41 32.70
CA ASN C 551 -14.42 -28.68 32.18
C ASN C 551 -15.52 -29.60 31.63
N LEU C 552 -16.73 -29.53 32.19
CA LEU C 552 -17.90 -30.22 31.63
C LEU C 552 -18.30 -29.63 30.28
N LEU C 553 -18.44 -28.29 30.23
CA LEU C 553 -18.88 -27.60 29.01
C LEU C 553 -17.86 -27.62 27.87
N TYR C 554 -16.56 -27.64 28.20
CA TYR C 554 -15.51 -27.68 27.19
C TYR C 554 -15.45 -29.04 26.47
N SER C 555 -15.61 -30.13 27.22
CA SER C 555 -15.71 -31.47 26.64
C SER C 555 -16.98 -31.68 25.79
N CYS C 556 -18.05 -30.93 26.09
CA CYS C 556 -19.28 -30.97 25.29
C CYS C 556 -19.15 -30.37 23.89
N LYS C 557 -18.16 -29.50 23.67
CA LYS C 557 -17.88 -28.96 22.32
C LYS C 557 -17.42 -30.04 21.34
N ARG C 558 -16.67 -31.02 21.83
CA ARG C 558 -16.10 -32.10 20.99
C ARG C 558 -17.19 -33.06 20.50
N ALA C 559 -17.87 -33.73 21.44
CA ALA C 559 -18.96 -34.64 21.08
C ALA C 559 -20.22 -33.84 20.77
N VAL C 560 -20.77 -34.03 19.56
CA VAL C 560 -21.95 -33.28 19.10
C VAL C 560 -23.19 -33.80 19.82
N ASP D 8 -7.32 -24.37 -54.79
CA ASP D 8 -5.85 -24.14 -54.56
C ASP D 8 -5.44 -24.66 -53.18
N HIS D 9 -4.19 -25.14 -53.06
CA HIS D 9 -3.61 -25.71 -51.82
C HIS D 9 -4.51 -26.74 -51.10
N LYS D 10 -5.41 -27.40 -51.85
CA LYS D 10 -6.57 -28.09 -51.30
C LYS D 10 -6.19 -29.26 -50.38
N GLY D 11 -5.46 -30.22 -50.94
CA GLY D 11 -4.98 -31.39 -50.19
C GLY D 11 -3.47 -31.41 -50.12
N ARG D 12 -2.87 -30.25 -49.85
CA ARG D 12 -1.41 -30.11 -49.88
C ARG D 12 -0.79 -30.73 -48.63
N VAL D 13 0.12 -31.68 -48.84
CA VAL D 13 0.65 -32.53 -47.77
C VAL D 13 1.81 -31.85 -47.04
N GLY D 14 1.84 -32.04 -45.73
CA GLY D 14 2.94 -31.57 -44.87
C GLY D 14 3.21 -32.55 -43.75
N HIS D 15 4.29 -32.31 -43.00
CA HIS D 15 4.70 -33.18 -41.90
C HIS D 15 4.96 -32.36 -40.65
N VAL D 16 4.68 -32.96 -39.48
CA VAL D 16 4.79 -32.27 -38.20
C VAL D 16 6.26 -32.08 -37.81
N SER D 17 6.69 -30.81 -37.78
CA SER D 17 8.09 -30.45 -37.51
C SER D 17 8.43 -30.47 -36.02
N GLN D 18 7.52 -29.94 -35.20
CA GLN D 18 7.76 -29.81 -33.74
C GLN D 18 6.44 -29.73 -32.97
N VAL D 19 6.41 -30.36 -31.79
CA VAL D 19 5.21 -30.40 -30.94
C VAL D 19 5.57 -30.00 -29.50
N ILE D 20 5.20 -28.77 -29.15
CA ILE D 20 5.39 -28.23 -27.79
C ILE D 20 4.01 -27.81 -27.26
N GLY D 21 3.34 -28.73 -26.58
CA GLY D 21 2.00 -28.49 -26.04
C GLY D 21 0.95 -28.49 -27.13
N ALA D 22 -0.01 -27.56 -27.02
CA ALA D 22 -1.02 -27.35 -28.07
C ALA D 22 -0.44 -26.71 -29.33
N VAL D 23 0.67 -25.96 -29.18
CA VAL D 23 1.35 -25.34 -30.31
C VAL D 23 2.18 -26.37 -31.08
N VAL D 24 1.93 -26.48 -32.39
CA VAL D 24 2.55 -27.48 -33.26
C VAL D 24 3.04 -26.83 -34.56
N ASP D 25 4.30 -27.09 -34.92
CA ASP D 25 4.88 -26.62 -36.18
C ASP D 25 4.70 -27.69 -37.27
N VAL D 26 4.47 -27.25 -38.51
CA VAL D 26 4.25 -28.17 -39.65
C VAL D 26 5.12 -27.73 -40.83
N HIS D 27 5.90 -28.68 -41.37
CA HIS D 27 6.72 -28.46 -42.56
C HIS D 27 5.96 -28.90 -43.82
N PHE D 28 5.79 -27.99 -44.78
CA PHE D 28 5.18 -28.30 -46.08
C PHE D 28 6.23 -28.25 -47.18
N ALA D 29 6.24 -29.26 -48.05
CA ALA D 29 7.25 -29.37 -49.11
C ALA D 29 7.06 -28.31 -50.21
N ASP D 30 5.82 -28.11 -50.65
CA ASP D 30 5.48 -27.17 -51.72
C ASP D 30 4.95 -25.84 -51.17
N GLY D 31 5.65 -25.29 -50.17
CA GLY D 31 5.25 -24.03 -49.53
C GLY D 31 4.14 -24.21 -48.50
N VAL D 32 4.09 -23.27 -47.55
CA VAL D 32 3.10 -23.30 -46.47
C VAL D 32 1.75 -22.76 -46.98
N PRO D 33 0.62 -23.28 -46.46
CA PRO D 33 -0.66 -22.64 -46.72
C PRO D 33 -0.79 -21.20 -46.17
N PRO D 34 -1.94 -20.53 -46.42
CA PRO D 34 -2.15 -19.22 -45.82
C PRO D 34 -2.34 -19.26 -44.30
N VAL D 35 -2.49 -18.09 -43.70
CA VAL D 35 -2.68 -17.96 -42.25
C VAL D 35 -4.14 -18.29 -41.94
N LEU D 36 -4.38 -18.84 -40.75
CA LEU D 36 -5.72 -19.29 -40.30
C LEU D 36 -6.26 -20.52 -41.04
N THR D 37 -5.38 -21.22 -41.77
CA THR D 37 -5.79 -22.37 -42.59
C THR D 37 -5.88 -23.62 -41.71
N ALA D 38 -7.03 -24.30 -41.78
CA ALA D 38 -7.24 -25.53 -41.01
C ALA D 38 -6.52 -26.70 -41.68
N LEU D 39 -5.95 -27.59 -40.85
CA LEU D 39 -5.18 -28.74 -41.31
C LEU D 39 -5.61 -30.00 -40.54
N ASP D 40 -6.01 -31.04 -41.26
CA ASP D 40 -6.35 -32.33 -40.64
C ASP D 40 -5.10 -33.22 -40.55
N VAL D 41 -4.87 -33.80 -39.38
CA VAL D 41 -3.76 -34.75 -39.17
C VAL D 41 -4.24 -36.14 -39.59
N VAL D 42 -3.80 -36.58 -40.77
CA VAL D 42 -4.27 -37.83 -41.38
C VAL D 42 -3.68 -39.07 -40.73
N ASP D 43 -2.46 -38.96 -40.17
CA ASP D 43 -1.72 -40.09 -39.60
C ASP D 43 -2.50 -40.77 -38.46
N LYS D 44 -2.33 -42.08 -38.33
CA LYS D 44 -3.30 -42.93 -37.61
C LYS D 44 -3.22 -42.85 -36.09
N LEU D 45 -2.05 -43.20 -35.52
CA LEU D 45 -1.81 -43.15 -34.07
C LEU D 45 -2.79 -44.06 -33.30
N GLY D 46 -2.81 -43.94 -31.97
CA GLY D 46 -3.76 -44.69 -31.14
C GLY D 46 -4.92 -43.84 -30.66
N ARG D 47 -5.33 -42.86 -31.45
CA ARG D 47 -6.32 -41.87 -31.02
C ARG D 47 -7.76 -42.42 -31.05
N ASP D 48 -8.58 -41.89 -30.14
CA ASP D 48 -10.04 -42.09 -30.18
C ASP D 48 -10.74 -40.98 -30.98
N GLU D 49 -10.21 -39.75 -30.89
CA GLU D 49 -10.79 -38.57 -31.56
C GLU D 49 -9.77 -37.95 -32.53
N PRO D 50 -10.25 -37.25 -33.58
CA PRO D 50 -9.33 -36.68 -34.57
C PRO D 50 -8.57 -35.45 -34.05
N LEU D 51 -7.57 -35.01 -34.84
CA LEU D 51 -6.79 -33.82 -34.53
C LEU D 51 -6.83 -32.85 -35.71
N THR D 52 -7.14 -31.59 -35.44
CA THR D 52 -7.21 -30.53 -36.46
C THR D 52 -6.42 -29.31 -36.00
N LEU D 53 -5.45 -28.89 -36.81
CA LEU D 53 -4.56 -27.78 -36.48
C LEU D 53 -4.89 -26.55 -37.32
N GLU D 54 -4.91 -25.37 -36.69
CA GLU D 54 -5.08 -24.09 -37.40
C GLU D 54 -3.76 -23.34 -37.39
N ILE D 55 -3.29 -22.94 -38.57
CA ILE D 55 -2.04 -22.18 -38.70
C ILE D 55 -2.27 -20.76 -38.16
N VAL D 56 -1.45 -20.34 -37.21
CA VAL D 56 -1.48 -18.97 -36.66
C VAL D 56 -0.34 -18.11 -37.20
N GLN D 57 0.86 -18.68 -37.28
CA GLN D 57 2.05 -17.98 -37.76
C GLN D 57 2.76 -18.75 -38.87
N HIS D 58 3.62 -18.03 -39.59
CA HIS D 58 4.58 -18.64 -40.51
C HIS D 58 5.97 -18.37 -39.95
N LEU D 59 6.82 -19.41 -39.97
CA LEU D 59 8.22 -19.30 -39.52
C LEU D 59 9.14 -19.04 -40.71
N ASP D 60 8.98 -19.84 -41.76
CA ASP D 60 9.67 -19.64 -43.04
C ASP D 60 8.72 -19.97 -44.20
N ALA D 61 9.23 -19.94 -45.43
CA ALA D 61 8.44 -20.27 -46.62
C ALA D 61 7.86 -21.70 -46.63
N HIS D 62 8.56 -22.64 -45.98
CA HIS D 62 8.17 -24.05 -45.93
C HIS D 62 7.59 -24.54 -44.59
N THR D 63 7.69 -23.74 -43.52
CA THR D 63 7.24 -24.12 -42.18
C THR D 63 6.18 -23.15 -41.64
N GLY D 64 5.19 -23.67 -40.92
CA GLY D 64 4.11 -22.86 -40.34
C GLY D 64 3.68 -23.35 -38.96
N ARG D 65 3.59 -22.42 -38.01
CA ARG D 65 3.24 -22.73 -36.63
C ARG D 65 1.72 -22.70 -36.44
N CYS D 66 1.20 -23.66 -35.68
CA CYS D 66 -0.23 -23.89 -35.55
C CYS D 66 -0.68 -24.02 -34.09
N ILE D 67 -1.99 -24.18 -33.89
CA ILE D 67 -2.57 -24.50 -32.58
C ILE D 67 -3.58 -25.65 -32.71
N ALA D 68 -3.56 -26.56 -31.75
CA ALA D 68 -4.40 -27.75 -31.79
C ALA D 68 -5.78 -27.48 -31.19
N MET D 69 -6.82 -27.91 -31.90
CA MET D 69 -8.20 -27.78 -31.40
C MET D 69 -8.57 -28.94 -30.47
N GLN D 70 -8.02 -30.13 -30.73
CA GLN D 70 -8.09 -31.26 -29.81
C GLN D 70 -6.75 -31.42 -29.11
N THR D 71 -6.68 -32.39 -28.18
CA THR D 71 -5.43 -32.70 -27.47
C THR D 71 -4.34 -33.19 -28.43
N THR D 72 -3.07 -32.90 -28.07
CA THR D 72 -1.91 -33.30 -28.89
C THR D 72 -1.23 -34.58 -28.38
N ASP D 73 -2.00 -35.44 -27.71
CA ASP D 73 -1.48 -36.71 -27.18
C ASP D 73 -1.21 -37.69 -28.33
N LEU D 74 -0.19 -38.53 -28.11
CA LEU D 74 0.23 -39.57 -29.07
C LEU D 74 0.74 -39.06 -30.44
N LEU D 75 1.01 -37.76 -30.56
CA LEU D 75 1.43 -37.17 -31.83
C LEU D 75 2.94 -37.35 -32.00
N LYS D 76 3.33 -38.20 -32.94
CA LYS D 76 4.75 -38.41 -33.28
C LYS D 76 5.25 -37.30 -34.21
N LEU D 77 6.56 -37.12 -34.25
CA LEU D 77 7.20 -36.22 -35.23
C LEU D 77 7.11 -36.83 -36.62
N LYS D 78 7.15 -35.98 -37.64
CA LYS D 78 7.04 -36.37 -39.06
C LYS D 78 5.70 -37.05 -39.42
N ALA D 79 4.63 -36.73 -38.67
CA ALA D 79 3.31 -37.30 -38.92
C ALA D 79 2.64 -36.57 -40.09
N LYS D 80 1.96 -37.32 -40.96
CA LYS D 80 1.33 -36.76 -42.16
C LYS D 80 0.19 -35.79 -41.81
N VAL D 81 0.23 -34.60 -42.41
CA VAL D 81 -0.80 -33.55 -42.21
C VAL D 81 -1.23 -33.02 -43.57
N VAL D 82 -2.53 -32.80 -43.73
CA VAL D 82 -3.12 -32.35 -45.01
C VAL D 82 -4.04 -31.15 -44.78
N SER D 83 -4.02 -30.20 -45.72
CA SER D 83 -4.86 -29.01 -45.65
C SER D 83 -6.33 -29.33 -45.93
N THR D 84 -7.22 -28.44 -45.50
CA THR D 84 -8.66 -28.57 -45.74
C THR D 84 -9.12 -27.85 -47.00
N GLY D 85 -8.53 -26.69 -47.28
CA GLY D 85 -8.97 -25.83 -48.39
C GLY D 85 -8.96 -24.36 -47.99
N GLY D 86 -9.34 -24.10 -46.74
CA GLY D 86 -9.33 -22.74 -46.19
C GLY D 86 -9.38 -22.75 -44.67
N ASN D 87 -10.13 -21.81 -44.11
CA ASN D 87 -10.29 -21.70 -42.65
C ASN D 87 -11.14 -22.85 -42.11
N ILE D 88 -11.26 -22.93 -40.79
CA ILE D 88 -12.16 -23.89 -40.16
C ILE D 88 -13.58 -23.48 -40.56
N SER D 89 -14.34 -24.44 -41.11
CA SER D 89 -15.68 -24.18 -41.63
C SER D 89 -16.76 -24.70 -40.67
N VAL D 90 -17.80 -23.89 -40.47
CA VAL D 90 -18.86 -24.18 -39.49
C VAL D 90 -20.24 -24.07 -40.19
N PRO D 91 -21.18 -25.00 -39.89
CA PRO D 91 -22.50 -24.94 -40.56
C PRO D 91 -23.38 -23.78 -40.09
N VAL D 92 -24.23 -23.30 -40.99
CA VAL D 92 -25.10 -22.14 -40.74
C VAL D 92 -26.51 -22.37 -41.28
N GLY D 93 -27.43 -21.45 -40.94
CA GLY D 93 -28.81 -21.51 -41.39
C GLY D 93 -29.75 -22.15 -40.37
N ARG D 94 -31.00 -22.35 -40.76
CA ARG D 94 -32.06 -22.81 -39.84
C ARG D 94 -31.93 -24.28 -39.42
N GLU D 95 -31.12 -25.05 -40.16
CA GLU D 95 -30.85 -26.45 -39.81
C GLU D 95 -29.99 -26.58 -38.55
N THR D 96 -29.24 -25.53 -38.22
CA THR D 96 -28.45 -25.49 -36.98
C THR D 96 -29.30 -25.30 -35.72
N LEU D 97 -30.46 -24.64 -35.86
CA LEU D 97 -31.33 -24.35 -34.72
C LEU D 97 -31.81 -25.62 -34.01
N GLY D 98 -31.67 -25.64 -32.69
CA GLY D 98 -32.01 -26.80 -31.85
C GLY D 98 -30.82 -27.67 -31.50
N ARG D 99 -29.78 -27.65 -32.33
CA ARG D 99 -28.64 -28.56 -32.19
C ARG D 99 -27.52 -27.92 -31.35
N ILE D 100 -26.70 -28.78 -30.74
CA ILE D 100 -25.49 -28.36 -30.02
C ILE D 100 -24.28 -28.60 -30.92
N PHE D 101 -23.27 -27.72 -30.83
CA PHE D 101 -22.06 -27.80 -31.64
C PHE D 101 -20.79 -27.60 -30.82
N ASN D 102 -19.66 -27.98 -31.39
CA ASN D 102 -18.32 -27.69 -30.84
C ASN D 102 -17.64 -26.61 -31.68
N VAL D 103 -16.40 -26.26 -31.32
CA VAL D 103 -15.63 -25.24 -32.05
C VAL D 103 -15.54 -25.47 -33.57
N LEU D 104 -15.39 -26.72 -33.98
CA LEU D 104 -15.26 -27.09 -35.40
C LEU D 104 -16.59 -27.04 -36.16
N GLY D 105 -17.69 -27.30 -35.47
CA GLY D 105 -19.02 -27.37 -36.08
C GLY D 105 -19.60 -28.76 -36.21
N ASP D 106 -19.01 -29.73 -35.52
CA ASP D 106 -19.55 -31.09 -35.46
C ASP D 106 -20.64 -31.15 -34.39
N ALA D 107 -21.72 -31.86 -34.68
CA ALA D 107 -22.84 -31.99 -33.74
C ALA D 107 -22.46 -32.89 -32.58
N ILE D 108 -22.63 -32.39 -31.35
CA ILE D 108 -22.23 -33.12 -30.12
C ILE D 108 -23.41 -33.53 -29.25
N ASP D 109 -24.58 -33.71 -29.87
CA ASP D 109 -25.84 -34.02 -29.15
C ASP D 109 -26.47 -35.37 -29.54
N GLN D 110 -25.81 -36.15 -30.40
CA GLN D 110 -26.22 -37.52 -30.74
C GLN D 110 -27.62 -37.64 -31.38
N ARG D 111 -28.06 -36.59 -32.09
CA ARG D 111 -29.38 -36.58 -32.73
C ARG D 111 -29.26 -36.57 -34.27
N GLY D 112 -28.49 -37.51 -34.79
CA GLY D 112 -28.32 -37.67 -36.24
C GLY D 112 -27.49 -36.57 -36.89
N PRO D 113 -27.33 -36.66 -38.23
CA PRO D 113 -26.57 -35.64 -38.96
C PRO D 113 -27.37 -34.35 -39.15
N VAL D 114 -26.68 -33.21 -39.13
CA VAL D 114 -27.32 -31.90 -39.34
C VAL D 114 -27.70 -31.71 -40.81
N GLY D 115 -28.75 -30.93 -41.05
CA GLY D 115 -29.24 -30.67 -42.40
C GLY D 115 -28.43 -29.67 -43.24
N GLU D 116 -27.46 -29.00 -42.61
CA GLU D 116 -26.64 -27.91 -43.18
C GLU D 116 -27.03 -27.40 -44.60
N LYS D 117 -26.25 -27.75 -45.63
CA LYS D 117 -26.40 -27.25 -47.00
C LYS D 117 -25.57 -25.98 -47.28
N LEU D 118 -24.91 -25.43 -46.26
CA LEU D 118 -23.85 -24.43 -46.44
C LEU D 118 -22.97 -24.35 -45.19
N ARG D 119 -21.69 -24.03 -45.40
CA ARG D 119 -20.72 -23.84 -44.33
C ARG D 119 -19.95 -22.54 -44.57
N MET D 120 -19.73 -21.79 -43.49
CA MET D 120 -19.00 -20.51 -43.53
C MET D 120 -17.71 -20.60 -42.71
N PRO D 121 -16.69 -19.80 -43.07
CA PRO D 121 -15.43 -19.82 -42.31
C PRO D 121 -15.55 -19.10 -40.97
N ILE D 122 -14.83 -19.60 -39.96
CA ILE D 122 -14.87 -19.00 -38.61
C ILE D 122 -14.28 -17.60 -38.54
N HIS D 123 -13.21 -17.36 -39.29
CA HIS D 123 -12.50 -16.07 -39.29
C HIS D 123 -12.98 -15.13 -40.40
N ALA D 124 -14.16 -14.53 -40.18
CA ALA D 124 -14.69 -13.50 -41.07
C ALA D 124 -14.11 -12.14 -40.72
N VAL D 125 -14.18 -11.20 -41.65
CA VAL D 125 -13.71 -9.83 -41.45
C VAL D 125 -14.85 -8.98 -40.88
N ALA D 126 -14.51 -8.02 -40.04
CA ALA D 126 -15.50 -7.15 -39.40
C ALA D 126 -16.08 -6.16 -40.42
N PRO D 127 -17.38 -5.78 -40.26
CA PRO D 127 -18.01 -4.76 -41.10
C PRO D 127 -17.26 -3.41 -41.17
N LYS D 128 -17.37 -2.74 -42.31
CA LYS D 128 -16.78 -1.41 -42.51
C LYS D 128 -17.67 -0.33 -41.85
N LEU D 129 -17.21 0.92 -41.90
CA LEU D 129 -17.95 2.07 -41.36
C LEU D 129 -19.31 2.25 -42.04
N ALA D 130 -19.36 2.06 -43.35
CA ALA D 130 -20.59 2.20 -44.14
C ALA D 130 -21.69 1.19 -43.77
N ASP D 131 -21.28 0.00 -43.31
CA ASP D 131 -22.23 -1.04 -42.91
C ASP D 131 -22.91 -0.78 -41.55
N GLN D 132 -22.33 0.08 -40.71
CA GLN D 132 -22.85 0.34 -39.36
C GLN D 132 -24.19 1.09 -39.42
N ALA D 133 -25.06 0.80 -38.45
CA ALA D 133 -26.33 1.54 -38.29
C ALA D 133 -26.82 1.52 -36.84
N ALA D 134 -27.33 2.67 -36.37
CA ALA D 134 -27.79 2.84 -34.99
C ALA D 134 -29.31 2.84 -34.93
N GLU D 135 -29.89 1.90 -34.17
CA GLU D 135 -31.33 1.83 -33.92
C GLU D 135 -31.61 1.94 -32.41
N ASP D 136 -31.80 3.18 -31.94
CA ASP D 136 -31.86 3.46 -30.50
C ASP D 136 -33.23 3.22 -29.86
N ALA D 137 -33.51 1.96 -29.58
CA ALA D 137 -34.75 1.52 -28.91
C ALA D 137 -34.40 0.75 -27.64
N VAL D 138 -35.23 0.90 -26.61
CA VAL D 138 -34.96 0.27 -25.31
C VAL D 138 -35.39 -1.19 -25.33
N LEU D 139 -34.49 -2.08 -24.92
CA LEU D 139 -34.81 -3.49 -24.70
C LEU D 139 -35.16 -3.68 -23.23
N THR D 140 -36.46 -3.75 -22.94
CA THR D 140 -36.96 -3.91 -21.58
C THR D 140 -36.63 -5.31 -21.03
N THR D 141 -35.63 -5.38 -20.16
CA THR D 141 -35.18 -6.65 -19.57
C THR D 141 -36.08 -7.16 -18.44
N GLY D 142 -37.00 -6.33 -17.94
CA GLY D 142 -37.85 -6.71 -16.82
C GLY D 142 -37.13 -6.73 -15.48
N ILE D 143 -35.99 -6.04 -15.40
CA ILE D 143 -35.16 -6.00 -14.19
C ILE D 143 -34.98 -4.53 -13.80
N LYS D 144 -35.15 -4.24 -12.52
CA LYS D 144 -35.25 -2.85 -12.04
C LYS D 144 -33.96 -2.06 -12.17
N VAL D 145 -32.85 -2.64 -11.69
CA VAL D 145 -31.55 -1.93 -11.73
C VAL D 145 -31.07 -1.66 -13.16
N ILE D 146 -31.33 -2.61 -14.07
CA ILE D 146 -30.90 -2.49 -15.46
C ILE D 146 -31.79 -1.48 -16.19
N ASP D 147 -33.09 -1.75 -16.25
CA ASP D 147 -34.04 -0.92 -17.00
C ASP D 147 -34.05 0.56 -16.58
N LEU D 148 -33.85 0.83 -15.29
CA LEU D 148 -33.87 2.19 -14.77
C LEU D 148 -32.55 2.92 -15.00
N ILE D 149 -31.44 2.33 -14.56
CA ILE D 149 -30.15 3.03 -14.44
C ILE D 149 -29.23 2.85 -15.67
N LEU D 150 -29.14 1.62 -16.17
CA LEU D 150 -28.26 1.30 -17.32
C LEU D 150 -29.02 0.50 -18.39
N PRO D 151 -30.09 1.08 -18.96
CA PRO D 151 -30.99 0.33 -19.84
C PRO D 151 -30.31 -0.24 -21.07
N TYR D 152 -30.55 -1.53 -21.34
CA TYR D 152 -29.98 -2.20 -22.51
C TYR D 152 -30.78 -1.78 -23.73
N CYS D 153 -30.07 -1.43 -24.82
CA CYS D 153 -30.71 -1.01 -26.06
C CYS D 153 -30.81 -2.16 -27.06
N LYS D 154 -31.70 -1.99 -28.04
CA LYS D 154 -31.80 -2.93 -29.17
C LYS D 154 -30.57 -2.75 -30.05
N GLY D 155 -29.95 -3.87 -30.42
CA GLY D 155 -28.71 -3.86 -31.18
C GLY D 155 -27.44 -3.66 -30.36
N GLY D 156 -27.59 -3.54 -29.04
CA GLY D 156 -26.49 -3.19 -28.16
C GLY D 156 -25.58 -4.37 -27.85
N LYS D 157 -24.30 -4.09 -27.74
CA LYS D 157 -23.34 -5.01 -27.15
C LYS D 157 -23.31 -4.67 -25.66
N ILE D 158 -23.63 -5.68 -24.85
CA ILE D 158 -23.83 -5.50 -23.41
C ILE D 158 -22.83 -6.43 -22.71
N GLY D 159 -22.24 -5.94 -21.62
CA GLY D 159 -21.23 -6.70 -20.87
C GLY D 159 -21.55 -6.75 -19.40
N LEU D 160 -21.46 -7.95 -18.82
CA LEU D 160 -21.68 -8.19 -17.40
C LEU D 160 -20.34 -8.45 -16.71
N PHE D 161 -19.76 -7.40 -16.15
CA PHE D 161 -18.49 -7.46 -15.46
C PHE D 161 -18.69 -7.84 -13.99
N GLY D 162 -17.96 -8.86 -13.53
CA GLY D 162 -17.95 -9.19 -12.11
C GLY D 162 -16.98 -10.32 -11.79
N GLY D 163 -16.56 -10.36 -10.52
CA GLY D 163 -15.66 -11.39 -10.03
C GLY D 163 -16.33 -12.75 -9.86
N ALA D 164 -15.59 -13.71 -9.32
CA ALA D 164 -16.07 -15.09 -9.21
C ALA D 164 -17.23 -15.22 -8.22
N GLY D 165 -18.36 -15.74 -8.71
CA GLY D 165 -19.53 -16.01 -7.89
C GLY D 165 -20.31 -14.78 -7.45
N VAL D 166 -20.65 -13.93 -8.42
CA VAL D 166 -21.37 -12.67 -8.14
C VAL D 166 -22.78 -12.58 -8.76
N GLY D 167 -23.06 -13.42 -9.77
CA GLY D 167 -24.33 -13.39 -10.49
C GLY D 167 -24.29 -13.06 -11.98
N LYS D 168 -23.23 -13.44 -12.68
CA LYS D 168 -23.15 -13.25 -14.13
C LYS D 168 -23.99 -14.31 -14.83
N THR D 169 -23.67 -15.59 -14.55
CA THR D 169 -24.42 -16.73 -15.09
C THR D 169 -25.91 -16.71 -14.70
N VAL D 170 -26.21 -16.18 -13.53
CA VAL D 170 -27.60 -16.02 -13.08
C VAL D 170 -28.33 -14.96 -13.90
N ILE D 171 -27.68 -13.82 -14.16
CA ILE D 171 -28.26 -12.72 -14.94
C ILE D 171 -28.46 -13.09 -16.42
N ILE D 172 -27.51 -13.82 -17.01
CA ILE D 172 -27.69 -14.33 -18.40
C ILE D 172 -28.88 -15.26 -18.50
N MET D 173 -29.05 -16.15 -17.53
CA MET D 173 -30.18 -17.09 -17.51
C MET D 173 -31.52 -16.37 -17.33
N GLU D 174 -31.54 -15.32 -16.50
CA GLU D 174 -32.74 -14.50 -16.30
C GLU D 174 -33.09 -13.70 -17.57
N LEU D 175 -32.08 -13.21 -18.28
CA LEU D 175 -32.30 -12.52 -19.56
C LEU D 175 -32.83 -13.45 -20.65
N ILE D 176 -32.40 -14.71 -20.64
CA ILE D 176 -32.92 -15.75 -21.54
C ILE D 176 -34.40 -16.05 -21.23
N ASN D 177 -34.75 -16.03 -19.95
CA ASN D 177 -36.15 -16.13 -19.53
C ASN D 177 -36.93 -14.88 -19.94
N ASN D 178 -36.41 -13.72 -19.55
CA ASN D 178 -37.13 -12.44 -19.69
C ASN D 178 -37.24 -11.90 -21.12
N VAL D 179 -36.24 -12.15 -21.97
CA VAL D 179 -36.15 -11.49 -23.28
C VAL D 179 -36.11 -12.48 -24.45
N ALA D 180 -35.27 -13.52 -24.34
CA ALA D 180 -35.04 -14.46 -25.44
C ALA D 180 -36.20 -15.39 -25.78
N LYS D 181 -37.13 -15.61 -24.84
CA LYS D 181 -38.30 -16.46 -25.07
C LYS D 181 -39.34 -15.79 -25.96
N GLY D 182 -39.75 -14.57 -25.60
CA GLY D 182 -40.74 -13.82 -26.38
C GLY D 182 -40.17 -13.03 -27.54
N HIS D 183 -39.27 -13.66 -28.31
CA HIS D 183 -38.47 -12.98 -29.34
C HIS D 183 -38.66 -13.69 -30.67
N GLY D 184 -39.11 -12.96 -31.69
CA GLY D 184 -39.26 -13.49 -33.05
C GLY D 184 -37.96 -13.88 -33.75
N GLY D 185 -36.84 -13.35 -33.26
CA GLY D 185 -35.51 -13.74 -33.74
C GLY D 185 -35.02 -15.03 -33.12
N PHE D 186 -33.91 -15.53 -33.65
CA PHE D 186 -33.23 -16.71 -33.11
C PHE D 186 -32.18 -16.26 -32.10
N SER D 187 -31.51 -17.22 -31.46
CA SER D 187 -30.45 -16.93 -30.49
C SER D 187 -29.28 -17.91 -30.63
N VAL D 188 -28.10 -17.44 -30.23
CA VAL D 188 -26.87 -18.25 -30.24
C VAL D 188 -26.19 -18.11 -28.88
N PHE D 189 -25.72 -19.23 -28.33
CA PHE D 189 -25.02 -19.24 -27.04
C PHE D 189 -23.59 -19.76 -27.18
N ALA D 190 -22.63 -18.85 -27.11
CA ALA D 190 -21.21 -19.21 -27.09
C ALA D 190 -20.79 -19.58 -25.67
N GLY D 191 -20.74 -20.88 -25.40
CA GLY D 191 -20.19 -21.40 -24.13
C GLY D 191 -18.68 -21.39 -24.20
N VAL D 192 -18.09 -20.20 -24.02
CA VAL D 192 -16.65 -20.01 -24.17
C VAL D 192 -15.95 -20.31 -22.84
N GLY D 193 -15.32 -21.48 -22.78
CA GLY D 193 -14.48 -21.91 -21.67
C GLY D 193 -15.11 -21.96 -20.30
N GLU D 194 -16.41 -22.21 -20.22
CA GLU D 194 -17.15 -22.25 -18.95
C GLU D 194 -17.51 -23.70 -18.58
N ARG D 195 -18.31 -23.88 -17.53
CA ARG D 195 -18.58 -25.20 -16.96
C ARG D 195 -19.43 -26.06 -17.88
N THR D 196 -18.94 -27.28 -18.15
CA THR D 196 -19.68 -28.28 -18.93
C THR D 196 -21.02 -28.63 -18.27
N ARG D 197 -21.03 -28.70 -16.94
CA ARG D 197 -22.25 -28.97 -16.16
C ARG D 197 -23.31 -27.86 -16.25
N GLU D 198 -22.88 -26.60 -16.39
CA GLU D 198 -23.82 -25.48 -16.62
C GLU D 198 -24.48 -25.56 -18.00
N GLY D 199 -23.76 -26.12 -18.97
CA GLY D 199 -24.30 -26.36 -20.31
C GLY D 199 -25.45 -27.35 -20.39
N THR D 200 -25.47 -28.32 -19.47
CA THR D 200 -26.55 -29.31 -19.41
C THR D 200 -27.84 -28.66 -18.93
N ASP D 201 -27.73 -27.87 -17.85
CA ASP D 201 -28.87 -27.21 -17.23
C ASP D 201 -29.56 -26.20 -18.17
N LEU D 202 -28.77 -25.53 -19.02
CA LEU D 202 -29.32 -24.66 -20.05
C LEU D 202 -30.06 -25.46 -21.12
N TYR D 203 -29.47 -26.57 -21.55
CA TYR D 203 -30.07 -27.43 -22.59
C TYR D 203 -31.38 -28.05 -22.13
N LEU D 204 -31.44 -28.49 -20.87
CA LEU D 204 -32.65 -29.08 -20.31
C LEU D 204 -33.75 -28.04 -20.07
N GLU D 205 -33.39 -26.91 -19.46
CA GLU D 205 -34.35 -25.85 -19.14
C GLU D 205 -34.96 -25.21 -20.40
N MET D 206 -34.17 -25.13 -21.47
CA MET D 206 -34.68 -24.69 -22.78
C MET D 206 -35.60 -25.73 -23.44
N MET D 207 -35.28 -27.02 -23.26
CA MET D 207 -36.14 -28.11 -23.73
C MET D 207 -37.48 -28.19 -22.97
N GLN D 208 -37.45 -27.92 -21.67
CA GLN D 208 -38.68 -27.86 -20.86
C GLN D 208 -39.57 -26.68 -21.24
N SER D 209 -38.96 -25.50 -21.42
CA SER D 209 -39.68 -24.30 -21.83
C SER D 209 -40.00 -24.23 -23.33
N LYS D 210 -39.41 -25.12 -24.12
CA LYS D 210 -39.68 -25.26 -25.56
C LYS D 210 -39.22 -24.06 -26.40
N VAL D 211 -38.04 -23.53 -26.09
CA VAL D 211 -37.33 -22.61 -26.98
C VAL D 211 -36.48 -23.46 -27.94
N ILE D 212 -35.92 -24.55 -27.44
CA ILE D 212 -35.42 -25.66 -28.26
C ILE D 212 -36.50 -26.73 -28.26
N ASP D 213 -36.82 -27.24 -29.46
CA ASP D 213 -37.85 -28.28 -29.61
C ASP D 213 -37.31 -29.39 -30.53
N LEU D 214 -37.46 -30.64 -30.08
CA LEU D 214 -36.96 -31.81 -30.81
C LEU D 214 -37.86 -32.13 -32.00
N LYS D 215 -39.15 -32.28 -31.72
CA LYS D 215 -40.15 -32.64 -32.73
C LYS D 215 -40.52 -31.50 -33.68
N GLY D 216 -40.46 -30.26 -33.20
CA GLY D 216 -40.96 -29.08 -33.93
C GLY D 216 -39.96 -27.96 -34.09
N GLU D 217 -40.45 -26.72 -33.99
CA GLU D 217 -39.67 -25.52 -34.28
C GLU D 217 -38.75 -25.14 -33.12
N SER D 218 -37.47 -24.89 -33.43
CA SER D 218 -36.48 -24.45 -32.46
C SER D 218 -36.05 -23.01 -32.72
N LYS D 219 -35.68 -22.29 -31.67
CA LYS D 219 -35.24 -20.89 -31.76
C LYS D 219 -33.97 -20.63 -30.94
N CYS D 220 -33.04 -21.59 -30.96
CA CYS D 220 -31.75 -21.44 -30.26
C CYS D 220 -30.65 -22.31 -30.87
N VAL D 221 -29.42 -21.82 -30.84
CA VAL D 221 -28.23 -22.58 -31.25
C VAL D 221 -27.23 -22.59 -30.08
N LEU D 222 -26.61 -23.74 -29.85
CA LEU D 222 -25.64 -23.89 -28.77
C LEU D 222 -24.28 -24.27 -29.34
N VAL D 223 -23.26 -23.47 -29.05
CA VAL D 223 -21.88 -23.75 -29.46
C VAL D 223 -20.99 -23.70 -28.22
N TYR D 224 -20.48 -24.86 -27.81
CA TYR D 224 -19.79 -25.01 -26.53
C TYR D 224 -18.32 -25.41 -26.71
N GLY D 225 -17.44 -24.68 -26.06
CA GLY D 225 -16.00 -25.01 -25.99
C GLY D 225 -15.53 -24.83 -24.58
N GLN D 226 -15.77 -25.82 -23.74
CA GLN D 226 -15.72 -25.67 -22.27
C GLN D 226 -14.33 -25.90 -21.66
N MET D 227 -14.24 -25.68 -20.35
CA MET D 227 -12.99 -25.79 -19.58
C MET D 227 -12.16 -27.05 -19.85
N ASN D 228 -12.84 -28.18 -20.04
CA ASN D 228 -12.17 -29.46 -20.37
C ASN D 228 -11.36 -29.42 -21.67
N GLU D 229 -11.80 -28.60 -22.64
CA GLU D 229 -11.14 -28.51 -23.95
C GLU D 229 -9.80 -27.74 -23.83
N PRO D 230 -8.84 -28.03 -24.73
CA PRO D 230 -7.56 -27.30 -24.76
C PRO D 230 -7.71 -25.84 -25.24
N PRO D 231 -6.66 -25.01 -25.04
CA PRO D 231 -6.75 -23.57 -25.34
C PRO D 231 -7.12 -23.19 -26.79
N GLY D 232 -6.69 -23.98 -27.76
CA GLY D 232 -6.99 -23.73 -29.17
C GLY D 232 -8.47 -23.70 -29.48
N ALA D 233 -9.22 -24.63 -28.88
CA ALA D 233 -10.67 -24.67 -29.03
C ALA D 233 -11.33 -23.52 -28.30
N ARG D 234 -10.98 -23.33 -27.03
CA ARG D 234 -11.57 -22.29 -26.17
C ARG D 234 -11.33 -20.88 -26.72
N ALA D 235 -10.21 -20.69 -27.41
CA ALA D 235 -9.95 -19.43 -28.11
C ALA D 235 -10.91 -19.25 -29.28
N ARG D 236 -10.95 -20.24 -30.17
CA ARG D 236 -11.68 -20.13 -31.44
C ARG D 236 -13.20 -20.33 -31.35
N VAL D 237 -13.69 -20.93 -30.26
CA VAL D 237 -15.12 -21.26 -30.11
C VAL D 237 -16.06 -20.04 -30.05
N ALA D 238 -15.54 -18.91 -29.59
CA ALA D 238 -16.31 -17.66 -29.62
C ALA D 238 -16.65 -17.23 -31.04
N GLN D 239 -15.68 -17.37 -31.95
CA GLN D 239 -15.87 -17.03 -33.37
C GLN D 239 -16.83 -17.98 -34.10
N SER D 240 -16.84 -19.25 -33.71
CA SER D 240 -17.70 -20.26 -34.34
C SER D 240 -19.19 -19.89 -34.18
N ALA D 241 -19.56 -19.54 -32.94
CA ALA D 241 -20.91 -19.08 -32.64
C ALA D 241 -21.25 -17.78 -33.37
N LEU D 242 -20.27 -16.87 -33.41
CA LEU D 242 -20.43 -15.58 -34.07
C LEU D 242 -20.64 -15.69 -35.59
N THR D 243 -20.09 -16.74 -36.20
CA THR D 243 -20.30 -17.02 -37.63
C THR D 243 -21.76 -17.40 -37.92
N MET D 244 -22.35 -18.19 -37.02
CA MET D 244 -23.75 -18.63 -37.15
C MET D 244 -24.71 -17.44 -36.99
N ALA D 245 -24.44 -16.59 -36.00
CA ALA D 245 -25.21 -15.35 -35.80
C ALA D 245 -25.04 -14.37 -36.97
N GLU D 246 -23.85 -14.34 -37.57
CA GLU D 246 -23.59 -13.51 -38.76
C GLU D 246 -24.39 -13.94 -39.98
N TYR D 247 -24.69 -15.24 -40.10
CA TYR D 247 -25.54 -15.74 -41.19
C TYR D 247 -26.98 -15.24 -41.03
N PHE D 248 -27.52 -15.35 -39.82
CA PHE D 248 -28.87 -14.85 -39.52
C PHE D 248 -28.97 -13.33 -39.64
N ARG D 249 -27.87 -12.63 -39.38
CA ARG D 249 -27.79 -11.18 -39.53
C ARG D 249 -27.72 -10.78 -41.01
N ASP D 250 -26.69 -11.25 -41.71
CA ASP D 250 -26.40 -10.77 -43.07
C ASP D 250 -27.29 -11.40 -44.14
N VAL D 251 -27.37 -12.73 -44.17
CA VAL D 251 -28.07 -13.45 -45.23
C VAL D 251 -29.59 -13.39 -45.02
N GLU D 252 -30.06 -13.90 -43.88
CA GLU D 252 -31.50 -13.94 -43.59
C GLU D 252 -32.10 -12.58 -43.19
N GLY D 253 -31.25 -11.61 -42.82
CA GLY D 253 -31.70 -10.25 -42.54
C GLY D 253 -32.63 -10.18 -41.35
N GLN D 254 -32.08 -10.31 -40.14
CA GLN D 254 -32.89 -10.55 -38.96
C GLN D 254 -32.26 -10.00 -37.68
N ASP D 255 -33.11 -9.69 -36.70
CA ASP D 255 -32.69 -9.32 -35.35
C ASP D 255 -32.33 -10.60 -34.59
N VAL D 256 -31.10 -10.66 -34.07
CA VAL D 256 -30.56 -11.87 -33.43
C VAL D 256 -29.91 -11.54 -32.09
N LEU D 257 -29.97 -12.50 -31.16
CA LEU D 257 -29.28 -12.41 -29.87
C LEU D 257 -28.04 -13.30 -29.85
N LEU D 258 -26.99 -12.83 -29.19
CA LEU D 258 -25.76 -13.60 -28.97
C LEU D 258 -25.46 -13.61 -27.48
N PHE D 259 -25.00 -14.76 -26.97
CA PHE D 259 -24.71 -14.92 -25.55
C PHE D 259 -23.35 -15.55 -25.34
N ILE D 260 -22.36 -14.72 -25.00
CA ILE D 260 -20.99 -15.17 -24.77
C ILE D 260 -20.73 -15.22 -23.26
N ASP D 261 -20.70 -16.44 -22.72
CA ASP D 261 -20.31 -16.70 -21.33
C ASP D 261 -19.13 -17.68 -21.37
N ASN D 262 -17.87 -17.23 -21.18
CA ASN D 262 -17.45 -15.90 -20.77
C ASN D 262 -16.41 -15.34 -21.75
N ILE D 263 -16.44 -14.03 -22.00
CA ILE D 263 -15.53 -13.39 -22.95
C ILE D 263 -14.08 -13.26 -22.42
N PHE D 264 -13.93 -13.28 -21.10
CA PHE D 264 -12.60 -13.36 -20.47
C PHE D 264 -11.87 -14.66 -20.87
N ARG D 265 -12.63 -15.76 -20.97
CA ARG D 265 -12.06 -17.07 -21.31
C ARG D 265 -11.50 -17.14 -22.73
N PHE D 266 -12.01 -16.27 -23.61
CA PHE D 266 -11.41 -16.07 -24.94
C PHE D 266 -10.01 -15.45 -24.80
N THR D 267 -9.94 -14.34 -24.08
CA THR D 267 -8.68 -13.63 -23.83
C THR D 267 -7.67 -14.50 -23.07
N GLN D 268 -8.17 -15.24 -22.07
CA GLN D 268 -7.34 -16.15 -21.28
C GLN D 268 -6.82 -17.34 -22.11
N ALA D 269 -7.67 -17.87 -22.99
CA ALA D 269 -7.26 -18.95 -23.90
C ALA D 269 -6.15 -18.52 -24.86
N ASN D 270 -6.27 -17.30 -25.39
CA ASN D 270 -5.23 -16.71 -26.23
C ASN D 270 -3.93 -16.43 -25.46
N SER D 271 -4.06 -16.09 -24.17
CA SER D 271 -2.91 -15.90 -23.28
C SER D 271 -2.07 -17.17 -23.08
N GLU D 272 -2.67 -18.35 -23.22
CA GLU D 272 -1.95 -19.62 -23.09
C GLU D 272 -1.11 -19.91 -24.34
N VAL D 273 -1.77 -19.87 -25.51
CA VAL D 273 -1.08 -20.10 -26.79
C VAL D 273 0.01 -19.05 -27.05
N SER D 274 -0.30 -17.78 -26.76
CA SER D 274 0.63 -16.67 -27.02
C SER D 274 1.97 -16.84 -26.33
N ALA D 275 1.96 -17.42 -25.12
CA ALA D 275 3.22 -17.76 -24.43
C ALA D 275 4.00 -18.83 -25.20
N LEU D 276 3.31 -19.92 -25.57
CA LEU D 276 3.94 -21.04 -26.29
C LEU D 276 4.35 -20.70 -27.72
N LEU D 277 3.67 -19.73 -28.34
CA LEU D 277 4.07 -19.21 -29.67
C LEU D 277 5.37 -18.40 -29.65
N GLY D 278 5.81 -17.96 -28.47
CA GLY D 278 7.10 -17.28 -28.32
C GLY D 278 7.01 -15.77 -28.33
N ARG D 279 5.82 -15.23 -28.07
CA ARG D 279 5.64 -13.78 -27.91
C ARG D 279 6.02 -13.37 -26.49
N ILE D 280 6.58 -12.18 -26.35
CA ILE D 280 6.90 -11.62 -25.04
C ILE D 280 5.60 -11.08 -24.43
N PRO D 281 5.27 -11.47 -23.18
CA PRO D 281 4.01 -11.00 -22.58
C PRO D 281 4.03 -9.52 -22.20
N ALA D 282 2.87 -8.88 -22.27
CA ALA D 282 2.70 -7.46 -21.97
C ALA D 282 2.42 -7.30 -20.46
N ALA D 283 1.62 -6.29 -20.09
CA ALA D 283 1.25 -6.06 -18.68
C ALA D 283 0.46 -7.23 -18.10
N VAL D 284 0.75 -7.56 -16.84
CA VAL D 284 0.10 -8.63 -16.07
C VAL D 284 0.06 -10.00 -16.80
N GLY D 285 1.14 -10.30 -17.54
CA GLY D 285 1.31 -11.59 -18.21
C GLY D 285 0.33 -11.99 -19.31
N TYR D 286 -0.43 -11.03 -19.85
CA TYR D 286 -1.31 -11.29 -20.98
C TYR D 286 -0.52 -11.19 -22.28
N GLN D 287 -1.12 -11.70 -23.35
CA GLN D 287 -0.57 -11.55 -24.69
C GLN D 287 -0.42 -10.08 -25.09
N PRO D 288 0.61 -9.75 -25.89
CA PRO D 288 0.76 -8.38 -26.39
C PRO D 288 -0.33 -7.94 -27.37
N THR D 289 -0.99 -8.92 -28.01
CA THR D 289 -2.10 -8.67 -28.94
C THR D 289 -3.48 -8.73 -28.24
N LEU D 290 -3.55 -8.35 -26.96
CA LEU D 290 -4.79 -8.47 -26.19
C LEU D 290 -5.90 -7.57 -26.71
N ALA D 291 -5.55 -6.30 -26.97
CA ALA D 291 -6.49 -5.32 -27.53
C ALA D 291 -6.89 -5.65 -28.97
N GLU D 292 -5.95 -6.21 -29.73
CA GLU D 292 -6.20 -6.61 -31.12
C GLU D 292 -7.07 -7.86 -31.23
N ASP D 293 -6.86 -8.82 -30.33
CA ASP D 293 -7.69 -10.04 -30.27
C ASP D 293 -9.16 -9.72 -30.00
N LEU D 294 -9.41 -8.91 -28.98
CA LEU D 294 -10.76 -8.41 -28.69
C LEU D 294 -11.31 -7.53 -29.81
N GLY D 295 -10.45 -6.73 -30.42
CA GLY D 295 -10.81 -5.87 -31.54
C GLY D 295 -11.50 -6.59 -32.69
N GLN D 296 -10.81 -7.59 -33.25
CA GLN D 296 -11.33 -8.36 -34.38
C GLN D 296 -12.56 -9.22 -34.05
N LEU D 297 -12.68 -9.62 -32.79
CA LEU D 297 -13.84 -10.41 -32.32
C LEU D 297 -15.05 -9.50 -32.08
N GLN D 298 -14.87 -8.47 -31.27
CA GLN D 298 -15.97 -7.59 -30.84
C GLN D 298 -16.54 -6.69 -31.94
N GLU D 299 -15.70 -6.32 -32.91
CA GLU D 299 -16.15 -5.49 -34.04
C GLU D 299 -17.08 -6.22 -35.00
N ARG D 300 -16.90 -7.54 -35.12
CA ARG D 300 -17.84 -8.40 -35.86
C ARG D 300 -19.22 -8.44 -35.20
N ILE D 301 -19.26 -8.35 -33.87
CA ILE D 301 -20.50 -8.28 -33.11
C ILE D 301 -21.03 -6.84 -33.19
N THR D 302 -21.90 -6.58 -34.16
CA THR D 302 -22.48 -5.24 -34.34
C THR D 302 -23.73 -5.26 -35.23
N SER D 303 -24.53 -4.21 -35.09
CA SER D 303 -25.73 -4.03 -35.91
C SER D 303 -25.37 -3.46 -37.27
N THR D 304 -25.46 -4.29 -38.30
CA THR D 304 -25.21 -3.88 -39.68
C THR D 304 -26.48 -3.27 -40.29
N THR D 305 -26.37 -2.83 -41.54
CA THR D 305 -27.54 -2.44 -42.33
C THR D 305 -28.40 -3.64 -42.72
N LYS D 306 -27.78 -4.81 -42.85
CA LYS D 306 -28.48 -6.04 -43.28
C LYS D 306 -29.33 -6.66 -42.16
N GLY D 307 -28.78 -6.73 -40.95
CA GLY D 307 -29.48 -7.27 -39.78
C GLY D 307 -29.06 -6.59 -38.49
N SER D 308 -29.18 -7.29 -37.38
CA SER D 308 -28.86 -6.71 -36.06
C SER D 308 -28.56 -7.74 -34.99
N ILE D 309 -27.29 -7.82 -34.57
CA ILE D 309 -26.90 -8.62 -33.40
C ILE D 309 -27.11 -7.78 -32.14
N THR D 310 -27.63 -8.41 -31.10
CA THR D 310 -27.82 -7.81 -29.78
C THR D 310 -27.18 -8.73 -28.73
N SER D 311 -25.89 -8.51 -28.48
CA SER D 311 -25.06 -9.45 -27.70
C SER D 311 -25.00 -9.10 -26.23
N VAL D 312 -25.45 -10.03 -25.39
CA VAL D 312 -25.12 -10.01 -23.96
C VAL D 312 -23.85 -10.82 -23.77
N GLN D 313 -22.90 -10.27 -23.02
CA GLN D 313 -21.66 -10.99 -22.71
C GLN D 313 -21.43 -11.00 -21.21
N ALA D 314 -20.81 -12.06 -20.71
CA ALA D 314 -20.31 -12.13 -19.34
C ALA D 314 -18.82 -11.82 -19.39
N VAL D 315 -18.36 -11.05 -18.40
CA VAL D 315 -16.94 -10.68 -18.30
C VAL D 315 -16.43 -10.96 -16.89
N TYR D 316 -15.50 -11.91 -16.78
CA TYR D 316 -14.88 -12.24 -15.50
C TYR D 316 -13.82 -11.20 -15.17
N VAL D 317 -13.94 -10.63 -13.97
CA VAL D 317 -12.96 -9.67 -13.44
C VAL D 317 -12.04 -10.46 -12.51
N PRO D 318 -10.80 -10.76 -12.94
CA PRO D 318 -9.93 -11.64 -12.16
C PRO D 318 -9.44 -10.96 -10.88
N ALA D 319 -9.57 -11.66 -9.75
CA ALA D 319 -9.16 -11.17 -8.43
C ALA D 319 -9.91 -9.90 -7.99
N ASP D 320 -11.13 -9.72 -8.52
CA ASP D 320 -11.92 -8.50 -8.35
C ASP D 320 -11.14 -7.21 -8.65
N ASP D 321 -10.27 -7.29 -9.67
CA ASP D 321 -9.42 -6.17 -10.06
C ASP D 321 -9.92 -5.64 -11.41
N ILE D 322 -10.73 -4.59 -11.35
CA ILE D 322 -11.34 -4.00 -12.54
C ILE D 322 -10.32 -3.26 -13.43
N THR D 323 -9.18 -2.86 -12.84
CA THR D 323 -8.08 -2.23 -13.60
C THR D 323 -7.28 -3.22 -14.45
N ASP D 324 -7.44 -4.53 -14.20
CA ASP D 324 -6.85 -5.59 -15.04
C ASP D 324 -7.16 -5.36 -16.53
N PRO D 325 -6.19 -5.59 -17.43
CA PRO D 325 -6.37 -5.46 -18.89
C PRO D 325 -7.57 -6.17 -19.52
N ALA D 326 -7.89 -7.37 -19.06
CA ALA D 326 -8.94 -8.19 -19.70
C ALA D 326 -10.35 -7.59 -19.64
N PRO D 327 -10.79 -7.09 -18.47
CA PRO D 327 -12.03 -6.29 -18.46
C PRO D 327 -11.85 -4.86 -18.95
N ALA D 328 -10.78 -4.18 -18.51
CA ALA D 328 -10.53 -2.76 -18.83
C ALA D 328 -10.54 -2.47 -20.34
N THR D 329 -9.94 -3.36 -21.11
CA THR D 329 -9.94 -3.27 -22.58
C THR D 329 -11.34 -3.51 -23.15
N THR D 330 -12.09 -4.44 -22.56
CA THR D 330 -13.46 -4.76 -23.00
C THR D 330 -14.45 -3.61 -22.80
N PHE D 331 -14.30 -2.87 -21.70
CA PHE D 331 -15.22 -1.75 -21.36
C PHE D 331 -15.47 -0.74 -22.49
N SER D 332 -14.42 -0.43 -23.25
CA SER D 332 -14.50 0.50 -24.38
C SER D 332 -15.44 0.04 -25.49
N HIS D 333 -15.54 -1.28 -25.70
CA HIS D 333 -16.38 -1.83 -26.77
C HIS D 333 -17.89 -1.81 -26.50
N LEU D 334 -18.31 -1.69 -25.24
CA LEU D 334 -19.71 -1.97 -24.84
C LEU D 334 -20.64 -0.77 -24.82
N ASP D 335 -21.94 -1.02 -25.01
CA ASP D 335 -22.98 0.01 -25.02
C ASP D 335 -23.66 0.22 -23.66
N ALA D 336 -23.93 -0.91 -22.99
CA ALA D 336 -24.38 -0.93 -21.61
C ALA D 336 -23.41 -1.79 -20.80
N THR D 337 -22.62 -1.13 -19.94
CA THR D 337 -21.66 -1.81 -19.08
C THR D 337 -22.29 -2.08 -17.72
N THR D 338 -22.51 -3.36 -17.42
CA THR D 338 -23.08 -3.79 -16.13
C THR D 338 -21.94 -4.29 -15.23
N VAL D 339 -21.78 -3.65 -14.07
CA VAL D 339 -20.70 -3.97 -13.13
C VAL D 339 -21.30 -4.57 -11.85
N LEU D 340 -20.85 -5.79 -11.53
CA LEU D 340 -21.30 -6.51 -10.34
C LEU D 340 -20.22 -6.49 -9.27
N ASP D 341 -20.61 -6.12 -8.05
CA ASP D 341 -19.67 -5.96 -6.92
C ASP D 341 -19.93 -7.05 -5.88
N ARG D 342 -18.83 -7.55 -5.29
CA ARG D 342 -18.89 -8.63 -4.31
C ARG D 342 -19.48 -8.18 -2.97
N ALA D 343 -19.08 -6.99 -2.52
CA ALA D 343 -19.59 -6.41 -1.26
C ALA D 343 -21.10 -6.17 -1.30
N VAL D 344 -21.63 -5.86 -2.48
CA VAL D 344 -23.07 -5.68 -2.68
C VAL D 344 -23.78 -7.04 -2.60
N ALA D 345 -23.17 -8.09 -3.16
CA ALA D 345 -23.70 -9.45 -3.09
C ALA D 345 -23.74 -10.00 -1.66
N GLU D 346 -22.62 -9.84 -0.95
CA GLU D 346 -22.49 -10.33 0.43
C GLU D 346 -23.36 -9.57 1.45
N SER D 347 -23.70 -8.31 1.13
CA SER D 347 -24.61 -7.53 1.98
C SER D 347 -26.07 -8.00 1.90
N GLY D 348 -26.44 -8.70 0.84
CA GLY D 348 -27.79 -9.25 0.66
C GLY D 348 -28.53 -8.83 -0.60
N ILE D 349 -28.01 -7.84 -1.31
CA ILE D 349 -28.65 -7.29 -2.50
C ILE D 349 -28.32 -8.16 -3.73
N TYR D 350 -29.34 -8.83 -4.28
CA TYR D 350 -29.22 -9.57 -5.54
C TYR D 350 -30.29 -9.06 -6.52
N PRO D 351 -29.96 -8.78 -7.78
CA PRO D 351 -28.63 -8.94 -8.36
C PRO D 351 -27.64 -7.93 -7.80
N ALA D 352 -26.35 -8.26 -7.84
CA ALA D 352 -25.32 -7.51 -7.12
C ALA D 352 -24.78 -6.31 -7.92
N VAL D 353 -25.67 -5.55 -8.54
CA VAL D 353 -25.29 -4.49 -9.48
C VAL D 353 -24.95 -3.21 -8.71
N ASN D 354 -23.69 -2.80 -8.79
CA ASN D 354 -23.23 -1.51 -8.25
C ASN D 354 -23.53 -0.42 -9.28
N PRO D 355 -24.57 0.40 -9.05
CA PRO D 355 -25.06 1.28 -10.12
C PRO D 355 -24.16 2.48 -10.47
N LEU D 356 -23.23 2.85 -9.59
CA LEU D 356 -22.35 3.99 -9.83
C LEU D 356 -21.25 3.69 -10.86
N GLU D 357 -20.67 2.49 -10.78
CA GLU D 357 -19.68 2.04 -11.77
C GLU D 357 -20.30 1.63 -13.12
N CYS D 358 -21.61 1.36 -13.14
CA CYS D 358 -22.34 1.04 -14.37
C CYS D 358 -22.53 2.28 -15.26
N ALA D 359 -22.85 2.01 -16.53
CA ALA D 359 -23.21 3.07 -17.48
C ALA D 359 -23.92 2.48 -18.71
N SER D 360 -24.69 3.34 -19.39
CA SER D 360 -25.35 3.00 -20.65
C SER D 360 -25.34 4.19 -21.60
N ARG D 361 -25.18 3.91 -22.90
CA ARG D 361 -25.15 4.98 -23.91
C ARG D 361 -26.53 5.61 -24.08
N ILE D 362 -27.58 4.79 -24.07
CA ILE D 362 -28.96 5.25 -24.24
C ILE D 362 -29.58 5.94 -23.01
N MET D 363 -28.85 6.01 -21.90
CA MET D 363 -29.24 6.87 -20.76
C MET D 363 -29.13 8.34 -21.21
N ASP D 364 -30.16 8.79 -21.93
CA ASP D 364 -30.15 10.08 -22.64
C ASP D 364 -31.60 10.54 -22.86
N PRO D 365 -31.90 11.84 -22.61
CA PRO D 365 -33.26 12.38 -22.85
C PRO D 365 -33.82 12.20 -24.27
N ASP D 366 -32.96 12.07 -25.27
CA ASP D 366 -33.38 11.89 -26.67
C ASP D 366 -33.95 10.48 -26.91
N VAL D 367 -33.23 9.46 -26.45
CA VAL D 367 -33.60 8.06 -26.68
C VAL D 367 -34.77 7.66 -25.78
N ILE D 368 -34.52 7.56 -24.47
CA ILE D 368 -35.58 7.26 -23.50
C ILE D 368 -36.37 8.52 -23.18
N SER D 369 -37.51 8.36 -22.50
CA SER D 369 -38.38 9.49 -22.17
C SER D 369 -37.73 10.42 -21.14
N VAL D 370 -38.24 11.65 -21.06
CA VAL D 370 -37.72 12.66 -20.13
C VAL D 370 -37.97 12.23 -18.67
N ASP D 371 -39.13 11.63 -18.42
CA ASP D 371 -39.49 11.10 -17.10
C ASP D 371 -38.58 9.94 -16.67
N HIS D 372 -38.12 9.13 -17.63
CA HIS D 372 -37.19 8.03 -17.38
C HIS D 372 -35.82 8.56 -16.94
N TYR D 373 -35.28 9.50 -17.72
CA TYR D 373 -33.96 10.09 -17.46
C TYR D 373 -33.91 10.83 -16.11
N ASN D 374 -34.91 11.67 -15.85
CA ASN D 374 -34.94 12.49 -14.64
C ASN D 374 -35.05 11.66 -13.35
N VAL D 375 -35.87 10.61 -13.38
CA VAL D 375 -36.01 9.70 -12.23
C VAL D 375 -34.74 8.89 -12.05
N ALA D 376 -34.20 8.35 -13.14
CA ALA D 376 -32.97 7.54 -13.11
C ALA D 376 -31.75 8.32 -12.58
N GLN D 377 -31.64 9.58 -12.97
CA GLN D 377 -30.56 10.45 -12.47
C GLN D 377 -30.68 10.74 -10.98
N ASP D 378 -31.91 10.94 -10.50
CA ASP D 378 -32.16 11.18 -9.06
C ASP D 378 -31.80 9.99 -8.17
N VAL D 379 -31.97 8.77 -8.68
CA VAL D 379 -31.52 7.56 -7.98
C VAL D 379 -30.00 7.54 -7.87
N VAL D 380 -29.32 7.88 -8.96
CA VAL D 380 -27.85 7.95 -8.99
C VAL D 380 -27.33 9.09 -8.11
N GLN D 381 -28.01 10.25 -8.15
CA GLN D 381 -27.67 11.39 -7.30
C GLN D 381 -27.84 11.09 -5.81
N MET D 382 -29.00 10.52 -5.45
CA MET D 382 -29.31 10.16 -4.05
C MET D 382 -28.34 9.13 -3.48
N LEU D 383 -28.00 8.12 -4.28
CA LEU D 383 -27.02 7.09 -3.88
C LEU D 383 -25.61 7.66 -3.72
N THR D 384 -25.26 8.68 -4.50
CA THR D 384 -23.97 9.36 -4.36
C THR D 384 -23.89 10.16 -3.06
N LYS D 385 -24.97 10.88 -2.73
CA LYS D 385 -25.09 11.55 -1.42
C LYS D 385 -25.07 10.56 -0.25
N TYR D 386 -25.72 9.42 -0.43
CA TYR D 386 -25.80 8.38 0.60
C TYR D 386 -24.45 7.79 0.98
N ARG D 387 -23.57 7.58 -0.01
CA ARG D 387 -22.22 7.07 0.24
C ARG D 387 -21.35 8.07 1.03
N GLU D 388 -21.57 9.37 0.79
CA GLU D 388 -20.91 10.42 1.56
C GLU D 388 -21.45 10.49 3.00
N LEU D 389 -22.76 10.37 3.15
CA LEU D 389 -23.41 10.32 4.47
C LEU D 389 -23.07 9.06 5.27
N GLN D 390 -22.86 7.94 4.58
CA GLN D 390 -22.46 6.67 5.23
C GLN D 390 -21.10 6.75 5.97
N ASP D 391 -20.19 7.57 5.44
CA ASP D 391 -18.90 7.81 6.10
C ASP D 391 -19.03 8.72 7.34
N ILE D 392 -20.01 9.62 7.32
CA ILE D 392 -20.28 10.53 8.44
C ILE D 392 -20.93 9.79 9.62
N ILE D 393 -21.90 8.91 9.33
CA ILE D 393 -22.56 8.11 10.38
C ILE D 393 -21.60 7.15 11.10
N ALA D 394 -20.63 6.60 10.37
CA ALA D 394 -19.61 5.73 10.96
C ALA D 394 -18.71 6.48 11.95
N VAL D 395 -18.34 7.71 11.59
CA VAL D 395 -17.50 8.56 12.45
C VAL D 395 -18.34 9.16 13.58
N LEU D 396 -19.29 10.02 13.23
CA LEU D 396 -20.08 10.77 14.21
C LEU D 396 -21.20 9.93 14.83
N GLY D 397 -22.19 9.60 14.01
CA GLY D 397 -23.38 8.85 14.46
C GLY D 397 -24.62 9.19 13.66
N ILE D 398 -25.65 8.36 13.79
CA ILE D 398 -26.93 8.55 13.07
C ILE D 398 -27.68 9.78 13.61
N ASP D 399 -27.61 10.00 14.91
CA ASP D 399 -28.28 11.14 15.57
C ASP D 399 -27.64 12.49 15.25
N GLU D 400 -26.34 12.48 14.89
CA GLU D 400 -25.61 13.72 14.59
C GLU D 400 -26.02 14.41 13.28
N LEU D 401 -26.63 13.67 12.35
CA LEU D 401 -27.04 14.22 11.06
C LEU D 401 -28.18 15.24 11.17
N SER D 402 -28.34 16.04 10.12
CA SER D 402 -29.38 17.07 10.06
C SER D 402 -30.78 16.46 9.87
N GLU D 403 -31.81 17.31 9.94
CA GLU D 403 -33.21 16.88 9.83
C GLU D 403 -33.56 16.42 8.41
N GLU D 404 -33.12 17.19 7.41
CA GLU D 404 -33.34 16.84 6.01
C GLU D 404 -32.48 15.64 5.56
N ASP D 405 -31.23 15.59 6.06
CA ASP D 405 -30.30 14.49 5.72
C ASP D 405 -30.74 13.13 6.26
N LYS D 406 -31.41 13.12 7.42
CA LYS D 406 -32.01 11.89 7.97
C LYS D 406 -33.07 11.30 7.04
N LEU D 407 -33.89 12.17 6.44
CA LEU D 407 -34.93 11.76 5.50
C LEU D 407 -34.35 11.25 4.18
N ILE D 408 -33.20 11.82 3.77
CA ILE D 408 -32.45 11.33 2.59
C ILE D 408 -31.91 9.92 2.84
N VAL D 409 -31.42 9.66 4.06
CA VAL D 409 -30.93 8.33 4.44
C VAL D 409 -32.06 7.29 4.44
N ASP D 410 -33.22 7.66 5.00
CA ASP D 410 -34.39 6.77 5.00
C ASP D 410 -34.87 6.38 3.60
N ARG D 411 -34.85 7.35 2.68
CA ARG D 411 -35.18 7.09 1.28
C ARG D 411 -34.08 6.32 0.55
N ALA D 412 -32.83 6.74 0.75
CA ALA D 412 -31.67 6.10 0.10
C ALA D 412 -31.47 4.65 0.55
N ARG D 413 -31.70 4.38 1.83
CA ARG D 413 -31.70 3.00 2.34
C ARG D 413 -32.77 2.15 1.67
N LYS D 414 -33.95 2.73 1.45
CA LYS D 414 -35.04 2.07 0.72
C LYS D 414 -34.73 1.90 -0.78
N LEU D 415 -34.03 2.87 -1.37
CA LEU D 415 -33.58 2.76 -2.77
C LEU D 415 -32.63 1.59 -3.00
N VAL D 416 -31.68 1.39 -2.08
CA VAL D 416 -30.73 0.27 -2.15
C VAL D 416 -31.46 -1.07 -2.02
N LYS D 417 -32.43 -1.13 -1.10
CA LYS D 417 -33.23 -2.33 -0.88
C LYS D 417 -34.18 -2.62 -2.06
N PHE D 418 -34.81 -1.57 -2.58
CA PHE D 418 -35.76 -1.69 -3.71
C PHE D 418 -35.07 -2.05 -5.04
N LEU D 419 -33.78 -1.74 -5.15
CA LEU D 419 -32.98 -2.16 -6.32
C LEU D 419 -32.76 -3.67 -6.40
N SER D 420 -32.85 -4.37 -5.26
CA SER D 420 -32.82 -5.84 -5.24
C SER D 420 -34.08 -6.42 -5.88
N GLN D 421 -33.96 -7.63 -6.43
CA GLN D 421 -35.05 -8.27 -7.15
C GLN D 421 -34.91 -9.80 -7.15
N PRO D 422 -35.98 -10.53 -6.78
CA PRO D 422 -35.93 -11.99 -6.82
C PRO D 422 -36.11 -12.48 -8.25
N PHE D 423 -35.12 -13.20 -8.76
CA PHE D 423 -35.11 -13.64 -10.15
C PHE D 423 -35.91 -14.94 -10.31
N GLN D 424 -36.55 -15.09 -11.46
CA GLN D 424 -37.38 -16.27 -11.76
C GLN D 424 -36.56 -17.55 -11.95
N VAL D 425 -35.37 -17.45 -12.55
CA VAL D 425 -34.45 -18.59 -12.64
C VAL D 425 -33.88 -18.96 -11.26
N ALA D 426 -33.70 -17.95 -10.40
CA ALA D 426 -33.20 -18.16 -9.04
C ALA D 426 -34.33 -18.31 -8.01
N GLU D 427 -35.20 -19.29 -8.25
CA GLU D 427 -36.22 -19.69 -7.25
C GLU D 427 -35.61 -20.65 -6.23
N VAL D 428 -34.70 -21.50 -6.70
CA VAL D 428 -33.94 -22.41 -5.83
C VAL D 428 -33.10 -21.65 -4.78
N PHE D 429 -32.46 -20.57 -5.20
CA PHE D 429 -31.58 -19.78 -4.32
C PHE D 429 -32.38 -18.93 -3.33
N THR D 430 -33.25 -18.08 -3.87
CA THR D 430 -34.01 -17.11 -3.05
C THR D 430 -35.14 -17.76 -2.23
N GLY D 431 -35.70 -18.86 -2.74
CA GLY D 431 -36.85 -19.50 -2.11
C GLY D 431 -38.15 -18.73 -2.26
N MET D 432 -38.23 -17.89 -3.30
CA MET D 432 -39.41 -17.08 -3.60
C MET D 432 -39.61 -17.00 -5.11
N THR D 433 -40.86 -16.88 -5.54
CA THR D 433 -41.21 -16.78 -6.96
C THR D 433 -40.66 -15.50 -7.58
N GLY D 434 -40.36 -15.54 -8.88
CA GLY D 434 -39.77 -14.41 -9.60
C GLY D 434 -40.70 -13.25 -9.83
N HIS D 435 -40.13 -12.14 -10.29
CA HIS D 435 -40.88 -10.90 -10.58
C HIS D 435 -40.36 -10.21 -11.84
N TYR D 436 -41.18 -10.22 -12.90
CA TYR D 436 -40.92 -9.39 -14.08
C TYR D 436 -41.54 -8.02 -13.82
N VAL D 437 -40.69 -7.01 -13.65
CA VAL D 437 -41.15 -5.65 -13.35
C VAL D 437 -41.17 -4.83 -14.65
N GLN D 438 -42.34 -4.29 -14.99
CA GLN D 438 -42.51 -3.51 -16.23
C GLN D 438 -41.78 -2.17 -16.16
N LEU D 439 -41.42 -1.64 -17.32
CA LEU D 439 -40.69 -0.37 -17.43
C LEU D 439 -41.52 0.80 -16.86
N ASP D 440 -42.82 0.78 -17.11
CA ASP D 440 -43.74 1.78 -16.55
C ASP D 440 -43.87 1.65 -15.03
N ASP D 441 -43.87 0.42 -14.53
CA ASP D 441 -43.90 0.15 -13.09
C ASP D 441 -42.59 0.60 -12.43
N THR D 442 -41.46 0.26 -13.05
CA THR D 442 -40.13 0.61 -12.52
C THR D 442 -39.94 2.13 -12.37
N ILE D 443 -40.35 2.89 -13.39
CA ILE D 443 -40.17 4.35 -13.38
C ILE D 443 -41.10 5.03 -12.36
N ASP D 444 -42.35 4.60 -12.32
CA ASP D 444 -43.35 5.19 -11.41
C ASP D 444 -43.07 4.92 -9.93
N SER D 445 -42.74 3.68 -9.60
CA SER D 445 -42.45 3.28 -8.21
C SER D 445 -41.23 4.00 -7.64
N PHE D 446 -40.15 4.07 -8.42
CA PHE D 446 -38.94 4.82 -8.04
C PHE D 446 -39.17 6.33 -7.98
N SER D 447 -40.01 6.86 -8.87
CA SER D 447 -40.37 8.28 -8.88
C SER D 447 -41.06 8.70 -7.59
N GLY D 448 -42.06 7.90 -7.18
CA GLY D 448 -42.79 8.14 -5.93
C GLY D 448 -41.96 8.04 -4.67
N LEU D 449 -40.97 7.14 -4.68
CA LEU D 449 -40.03 6.98 -3.55
C LEU D 449 -39.14 8.22 -3.38
N LEU D 450 -38.72 8.81 -4.49
CA LEU D 450 -37.94 10.07 -4.48
C LEU D 450 -38.76 11.27 -4.02
N MET D 451 -40.03 11.33 -4.44
CA MET D 451 -40.98 12.35 -3.96
C MET D 451 -41.18 12.30 -2.45
N GLY D 452 -41.19 11.08 -1.91
CA GLY D 452 -41.48 10.83 -0.49
C GLY D 452 -42.92 10.41 -0.24
N THR D 453 -43.54 9.75 -1.22
CA THR D 453 -44.90 9.24 -1.09
C THR D 453 -44.93 7.95 -0.27
N TYR D 454 -43.81 7.23 -0.22
CA TYR D 454 -43.68 5.97 0.53
C TYR D 454 -42.70 6.10 1.70
N ASP D 455 -42.76 7.24 2.41
CA ASP D 455 -41.94 7.45 3.61
C ASP D 455 -42.44 6.64 4.80
N GLN D 456 -43.77 6.54 4.94
CA GLN D 456 -44.39 5.75 6.01
C GLN D 456 -44.33 4.23 5.78
N VAL D 457 -44.02 3.81 4.55
CA VAL D 457 -43.82 2.39 4.24
C VAL D 457 -42.50 1.93 4.85
N PRO D 458 -42.48 0.76 5.54
CA PRO D 458 -41.24 0.30 6.18
C PRO D 458 -40.14 -0.13 5.19
N GLU D 459 -38.91 -0.23 5.68
CA GLU D 459 -37.74 -0.45 4.84
C GLU D 459 -37.67 -1.86 4.26
N MET D 460 -37.90 -2.86 5.11
CA MET D 460 -37.84 -4.27 4.68
C MET D 460 -38.96 -4.73 3.75
N ALA D 461 -40.00 -3.90 3.59
CA ALA D 461 -41.01 -4.12 2.54
C ALA D 461 -40.41 -4.03 1.14
N PHE D 462 -39.47 -3.11 0.94
CA PHE D 462 -38.81 -2.92 -0.36
C PHE D 462 -37.78 -3.98 -0.73
N TYR D 463 -37.25 -4.70 0.27
CA TYR D 463 -36.22 -5.72 0.05
C TYR D 463 -36.75 -6.97 -0.66
N MET D 464 -36.18 -7.27 -1.82
CA MET D 464 -36.46 -8.50 -2.59
C MET D 464 -37.94 -8.64 -2.95
N VAL D 465 -38.40 -7.69 -3.76
CA VAL D 465 -39.74 -7.69 -4.35
C VAL D 465 -39.66 -7.08 -5.75
N GLY D 466 -40.78 -7.09 -6.49
CA GLY D 466 -40.84 -6.51 -7.83
C GLY D 466 -41.22 -5.03 -7.80
N GLY D 467 -42.42 -4.72 -8.32
CA GLY D 467 -42.95 -3.37 -8.36
C GLY D 467 -43.67 -2.95 -7.09
N ILE D 468 -44.40 -1.84 -7.17
CA ILE D 468 -45.03 -1.22 -6.00
C ILE D 468 -46.16 -2.05 -5.38
N ASN D 469 -46.89 -2.81 -6.20
CA ASN D 469 -47.95 -3.71 -5.71
C ASN D 469 -47.43 -4.79 -4.78
N SER D 470 -46.27 -5.35 -5.11
CA SER D 470 -45.60 -6.35 -4.26
C SER D 470 -44.98 -5.75 -2.99
N VAL D 471 -44.58 -4.48 -3.06
CA VAL D 471 -44.07 -3.74 -1.90
C VAL D 471 -45.19 -3.52 -0.89
N LEU D 472 -46.31 -2.98 -1.35
CA LEU D 472 -47.50 -2.76 -0.51
C LEU D 472 -48.14 -4.06 -0.02
N GLU D 473 -48.00 -5.13 -0.79
CA GLU D 473 -48.45 -6.47 -0.36
C GLU D 473 -47.61 -7.00 0.80
N LYS D 474 -46.28 -6.88 0.69
CA LYS D 474 -45.37 -7.31 1.75
C LYS D 474 -45.49 -6.42 2.99
N ALA D 475 -45.73 -5.12 2.78
CA ALA D 475 -45.97 -4.17 3.88
C ALA D 475 -47.27 -4.46 4.64
N LYS D 476 -48.28 -4.96 3.93
CA LYS D 476 -49.53 -5.41 4.56
C LYS D 476 -49.30 -6.66 5.40
N LYS D 477 -48.54 -7.63 4.86
CA LYS D 477 -48.16 -8.84 5.60
C LYS D 477 -47.30 -8.54 6.83
N MET D 478 -46.41 -7.55 6.71
CA MET D 478 -45.59 -7.10 7.84
C MET D 478 -46.41 -6.41 8.94
N ALA D 479 -47.39 -5.61 8.53
CA ALA D 479 -48.30 -4.95 9.47
C ALA D 479 -49.17 -5.95 10.24
N GLU D 480 -49.67 -6.96 9.53
CA GLU D 480 -50.52 -8.01 10.13
C GLU D 480 -49.76 -8.92 11.08
N GLU D 481 -48.55 -9.35 10.69
CA GLU D 481 -47.73 -10.24 11.53
C GLU D 481 -47.16 -9.50 12.74
N ALA D 482 -46.80 -8.23 12.56
CA ALA D 482 -46.36 -7.38 13.67
C ALA D 482 -47.50 -7.07 14.66
N ALA D 483 -48.73 -6.98 14.16
CA ALA D 483 -49.91 -6.82 15.01
C ALA D 483 -50.20 -8.06 15.86
N GLU D 484 -49.95 -9.24 15.30
CA GLU D 484 -50.17 -10.51 16.01
C GLU D 484 -49.12 -10.76 17.11
N LEU D 485 -47.85 -10.54 16.79
CA LEU D 485 -46.75 -10.74 17.75
C LEU D 485 -46.79 -9.72 18.91
N GLU D 486 -47.24 -8.50 18.61
CA GLU D 486 -47.45 -7.46 19.63
C GLU D 486 -48.60 -7.82 20.58
N LYS D 487 -49.66 -8.40 20.04
CA LYS D 487 -50.81 -8.84 20.84
C LYS D 487 -50.48 -10.03 21.77
N MET D 488 -49.62 -10.93 21.30
CA MET D 488 -49.23 -12.12 22.07
C MET D 488 -48.28 -11.75 23.20
N VAL E 6 47.94 16.36 -32.27
CA VAL E 6 47.68 15.14 -33.08
C VAL E 6 46.29 14.56 -32.77
N ALA E 7 45.75 13.79 -33.72
CA ALA E 7 44.46 13.11 -33.56
C ALA E 7 44.33 11.93 -34.53
N ASP E 8 44.56 10.72 -34.02
CA ASP E 8 44.37 9.49 -34.80
C ASP E 8 42.87 9.11 -34.87
N HIS E 9 42.56 8.07 -35.66
CA HIS E 9 41.21 7.65 -36.03
C HIS E 9 40.27 8.76 -36.54
N LYS E 10 40.87 9.82 -37.09
CA LYS E 10 40.21 11.13 -37.25
C LYS E 10 39.01 11.05 -38.20
N GLY E 11 39.25 10.64 -39.44
CA GLY E 11 38.20 10.47 -40.45
C GLY E 11 38.04 9.03 -40.86
N ARG E 12 38.05 8.12 -39.88
CA ARG E 12 38.03 6.68 -40.15
C ARG E 12 36.62 6.25 -40.57
N VAL E 13 36.52 5.65 -41.75
CA VAL E 13 35.23 5.36 -42.38
C VAL E 13 34.64 4.05 -41.87
N GLY E 14 33.32 4.05 -41.70
CA GLY E 14 32.55 2.85 -41.34
C GLY E 14 31.20 2.85 -42.03
N HIS E 15 30.48 1.74 -41.90
CA HIS E 15 29.17 1.56 -42.53
C HIS E 15 28.15 1.06 -41.51
N VAL E 16 26.90 1.47 -41.67
CA VAL E 16 25.83 1.17 -40.71
C VAL E 16 25.42 -0.31 -40.85
N SER E 17 25.70 -1.09 -39.79
CA SER E 17 25.47 -2.53 -39.77
C SER E 17 24.00 -2.88 -39.50
N GLN E 18 23.40 -2.18 -38.54
CA GLN E 18 22.03 -2.46 -38.09
C GLN E 18 21.38 -1.23 -37.44
N VAL E 19 20.07 -1.06 -37.70
CA VAL E 19 19.32 0.09 -37.18
C VAL E 19 18.02 -0.38 -36.52
N ILE E 20 18.02 -0.38 -35.18
CA ILE E 20 16.84 -0.75 -34.38
C ILE E 20 16.53 0.45 -33.46
N GLY E 21 15.68 1.35 -33.96
CA GLY E 21 15.31 2.57 -33.24
C GLY E 21 16.43 3.59 -33.23
N ALA E 22 16.62 4.24 -32.08
CA ALA E 22 17.74 5.15 -31.86
C ALA E 22 19.08 4.43 -31.76
N VAL E 23 19.05 3.17 -31.34
CA VAL E 23 20.27 2.35 -31.23
C VAL E 23 20.69 1.85 -32.63
N VAL E 24 21.94 2.15 -33.00
CA VAL E 24 22.48 1.86 -34.35
C VAL E 24 23.87 1.23 -34.23
N ASP E 25 24.06 0.10 -34.93
CA ASP E 25 25.38 -0.57 -34.99
C ASP E 25 26.14 -0.07 -36.21
N VAL E 26 27.47 0.04 -36.09
CA VAL E 26 28.34 0.53 -37.16
C VAL E 26 29.54 -0.40 -37.34
N HIS E 27 29.75 -0.87 -38.58
CA HIS E 27 30.91 -1.70 -38.92
C HIS E 27 32.05 -0.82 -39.45
N PHE E 28 33.22 -0.92 -38.83
CA PHE E 28 34.43 -0.22 -39.28
C PHE E 28 35.44 -1.23 -39.83
N ALA E 29 36.01 -0.91 -41.00
CA ALA E 29 36.97 -1.78 -41.67
C ALA E 29 38.31 -1.87 -40.93
N ASP E 30 38.82 -0.72 -40.48
CA ASP E 30 40.11 -0.62 -39.80
C ASP E 30 39.99 -0.60 -38.27
N GLY E 31 39.12 -1.45 -37.72
CA GLY E 31 38.85 -1.46 -36.29
C GLY E 31 37.89 -0.36 -35.83
N VAL E 32 37.23 -0.60 -34.70
CA VAL E 32 36.22 0.32 -34.17
C VAL E 32 36.94 1.47 -33.42
N PRO E 33 36.37 2.69 -33.45
CA PRO E 33 36.88 3.75 -32.57
C PRO E 33 36.73 3.47 -31.07
N PRO E 34 37.21 4.38 -30.20
CA PRO E 34 36.99 4.22 -28.77
C PRO E 34 35.52 4.38 -28.35
N VAL E 35 35.25 4.19 -27.06
CA VAL E 35 33.91 4.33 -26.50
C VAL E 35 33.64 5.84 -26.32
N LEU E 36 32.36 6.21 -26.43
CA LEU E 36 31.89 7.60 -26.38
C LEU E 36 32.32 8.46 -27.58
N THR E 37 32.78 7.83 -28.67
CA THR E 37 33.30 8.54 -29.84
C THR E 37 32.14 8.97 -30.73
N ALA E 38 32.10 10.27 -31.07
CA ALA E 38 31.04 10.80 -31.94
C ALA E 38 31.32 10.45 -33.40
N LEU E 39 30.25 10.14 -34.13
CA LEU E 39 30.33 9.73 -35.53
C LEU E 39 29.28 10.48 -36.35
N ASP E 40 29.72 11.19 -37.40
CA ASP E 40 28.80 11.85 -38.33
C ASP E 40 28.40 10.91 -39.46
N VAL E 41 27.10 10.83 -39.75
CA VAL E 41 26.59 10.04 -40.87
C VAL E 41 26.64 10.90 -42.13
N VAL E 42 27.63 10.65 -42.99
CA VAL E 42 27.90 11.47 -44.17
C VAL E 42 26.90 11.23 -45.30
N ASP E 43 26.34 10.02 -45.38
CA ASP E 43 25.48 9.61 -46.50
C ASP E 43 24.21 10.47 -46.59
N LYS E 44 23.73 10.67 -47.81
CA LYS E 44 22.38 11.15 -48.10
C LYS E 44 22.06 12.62 -47.77
N LEU E 45 21.14 13.15 -48.58
CA LEU E 45 20.58 14.50 -48.44
C LEU E 45 19.04 14.49 -48.48
N GLY E 46 18.41 13.34 -48.25
CA GLY E 46 16.95 13.23 -48.09
C GLY E 46 16.44 13.71 -46.75
N ARG E 47 17.31 13.66 -45.73
CA ARG E 47 17.05 14.28 -44.42
C ARG E 47 17.12 15.79 -44.44
N ASP E 48 16.34 16.40 -43.55
CA ASP E 48 16.30 17.85 -43.33
C ASP E 48 17.29 18.29 -42.23
N GLU E 49 17.53 17.43 -41.23
CA GLU E 49 18.54 17.64 -40.19
C GLU E 49 19.63 16.55 -40.24
N PRO E 50 20.85 16.85 -39.78
CA PRO E 50 21.92 15.85 -39.79
C PRO E 50 21.75 14.75 -38.74
N LEU E 51 22.58 13.72 -38.82
CA LEU E 51 22.56 12.59 -37.88
C LEU E 51 23.95 12.39 -37.31
N THR E 52 24.05 12.33 -35.98
CA THR E 52 25.31 12.10 -35.28
C THR E 52 25.15 11.00 -34.24
N LEU E 53 25.99 9.96 -34.33
CA LEU E 53 25.91 8.79 -33.47
C LEU E 53 27.08 8.78 -32.47
N GLU E 54 26.79 8.47 -31.21
CA GLU E 54 27.81 8.29 -30.17
C GLU E 54 27.92 6.79 -29.84
N ILE E 55 29.13 6.25 -29.93
CA ILE E 55 29.37 4.84 -29.62
C ILE E 55 29.25 4.64 -28.11
N VAL E 56 28.39 3.70 -27.70
CA VAL E 56 28.26 3.34 -26.28
C VAL E 56 28.94 2.01 -25.95
N GLN E 57 28.77 1.02 -26.84
CA GLN E 57 29.31 -0.33 -26.65
C GLN E 57 30.10 -0.79 -27.86
N HIS E 58 30.93 -1.81 -27.66
CA HIS E 58 31.62 -2.53 -28.74
C HIS E 58 31.09 -3.95 -28.74
N LEU E 59 30.77 -4.46 -29.93
CA LEU E 59 30.27 -5.83 -30.09
C LEU E 59 31.43 -6.79 -30.46
N ASP E 60 32.23 -6.39 -31.44
CA ASP E 60 33.46 -7.10 -31.80
C ASP E 60 34.55 -6.07 -32.15
N ALA E 61 35.71 -6.55 -32.59
CA ALA E 61 36.83 -5.68 -33.01
C ALA E 61 36.49 -4.72 -34.16
N HIS E 62 35.58 -5.13 -35.04
CA HIS E 62 35.18 -4.33 -36.22
C HIS E 62 33.81 -3.65 -36.13
N THR E 63 32.98 -4.00 -35.13
CA THR E 63 31.62 -3.46 -35.00
C THR E 63 31.42 -2.75 -33.63
N GLY E 64 30.65 -1.66 -33.64
CA GLY E 64 30.39 -0.86 -32.44
C GLY E 64 28.97 -0.32 -32.39
N ARG E 65 28.29 -0.52 -31.25
CA ARG E 65 26.90 -0.11 -31.07
C ARG E 65 26.83 1.33 -30.56
N CYS E 66 25.87 2.09 -31.09
CA CYS E 66 25.78 3.54 -30.86
C CYS E 66 24.37 3.98 -30.46
N ILE E 67 24.23 5.27 -30.17
CA ILE E 67 22.91 5.90 -29.93
C ILE E 67 22.80 7.20 -30.74
N ALA E 68 21.63 7.42 -31.32
CA ALA E 68 21.40 8.57 -32.19
C ALA E 68 20.98 9.79 -31.38
N MET E 69 21.62 10.93 -31.67
CA MET E 69 21.28 12.21 -31.04
C MET E 69 20.09 12.88 -31.74
N GLN E 70 19.96 12.69 -33.05
CA GLN E 70 18.76 13.06 -33.79
C GLN E 70 17.94 11.80 -34.12
N THR E 71 16.79 11.98 -34.74
CA THR E 71 15.99 10.86 -35.26
C THR E 71 16.75 10.02 -36.31
N THR E 72 16.44 8.72 -36.35
CA THR E 72 17.08 7.77 -37.27
C THR E 72 16.23 7.49 -38.53
N ASP E 73 15.40 8.46 -38.93
CA ASP E 73 14.55 8.30 -40.12
C ASP E 73 15.37 8.32 -41.41
N LEU E 74 14.88 7.60 -42.41
CA LEU E 74 15.51 7.49 -43.74
C LEU E 74 16.92 6.86 -43.78
N LEU E 75 17.35 6.23 -42.69
CA LEU E 75 18.69 5.65 -42.60
C LEU E 75 18.70 4.26 -43.23
N LYS E 76 19.36 4.14 -44.38
CA LYS E 76 19.54 2.86 -45.07
C LYS E 76 20.68 2.06 -44.42
N LEU E 77 20.68 0.75 -44.65
CA LEU E 77 21.81 -0.11 -44.26
C LEU E 77 23.01 0.17 -45.17
N LYS E 78 24.21 -0.10 -44.65
CA LYS E 78 25.47 0.15 -45.36
C LYS E 78 25.73 1.63 -45.72
N ALA E 79 25.15 2.55 -44.93
CA ALA E 79 25.32 3.99 -45.17
C ALA E 79 26.67 4.44 -44.62
N LYS E 80 27.36 5.32 -45.35
CA LYS E 80 28.69 5.81 -44.97
C LYS E 80 28.65 6.62 -43.67
N VAL E 81 29.55 6.26 -42.74
CA VAL E 81 29.67 6.93 -41.44
C VAL E 81 31.16 7.22 -41.19
N VAL E 82 31.44 8.42 -40.66
CA VAL E 82 32.82 8.88 -40.43
C VAL E 82 32.97 9.41 -39.01
N SER E 83 34.13 9.13 -38.40
CA SER E 83 34.45 9.60 -37.04
C SER E 83 34.71 11.10 -37.02
N THR E 84 34.58 11.70 -35.84
CA THR E 84 34.86 13.12 -35.62
C THR E 84 36.31 13.38 -35.17
N GLY E 85 36.85 12.48 -34.35
CA GLY E 85 38.17 12.62 -33.77
C GLY E 85 38.19 12.19 -32.32
N GLY E 86 37.10 12.47 -31.61
CA GLY E 86 36.93 12.04 -30.22
C GLY E 86 35.48 12.07 -29.80
N ASN E 87 35.21 12.55 -28.58
CA ASN E 87 33.85 12.66 -28.05
C ASN E 87 33.09 13.78 -28.75
N ILE E 88 31.80 13.90 -28.43
CA ILE E 88 30.99 15.03 -28.92
C ILE E 88 31.59 16.30 -28.37
N SER E 89 31.91 17.24 -29.26
CA SER E 89 32.63 18.47 -28.90
C SER E 89 31.67 19.65 -28.87
N VAL E 90 31.80 20.48 -27.83
CA VAL E 90 30.88 21.60 -27.57
C VAL E 90 31.69 22.89 -27.39
N PRO E 91 31.24 24.03 -27.98
CA PRO E 91 31.98 25.28 -27.84
C PRO E 91 31.93 25.88 -26.43
N VAL E 92 33.00 26.59 -26.07
CA VAL E 92 33.17 27.16 -24.73
C VAL E 92 33.74 28.57 -24.81
N GLY E 93 33.77 29.26 -23.66
CA GLY E 93 34.31 30.62 -23.57
C GLY E 93 33.22 31.69 -23.60
N ARG E 94 33.63 32.94 -23.62
CA ARG E 94 32.70 34.08 -23.53
C ARG E 94 31.87 34.31 -24.81
N GLU E 95 32.29 33.70 -25.92
CA GLU E 95 31.55 33.76 -27.19
C GLU E 95 30.23 32.98 -27.12
N THR E 96 30.13 32.01 -26.21
CA THR E 96 28.91 31.25 -25.97
C THR E 96 27.83 32.06 -25.24
N LEU E 97 28.24 33.03 -24.42
CA LEU E 97 27.30 33.84 -23.61
C LEU E 97 26.30 34.59 -24.48
N GLY E 98 25.02 34.47 -24.12
CA GLY E 98 23.92 35.07 -24.88
C GLY E 98 23.25 34.15 -25.88
N ARG E 99 23.96 33.12 -26.33
CA ARG E 99 23.48 32.21 -27.38
C ARG E 99 22.76 31.00 -26.78
N ILE E 100 21.87 30.41 -27.58
CA ILE E 100 21.19 29.15 -27.24
C ILE E 100 21.89 28.01 -27.98
N PHE E 101 21.97 26.84 -27.35
CA PHE E 101 22.62 25.66 -27.93
C PHE E 101 21.77 24.40 -27.77
N ASN E 102 22.13 23.38 -28.54
CA ASN E 102 21.58 22.02 -28.39
C ASN E 102 22.64 21.10 -27.78
N VAL E 103 22.30 19.82 -27.60
CA VAL E 103 23.22 18.83 -27.03
C VAL E 103 24.61 18.78 -27.70
N LEU E 104 24.63 18.92 -29.03
CA LEU E 104 25.86 18.86 -29.80
C LEU E 104 26.71 20.12 -29.70
N GLY E 105 26.06 21.27 -29.51
CA GLY E 105 26.73 22.56 -29.49
C GLY E 105 26.51 23.42 -30.72
N ASP E 106 25.52 23.08 -31.54
CA ASP E 106 25.11 23.91 -32.67
C ASP E 106 24.17 24.99 -32.16
N ALA E 107 24.33 26.21 -32.69
CA ALA E 107 23.50 27.34 -32.29
C ALA E 107 22.10 27.19 -32.87
N ILE E 108 21.09 27.27 -32.01
CA ILE E 108 19.68 27.06 -32.40
C ILE E 108 18.82 28.34 -32.27
N ASP E 109 19.47 29.50 -32.37
CA ASP E 109 18.81 30.80 -32.19
C ASP E 109 18.85 31.72 -33.43
N GLN E 110 19.40 31.23 -34.54
CA GLN E 110 19.38 31.94 -35.84
C GLN E 110 20.08 33.31 -35.84
N ARG E 111 21.10 33.48 -34.98
CA ARG E 111 21.84 34.75 -34.88
C ARG E 111 23.29 34.59 -35.34
N GLY E 112 23.46 34.02 -36.53
CA GLY E 112 24.79 33.85 -37.14
C GLY E 112 25.64 32.78 -36.49
N PRO E 113 26.88 32.61 -36.97
CA PRO E 113 27.80 31.63 -36.39
C PRO E 113 28.41 32.12 -35.09
N VAL E 114 28.65 31.19 -34.15
CA VAL E 114 29.27 31.51 -32.86
C VAL E 114 30.77 31.80 -33.03
N GLY E 115 31.31 32.64 -32.16
CA GLY E 115 32.72 33.05 -32.21
C GLY E 115 33.74 32.04 -31.70
N GLU E 116 33.27 30.93 -31.10
CA GLU E 116 34.11 29.81 -30.59
C GLU E 116 35.60 29.81 -30.98
N LYS E 117 36.47 30.10 -30.01
CA LYS E 117 37.94 29.94 -30.17
C LYS E 117 38.42 28.53 -29.74
N LEU E 118 37.51 27.69 -29.25
CA LEU E 118 37.87 26.37 -28.72
C LEU E 118 36.62 25.49 -28.54
N ARG E 119 36.81 24.18 -28.60
CA ARG E 119 35.75 23.21 -28.31
C ARG E 119 36.27 22.14 -27.35
N MET E 120 35.44 21.77 -26.37
CA MET E 120 35.78 20.77 -25.35
C MET E 120 34.84 19.55 -25.44
N PRO E 121 35.30 18.37 -25.01
CA PRO E 121 34.48 17.16 -25.08
C PRO E 121 33.41 17.11 -24.00
N ILE E 122 32.24 16.56 -24.31
CA ILE E 122 31.09 16.48 -23.38
C ILE E 122 31.39 15.56 -22.18
N HIS E 123 32.07 14.43 -22.43
CA HIS E 123 32.32 13.43 -21.39
C HIS E 123 33.69 13.62 -20.72
N ALA E 124 33.78 14.64 -19.86
CA ALA E 124 34.99 14.90 -19.08
C ALA E 124 34.99 14.04 -17.82
N VAL E 125 36.17 13.87 -17.23
CA VAL E 125 36.33 13.09 -16.00
C VAL E 125 36.15 14.01 -14.80
N ALA E 126 35.59 13.48 -13.71
CA ALA E 126 35.37 14.25 -12.49
C ALA E 126 36.71 14.52 -11.77
N PRO E 127 36.85 15.69 -11.10
CA PRO E 127 38.11 16.06 -10.45
C PRO E 127 38.62 15.05 -9.42
N LYS E 128 39.94 14.97 -9.27
CA LYS E 128 40.59 14.08 -8.30
C LYS E 128 40.52 14.71 -6.89
N LEU E 129 41.00 13.96 -5.91
CA LEU E 129 40.97 14.39 -4.49
C LEU E 129 41.79 15.68 -4.28
N ALA E 130 42.95 15.77 -4.93
CA ALA E 130 43.83 16.94 -4.80
C ALA E 130 43.22 18.24 -5.34
N ASP E 131 42.34 18.13 -6.33
CA ASP E 131 41.67 19.30 -6.91
C ASP E 131 40.57 19.90 -6.02
N GLN E 132 40.06 19.14 -5.06
CA GLN E 132 38.95 19.58 -4.21
C GLN E 132 39.37 20.71 -3.26
N ALA E 133 38.43 21.62 -2.97
CA ALA E 133 38.67 22.71 -2.04
C ALA E 133 38.82 22.20 -0.60
N ALA E 134 39.73 22.80 0.16
CA ALA E 134 39.88 22.55 1.60
C ALA E 134 39.16 23.58 2.49
N GLU E 135 38.60 24.63 1.86
CA GLU E 135 37.73 25.59 2.50
C GLU E 135 36.30 25.56 1.91
N ASP E 136 35.45 24.74 2.52
CA ASP E 136 33.99 24.90 2.44
C ASP E 136 33.67 26.38 2.60
N ALA E 137 33.23 27.04 1.52
CA ALA E 137 33.06 28.49 1.49
C ALA E 137 31.63 28.86 1.13
N VAL E 138 31.14 29.95 1.72
CA VAL E 138 29.76 30.39 1.51
C VAL E 138 29.66 31.15 0.19
N LEU E 139 28.69 30.76 -0.63
CA LEU E 139 28.33 31.50 -1.84
C LEU E 139 27.20 32.46 -1.50
N THR E 140 27.54 33.73 -1.29
CA THR E 140 26.58 34.77 -0.94
C THR E 140 25.65 35.08 -2.12
N THR E 141 24.42 34.57 -2.04
CA THR E 141 23.40 34.79 -3.08
C THR E 141 22.76 36.18 -3.06
N GLY E 142 22.98 36.95 -1.99
CA GLY E 142 22.37 38.27 -1.83
C GLY E 142 20.89 38.22 -1.50
N ILE E 143 20.43 37.07 -0.99
CA ILE E 143 19.02 36.84 -0.67
C ILE E 143 18.96 36.45 0.81
N LYS E 144 18.02 37.05 1.54
CA LYS E 144 17.99 36.95 3.01
C LYS E 144 17.66 35.55 3.52
N VAL E 145 16.59 34.95 3.00
CA VAL E 145 16.16 33.61 3.44
C VAL E 145 17.21 32.53 3.16
N ILE E 146 17.89 32.63 2.01
CA ILE E 146 18.89 31.64 1.61
C ILE E 146 20.16 31.84 2.44
N ASP E 147 20.76 33.02 2.34
CA ASP E 147 22.06 33.31 2.99
C ASP E 147 22.05 33.09 4.51
N LEU E 148 20.93 33.38 5.15
CA LEU E 148 20.81 33.25 6.61
C LEU E 148 20.55 31.82 7.06
N ILE E 149 19.49 31.20 6.50
CA ILE E 149 18.94 29.94 7.02
C ILE E 149 19.48 28.68 6.33
N LEU E 150 19.60 28.72 4.99
CA LEU E 150 20.07 27.57 4.21
C LEU E 150 21.16 27.98 3.20
N PRO E 151 22.29 28.52 3.70
CA PRO E 151 23.29 29.13 2.82
C PRO E 151 23.87 28.16 1.79
N TYR E 152 23.90 28.61 0.53
CA TYR E 152 24.48 27.81 -0.56
C TYR E 152 26.00 27.92 -0.46
N CYS E 153 26.68 26.78 -0.59
CA CYS E 153 28.15 26.72 -0.51
C CYS E 153 28.79 26.75 -1.89
N LYS E 154 30.08 27.07 -1.94
CA LYS E 154 30.87 26.99 -3.17
C LYS E 154 31.07 25.53 -3.53
N GLY E 155 30.85 25.19 -4.80
CA GLY E 155 30.91 23.80 -5.24
C GLY E 155 29.62 23.01 -5.00
N GLY E 156 28.60 23.66 -4.46
CA GLY E 156 27.46 22.95 -3.92
C GLY E 156 26.46 22.51 -4.93
N LYS E 157 25.90 21.29 -4.73
CA LYS E 157 24.69 20.88 -5.40
C LYS E 157 23.53 21.35 -4.57
N ILE E 158 22.67 22.14 -5.18
CA ILE E 158 21.54 22.81 -4.52
C ILE E 158 20.27 22.33 -5.21
N GLY E 159 19.22 22.13 -4.43
CA GLY E 159 17.95 21.52 -4.89
C GLY E 159 16.75 22.43 -4.66
N LEU E 160 15.96 22.64 -5.72
CA LEU E 160 14.86 23.61 -5.68
C LEU E 160 13.52 22.91 -5.68
N PHE E 161 12.99 22.62 -4.49
CA PHE E 161 11.70 21.90 -4.36
C PHE E 161 10.56 22.90 -4.38
N GLY E 162 9.57 22.67 -5.24
CA GLY E 162 8.42 23.59 -5.35
C GLY E 162 7.48 23.23 -6.48
N GLY E 163 6.18 23.34 -6.23
CA GLY E 163 5.16 22.99 -7.22
C GLY E 163 5.04 24.03 -8.32
N ALA E 164 4.09 23.81 -9.23
CA ALA E 164 3.91 24.67 -10.39
C ALA E 164 3.46 26.09 -10.00
N GLY E 165 4.24 27.09 -10.42
CA GLY E 165 3.89 28.49 -10.19
C GLY E 165 4.09 28.96 -8.76
N VAL E 166 5.28 28.71 -8.23
CA VAL E 166 5.66 29.13 -6.86
C VAL E 166 6.82 30.14 -6.81
N GLY E 167 7.56 30.28 -7.91
CA GLY E 167 8.69 31.22 -8.03
C GLY E 167 10.04 30.59 -8.36
N LYS E 168 10.03 29.52 -9.17
CA LYS E 168 11.24 28.76 -9.49
C LYS E 168 12.03 29.51 -10.54
N THR E 169 11.40 29.77 -11.69
CA THR E 169 12.03 30.51 -12.79
C THR E 169 12.43 31.94 -12.38
N VAL E 170 11.69 32.55 -11.45
CA VAL E 170 12.05 33.87 -10.92
C VAL E 170 13.33 33.79 -10.06
N ILE E 171 13.44 32.77 -9.21
CA ILE E 171 14.61 32.58 -8.34
C ILE E 171 15.88 32.23 -9.13
N ILE E 172 15.75 31.39 -10.17
CA ILE E 172 16.89 31.08 -11.05
C ILE E 172 17.42 32.34 -11.75
N MET E 173 16.49 33.18 -12.22
CA MET E 173 16.85 34.43 -12.89
C MET E 173 17.52 35.43 -11.95
N GLU E 174 17.04 35.49 -10.71
CA GLU E 174 17.65 36.34 -9.68
C GLU E 174 19.04 35.86 -9.29
N LEU E 175 19.24 34.54 -9.24
CA LEU E 175 20.57 33.97 -8.96
C LEU E 175 21.57 34.23 -10.11
N ILE E 176 21.07 34.24 -11.34
CA ILE E 176 21.89 34.60 -12.52
C ILE E 176 22.31 36.08 -12.46
N ASN E 177 21.40 36.93 -11.99
CA ASN E 177 21.74 38.34 -11.74
C ASN E 177 22.72 38.46 -10.58
N ASN E 178 22.37 37.85 -9.44
CA ASN E 178 23.11 38.02 -8.20
C ASN E 178 24.48 37.34 -8.15
N VAL E 179 24.65 36.20 -8.81
CA VAL E 179 26.00 35.70 -9.10
C VAL E 179 26.84 36.75 -9.84
N ALA E 180 26.27 37.35 -10.90
CA ALA E 180 26.98 38.36 -11.70
C ALA E 180 27.19 39.70 -10.98
N LYS E 181 26.36 40.03 -9.99
CA LYS E 181 26.59 41.26 -9.20
C LYS E 181 27.73 41.08 -8.19
N GLY E 182 27.59 40.06 -7.36
CA GLY E 182 28.46 39.83 -6.21
C GLY E 182 29.78 39.13 -6.49
N HIS E 183 29.80 38.18 -7.43
CA HIS E 183 31.02 37.49 -7.83
C HIS E 183 31.43 37.74 -9.29
N GLY E 184 30.60 38.48 -10.03
CA GLY E 184 30.80 38.73 -11.46
C GLY E 184 30.68 37.51 -12.36
N GLY E 185 30.06 36.44 -11.84
CA GLY E 185 30.04 35.16 -12.52
C GLY E 185 28.99 35.05 -13.60
N PHE E 186 29.18 34.11 -14.52
CA PHE E 186 28.21 33.82 -15.57
C PHE E 186 27.30 32.70 -15.09
N SER E 187 26.33 32.34 -15.93
CA SER E 187 25.41 31.24 -15.64
C SER E 187 25.17 30.37 -16.86
N VAL E 188 24.83 29.11 -16.59
CA VAL E 188 24.48 28.13 -17.63
C VAL E 188 23.18 27.44 -17.26
N PHE E 189 22.28 27.27 -18.22
CA PHE E 189 20.97 26.64 -17.98
C PHE E 189 20.81 25.37 -18.82
N ALA E 190 20.91 24.22 -18.15
CA ALA E 190 20.65 22.92 -18.76
C ALA E 190 19.15 22.66 -18.77
N GLY E 191 18.52 22.90 -19.92
CA GLY E 191 17.11 22.54 -20.13
C GLY E 191 17.03 21.07 -20.46
N VAL E 192 17.12 20.24 -19.41
CA VAL E 192 17.20 18.78 -19.57
C VAL E 192 15.79 18.22 -19.62
N GLY E 193 15.36 17.83 -20.83
CA GLY E 193 14.04 17.20 -21.02
C GLY E 193 12.87 18.15 -20.70
N GLU E 194 13.07 19.42 -21.03
CA GLU E 194 12.15 20.50 -20.72
C GLU E 194 11.11 20.70 -21.81
N ARG E 195 10.02 21.41 -21.51
CA ARG E 195 9.04 21.83 -22.54
C ARG E 195 9.66 22.88 -23.46
N THR E 196 9.56 22.69 -24.77
CA THR E 196 10.10 23.64 -25.75
C THR E 196 9.46 25.04 -25.62
N ARG E 197 8.16 25.07 -25.31
CA ARG E 197 7.44 26.33 -25.10
C ARG E 197 7.88 27.08 -23.82
N GLU E 198 8.27 26.34 -22.77
CA GLU E 198 8.82 26.97 -21.55
C GLU E 198 10.20 27.59 -21.80
N GLY E 199 10.94 27.04 -22.75
CA GLY E 199 12.24 27.56 -23.20
C GLY E 199 12.19 28.93 -23.86
N THR E 200 11.07 29.23 -24.53
CA THR E 200 10.86 30.54 -25.15
C THR E 200 10.65 31.61 -24.09
N ASP E 201 9.79 31.32 -23.12
CA ASP E 201 9.46 32.25 -22.04
C ASP E 201 10.66 32.61 -21.17
N LEU E 202 11.57 31.66 -20.97
CA LEU E 202 12.84 31.94 -20.27
C LEU E 202 13.74 32.86 -21.11
N TYR E 203 13.83 32.58 -22.40
CA TYR E 203 14.65 33.38 -23.33
C TYR E 203 14.16 34.82 -23.46
N LEU E 204 12.84 35.00 -23.51
CA LEU E 204 12.24 36.34 -23.58
C LEU E 204 12.37 37.11 -22.26
N GLU E 205 12.05 36.47 -21.15
CA GLU E 205 12.11 37.10 -19.82
C GLU E 205 13.54 37.49 -19.42
N MET E 206 14.53 36.71 -19.85
CA MET E 206 15.95 37.06 -19.69
C MET E 206 16.38 38.23 -20.59
N MET E 207 15.83 38.27 -21.80
CA MET E 207 16.05 39.41 -22.72
C MET E 207 15.40 40.71 -22.23
N GLN E 208 14.23 40.62 -21.62
CA GLN E 208 13.55 41.78 -21.01
C GLN E 208 14.32 42.32 -19.80
N SER E 209 14.76 41.41 -18.93
CA SER E 209 15.55 41.77 -17.74
C SER E 209 17.03 42.06 -18.02
N LYS E 210 17.50 41.74 -19.23
CA LYS E 210 18.85 42.05 -19.71
C LYS E 210 19.96 41.30 -18.96
N VAL E 211 19.72 40.01 -18.69
CA VAL E 211 20.81 39.10 -18.30
C VAL E 211 21.45 38.53 -19.57
N ILE E 212 20.60 38.26 -20.57
CA ILE E 212 21.04 38.06 -21.94
C ILE E 212 20.80 39.38 -22.68
N ASP E 213 21.79 39.83 -23.44
CA ASP E 213 21.69 41.05 -24.25
C ASP E 213 22.20 40.78 -25.66
N LEU E 214 21.43 41.21 -26.65
CA LEU E 214 21.77 41.01 -28.07
C LEU E 214 22.86 41.98 -28.52
N LYS E 215 22.62 43.27 -28.28
CA LYS E 215 23.53 44.33 -28.71
C LYS E 215 24.79 44.45 -27.85
N GLY E 216 24.69 44.10 -26.55
CA GLY E 216 25.76 44.32 -25.57
C GLY E 216 26.18 43.09 -24.81
N GLU E 217 26.47 43.27 -23.52
CA GLU E 217 27.07 42.24 -22.67
C GLU E 217 26.02 41.23 -22.18
N SER E 218 26.31 39.94 -22.34
CA SER E 218 25.46 38.85 -21.87
C SER E 218 26.13 38.11 -20.72
N LYS E 219 25.32 37.57 -19.80
CA LYS E 219 25.82 36.87 -18.61
C LYS E 219 25.04 35.54 -18.37
N CYS E 220 24.70 34.85 -19.46
CA CYS E 220 23.94 33.60 -19.42
C CYS E 220 24.18 32.76 -20.68
N VAL E 221 24.17 31.44 -20.51
CA VAL E 221 24.23 30.48 -21.61
C VAL E 221 23.04 29.54 -21.50
N LEU E 222 22.43 29.19 -22.63
CA LEU E 222 21.29 28.28 -22.67
C LEU E 222 21.60 27.04 -23.49
N VAL E 223 21.45 25.87 -22.89
CA VAL E 223 21.69 24.59 -23.56
C VAL E 223 20.45 23.72 -23.32
N TYR E 224 19.68 23.49 -24.38
CA TYR E 224 18.35 22.90 -24.28
C TYR E 224 18.28 21.56 -25.03
N GLY E 225 17.77 20.53 -24.33
CA GLY E 225 17.51 19.22 -24.92
C GLY E 225 16.08 18.82 -24.53
N GLN E 226 15.16 19.21 -25.41
CA GLN E 226 13.74 19.23 -25.04
C GLN E 226 13.01 17.93 -25.33
N MET E 227 11.80 17.83 -24.77
CA MET E 227 10.94 16.64 -24.84
C MET E 227 10.77 16.07 -26.24
N ASN E 228 10.68 16.94 -27.25
CA ASN E 228 10.61 16.51 -28.66
C ASN E 228 11.81 15.69 -29.14
N GLU E 229 12.98 15.95 -28.58
CA GLU E 229 14.22 15.26 -28.98
C GLU E 229 14.23 13.81 -28.46
N PRO E 230 14.94 12.90 -29.16
CA PRO E 230 15.06 11.51 -28.72
C PRO E 230 15.91 11.35 -27.45
N PRO E 231 15.84 10.18 -26.78
CA PRO E 231 16.50 10.00 -25.48
C PRO E 231 18.01 10.21 -25.44
N GLY E 232 18.71 9.89 -26.54
CA GLY E 232 20.16 10.10 -26.65
C GLY E 232 20.60 11.55 -26.41
N ALA E 233 19.84 12.49 -26.96
CA ALA E 233 20.10 13.92 -26.76
C ALA E 233 19.77 14.34 -25.33
N ARG E 234 18.56 14.00 -24.89
CA ARG E 234 18.07 14.38 -23.55
C ARG E 234 18.96 13.82 -22.42
N ALA E 235 19.55 12.65 -22.65
CA ALA E 235 20.53 12.08 -21.74
C ALA E 235 21.81 12.90 -21.70
N ARG E 236 22.40 13.16 -22.87
CA ARG E 236 23.71 13.80 -22.95
C ARG E 236 23.70 15.34 -22.78
N VAL E 237 22.53 15.98 -22.92
CA VAL E 237 22.43 17.45 -22.88
C VAL E 237 22.79 18.08 -21.52
N ALA E 238 22.62 17.34 -20.43
CA ALA E 238 23.06 17.80 -19.10
C ALA E 238 24.58 18.00 -19.04
N GLN E 239 25.32 17.07 -19.67
CA GLN E 239 26.78 17.13 -19.71
C GLN E 239 27.32 18.25 -20.61
N SER E 240 26.59 18.58 -21.68
CA SER E 240 26.97 19.65 -22.61
C SER E 240 27.05 21.00 -21.92
N ALA E 241 26.01 21.32 -21.15
CA ALA E 241 25.98 22.53 -20.34
C ALA E 241 27.08 22.53 -19.27
N LEU E 242 27.30 21.37 -18.65
CA LEU E 242 28.32 21.21 -17.62
C LEU E 242 29.76 21.41 -18.15
N THR E 243 29.99 21.09 -19.41
CA THR E 243 31.28 21.33 -20.06
C THR E 243 31.58 22.83 -20.21
N MET E 244 30.55 23.60 -20.53
CA MET E 244 30.67 25.07 -20.66
C MET E 244 30.97 25.73 -19.32
N ALA E 245 30.26 25.28 -18.28
CA ALA E 245 30.50 25.74 -16.92
C ALA E 245 31.89 25.33 -16.39
N GLU E 246 32.36 24.15 -16.81
CA GLU E 246 33.71 23.67 -16.48
C GLU E 246 34.83 24.53 -17.08
N TYR E 247 34.58 25.12 -18.25
CA TYR E 247 35.54 26.06 -18.87
C TYR E 247 35.67 27.34 -18.04
N PHE E 248 34.53 27.91 -17.63
CA PHE E 248 34.52 29.11 -16.78
C PHE E 248 35.10 28.82 -15.39
N ARG E 249 34.97 27.59 -14.91
CA ARG E 249 35.55 27.15 -13.64
C ARG E 249 37.08 26.99 -13.75
N ASP E 250 37.51 26.09 -14.64
CA ASP E 250 38.92 25.68 -14.72
C ASP E 250 39.82 26.70 -15.41
N VAL E 251 39.44 27.09 -16.63
CA VAL E 251 40.29 27.96 -17.47
C VAL E 251 40.22 29.42 -17.01
N GLU E 252 39.03 29.99 -17.01
CA GLU E 252 38.86 31.40 -16.62
C GLU E 252 38.95 31.66 -15.11
N GLY E 253 38.82 30.61 -14.29
CA GLY E 253 39.00 30.72 -12.84
C GLY E 253 37.98 31.62 -12.18
N GLN E 254 36.76 31.11 -12.05
CA GLN E 254 35.60 31.94 -11.69
C GLN E 254 34.52 31.17 -10.93
N ASP E 255 33.73 31.90 -10.15
CA ASP E 255 32.55 31.33 -9.47
C ASP E 255 31.41 31.31 -10.50
N VAL E 256 30.82 30.14 -10.75
CA VAL E 256 29.81 29.97 -11.81
C VAL E 256 28.57 29.23 -11.28
N LEU E 257 27.41 29.57 -11.83
CA LEU E 257 26.17 28.87 -11.52
C LEU E 257 25.77 27.96 -12.69
N LEU E 258 25.18 26.82 -12.35
CA LEU E 258 24.57 25.90 -13.30
C LEU E 258 23.10 25.68 -12.88
N PHE E 259 22.23 25.55 -13.86
CA PHE E 259 20.79 25.38 -13.62
C PHE E 259 20.22 24.22 -14.42
N ILE E 260 20.03 23.09 -13.74
CA ILE E 260 19.54 21.87 -14.35
C ILE E 260 18.05 21.70 -13.99
N ASP E 261 17.19 21.98 -14.97
CA ASP E 261 15.76 21.73 -14.88
C ASP E 261 15.39 20.79 -16.05
N ASN E 262 15.20 19.48 -15.84
CA ASN E 262 15.14 18.80 -14.52
C ASN E 262 16.12 17.63 -14.46
N ILE E 263 16.73 17.39 -13.30
CA ILE E 263 17.73 16.32 -13.15
C ILE E 263 17.12 14.90 -13.16
N PHE E 264 15.82 14.80 -12.84
CA PHE E 264 15.08 13.55 -13.01
C PHE E 264 15.03 13.13 -14.49
N ARG E 265 14.87 14.11 -15.38
CA ARG E 265 14.76 13.86 -16.82
C ARG E 265 16.09 13.36 -17.41
N PHE E 266 17.21 13.61 -16.76
CA PHE E 266 18.50 12.98 -17.08
C PHE E 266 18.42 11.49 -16.80
N THR E 267 18.05 11.15 -15.57
CA THR E 267 17.91 9.76 -15.14
C THR E 267 16.85 9.01 -15.95
N GLN E 268 15.73 9.67 -16.22
CA GLN E 268 14.66 9.10 -17.04
C GLN E 268 15.06 8.90 -18.49
N ALA E 269 15.82 9.84 -19.06
CA ALA E 269 16.36 9.70 -20.43
C ALA E 269 17.32 8.53 -20.56
N ASN E 270 18.16 8.33 -19.56
CA ASN E 270 19.06 7.17 -19.51
C ASN E 270 18.30 5.87 -19.31
N SER E 271 17.17 5.91 -18.61
CA SER E 271 16.27 4.76 -18.45
C SER E 271 15.65 4.27 -19.78
N GLU E 272 15.51 5.16 -20.75
CA GLU E 272 14.98 4.82 -22.08
C GLU E 272 16.04 4.13 -22.92
N VAL E 273 17.21 4.73 -23.04
CA VAL E 273 18.36 4.16 -23.78
C VAL E 273 18.81 2.81 -23.18
N SER E 274 18.87 2.74 -21.85
CA SER E 274 19.26 1.51 -21.14
C SER E 274 18.34 0.33 -21.47
N ALA E 275 17.07 0.60 -21.65
CA ALA E 275 16.10 -0.38 -22.14
C ALA E 275 16.41 -0.81 -23.56
N LEU E 276 16.62 0.16 -24.46
CA LEU E 276 16.92 -0.12 -25.88
C LEU E 276 18.28 -0.82 -26.07
N LEU E 277 19.23 -0.56 -25.18
CA LEU E 277 20.54 -1.22 -25.22
C LEU E 277 20.48 -2.72 -24.82
N GLY E 278 19.39 -3.14 -24.17
CA GLY E 278 19.17 -4.54 -23.79
C GLY E 278 19.62 -4.89 -22.38
N ARG E 279 19.79 -3.88 -21.53
CA ARG E 279 20.23 -4.08 -20.15
C ARG E 279 19.02 -4.41 -19.28
N ILE E 280 19.23 -5.27 -18.29
CA ILE E 280 18.16 -5.73 -17.40
C ILE E 280 17.91 -4.62 -16.37
N PRO E 281 16.64 -4.19 -16.20
CA PRO E 281 16.35 -3.11 -15.26
C PRO E 281 16.50 -3.50 -13.80
N ALA E 282 16.89 -2.54 -12.97
CA ALA E 282 17.02 -2.74 -11.52
C ALA E 282 15.66 -2.44 -10.84
N ALA E 283 15.68 -1.92 -9.61
CA ALA E 283 14.45 -1.61 -8.88
C ALA E 283 13.61 -0.54 -9.57
N VAL E 284 12.29 -0.75 -9.54
CA VAL E 284 11.28 0.16 -10.12
C VAL E 284 11.54 0.53 -11.60
N GLY E 285 12.07 -0.43 -12.36
CA GLY E 285 12.27 -0.27 -13.80
C GLY E 285 13.27 0.76 -14.29
N TYR E 286 14.16 1.23 -13.41
CA TYR E 286 15.24 2.14 -13.81
C TYR E 286 16.43 1.32 -14.29
N GLN E 287 17.35 1.99 -14.96
CA GLN E 287 18.61 1.39 -15.41
C GLN E 287 19.42 0.87 -14.21
N PRO E 288 20.19 -0.22 -14.39
CA PRO E 288 21.05 -0.73 -13.32
C PRO E 288 22.22 0.20 -12.96
N THR E 289 22.59 1.08 -13.88
CA THR E 289 23.64 2.08 -13.67
C THR E 289 23.08 3.44 -13.18
N LEU E 290 21.98 3.43 -12.43
CA LEU E 290 21.31 4.67 -12.00
C LEU E 290 22.19 5.51 -11.08
N ALA E 291 22.77 4.86 -10.07
CA ALA E 291 23.66 5.51 -9.11
C ALA E 291 24.98 5.96 -9.77
N GLU E 292 25.46 5.17 -10.73
CA GLU E 292 26.68 5.48 -11.46
C GLU E 292 26.49 6.64 -12.45
N ASP E 293 25.33 6.71 -13.12
CA ASP E 293 25.01 7.81 -14.03
C ASP E 293 24.98 9.15 -13.32
N LEU E 294 24.27 9.22 -12.20
CA LEU E 294 24.25 10.42 -11.35
C LEU E 294 25.63 10.71 -10.75
N GLY E 295 26.36 9.65 -10.39
CA GLY E 295 27.72 9.78 -9.86
C GLY E 295 28.66 10.58 -10.75
N GLN E 296 28.83 10.13 -12.00
CA GLN E 296 29.75 10.77 -12.94
C GLN E 296 29.31 12.18 -13.36
N LEU E 297 28.00 12.45 -13.31
CA LEU E 297 27.45 13.78 -13.62
C LEU E 297 27.63 14.75 -12.46
N GLN E 298 27.15 14.35 -11.28
CA GLN E 298 27.11 15.23 -10.10
C GLN E 298 28.51 15.50 -9.50
N GLU E 299 29.43 14.54 -9.63
CA GLU E 299 30.81 14.71 -9.15
C GLU E 299 31.62 15.74 -9.92
N ARG E 300 31.34 15.88 -11.21
CA ARG E 300 31.92 16.96 -12.03
C ARG E 300 31.49 18.35 -11.56
N ILE E 301 30.25 18.44 -11.03
CA ILE E 301 29.75 19.67 -10.42
C ILE E 301 30.32 19.77 -9.00
N THR E 302 31.46 20.46 -8.87
CA THR E 302 32.10 20.66 -7.57
C THR E 302 33.10 21.82 -7.59
N SER E 303 33.44 22.30 -6.41
CA SER E 303 34.38 23.39 -6.23
C SER E 303 35.81 22.87 -6.30
N THR E 304 36.49 23.19 -7.41
CA THR E 304 37.90 22.87 -7.58
C THR E 304 38.77 23.96 -6.93
N THR E 305 40.08 23.77 -6.99
CA THR E 305 41.03 24.83 -6.60
C THR E 305 41.05 25.96 -7.63
N LYS E 306 40.74 25.65 -8.89
CA LYS E 306 40.79 26.61 -9.99
C LYS E 306 39.59 27.57 -9.99
N GLY E 307 38.39 27.03 -9.78
CA GLY E 307 37.16 27.84 -9.73
C GLY E 307 36.12 27.24 -8.78
N SER E 308 34.85 27.52 -9.06
CA SER E 308 33.74 26.84 -8.38
C SER E 308 32.42 26.86 -9.19
N ILE E 309 31.96 25.70 -9.65
CA ILE E 309 30.59 25.54 -10.17
C ILE E 309 29.65 25.27 -9.01
N THR E 310 28.50 25.92 -9.02
CA THR E 310 27.52 25.82 -7.93
C THR E 310 26.15 25.60 -8.55
N SER E 311 25.77 24.33 -8.72
CA SER E 311 24.55 23.93 -9.43
C SER E 311 23.29 23.88 -8.59
N VAL E 312 22.31 24.70 -8.96
CA VAL E 312 20.95 24.63 -8.46
C VAL E 312 20.17 23.75 -9.45
N GLN E 313 19.43 22.80 -8.91
CA GLN E 313 18.79 21.73 -9.66
C GLN E 313 17.32 21.64 -9.27
N ALA E 314 16.49 21.26 -10.25
CA ALA E 314 15.12 20.86 -10.00
C ALA E 314 15.09 19.34 -10.00
N VAL E 315 14.31 18.76 -9.08
CA VAL E 315 14.19 17.30 -8.97
C VAL E 315 12.72 16.90 -8.93
N TYR E 316 12.28 16.18 -9.95
CA TYR E 316 10.91 15.66 -9.99
C TYR E 316 10.83 14.39 -9.13
N VAL E 317 9.88 14.37 -8.19
CA VAL E 317 9.60 13.21 -7.36
C VAL E 317 8.39 12.50 -7.98
N PRO E 318 8.60 11.36 -8.67
CA PRO E 318 7.51 10.72 -9.40
C PRO E 318 6.46 10.11 -8.46
N ALA E 319 5.19 10.41 -8.73
CA ALA E 319 4.06 9.92 -7.93
C ALA E 319 4.09 10.38 -6.47
N ASP E 320 4.76 11.50 -6.20
CA ASP E 320 5.05 11.99 -4.84
C ASP E 320 5.64 10.90 -3.93
N ASP E 321 6.49 10.05 -4.51
CA ASP E 321 7.11 8.95 -3.80
C ASP E 321 8.60 9.27 -3.62
N ILE E 322 8.95 9.80 -2.46
CA ILE E 322 10.32 10.21 -2.14
C ILE E 322 11.27 9.01 -1.97
N THR E 323 10.73 7.82 -1.68
CA THR E 323 11.52 6.59 -1.59
C THR E 323 11.94 6.03 -2.95
N ASP E 324 11.34 6.50 -4.04
CA ASP E 324 11.73 6.16 -5.42
C ASP E 324 13.26 6.38 -5.60
N PRO E 325 13.95 5.47 -6.33
CA PRO E 325 15.39 5.59 -6.60
C PRO E 325 15.89 6.91 -7.20
N ALA E 326 15.12 7.52 -8.09
CA ALA E 326 15.58 8.71 -8.83
C ALA E 326 15.84 9.93 -7.95
N PRO E 327 14.91 10.28 -7.03
CA PRO E 327 15.25 11.28 -6.00
C PRO E 327 16.13 10.75 -4.88
N ALA E 328 15.81 9.56 -4.35
CA ALA E 328 16.52 8.99 -3.18
C ALA E 328 18.03 8.90 -3.37
N THR E 329 18.46 8.49 -4.57
CA THR E 329 19.87 8.46 -4.93
C THR E 329 20.47 9.87 -5.04
N THR E 330 19.69 10.81 -5.56
CA THR E 330 20.13 12.22 -5.69
C THR E 330 20.34 12.92 -4.34
N PHE E 331 19.51 12.63 -3.36
CA PHE E 331 19.58 13.26 -2.02
C PHE E 331 20.96 13.22 -1.35
N SER E 332 21.71 12.14 -1.54
CA SER E 332 23.09 12.04 -1.02
C SER E 332 24.06 13.10 -1.58
N HIS E 333 23.86 13.47 -2.84
CA HIS E 333 24.73 14.44 -3.53
C HIS E 333 24.50 15.92 -3.12
N LEU E 334 23.33 16.24 -2.55
CA LEU E 334 22.89 17.62 -2.38
C LEU E 334 23.28 18.26 -1.02
N ASP E 335 23.45 19.58 -1.07
CA ASP E 335 24.09 20.37 -0.02
C ASP E 335 23.05 21.21 0.63
N ALA E 336 22.30 21.97 -0.18
CA ALA E 336 21.31 22.94 0.31
C ALA E 336 19.96 22.66 -0.32
N THR E 337 19.03 22.15 0.48
CA THR E 337 17.66 21.85 0.04
C THR E 337 16.74 23.06 0.25
N THR E 338 16.32 23.69 -0.85
CA THR E 338 15.42 24.85 -0.82
C THR E 338 14.00 24.40 -1.15
N VAL E 339 13.07 24.63 -0.22
CA VAL E 339 11.69 24.19 -0.35
C VAL E 339 10.77 25.41 -0.47
N LEU E 340 10.02 25.49 -1.56
CA LEU E 340 9.08 26.57 -1.83
C LEU E 340 7.66 26.08 -1.62
N ASP E 341 6.88 26.85 -0.86
CA ASP E 341 5.52 26.47 -0.48
C ASP E 341 4.51 27.42 -1.14
N ARG E 342 3.38 26.87 -1.58
CA ARG E 342 2.34 27.65 -2.27
C ARG E 342 1.58 28.57 -1.31
N ALA E 343 1.26 28.06 -0.13
CA ALA E 343 0.57 28.86 0.91
C ALA E 343 1.37 30.07 1.37
N VAL E 344 2.71 29.95 1.35
CA VAL E 344 3.61 31.06 1.66
C VAL E 344 3.58 32.11 0.54
N ALA E 345 3.53 31.65 -0.71
CA ALA E 345 3.43 32.54 -1.88
C ALA E 345 2.11 33.31 -1.90
N GLU E 346 1.00 32.59 -1.70
CA GLU E 346 -0.34 33.20 -1.72
C GLU E 346 -0.62 34.13 -0.54
N SER E 347 0.08 33.93 0.57
CA SER E 347 -0.02 34.84 1.73
C SER E 347 0.63 36.21 1.51
N GLY E 348 1.56 36.29 0.56
CA GLY E 348 2.23 37.54 0.20
C GLY E 348 3.76 37.54 0.28
N ILE E 349 4.34 36.50 0.89
CA ILE E 349 5.78 36.42 1.09
C ILE E 349 6.45 35.88 -0.18
N TYR E 350 7.25 36.73 -0.83
CA TYR E 350 8.10 36.32 -1.97
C TYR E 350 9.55 36.71 -1.66
N PRO E 351 10.53 35.82 -1.88
CA PRO E 351 10.36 34.48 -2.42
C PRO E 351 9.64 33.57 -1.43
N ALA E 352 9.00 32.52 -1.96
CA ALA E 352 8.06 31.70 -1.18
C ALA E 352 8.74 30.56 -0.41
N VAL E 353 9.86 30.87 0.23
CA VAL E 353 10.70 29.86 0.88
C VAL E 353 10.15 29.56 2.27
N ASN E 354 9.71 28.32 2.48
CA ASN E 354 9.30 27.82 3.78
C ASN E 354 10.56 27.36 4.54
N PRO E 355 11.03 28.15 5.52
CA PRO E 355 12.36 27.91 6.09
C PRO E 355 12.50 26.68 6.99
N LEU E 356 11.38 26.15 7.51
CA LEU E 356 11.42 24.98 8.40
C LEU E 356 11.70 23.68 7.66
N GLU E 357 11.11 23.51 6.49
CA GLU E 357 11.37 22.34 5.63
C GLU E 357 12.73 22.41 4.90
N CYS E 358 13.31 23.61 4.80
CA CYS E 358 14.65 23.79 4.22
C CYS E 358 15.77 23.28 5.12
N ALA E 359 16.95 23.09 4.54
CA ALA E 359 18.17 22.72 5.27
C ALA E 359 19.43 22.93 4.42
N SER E 360 20.58 23.08 5.07
CA SER E 360 21.88 23.19 4.41
C SER E 360 22.97 22.47 5.20
N ARG E 361 23.91 21.86 4.51
CA ARG E 361 25.03 21.14 5.15
C ARG E 361 25.99 22.10 5.84
N ILE E 362 26.28 23.22 5.17
CA ILE E 362 27.19 24.23 5.72
C ILE E 362 26.63 25.11 6.84
N MET E 363 25.35 24.94 7.19
CA MET E 363 24.80 25.51 8.42
C MET E 363 25.46 24.84 9.62
N ASP E 364 26.68 25.31 9.94
CA ASP E 364 27.58 24.66 10.90
C ASP E 364 28.58 25.70 11.44
N PRO E 365 28.82 25.72 12.77
CA PRO E 365 29.80 26.65 13.35
C PRO E 365 31.23 26.60 12.78
N ASP E 366 31.63 25.45 12.22
CA ASP E 366 32.96 25.30 11.62
C ASP E 366 33.11 26.06 10.29
N VAL E 367 32.11 25.90 9.41
CA VAL E 367 32.16 26.51 8.07
C VAL E 367 31.86 28.01 8.15
N ILE E 368 30.61 28.37 8.48
CA ILE E 368 30.22 29.77 8.66
C ILE E 368 30.65 30.25 10.04
N SER E 369 30.57 31.56 10.26
CA SER E 369 30.98 32.15 11.54
C SER E 369 30.03 31.77 12.67
N VAL E 370 30.50 31.93 13.91
CA VAL E 370 29.71 31.59 15.10
C VAL E 370 28.50 32.52 15.22
N ASP E 371 28.70 33.80 14.89
CA ASP E 371 27.61 34.79 14.90
C ASP E 371 26.54 34.50 13.84
N HIS E 372 26.94 33.92 12.71
CA HIS E 372 26.01 33.51 11.63
C HIS E 372 25.13 32.35 12.10
N TYR E 373 25.75 31.31 12.66
CA TYR E 373 25.04 30.12 13.13
C TYR E 373 24.06 30.43 14.26
N ASN E 374 24.51 31.18 15.26
CA ASN E 374 23.69 31.49 16.45
C ASN E 374 22.45 32.34 16.11
N VAL E 375 22.62 33.33 15.23
CA VAL E 375 21.50 34.16 14.78
C VAL E 375 20.54 33.36 13.90
N ALA E 376 21.09 32.57 12.98
CA ALA E 376 20.29 31.75 12.07
C ALA E 376 19.45 30.69 12.79
N GLN E 377 20.02 30.09 13.84
CA GLN E 377 19.30 29.12 14.67
C GLN E 377 18.16 29.77 15.45
N ASP E 378 18.37 30.98 15.97
CA ASP E 378 17.34 31.72 16.70
C ASP E 378 16.13 32.09 15.83
N VAL E 379 16.36 32.35 14.55
CA VAL E 379 15.26 32.59 13.59
C VAL E 379 14.43 31.30 13.41
N VAL E 380 15.13 30.18 13.27
CA VAL E 380 14.49 28.87 13.12
C VAL E 380 13.77 28.45 14.42
N GLN E 381 14.39 28.72 15.57
CA GLN E 381 13.78 28.45 16.88
C GLN E 381 12.54 29.30 17.12
N MET E 382 12.64 30.61 16.87
CA MET E 382 11.51 31.54 17.06
C MET E 382 10.33 31.23 16.16
N LEU E 383 10.59 30.87 14.89
CA LEU E 383 9.54 30.46 13.96
C LEU E 383 8.87 29.14 14.36
N THR E 384 9.63 28.23 14.99
CA THR E 384 9.07 26.98 15.52
C THR E 384 8.14 27.23 16.71
N LYS E 385 8.54 28.11 17.63
CA LYS E 385 7.67 28.57 18.72
C LYS E 385 6.43 29.29 18.21
N TYR E 386 6.59 30.09 17.16
CA TYR E 386 5.49 30.86 16.58
C TYR E 386 4.38 29.96 16.00
N ARG E 387 4.75 28.87 15.35
CA ARG E 387 3.78 27.91 14.81
C ARG E 387 2.98 27.19 15.91
N GLU E 388 3.63 26.95 17.05
CA GLU E 388 2.95 26.40 18.23
C GLU E 388 1.99 27.42 18.86
N LEU E 389 2.43 28.67 18.96
CA LEU E 389 1.60 29.78 19.45
C LEU E 389 0.44 30.12 18.53
N GLN E 390 0.63 29.96 17.22
CA GLN E 390 -0.45 30.20 16.23
C GLN E 390 -1.67 29.26 16.42
N ASP E 391 -1.41 28.04 16.89
CA ASP E 391 -2.50 27.09 17.20
C ASP E 391 -3.23 27.45 18.49
N ILE E 392 -2.52 28.07 19.43
CA ILE E 392 -3.12 28.51 20.70
C ILE E 392 -4.01 29.74 20.52
N ILE E 393 -3.57 30.71 19.72
CA ILE E 393 -4.39 31.91 19.42
C ILE E 393 -5.70 31.59 18.69
N ALA E 394 -5.66 30.59 17.80
CA ALA E 394 -6.87 30.13 17.09
C ALA E 394 -7.90 29.52 18.04
N VAL E 395 -7.43 28.74 19.02
CA VAL E 395 -8.29 28.12 20.02
C VAL E 395 -8.72 29.13 21.07
N LEU E 396 -7.75 29.63 21.85
CA LEU E 396 -8.03 30.50 22.99
C LEU E 396 -8.27 31.95 22.56
N GLY E 397 -7.22 32.61 22.06
CA GLY E 397 -7.27 34.03 21.67
C GLY E 397 -5.95 34.72 21.83
N ILE E 398 -5.81 35.91 21.22
CA ILE E 398 -4.58 36.70 21.29
C ILE E 398 -4.33 37.26 22.69
N ASP E 399 -5.40 37.65 23.37
CA ASP E 399 -5.33 38.20 24.73
C ASP E 399 -4.97 37.15 25.80
N GLU E 400 -5.27 35.88 25.52
CA GLU E 400 -5.01 34.79 26.47
C GLU E 400 -3.52 34.45 26.67
N LEU E 401 -2.67 34.82 25.70
CA LEU E 401 -1.23 34.53 25.79
C LEU E 401 -0.53 35.31 26.91
N SER E 402 0.66 34.83 27.29
CA SER E 402 1.46 35.46 28.34
C SER E 402 2.09 36.76 27.87
N GLU E 403 2.73 37.48 28.81
CA GLU E 403 3.36 38.78 28.53
C GLU E 403 4.59 38.64 27.63
N GLU E 404 5.44 37.65 27.94
CA GLU E 404 6.64 37.36 27.14
C GLU E 404 6.29 36.74 25.79
N ASP E 405 5.28 35.87 25.75
CA ASP E 405 4.85 35.21 24.50
C ASP E 405 4.23 36.17 23.49
N LYS E 406 3.56 37.23 23.96
CA LYS E 406 3.06 38.30 23.08
C LYS E 406 4.19 39.01 22.33
N LEU E 407 5.29 39.25 23.03
CA LEU E 407 6.48 39.89 22.46
C LEU E 407 7.20 38.98 21.46
N ILE E 408 7.16 37.67 21.69
CA ILE E 408 7.68 36.67 20.74
C ILE E 408 6.85 36.67 19.44
N VAL E 409 5.53 36.80 19.57
CA VAL E 409 4.64 36.88 18.40
C VAL E 409 4.93 38.16 17.57
N ASP E 410 5.08 39.29 18.25
CA ASP E 410 5.41 40.56 17.57
C ASP E 410 6.73 40.50 16.80
N ARG E 411 7.74 39.85 17.37
CA ARG E 411 9.04 39.64 16.71
C ARG E 411 8.94 38.59 15.61
N ALA E 412 8.29 37.47 15.89
CA ALA E 412 8.14 36.37 14.93
C ALA E 412 7.32 36.76 13.70
N ARG E 413 6.27 37.57 13.91
CA ARG E 413 5.51 38.14 12.80
C ARG E 413 6.39 39.04 11.92
N LYS E 414 7.25 39.82 12.55
CA LYS E 414 8.24 40.66 11.83
C LYS E 414 9.32 39.82 11.13
N LEU E 415 9.73 38.70 11.73
CA LEU E 415 10.68 37.77 11.11
C LEU E 415 10.14 37.17 9.80
N VAL E 416 8.86 36.77 9.80
CA VAL E 416 8.22 36.24 8.59
C VAL E 416 8.14 37.31 7.49
N LYS E 417 7.81 38.54 7.88
CA LYS E 417 7.72 39.65 6.94
C LYS E 417 9.11 40.08 6.42
N PHE E 418 10.10 40.12 7.31
CA PHE E 418 11.47 40.51 6.94
C PHE E 418 12.18 39.48 6.07
N LEU E 419 11.75 38.22 6.14
CA LEU E 419 12.25 37.16 5.24
C LEU E 419 11.87 37.37 3.77
N SER E 420 10.78 38.11 3.51
CA SER E 420 10.42 38.50 2.14
C SER E 420 11.42 39.50 1.57
N GLN E 421 11.54 39.51 0.25
CA GLN E 421 12.53 40.35 -0.44
C GLN E 421 12.11 40.67 -1.89
N PRO E 422 12.13 41.96 -2.28
CA PRO E 422 11.81 42.33 -3.66
C PRO E 422 12.98 42.04 -4.59
N PHE E 423 12.75 41.20 -5.58
CA PHE E 423 13.82 40.74 -6.48
C PHE E 423 14.08 41.74 -7.59
N GLN E 424 15.34 41.84 -8.01
CA GLN E 424 15.76 42.78 -9.05
C GLN E 424 15.26 42.41 -10.45
N VAL E 425 15.19 41.10 -10.75
CA VAL E 425 14.57 40.66 -12.02
C VAL E 425 13.06 40.86 -11.99
N ALA E 426 12.45 40.77 -10.81
CA ALA E 426 11.00 41.00 -10.65
C ALA E 426 10.68 42.45 -10.26
N GLU E 427 11.10 43.40 -11.09
CA GLU E 427 10.70 44.81 -10.97
C GLU E 427 9.35 45.02 -11.65
N VAL E 428 9.13 44.33 -12.76
CA VAL E 428 7.84 44.34 -13.46
C VAL E 428 6.69 43.82 -12.59
N PHE E 429 6.95 42.76 -11.83
CA PHE E 429 5.91 42.13 -10.99
C PHE E 429 5.63 42.95 -9.74
N THR E 430 6.67 43.22 -8.95
CA THR E 430 6.53 43.91 -7.66
C THR E 430 6.26 45.41 -7.79
N GLY E 431 6.76 46.02 -8.87
CA GLY E 431 6.66 47.46 -9.07
C GLY E 431 7.56 48.28 -8.15
N MET E 432 8.64 47.64 -7.66
CA MET E 432 9.65 48.28 -6.80
C MET E 432 11.03 47.79 -7.18
N THR E 433 12.04 48.63 -6.97
CA THR E 433 13.43 48.31 -7.29
C THR E 433 13.94 47.15 -6.43
N GLY E 434 14.89 46.37 -6.98
CA GLY E 434 15.45 45.22 -6.28
C GLY E 434 16.38 45.56 -5.14
N HIS E 435 16.73 44.54 -4.36
CA HIS E 435 17.62 44.70 -3.20
C HIS E 435 18.58 43.52 -3.08
N TYR E 436 19.86 43.77 -3.33
CA TYR E 436 20.92 42.81 -3.00
C TYR E 436 21.32 43.09 -1.54
N VAL E 437 21.00 42.14 -0.65
CA VAL E 437 21.28 42.29 0.78
C VAL E 437 22.57 41.55 1.11
N GLN E 438 23.55 42.27 1.65
CA GLN E 438 24.87 41.69 1.99
C GLN E 438 24.76 40.72 3.16
N LEU E 439 25.70 39.78 3.21
CA LEU E 439 25.74 38.76 4.28
C LEU E 439 25.91 39.39 5.66
N ASP E 440 26.76 40.42 5.74
CA ASP E 440 26.96 41.17 6.98
C ASP E 440 25.71 41.97 7.38
N ASP E 441 25.00 42.51 6.40
CA ASP E 441 23.73 43.21 6.63
C ASP E 441 22.64 42.24 7.09
N THR E 442 22.54 41.08 6.42
CA THR E 442 21.55 40.05 6.75
C THR E 442 21.68 39.55 8.19
N ILE E 443 22.91 39.27 8.62
CA ILE E 443 23.17 38.73 9.96
C ILE E 443 22.91 39.78 11.05
N ASP E 444 23.38 41.00 10.84
CA ASP E 444 23.23 42.09 11.82
C ASP E 444 21.79 42.54 12.03
N SER E 445 21.05 42.71 10.94
CA SER E 445 19.64 43.15 10.98
C SER E 445 18.74 42.13 11.70
N PHE E 446 18.90 40.85 11.35
CA PHE E 446 18.17 39.75 12.02
C PHE E 446 18.59 39.57 13.47
N SER E 447 19.87 39.79 13.77
CA SER E 447 20.39 39.71 15.15
C SER E 447 19.73 40.73 16.06
N GLY E 448 19.66 41.98 15.60
CA GLY E 448 19.01 43.07 16.34
C GLY E 448 17.52 42.87 16.55
N LEU E 449 16.84 42.25 15.58
CA LEU E 449 15.41 41.95 15.68
C LEU E 449 15.14 40.90 16.77
N LEU E 450 16.03 39.92 16.91
CA LEU E 450 15.95 38.91 17.97
C LEU E 450 16.22 39.48 19.36
N MET E 451 17.20 40.39 19.45
CA MET E 451 17.48 41.13 20.68
C MET E 451 16.28 41.95 21.17
N GLY E 452 15.54 42.50 20.22
CA GLY E 452 14.41 43.40 20.49
C GLY E 452 14.77 44.87 20.39
N THR E 453 15.74 45.19 19.53
CA THR E 453 16.15 46.58 19.29
C THR E 453 15.17 47.29 18.35
N TYR E 454 14.43 46.52 17.54
CA TYR E 454 13.44 47.06 16.60
C TYR E 454 12.01 46.65 16.98
N ASP E 455 11.70 46.68 18.28
CA ASP E 455 10.35 46.39 18.77
C ASP E 455 9.37 47.53 18.49
N GLN E 456 9.86 48.77 18.61
CA GLN E 456 9.05 49.96 18.34
C GLN E 456 8.85 50.23 16.83
N VAL E 457 9.65 49.58 15.99
CA VAL E 457 9.51 49.67 14.53
C VAL E 457 8.24 48.88 14.12
N PRO E 458 7.37 49.46 13.26
CA PRO E 458 6.14 48.76 12.87
C PRO E 458 6.37 47.53 11.99
N GLU E 459 5.35 46.68 11.90
CA GLU E 459 5.44 45.37 11.25
C GLU E 459 5.58 45.47 9.73
N MET E 460 4.75 46.30 9.10
CA MET E 460 4.75 46.45 7.63
C MET E 460 5.97 47.18 7.07
N ALA E 461 6.78 47.79 7.92
CA ALA E 461 8.10 48.30 7.53
C ALA E 461 9.04 47.19 7.04
N PHE E 462 8.97 46.03 7.70
CA PHE E 462 9.81 44.88 7.37
C PHE E 462 9.37 44.13 6.09
N TYR E 463 8.11 44.28 5.69
CA TYR E 463 7.58 43.57 4.52
C TYR E 463 8.14 44.11 3.21
N MET E 464 8.78 43.22 2.43
CA MET E 464 9.28 43.50 1.09
C MET E 464 10.26 44.68 1.05
N VAL E 465 11.39 44.47 1.73
CA VAL E 465 12.52 45.40 1.72
C VAL E 465 13.82 44.59 1.81
N GLY E 466 14.98 45.26 1.69
CA GLY E 466 16.27 44.57 1.81
C GLY E 466 17.27 45.28 2.69
N GLY E 467 17.49 44.76 3.89
CA GLY E 467 18.47 45.34 4.83
C GLY E 467 17.84 46.38 5.74
N ILE E 468 18.53 46.67 6.85
CA ILE E 468 17.97 47.53 7.91
C ILE E 468 17.78 49.00 7.51
N ASN E 469 18.64 49.51 6.62
CA ASN E 469 18.52 50.88 6.11
C ASN E 469 17.21 51.11 5.34
N SER E 470 16.81 50.11 4.54
CA SER E 470 15.54 50.17 3.80
C SER E 470 14.32 49.97 4.72
N VAL E 471 14.49 49.23 5.82
CA VAL E 471 13.43 49.05 6.82
C VAL E 471 13.16 50.39 7.52
N LEU E 472 14.22 51.02 8.04
CA LEU E 472 14.10 52.32 8.70
C LEU E 472 13.68 53.45 7.75
N GLU E 473 14.03 53.33 6.46
CA GLU E 473 13.55 54.25 5.42
C GLU E 473 12.04 54.15 5.21
N LYS E 474 11.54 52.92 5.08
CA LYS E 474 10.10 52.68 4.92
C LYS E 474 9.32 53.04 6.18
N ALA E 475 9.92 52.79 7.36
CA ALA E 475 9.33 53.17 8.65
C ALA E 475 9.23 54.68 8.83
N LYS E 476 10.18 55.43 8.26
CA LYS E 476 10.12 56.89 8.25
C LYS E 476 8.99 57.39 7.34
N LYS E 477 8.87 56.78 6.15
CA LYS E 477 7.78 57.09 5.23
C LYS E 477 6.39 56.73 5.79
N MET E 478 6.32 55.64 6.54
CA MET E 478 5.09 55.23 7.22
C MET E 478 4.71 56.15 8.37
N ALA E 479 5.70 56.64 9.12
CA ALA E 479 5.47 57.61 10.20
C ALA E 479 4.97 58.96 9.66
N GLU E 480 5.54 59.40 8.54
CA GLU E 480 5.16 60.67 7.92
C GLU E 480 3.75 60.62 7.29
N GLU E 481 3.44 59.54 6.58
CA GLU E 481 2.14 59.37 5.93
C GLU E 481 1.02 59.12 6.95
N ALA E 482 1.33 58.38 8.01
CA ALA E 482 0.40 58.16 9.12
C ALA E 482 0.13 59.43 9.92
N ALA E 483 1.13 60.31 10.01
CA ALA E 483 0.97 61.63 10.64
C ALA E 483 0.04 62.55 9.83
N GLU E 484 0.11 62.46 8.51
CA GLU E 484 -0.74 63.26 7.62
C GLU E 484 -2.21 62.81 7.62
N LEU E 485 -2.42 61.51 7.50
CA LEU E 485 -3.79 60.93 7.49
C LEU E 485 -4.50 61.09 8.84
N GLU E 486 -3.74 61.04 9.93
CA GLU E 486 -4.26 61.29 11.28
C GLU E 486 -4.68 62.75 11.47
N LYS E 487 -3.90 63.67 10.90
CA LYS E 487 -4.22 65.11 10.95
C LYS E 487 -5.47 65.47 10.14
N MET E 488 -5.73 64.72 9.06
CA MET E 488 -6.96 64.88 8.27
C MET E 488 -8.22 64.49 9.05
N ARG E 489 -8.17 63.37 9.77
CA ARG E 489 -9.29 62.93 10.61
C ARG E 489 -9.40 63.70 11.94
N ARG E 490 -8.36 64.42 12.32
CA ARG E 490 -8.36 65.33 13.49
C ARG E 490 -8.85 66.75 13.09
N ALA E 491 -9.93 66.77 12.32
CA ALA E 491 -10.40 68.00 11.65
C ALA E 491 -11.81 67.87 11.08
N ARG E 492 -12.03 66.81 10.28
CA ARG E 492 -13.34 66.56 9.66
C ARG E 492 -14.40 66.21 10.71
N ALA F 7 32.64 -50.02 -6.71
CA ALA F 7 32.88 -48.74 -7.46
C ALA F 7 33.85 -48.96 -8.63
N ASP F 8 33.29 -49.10 -9.83
CA ASP F 8 34.10 -49.28 -11.04
C ASP F 8 34.67 -47.95 -11.57
N HIS F 9 33.89 -46.88 -11.47
CA HIS F 9 34.32 -45.51 -11.86
C HIS F 9 35.33 -44.86 -10.88
N LYS F 10 36.16 -45.67 -10.25
CA LYS F 10 36.81 -45.33 -8.96
C LYS F 10 37.77 -44.17 -9.08
N GLY F 11 38.78 -44.32 -9.93
CA GLY F 11 39.76 -43.25 -10.19
C GLY F 11 39.70 -42.78 -11.62
N ARG F 12 38.48 -42.61 -12.14
CA ARG F 12 38.27 -42.26 -13.54
C ARG F 12 38.61 -40.79 -13.78
N VAL F 13 39.53 -40.56 -14.72
CA VAL F 13 40.12 -39.24 -14.93
C VAL F 13 39.25 -38.38 -15.85
N GLY F 14 39.19 -37.09 -15.52
CA GLY F 14 38.50 -36.09 -16.35
C GLY F 14 39.24 -34.77 -16.32
N HIS F 15 38.80 -33.83 -17.16
CA HIS F 15 39.41 -32.50 -17.27
C HIS F 15 38.36 -31.41 -17.18
N VAL F 16 38.74 -30.26 -16.61
CA VAL F 16 37.80 -29.16 -16.37
C VAL F 16 37.45 -28.45 -17.68
N SER F 17 36.20 -28.57 -18.08
CA SER F 17 35.70 -28.02 -19.35
C SER F 17 35.41 -26.53 -19.27
N GLN F 18 34.80 -26.08 -18.17
CA GLN F 18 34.38 -24.68 -18.00
C GLN F 18 34.25 -24.31 -16.53
N VAL F 19 34.63 -23.07 -16.18
CA VAL F 19 34.59 -22.57 -14.80
C VAL F 19 33.87 -21.22 -14.74
N ILE F 20 32.63 -21.23 -14.28
CA ILE F 20 31.81 -20.02 -14.10
C ILE F 20 31.36 -19.96 -12.64
N GLY F 21 32.18 -19.29 -11.82
CA GLY F 21 31.92 -19.19 -10.37
C GLY F 21 32.20 -20.49 -9.66
N ALA F 22 31.34 -20.83 -8.70
CA ALA F 22 31.41 -22.12 -7.99
C ALA F 22 31.00 -23.29 -8.90
N VAL F 23 30.17 -23.02 -9.91
CA VAL F 23 29.75 -24.04 -10.88
C VAL F 23 30.86 -24.33 -11.88
N VAL F 24 31.23 -25.61 -12.00
CA VAL F 24 32.34 -26.07 -12.84
C VAL F 24 31.91 -27.29 -13.67
N ASP F 25 32.16 -27.24 -14.97
CA ASP F 25 31.91 -28.38 -15.87
C ASP F 25 33.17 -29.23 -15.99
N VAL F 26 32.98 -30.55 -16.10
CA VAL F 26 34.11 -31.50 -16.20
C VAL F 26 33.86 -32.49 -17.36
N HIS F 27 34.85 -32.59 -18.27
CA HIS F 27 34.81 -33.54 -19.38
C HIS F 27 35.52 -34.84 -18.98
N PHE F 28 34.82 -35.97 -19.07
CA PHE F 28 35.40 -37.29 -18.83
C PHE F 28 35.50 -38.07 -20.14
N ALA F 29 36.66 -38.70 -20.37
CA ALA F 29 36.92 -39.43 -21.62
C ALA F 29 36.11 -40.70 -21.73
N ASP F 30 36.05 -41.48 -20.65
CA ASP F 30 35.34 -42.77 -20.62
C ASP F 30 33.96 -42.64 -19.95
N GLY F 31 33.20 -41.62 -20.37
CA GLY F 31 31.87 -41.37 -19.81
C GLY F 31 31.89 -40.66 -18.46
N VAL F 32 30.79 -39.97 -18.15
CA VAL F 32 30.67 -39.20 -16.92
C VAL F 32 30.32 -40.14 -15.75
N PRO F 33 30.79 -39.84 -14.53
CA PRO F 33 30.29 -40.56 -13.35
C PRO F 33 28.78 -40.37 -13.08
N PRO F 34 28.25 -41.02 -12.03
CA PRO F 34 26.85 -40.77 -11.66
C PRO F 34 26.61 -39.37 -11.08
N VAL F 35 25.35 -39.07 -10.77
CA VAL F 35 24.98 -37.77 -10.21
C VAL F 35 25.31 -37.81 -8.71
N LEU F 36 25.64 -36.64 -8.15
CA LEU F 36 26.07 -36.48 -6.74
C LEU F 36 27.44 -37.08 -6.43
N THR F 37 28.23 -37.40 -7.47
CA THR F 37 29.52 -38.06 -7.30
C THR F 37 30.59 -37.02 -6.97
N ALA F 38 31.33 -37.24 -5.89
CA ALA F 38 32.41 -36.34 -5.47
C ALA F 38 33.64 -36.54 -6.34
N LEU F 39 34.33 -35.44 -6.66
CA LEU F 39 35.50 -35.43 -7.54
C LEU F 39 36.61 -34.58 -6.94
N ASP F 40 37.80 -35.16 -6.76
CA ASP F 40 38.96 -34.41 -6.27
C ASP F 40 39.74 -33.82 -7.45
N VAL F 41 40.08 -32.53 -7.35
CA VAL F 41 40.90 -31.85 -8.37
C VAL F 41 42.37 -32.10 -8.03
N VAL F 42 43.01 -32.99 -8.78
CA VAL F 42 44.38 -33.43 -8.51
C VAL F 42 45.43 -32.38 -8.91
N ASP F 43 45.12 -31.57 -9.92
CA ASP F 43 46.09 -30.61 -10.49
C ASP F 43 46.57 -29.59 -9.43
N LYS F 44 47.82 -29.16 -9.57
CA LYS F 44 48.55 -28.54 -8.45
C LYS F 44 48.17 -27.10 -8.13
N LEU F 45 48.32 -26.20 -9.10
CA LEU F 45 48.01 -24.77 -8.96
C LEU F 45 48.80 -24.11 -7.81
N GLY F 46 48.44 -22.89 -7.43
CA GLY F 46 49.08 -22.21 -6.30
C GLY F 46 48.23 -22.21 -5.04
N ARG F 47 47.45 -23.28 -4.85
CA ARG F 47 46.47 -23.34 -3.77
C ARG F 47 47.10 -23.62 -2.40
N ASP F 48 46.45 -23.11 -1.36
CA ASP F 48 46.75 -23.50 0.03
C ASP F 48 45.87 -24.68 0.48
N GLU F 49 44.62 -24.73 0.00
CA GLU F 49 43.64 -25.75 0.38
C GLU F 49 43.17 -26.54 -0.84
N PRO F 50 42.74 -27.80 -0.66
CA PRO F 50 42.28 -28.62 -1.80
C PRO F 50 40.92 -28.19 -2.35
N LEU F 51 40.57 -28.75 -3.51
CA LEU F 51 39.29 -28.48 -4.19
C LEU F 51 38.58 -29.79 -4.46
N THR F 52 37.30 -29.86 -4.08
CA THR F 52 36.47 -31.05 -4.29
C THR F 52 35.13 -30.65 -4.91
N LEU F 53 34.81 -31.24 -6.06
CA LEU F 53 33.61 -30.91 -6.83
C LEU F 53 32.58 -32.04 -6.73
N GLU F 54 31.31 -31.68 -6.55
CA GLU F 54 30.20 -32.63 -6.57
C GLU F 54 29.39 -32.43 -7.84
N ILE F 55 29.19 -33.49 -8.62
CA ILE F 55 28.39 -33.44 -9.85
C ILE F 55 26.93 -33.27 -9.49
N VAL F 56 26.29 -32.23 -10.03
CA VAL F 56 24.84 -31.99 -9.84
C VAL F 56 24.04 -32.36 -11.09
N GLN F 57 24.56 -32.03 -12.27
CA GLN F 57 23.88 -32.29 -13.54
C GLN F 57 24.81 -33.01 -14.53
N HIS F 58 24.20 -33.61 -15.55
CA HIS F 58 24.92 -34.10 -16.73
C HIS F 58 24.48 -33.27 -17.92
N LEU F 59 25.43 -32.85 -18.75
CA LEU F 59 25.16 -32.09 -19.97
C LEU F 59 25.08 -33.01 -21.18
N ASP F 60 26.08 -33.87 -21.32
CA ASP F 60 26.11 -34.93 -22.34
C ASP F 60 26.71 -36.22 -21.73
N ALA F 61 26.88 -37.25 -22.56
CA ALA F 61 27.49 -38.52 -22.13
C ALA F 61 28.92 -38.38 -21.58
N HIS F 62 29.67 -37.40 -22.08
CA HIS F 62 31.07 -37.17 -21.68
C HIS F 62 31.32 -35.97 -20.75
N THR F 63 30.32 -35.09 -20.57
CA THR F 63 30.47 -33.87 -19.76
C THR F 63 29.46 -33.84 -18.61
N GLY F 64 29.89 -33.31 -17.45
CA GLY F 64 29.05 -33.23 -16.25
C GLY F 64 29.29 -31.96 -15.45
N ARG F 65 28.20 -31.26 -15.11
CA ARG F 65 28.27 -29.99 -14.39
C ARG F 65 28.29 -30.22 -12.88
N CYS F 66 29.12 -29.44 -12.18
CA CYS F 66 29.41 -29.66 -10.76
C CYS F 66 29.29 -28.37 -9.93
N ILE F 67 29.49 -28.50 -8.61
CA ILE F 67 29.59 -27.36 -7.70
C ILE F 67 30.78 -27.52 -6.77
N ALA F 68 31.48 -26.43 -6.52
CA ALA F 68 32.72 -26.44 -5.73
C ALA F 68 32.42 -26.29 -4.25
N MET F 69 33.02 -27.15 -3.42
CA MET F 69 32.90 -27.06 -1.96
C MET F 69 33.87 -26.06 -1.37
N GLN F 70 35.06 -25.94 -1.98
CA GLN F 70 36.01 -24.87 -1.67
C GLN F 70 35.96 -23.81 -2.78
N THR F 71 36.72 -22.73 -2.61
CA THR F 71 36.80 -21.66 -3.62
C THR F 71 37.38 -22.16 -4.94
N THR F 72 36.95 -21.55 -6.04
CA THR F 72 37.42 -21.92 -7.40
C THR F 72 38.53 -20.99 -7.93
N ASP F 73 39.30 -20.39 -7.02
CA ASP F 73 40.39 -19.49 -7.39
C ASP F 73 41.56 -20.27 -7.99
N LEU F 74 42.27 -19.62 -8.92
CA LEU F 74 43.44 -20.20 -9.62
C LEU F 74 43.17 -21.45 -10.47
N LEU F 75 41.91 -21.76 -10.75
CA LEU F 75 41.55 -22.97 -11.49
C LEU F 75 41.66 -22.72 -12.98
N LYS F 76 42.67 -23.34 -13.61
CA LYS F 76 42.85 -23.26 -15.07
C LYS F 76 41.92 -24.25 -15.78
N LEU F 77 41.67 -24.00 -17.06
CA LEU F 77 40.95 -24.94 -17.92
C LEU F 77 41.84 -26.16 -18.20
N LYS F 78 41.19 -27.28 -18.50
CA LYS F 78 41.86 -28.57 -18.77
C LYS F 78 42.66 -29.12 -17.57
N ALA F 79 42.27 -28.75 -16.35
CA ALA F 79 42.95 -29.23 -15.14
C ALA F 79 42.49 -30.65 -14.81
N LYS F 80 43.43 -31.49 -14.38
CA LYS F 80 43.15 -32.91 -14.09
C LYS F 80 42.19 -33.07 -12.90
N VAL F 81 41.14 -33.86 -13.09
CA VAL F 81 40.15 -34.16 -12.04
C VAL F 81 39.91 -35.67 -11.99
N VAL F 82 39.80 -36.21 -10.78
CA VAL F 82 39.63 -37.66 -10.56
C VAL F 82 38.46 -37.93 -9.61
N SER F 83 37.71 -39.00 -9.89
CA SER F 83 36.56 -39.39 -9.05
C SER F 83 37.01 -39.99 -7.72
N THR F 84 36.10 -39.99 -6.74
CA THR F 84 36.35 -40.59 -5.43
C THR F 84 35.89 -42.04 -5.35
N GLY F 85 34.76 -42.36 -6.00
CA GLY F 85 34.13 -43.67 -5.93
C GLY F 85 32.65 -43.65 -5.62
N GLY F 86 32.16 -42.54 -5.08
CA GLY F 86 30.75 -42.33 -4.84
C GLY F 86 30.46 -40.90 -4.39
N ASN F 87 29.46 -40.74 -3.52
CA ASN F 87 29.09 -39.44 -2.97
C ASN F 87 30.16 -38.94 -1.99
N ILE F 88 30.00 -37.70 -1.53
CA ILE F 88 30.85 -37.15 -0.48
C ILE F 88 30.58 -38.00 0.79
N SER F 89 31.64 -38.53 1.37
CA SER F 89 31.53 -39.43 2.53
C SER F 89 31.91 -38.72 3.82
N VAL F 90 31.12 -38.96 4.88
CA VAL F 90 31.28 -38.27 6.16
C VAL F 90 31.34 -39.32 7.30
N PRO F 91 32.23 -39.12 8.30
CA PRO F 91 32.34 -40.11 9.40
C PRO F 91 31.14 -40.11 10.34
N VAL F 92 30.87 -41.27 10.93
CA VAL F 92 29.72 -41.47 11.82
C VAL F 92 30.10 -42.30 13.05
N GLY F 93 29.18 -42.39 14.01
CA GLY F 93 29.38 -43.17 15.24
C GLY F 93 29.84 -42.34 16.42
N ARG F 94 30.17 -43.02 17.51
CA ARG F 94 30.53 -42.35 18.77
C ARG F 94 31.89 -41.66 18.76
N GLU F 95 32.74 -42.01 17.77
CA GLU F 95 34.04 -41.36 17.60
C GLU F 95 33.91 -39.90 17.11
N THR F 96 32.78 -39.57 16.49
CA THR F 96 32.48 -38.20 16.06
C THR F 96 32.14 -37.28 17.23
N LEU F 97 31.57 -37.82 18.30
CA LEU F 97 31.13 -37.03 19.46
C LEU F 97 32.29 -36.27 20.11
N GLY F 98 32.06 -34.98 20.35
CA GLY F 98 33.08 -34.07 20.90
C GLY F 98 33.82 -33.27 19.85
N ARG F 99 33.88 -33.77 18.62
CA ARG F 99 34.70 -33.17 17.56
C ARG F 99 33.88 -32.19 16.72
N ILE F 100 34.58 -31.25 16.08
CA ILE F 100 33.99 -30.31 15.12
C ILE F 100 34.31 -30.80 13.71
N PHE F 101 33.39 -30.59 12.77
CA PHE F 101 33.56 -31.03 11.38
C PHE F 101 33.16 -29.94 10.37
N ASN F 102 33.59 -30.13 9.12
CA ASN F 102 33.16 -29.28 7.99
C ASN F 102 32.22 -30.10 7.09
N VAL F 103 31.76 -29.50 6.00
CA VAL F 103 30.85 -30.15 5.04
C VAL F 103 31.34 -31.53 4.55
N LEU F 104 32.65 -31.64 4.30
CA LEU F 104 33.25 -32.88 3.78
C LEU F 104 33.39 -33.97 4.85
N GLY F 105 33.57 -33.57 6.12
CA GLY F 105 33.78 -34.50 7.23
C GLY F 105 35.20 -34.53 7.77
N ASP F 106 36.01 -33.54 7.40
CA ASP F 106 37.36 -33.39 7.94
C ASP F 106 37.27 -32.66 9.29
N ALA F 107 38.07 -33.10 10.25
CA ALA F 107 38.07 -32.48 11.58
C ALA F 107 38.75 -31.11 11.53
N ILE F 108 38.05 -30.09 12.03
CA ILE F 108 38.54 -28.70 11.97
C ILE F 108 38.84 -28.11 13.36
N ASP F 109 39.18 -28.98 14.31
CA ASP F 109 39.42 -28.59 15.72
C ASP F 109 40.85 -28.88 16.23
N GLN F 110 41.73 -29.38 15.35
CA GLN F 110 43.16 -29.57 15.66
C GLN F 110 43.45 -30.53 16.83
N ARG F 111 42.56 -31.51 17.05
CA ARG F 111 42.72 -32.48 18.13
C ARG F 111 42.96 -33.90 17.60
N GLY F 112 43.94 -34.02 16.71
CA GLY F 112 44.35 -35.31 16.15
C GLY F 112 43.34 -35.91 15.18
N PRO F 113 43.63 -37.11 14.67
CA PRO F 113 42.73 -37.79 13.74
C PRO F 113 41.53 -38.40 14.45
N VAL F 114 40.36 -38.39 13.78
CA VAL F 114 39.14 -38.99 14.33
C VAL F 114 39.21 -40.51 14.28
N GLY F 115 38.53 -41.16 15.22
CA GLY F 115 38.54 -42.63 15.34
C GLY F 115 37.70 -43.40 14.34
N GLU F 116 36.87 -42.69 13.55
CA GLU F 116 35.97 -43.25 12.52
C GLU F 116 36.16 -44.73 12.13
N LYS F 117 35.21 -45.57 12.56
CA LYS F 117 35.11 -46.99 12.15
C LYS F 117 34.27 -47.18 10.87
N LEU F 118 33.72 -46.09 10.33
CA LEU F 118 32.81 -46.14 9.19
C LEU F 118 32.57 -44.73 8.62
N ARG F 119 32.28 -44.66 7.31
CA ARG F 119 31.87 -43.42 6.65
C ARG F 119 30.61 -43.67 5.83
N MET F 120 29.67 -42.73 5.90
CA MET F 120 28.40 -42.80 5.17
C MET F 120 28.30 -41.66 4.15
N PRO F 121 27.52 -41.86 3.07
CA PRO F 121 27.34 -40.80 2.07
C PRO F 121 26.42 -39.70 2.57
N ILE F 122 26.70 -38.45 2.16
CA ILE F 122 25.88 -37.30 2.56
C ILE F 122 24.45 -37.34 2.00
N HIS F 123 24.31 -37.81 0.76
CA HIS F 123 23.01 -37.88 0.08
C HIS F 123 22.31 -39.22 0.24
N ALA F 124 21.74 -39.44 1.43
CA ALA F 124 20.90 -40.61 1.69
C ALA F 124 19.48 -40.36 1.19
N VAL F 125 18.72 -41.45 1.01
CA VAL F 125 17.32 -41.38 0.61
C VAL F 125 16.44 -41.29 1.87
N ALA F 126 15.32 -40.58 1.75
CA ALA F 126 14.40 -40.41 2.87
C ALA F 126 13.64 -41.70 3.16
N PRO F 127 13.29 -41.96 4.45
CA PRO F 127 12.46 -43.11 4.83
C PRO F 127 11.12 -43.23 4.07
N LYS F 128 10.67 -44.46 3.87
CA LYS F 128 9.37 -44.74 3.24
C LYS F 128 8.24 -44.57 4.25
N LEU F 129 7.00 -44.72 3.78
CA LEU F 129 5.79 -44.61 4.62
C LEU F 129 5.79 -45.63 5.77
N ALA F 130 6.22 -46.86 5.47
CA ALA F 130 6.26 -47.94 6.48
C ALA F 130 7.22 -47.67 7.64
N ASP F 131 8.29 -46.92 7.39
CA ASP F 131 9.28 -46.57 8.41
C ASP F 131 8.80 -45.51 9.41
N GLN F 132 7.78 -44.74 9.06
CA GLN F 132 7.30 -43.62 9.90
C GLN F 132 6.63 -44.14 11.18
N ALA F 133 6.76 -43.40 12.27
CA ALA F 133 6.07 -43.72 13.53
C ALA F 133 5.85 -42.48 14.40
N ALA F 134 4.67 -42.39 15.01
CA ALA F 134 4.26 -41.22 15.81
C ALA F 134 4.33 -41.56 17.30
N GLU F 135 5.13 -40.80 18.05
CA GLU F 135 5.20 -40.91 19.52
C GLU F 135 4.83 -39.58 20.18
N ASP F 136 3.53 -39.41 20.45
CA ASP F 136 2.99 -38.11 20.87
C ASP F 136 3.15 -37.81 22.37
N ALA F 137 4.34 -37.38 22.74
CA ALA F 137 4.67 -36.97 24.12
C ALA F 137 5.17 -35.53 24.11
N VAL F 138 4.83 -34.78 25.16
CA VAL F 138 5.19 -33.35 25.24
C VAL F 138 6.62 -33.20 25.71
N LEU F 139 7.40 -32.41 24.96
CA LEU F 139 8.76 -32.02 25.36
C LEU F 139 8.66 -30.68 26.07
N THR F 140 8.70 -30.71 27.41
CA THR F 140 8.56 -29.50 28.23
C THR F 140 9.82 -28.63 28.13
N THR F 141 9.71 -27.54 27.36
CA THR F 141 10.83 -26.62 27.14
C THR F 141 11.14 -25.67 28.30
N GLY F 142 10.24 -25.58 29.27
CA GLY F 142 10.38 -24.66 30.40
C GLY F 142 10.14 -23.19 30.03
N ILE F 143 9.45 -22.97 28.91
CA ILE F 143 9.17 -21.63 28.39
C ILE F 143 7.65 -21.50 28.28
N LYS F 144 7.12 -20.36 28.74
CA LYS F 144 5.67 -20.19 28.90
C LYS F 144 4.91 -20.15 27.58
N VAL F 145 5.36 -19.33 26.64
CA VAL F 145 4.70 -19.18 25.33
C VAL F 145 4.67 -20.48 24.53
N ILE F 146 5.77 -21.23 24.59
CA ILE F 146 5.92 -22.47 23.85
C ILE F 146 5.07 -23.57 24.51
N ASP F 147 5.37 -23.88 25.76
CA ASP F 147 4.71 -24.99 26.47
C ASP F 147 3.18 -24.87 26.53
N LEU F 148 2.68 -23.64 26.64
CA LEU F 148 1.23 -23.41 26.75
C LEU F 148 0.53 -23.45 25.40
N ILE F 149 1.01 -22.65 24.44
CA ILE F 149 0.28 -22.36 23.20
C ILE F 149 0.68 -23.26 22.02
N LEU F 150 1.98 -23.49 21.84
CA LEU F 150 2.50 -24.30 20.73
C LEU F 150 3.51 -25.35 21.21
N PRO F 151 3.07 -26.28 22.11
CA PRO F 151 4.00 -27.19 22.79
C PRO F 151 4.79 -28.08 21.82
N TYR F 152 6.10 -28.14 22.01
CA TYR F 152 6.96 -28.99 21.20
C TYR F 152 6.82 -30.43 21.64
N CYS F 153 6.66 -31.35 20.68
CA CYS F 153 6.49 -32.77 20.99
C CYS F 153 7.82 -33.53 20.85
N LYS F 154 7.87 -34.71 21.45
CA LYS F 154 9.00 -35.64 21.28
C LYS F 154 8.96 -36.19 19.87
N GLY F 155 10.11 -36.19 19.19
CA GLY F 155 10.20 -36.61 17.79
C GLY F 155 9.81 -35.55 16.79
N GLY F 156 9.46 -34.35 17.26
CA GLY F 156 8.90 -33.30 16.41
C GLY F 156 9.98 -32.55 15.64
N LYS F 157 9.65 -32.19 14.41
CA LYS F 157 10.42 -31.20 13.66
C LYS F 157 9.80 -29.85 14.01
N ILE F 158 10.65 -28.97 14.55
CA ILE F 158 10.22 -27.70 15.10
C ILE F 158 10.98 -26.60 14.33
N GLY F 159 10.27 -25.50 14.02
CA GLY F 159 10.85 -24.41 13.25
C GLY F 159 10.65 -23.07 13.94
N LEU F 160 11.72 -22.29 14.02
CA LEU F 160 11.70 -20.95 14.60
C LEU F 160 11.79 -19.90 13.48
N PHE F 161 10.62 -19.42 13.04
CA PHE F 161 10.54 -18.42 11.98
C PHE F 161 10.65 -17.01 12.55
N GLY F 162 11.55 -16.20 12.00
CA GLY F 162 11.65 -14.79 12.36
C GLY F 162 12.64 -14.02 11.53
N GLY F 163 12.43 -12.71 11.45
CA GLY F 163 13.32 -11.80 10.71
C GLY F 163 14.65 -11.57 11.42
N ALA F 164 15.48 -10.70 10.85
CA ALA F 164 16.83 -10.49 11.36
C ALA F 164 16.84 -9.82 12.74
N GLY F 165 17.45 -10.48 13.72
CA GLY F 165 17.63 -9.96 15.06
C GLY F 165 16.36 -9.93 15.90
N VAL F 166 15.64 -11.06 15.96
CA VAL F 166 14.39 -11.17 16.72
C VAL F 166 14.44 -12.18 17.89
N GLY F 167 15.45 -13.07 17.90
CA GLY F 167 15.63 -14.05 18.99
C GLY F 167 15.58 -15.52 18.60
N LYS F 168 16.07 -15.86 17.40
CA LYS F 168 16.16 -17.26 16.97
C LYS F 168 17.34 -17.94 17.66
N THR F 169 18.54 -17.37 17.48
CA THR F 169 19.76 -17.89 18.12
C THR F 169 19.68 -17.85 19.65
N VAL F 170 18.94 -16.89 20.20
CA VAL F 170 18.72 -16.83 21.67
C VAL F 170 17.82 -17.99 22.13
N ILE F 171 16.76 -18.28 21.39
CA ILE F 171 15.83 -19.37 21.73
C ILE F 171 16.48 -20.76 21.58
N ILE F 172 17.30 -20.97 20.54
CA ILE F 172 18.05 -22.22 20.38
C ILE F 172 18.99 -22.45 21.57
N MET F 173 19.68 -21.40 22.00
CA MET F 173 20.60 -21.47 23.13
C MET F 173 19.88 -21.76 24.46
N GLU F 174 18.70 -21.18 24.64
CA GLU F 174 17.86 -21.45 25.81
C GLU F 174 17.33 -22.88 25.81
N LEU F 175 16.97 -23.40 24.64
CA LEU F 175 16.54 -24.80 24.51
C LEU F 175 17.68 -25.80 24.79
N ILE F 176 18.90 -25.43 24.41
CA ILE F 176 20.10 -26.22 24.74
C ILE F 176 20.35 -26.25 26.26
N ASN F 177 20.10 -25.12 26.92
CA ASN F 177 20.14 -25.07 28.38
C ASN F 177 18.99 -25.88 28.99
N ASN F 178 17.77 -25.60 28.55
CA ASN F 178 16.55 -26.15 29.16
C ASN F 178 16.30 -27.63 28.90
N VAL F 179 16.69 -28.14 27.72
CA VAL F 179 16.29 -29.49 27.29
C VAL F 179 17.49 -30.40 26.98
N ALA F 180 18.46 -29.88 26.21
CA ALA F 180 19.56 -30.70 25.68
C ALA F 180 20.60 -31.14 26.73
N LYS F 181 20.66 -30.48 27.88
CA LYS F 181 21.56 -30.86 28.97
C LYS F 181 21.13 -32.15 29.67
N GLY F 182 19.89 -32.20 30.14
CA GLY F 182 19.35 -33.39 30.81
C GLY F 182 18.79 -34.46 29.88
N HIS F 183 19.51 -34.75 28.79
CA HIS F 183 19.00 -35.58 27.69
C HIS F 183 19.94 -36.77 27.43
N GLY F 184 19.42 -37.98 27.60
CA GLY F 184 20.23 -39.20 27.54
C GLY F 184 20.79 -39.54 26.16
N GLY F 185 20.20 -38.96 25.12
CA GLY F 185 20.70 -39.09 23.76
C GLY F 185 21.84 -38.12 23.46
N PHE F 186 22.38 -38.24 22.24
CA PHE F 186 23.41 -37.34 21.75
C PHE F 186 22.75 -36.19 20.99
N SER F 187 23.56 -35.23 20.53
CA SER F 187 23.05 -34.08 19.76
C SER F 187 23.97 -33.73 18.60
N VAL F 188 23.38 -33.13 17.56
CA VAL F 188 24.12 -32.68 16.38
C VAL F 188 23.71 -31.23 16.08
N PHE F 189 24.71 -30.39 15.78
CA PHE F 189 24.47 -28.97 15.46
C PHE F 189 24.95 -28.63 14.05
N ALA F 190 23.99 -28.47 13.15
CA ALA F 190 24.28 -28.04 11.78
C ALA F 190 24.38 -26.51 11.75
N GLY F 191 25.60 -26.00 11.78
CA GLY F 191 25.86 -24.57 11.59
C GLY F 191 25.78 -24.24 10.12
N VAL F 192 24.57 -24.12 9.59
CA VAL F 192 24.34 -23.93 8.16
C VAL F 192 24.38 -22.44 7.83
N GLY F 193 25.49 -21.99 7.26
CA GLY F 193 25.67 -20.64 6.76
C GLY F 193 25.50 -19.50 7.74
N GLU F 194 25.79 -19.74 9.02
CA GLU F 194 25.62 -18.71 10.07
C GLU F 194 27.00 -18.21 10.55
N ARG F 195 27.01 -17.41 11.62
CA ARG F 195 28.20 -16.70 12.05
C ARG F 195 29.28 -17.63 12.61
N THR F 196 30.49 -17.52 12.08
CA THR F 196 31.64 -18.29 12.56
C THR F 196 31.95 -18.00 14.02
N ARG F 197 31.80 -16.74 14.42
CA ARG F 197 32.00 -16.29 15.81
C ARG F 197 30.97 -16.88 16.79
N GLU F 198 29.74 -17.10 16.35
CA GLU F 198 28.72 -17.79 17.19
C GLU F 198 29.07 -19.26 17.42
N GLY F 199 29.75 -19.87 16.46
CA GLY F 199 30.24 -21.24 16.61
C GLY F 199 31.28 -21.47 17.68
N THR F 200 32.08 -20.44 17.94
CA THR F 200 33.11 -20.50 19.00
C THR F 200 32.45 -20.50 20.37
N ASP F 201 31.51 -19.58 20.57
CA ASP F 201 30.80 -19.42 21.84
C ASP F 201 30.00 -20.66 22.24
N LEU F 202 29.45 -21.37 21.26
CA LEU F 202 28.78 -22.66 21.51
C LEU F 202 29.79 -23.73 21.94
N TYR F 203 30.92 -23.78 21.25
CA TYR F 203 31.99 -24.75 21.54
C TYR F 203 32.60 -24.55 22.93
N LEU F 204 32.81 -23.29 23.33
CA LEU F 204 33.35 -22.97 24.65
C LEU F 204 32.35 -23.22 25.77
N GLU F 205 31.11 -22.75 25.59
CA GLU F 205 30.07 -22.90 26.61
C GLU F 205 29.69 -24.37 26.86
N MET F 206 29.76 -25.19 25.81
CA MET F 206 29.59 -26.64 25.95
C MET F 206 30.78 -27.31 26.65
N MET F 207 31.99 -26.83 26.39
CA MET F 207 33.19 -27.29 27.08
C MET F 207 33.21 -26.91 28.58
N GLN F 208 32.72 -25.71 28.91
CA GLN F 208 32.59 -25.28 30.30
C GLN F 208 31.55 -26.11 31.06
N SER F 209 30.39 -26.33 30.44
CA SER F 209 29.31 -27.13 31.04
C SER F 209 29.52 -28.65 30.94
N LYS F 210 30.52 -29.08 30.15
CA LYS F 210 30.92 -30.48 30.02
C LYS F 210 29.86 -31.38 29.35
N VAL F 211 29.22 -30.86 28.31
CA VAL F 211 28.43 -31.68 27.38
C VAL F 211 29.38 -32.20 26.30
N ILE F 212 30.34 -31.38 25.88
CA ILE F 212 31.54 -31.82 25.17
C ILE F 212 32.66 -31.94 26.21
N ASP F 213 33.37 -33.06 26.19
CA ASP F 213 34.48 -33.31 27.12
C ASP F 213 35.69 -33.84 26.35
N LEU F 214 36.85 -33.25 26.62
CA LEU F 214 38.10 -33.60 25.93
C LEU F 214 38.65 -34.93 26.46
N LYS F 215 38.82 -34.99 27.78
CA LYS F 215 39.39 -36.16 28.45
C LYS F 215 38.43 -37.35 28.55
N GLY F 216 37.13 -37.08 28.63
CA GLY F 216 36.12 -38.11 28.92
C GLY F 216 34.97 -38.18 27.91
N GLU F 217 33.77 -38.42 28.42
CA GLU F 217 32.59 -38.69 27.59
C GLU F 217 31.99 -37.41 27.03
N SER F 218 31.73 -37.40 25.71
CA SER F 218 31.10 -36.28 25.02
C SER F 218 29.70 -36.67 24.53
N LYS F 219 28.81 -35.68 24.46
CA LYS F 219 27.42 -35.88 24.02
C LYS F 219 26.96 -34.80 23.03
N CYS F 220 27.86 -34.39 22.12
CA CYS F 220 27.52 -33.42 21.07
C CYS F 220 28.42 -33.57 19.85
N VAL F 221 27.86 -33.28 18.67
CA VAL F 221 28.63 -33.23 17.42
C VAL F 221 28.38 -31.87 16.76
N LEU F 222 29.45 -31.28 16.23
CA LEU F 222 29.37 -29.96 15.59
C LEU F 222 29.79 -30.07 14.13
N VAL F 223 28.90 -29.67 13.22
CA VAL F 223 29.19 -29.64 11.79
C VAL F 223 28.88 -28.24 11.26
N TYR F 224 29.93 -27.50 10.90
CA TYR F 224 29.82 -26.08 10.58
C TYR F 224 30.19 -25.79 9.13
N GLY F 225 29.30 -25.06 8.44
CA GLY F 225 29.57 -24.57 7.08
C GLY F 225 29.10 -23.14 7.00
N GLN F 226 29.94 -22.21 7.47
CA GLN F 226 29.53 -20.85 7.82
C GLN F 226 29.57 -19.86 6.65
N MET F 227 29.13 -18.63 6.93
CA MET F 227 29.02 -17.55 5.93
C MET F 227 30.27 -17.34 5.06
N ASN F 228 31.45 -17.49 5.65
CA ASN F 228 32.73 -17.39 4.93
C ASN F 228 32.89 -18.42 3.80
N GLU F 229 32.27 -19.59 3.95
CA GLU F 229 32.39 -20.67 2.96
C GLU F 229 31.56 -20.36 1.70
N PRO F 230 31.97 -20.90 0.54
CA PRO F 230 31.20 -20.71 -0.71
C PRO F 230 29.86 -21.49 -0.71
N PRO F 231 28.97 -21.17 -1.67
CA PRO F 231 27.61 -21.76 -1.68
C PRO F 231 27.52 -23.29 -1.71
N GLY F 232 28.46 -23.95 -2.39
CA GLY F 232 28.47 -25.41 -2.50
C GLY F 232 28.57 -26.11 -1.15
N ALA F 233 29.40 -25.57 -0.27
CA ALA F 233 29.54 -26.08 1.10
C ALA F 233 28.31 -25.78 1.93
N ARG F 234 27.88 -24.52 1.94
CA ARG F 234 26.72 -24.06 2.72
C ARG F 234 25.43 -24.79 2.34
N ALA F 235 25.31 -25.18 1.07
CA ALA F 235 24.20 -26.00 0.62
C ALA F 235 24.27 -27.40 1.23
N ARG F 236 25.41 -28.06 1.04
CA ARG F 236 25.56 -29.47 1.41
C ARG F 236 25.81 -29.75 2.90
N VAL F 237 26.23 -28.73 3.66
CA VAL F 237 26.60 -28.91 5.07
C VAL F 237 25.44 -29.33 5.99
N ALA F 238 24.21 -28.98 5.62
CA ALA F 238 23.02 -29.42 6.34
C ALA F 238 22.87 -30.94 6.28
N GLN F 239 23.14 -31.53 5.12
CA GLN F 239 23.05 -32.98 4.92
C GLN F 239 24.15 -33.76 5.64
N SER F 240 25.34 -33.16 5.78
CA SER F 240 26.47 -33.81 6.45
C SER F 240 26.15 -34.11 7.92
N ALA F 241 25.60 -33.09 8.60
CA ALA F 241 25.14 -33.24 9.99
C ALA F 241 24.00 -34.25 10.10
N LEU F 242 23.08 -34.20 9.13
CA LEU F 242 21.93 -35.10 9.11
C LEU F 242 22.31 -36.57 8.91
N THR F 243 23.42 -36.83 8.22
CA THR F 243 23.96 -38.19 8.06
C THR F 243 24.45 -38.77 9.38
N MET F 244 25.08 -37.94 10.19
CA MET F 244 25.59 -38.35 11.51
C MET F 244 24.44 -38.66 12.47
N ALA F 245 23.42 -37.79 12.46
CA ALA F 245 22.19 -38.03 13.25
C ALA F 245 21.42 -39.27 12.78
N GLU F 246 21.45 -39.53 11.47
CA GLU F 246 20.83 -40.74 10.90
C GLU F 246 21.50 -42.04 11.35
N TYR F 247 22.80 -41.99 11.61
CA TYR F 247 23.52 -43.15 12.16
C TYR F 247 23.07 -43.47 13.58
N PHE F 248 22.99 -42.45 14.42
CA PHE F 248 22.51 -42.60 15.80
C PHE F 248 21.03 -43.01 15.86
N ARG F 249 20.25 -42.59 14.86
CA ARG F 249 18.85 -42.99 14.74
C ARG F 249 18.70 -44.44 14.27
N ASP F 250 19.24 -44.75 13.10
CA ASP F 250 19.01 -46.04 12.45
C ASP F 250 19.84 -47.19 13.03
N VAL F 251 21.16 -46.99 13.10
CA VAL F 251 22.08 -48.06 13.50
C VAL F 251 22.05 -48.27 15.02
N GLU F 252 22.38 -47.22 15.78
CA GLU F 252 22.43 -47.30 17.24
C GLU F 252 21.04 -47.33 17.92
N GLY F 253 20.00 -46.93 17.20
CA GLY F 253 18.62 -47.02 17.70
C GLY F 253 18.38 -46.16 18.92
N GLN F 254 18.28 -44.84 18.71
CA GLN F 254 18.33 -43.88 19.80
C GLN F 254 17.55 -42.60 19.53
N ASP F 255 17.11 -41.95 20.61
CA ASP F 255 16.50 -40.63 20.56
C ASP F 255 17.61 -39.58 20.42
N VAL F 256 17.52 -38.76 19.37
CA VAL F 256 18.57 -37.78 19.03
C VAL F 256 17.97 -36.40 18.79
N LEU F 257 18.75 -35.36 19.11
CA LEU F 257 18.40 -33.97 18.79
C LEU F 257 19.23 -33.46 17.61
N LEU F 258 18.59 -32.66 16.76
CA LEU F 258 19.26 -32.00 15.64
C LEU F 258 19.00 -30.50 15.73
N PHE F 259 20.03 -29.69 15.43
CA PHE F 259 19.93 -28.24 15.53
C PHE F 259 20.46 -27.57 14.27
N ILE F 260 19.53 -27.16 13.40
CA ILE F 260 19.88 -26.51 12.14
C ILE F 260 19.65 -25.00 12.28
N ASP F 261 20.75 -24.25 12.41
CA ASP F 261 20.72 -22.79 12.39
C ASP F 261 21.65 -22.34 11.25
N ASN F 262 21.14 -21.93 10.08
CA ASN F 262 19.74 -21.67 9.77
C ASN F 262 19.32 -22.43 8.49
N ILE F 263 18.08 -22.92 8.46
CA ILE F 263 17.58 -23.71 7.32
C ILE F 263 17.30 -22.87 6.06
N PHE F 264 17.08 -21.56 6.26
CA PHE F 264 17.00 -20.61 5.13
C PHE F 264 18.30 -20.55 4.35
N ARG F 265 19.43 -20.64 5.05
CA ARG F 265 20.77 -20.57 4.43
C ARG F 265 21.06 -21.77 3.51
N PHE F 266 20.38 -22.91 3.77
CA PHE F 266 20.39 -24.05 2.83
C PHE F 266 19.71 -23.65 1.51
N THR F 267 18.48 -23.15 1.63
CA THR F 267 17.68 -22.72 0.47
C THR F 267 18.35 -21.57 -0.29
N GLN F 268 18.92 -20.62 0.46
CA GLN F 268 19.63 -19.48 -0.12
C GLN F 268 20.92 -19.91 -0.82
N ALA F 269 21.63 -20.87 -0.24
CA ALA F 269 22.85 -21.41 -0.87
C ALA F 269 22.55 -22.11 -2.20
N ASN F 270 21.46 -22.86 -2.24
CA ASN F 270 20.99 -23.50 -3.47
C ASN F 270 20.51 -22.48 -4.51
N SER F 271 19.96 -21.37 -4.04
CA SER F 271 19.56 -20.25 -4.92
C SER F 271 20.73 -19.60 -5.67
N GLU F 272 21.94 -19.67 -5.10
CA GLU F 272 23.15 -19.12 -5.74
C GLU F 272 23.64 -20.04 -6.86
N VAL F 273 23.83 -21.32 -6.54
CA VAL F 273 24.25 -22.31 -7.55
C VAL F 273 23.22 -22.47 -8.68
N SER F 274 21.94 -22.50 -8.33
CA SER F 274 20.85 -22.65 -9.32
C SER F 274 20.85 -21.54 -10.37
N ALA F 275 21.22 -20.33 -9.96
CA ALA F 275 21.42 -19.22 -10.88
C ALA F 275 22.61 -19.51 -11.82
N LEU F 276 23.74 -19.89 -11.25
CA LEU F 276 24.96 -20.18 -12.02
C LEU F 276 24.86 -21.43 -12.90
N LEU F 277 24.00 -22.40 -12.51
CA LEU F 277 23.71 -23.58 -13.33
C LEU F 277 22.91 -23.25 -14.61
N GLY F 278 22.27 -22.08 -14.65
CA GLY F 278 21.52 -21.63 -15.83
C GLY F 278 20.04 -22.02 -15.82
N ARG F 279 19.50 -22.26 -14.63
CA ARG F 279 18.08 -22.53 -14.47
C ARG F 279 17.30 -21.23 -14.43
N ILE F 280 16.08 -21.26 -14.97
CA ILE F 280 15.20 -20.10 -14.95
C ILE F 280 14.60 -19.99 -13.54
N PRO F 281 14.68 -18.80 -12.91
CA PRO F 281 14.20 -18.68 -11.53
C PRO F 281 12.67 -18.69 -11.43
N ALA F 282 12.17 -19.18 -10.30
CA ALA F 282 10.73 -19.16 -10.01
C ALA F 282 10.35 -17.83 -9.35
N ALA F 283 9.34 -17.83 -8.47
CA ALA F 283 8.90 -16.60 -7.80
C ALA F 283 9.99 -16.01 -6.90
N VAL F 284 10.10 -14.68 -6.91
CA VAL F 284 11.07 -13.91 -6.13
C VAL F 284 12.54 -14.40 -6.24
N GLY F 285 12.90 -14.81 -7.46
CA GLY F 285 14.28 -15.16 -7.77
C GLY F 285 14.88 -16.39 -7.13
N TYR F 286 14.06 -17.28 -6.55
CA TYR F 286 14.56 -18.53 -6.00
C TYR F 286 14.67 -19.59 -7.08
N GLN F 287 15.39 -20.66 -6.77
CA GLN F 287 15.46 -21.82 -7.64
C GLN F 287 14.08 -22.43 -7.90
N PRO F 288 13.87 -22.99 -9.11
CA PRO F 288 12.59 -23.66 -9.40
C PRO F 288 12.39 -24.97 -8.62
N THR F 289 13.49 -25.56 -8.14
CA THR F 289 13.46 -26.77 -7.32
C THR F 289 13.45 -26.46 -5.80
N LEU F 290 12.85 -25.34 -5.40
CA LEU F 290 12.89 -24.90 -4.00
C LEU F 290 12.14 -25.86 -3.08
N ALA F 291 10.92 -26.24 -3.49
CA ALA F 291 10.09 -27.20 -2.75
C ALA F 291 10.71 -28.60 -2.74
N GLU F 292 11.35 -28.98 -3.83
CA GLU F 292 12.00 -30.29 -3.95
C GLU F 292 13.29 -30.38 -3.12
N ASP F 293 14.06 -29.29 -3.08
CA ASP F 293 15.29 -29.22 -2.26
C ASP F 293 14.97 -29.41 -0.77
N LEU F 294 14.00 -28.65 -0.27
CA LEU F 294 13.51 -28.81 1.11
C LEU F 294 12.87 -30.18 1.34
N GLY F 295 12.16 -30.69 0.34
CA GLY F 295 11.54 -32.00 0.39
C GLY F 295 12.49 -33.12 0.76
N GLN F 296 13.53 -33.29 -0.03
CA GLN F 296 14.51 -34.37 0.18
C GLN F 296 15.35 -34.21 1.45
N LEU F 297 15.53 -32.96 1.91
CA LEU F 297 16.26 -32.67 3.15
C LEU F 297 15.38 -32.93 4.37
N GLN F 298 14.21 -32.30 4.40
CA GLN F 298 13.31 -32.33 5.57
C GLN F 298 12.65 -33.68 5.83
N GLU F 299 12.42 -34.45 4.77
CA GLU F 299 11.82 -35.80 4.89
C GLU F 299 12.76 -36.81 5.56
N ARG F 300 14.07 -36.64 5.36
CA ARG F 300 15.08 -37.42 6.08
C ARG F 300 15.08 -37.14 7.59
N ILE F 301 14.75 -35.91 7.97
CA ILE F 301 14.59 -35.52 9.37
C ILE F 301 13.21 -35.99 9.85
N THR F 302 13.16 -37.18 10.43
CA THR F 302 11.90 -37.74 10.94
C THR F 302 12.11 -38.89 11.92
N SER F 303 11.09 -39.18 12.71
CA SER F 303 11.10 -40.30 13.66
C SER F 303 10.76 -41.59 12.94
N THR F 304 11.77 -42.44 12.77
CA THR F 304 11.59 -43.76 12.16
C THR F 304 11.15 -44.78 13.21
N THR F 305 10.94 -46.01 12.78
CA THR F 305 10.73 -47.14 13.70
C THR F 305 12.02 -47.51 14.44
N LYS F 306 13.17 -47.26 13.81
CA LYS F 306 14.48 -47.63 14.38
C LYS F 306 14.93 -46.69 15.49
N GLY F 307 14.76 -45.38 15.29
CA GLY F 307 15.12 -44.36 16.28
C GLY F 307 14.20 -43.15 16.20
N SER F 308 14.71 -41.99 16.63
CA SER F 308 13.87 -40.77 16.66
C SER F 308 14.71 -39.49 16.68
N ILE F 309 14.64 -38.73 15.57
CA ILE F 309 15.21 -37.39 15.50
C ILE F 309 14.16 -36.41 16.04
N THR F 310 14.62 -35.44 16.83
CA THR F 310 13.80 -34.34 17.33
C THR F 310 14.50 -33.01 17.00
N SER F 311 14.18 -32.47 15.83
CA SER F 311 14.93 -31.36 15.25
C SER F 311 14.32 -30.00 15.58
N VAL F 312 15.11 -29.14 16.24
CA VAL F 312 14.81 -27.72 16.29
C VAL F 312 15.53 -27.08 15.11
N GLN F 313 14.82 -26.22 14.38
CA GLN F 313 15.41 -25.48 13.27
C GLN F 313 15.14 -24.00 13.43
N ALA F 314 16.08 -23.17 12.97
CA ALA F 314 15.87 -21.73 12.84
C ALA F 314 15.52 -21.44 11.40
N VAL F 315 14.58 -20.52 11.18
CA VAL F 315 14.15 -20.14 9.83
C VAL F 315 14.16 -18.62 9.71
N TYR F 316 15.04 -18.09 8.86
CA TYR F 316 15.11 -16.66 8.59
C TYR F 316 13.99 -16.26 7.63
N VAL F 317 13.22 -15.25 8.03
CA VAL F 317 12.16 -14.67 7.22
C VAL F 317 12.74 -13.41 6.57
N PRO F 318 13.06 -13.47 5.25
CA PRO F 318 13.76 -12.35 4.62
C PRO F 318 12.86 -11.13 4.44
N ALA F 319 13.36 -9.96 4.85
CA ALA F 319 12.62 -8.69 4.77
C ALA F 319 11.33 -8.68 5.60
N ASP F 320 11.29 -9.51 6.65
CA ASP F 320 10.08 -9.75 7.45
C ASP F 320 8.84 -10.09 6.61
N ASP F 321 9.06 -10.83 5.51
CA ASP F 321 7.99 -11.20 4.59
C ASP F 321 7.73 -12.70 4.72
N ILE F 322 6.72 -13.03 5.52
CA ILE F 322 6.37 -14.42 5.79
C ILE F 322 5.75 -15.14 4.57
N THR F 323 5.22 -14.37 3.61
CA THR F 323 4.69 -14.92 2.36
C THR F 323 5.78 -15.36 1.37
N ASP F 324 7.03 -14.93 1.60
CA ASP F 324 8.21 -15.37 0.83
C ASP F 324 8.25 -16.92 0.76
N PRO F 325 8.61 -17.48 -0.42
CA PRO F 325 8.73 -18.94 -0.61
C PRO F 325 9.58 -19.71 0.40
N ALA F 326 10.70 -19.14 0.83
CA ALA F 326 11.66 -19.87 1.68
C ALA F 326 11.11 -20.29 3.05
N PRO F 327 10.43 -19.38 3.79
CA PRO F 327 9.69 -19.82 4.97
C PRO F 327 8.35 -20.51 4.64
N ALA F 328 7.57 -19.93 3.72
CA ALA F 328 6.23 -20.44 3.39
C ALA F 328 6.20 -21.92 3.00
N THR F 329 7.19 -22.34 2.22
CA THR F 329 7.35 -23.74 1.85
C THR F 329 7.75 -24.62 3.05
N THR F 330 8.59 -24.08 3.93
CA THR F 330 9.03 -24.79 5.14
C THR F 330 7.90 -25.07 6.15
N PHE F 331 6.97 -24.12 6.28
CA PHE F 331 5.85 -24.24 7.24
C PHE F 331 5.07 -25.56 7.17
N SER F 332 4.86 -26.08 5.96
CA SER F 332 4.15 -27.34 5.74
C SER F 332 4.85 -28.55 6.37
N HIS F 333 6.18 -28.53 6.42
CA HIS F 333 6.96 -29.65 6.96
C HIS F 333 6.96 -29.79 8.49
N LEU F 334 6.63 -28.72 9.22
CA LEU F 334 6.89 -28.66 10.67
C LEU F 334 5.72 -29.10 11.56
N ASP F 335 6.06 -29.56 12.76
CA ASP F 335 5.07 -30.03 13.75
C ASP F 335 4.64 -28.95 14.74
N ALA F 336 5.63 -28.18 15.21
CA ALA F 336 5.41 -26.98 15.98
C ALA F 336 6.08 -25.79 15.28
N THR F 337 5.26 -24.91 14.72
CA THR F 337 5.74 -23.72 14.02
C THR F 337 5.77 -22.53 14.98
N THR F 338 6.97 -22.06 15.30
CA THR F 338 7.17 -20.89 16.16
C THR F 338 7.46 -19.66 15.31
N VAL F 339 6.63 -18.64 15.44
CA VAL F 339 6.74 -17.41 14.64
C VAL F 339 7.12 -16.23 15.54
N LEU F 340 8.24 -15.59 15.22
CA LEU F 340 8.75 -14.44 15.96
C LEU F 340 8.50 -13.16 15.16
N ASP F 341 7.93 -12.15 15.81
CA ASP F 341 7.57 -10.88 15.19
C ASP F 341 8.47 -9.75 15.70
N ARG F 342 8.84 -8.84 14.79
CA ARG F 342 9.74 -7.73 15.13
C ARG F 342 9.05 -6.67 16.00
N ALA F 343 7.80 -6.35 15.68
CA ALA F 343 7.02 -5.37 16.47
C ALA F 343 6.80 -5.82 17.91
N VAL F 344 6.71 -7.13 18.12
CA VAL F 344 6.60 -7.70 19.47
C VAL F 344 7.93 -7.56 20.23
N ALA F 345 9.05 -7.76 19.53
CA ALA F 345 10.39 -7.59 20.10
C ALA F 345 10.67 -6.13 20.50
N GLU F 346 10.37 -5.21 19.58
CA GLU F 346 10.61 -3.77 19.81
C GLU F 346 9.69 -3.16 20.86
N SER F 347 8.51 -3.76 21.09
CA SER F 347 7.60 -3.32 22.15
C SER F 347 8.10 -3.66 23.56
N GLY F 348 8.99 -4.66 23.68
CA GLY F 348 9.57 -5.05 24.96
C GLY F 348 9.41 -6.52 25.34
N ILE F 349 8.53 -7.24 24.65
CA ILE F 349 8.23 -8.64 24.96
C ILE F 349 9.30 -9.56 24.38
N TYR F 350 10.06 -10.22 25.25
CA TYR F 350 11.02 -11.26 24.86
C TYR F 350 10.71 -12.55 25.65
N PRO F 351 10.67 -13.72 25.01
CA PRO F 351 10.90 -13.93 23.57
C PRO F 351 9.79 -13.32 22.73
N ALA F 352 10.10 -12.98 21.48
CA ALA F 352 9.22 -12.18 20.63
C ALA F 352 8.17 -13.03 19.88
N VAL F 353 7.54 -13.95 20.58
CA VAL F 353 6.65 -14.94 19.97
C VAL F 353 5.26 -14.34 19.77
N ASN F 354 4.85 -14.20 18.50
CA ASN F 354 3.48 -13.82 18.15
C ASN F 354 2.62 -15.09 18.16
N PRO F 355 1.79 -15.27 19.20
CA PRO F 355 1.14 -16.57 19.42
C PRO F 355 0.01 -16.92 18.43
N LEU F 356 -0.55 -15.93 17.73
CA LEU F 356 -1.66 -16.15 16.80
C LEU F 356 -1.19 -16.82 15.50
N GLU F 357 -0.04 -16.39 14.98
CA GLU F 357 0.56 -17.01 13.79
C GLU F 357 1.23 -18.37 14.08
N CYS F 358 1.53 -18.65 15.35
CA CYS F 358 2.08 -19.95 15.75
C CYS F 358 1.05 -21.07 15.71
N ALA F 359 1.53 -22.31 15.71
CA ALA F 359 0.69 -23.50 15.78
C ALA F 359 1.49 -24.75 16.17
N SER F 360 0.80 -25.75 16.72
CA SER F 360 1.39 -27.05 17.06
C SER F 360 0.40 -28.17 16.78
N ARG F 361 0.92 -29.31 16.30
CA ARG F 361 0.07 -30.47 16.01
C ARG F 361 -0.49 -31.10 17.28
N ILE F 362 0.35 -31.20 18.31
CA ILE F 362 -0.04 -31.81 19.59
C ILE F 362 -0.92 -30.91 20.49
N MET F 363 -1.24 -29.69 20.06
CA MET F 363 -2.29 -28.89 20.69
C MET F 363 -3.64 -29.59 20.44
N ASP F 364 -3.91 -30.61 21.27
CA ASP F 364 -5.02 -31.54 21.04
C ASP F 364 -5.42 -32.21 22.38
N PRO F 365 -6.72 -32.29 22.70
CA PRO F 365 -7.16 -32.95 23.95
C PRO F 365 -6.69 -34.41 24.17
N ASP F 366 -6.39 -35.12 23.08
CA ASP F 366 -5.90 -36.50 23.17
C ASP F 366 -4.47 -36.59 23.68
N VAL F 367 -3.58 -35.76 23.13
CA VAL F 367 -2.15 -35.80 23.47
C VAL F 367 -1.91 -35.13 24.83
N ILE F 368 -2.09 -33.81 24.91
CA ILE F 368 -1.97 -33.08 26.18
C ILE F 368 -3.25 -33.23 26.99
N SER F 369 -3.21 -32.83 28.26
CA SER F 369 -4.37 -32.95 29.15
C SER F 369 -5.51 -32.00 28.74
N VAL F 370 -6.71 -32.30 29.23
CA VAL F 370 -7.90 -31.49 28.92
C VAL F 370 -7.77 -30.08 29.52
N ASP F 371 -7.20 -30.01 30.73
CA ASP F 371 -6.96 -28.72 31.40
C ASP F 371 -5.93 -27.86 30.65
N HIS F 372 -4.94 -28.51 30.01
CA HIS F 372 -3.94 -27.81 29.19
C HIS F 372 -4.57 -27.19 27.95
N TYR F 373 -5.35 -27.99 27.21
CA TYR F 373 -6.00 -27.54 25.98
C TYR F 373 -7.00 -26.40 26.22
N ASN F 374 -7.86 -26.55 27.24
CA ASN F 374 -8.91 -25.56 27.53
C ASN F 374 -8.35 -24.19 27.95
N VAL F 375 -7.30 -24.21 28.79
CA VAL F 375 -6.63 -22.97 29.21
C VAL F 375 -5.88 -22.34 28.04
N ALA F 376 -5.16 -23.15 27.27
CA ALA F 376 -4.38 -22.68 26.12
C ALA F 376 -5.26 -22.06 25.03
N GLN F 377 -6.43 -22.65 24.78
CA GLN F 377 -7.39 -22.10 23.82
C GLN F 377 -7.96 -20.74 24.26
N ASP F 378 -8.23 -20.60 25.56
CA ASP F 378 -8.74 -19.34 26.11
C ASP F 378 -7.75 -18.17 25.97
N VAL F 379 -6.46 -18.47 26.08
CA VAL F 379 -5.41 -17.47 25.85
C VAL F 379 -5.41 -17.04 24.38
N VAL F 380 -5.54 -18.00 23.48
CA VAL F 380 -5.61 -17.73 22.03
C VAL F 380 -6.90 -16.98 21.67
N GLN F 381 -8.02 -17.36 22.29
CA GLN F 381 -9.31 -16.68 22.08
C GLN F 381 -9.27 -15.24 22.58
N MET F 382 -8.78 -15.04 23.81
CA MET F 382 -8.69 -13.71 24.41
C MET F 382 -7.77 -12.76 23.62
N LEU F 383 -6.64 -13.27 23.16
CA LEU F 383 -5.71 -12.51 22.33
C LEU F 383 -6.27 -12.17 20.96
N THR F 384 -7.13 -13.02 20.41
CA THR F 384 -7.83 -12.74 19.14
C THR F 384 -8.84 -11.59 19.30
N LYS F 385 -9.60 -11.61 20.40
CA LYS F 385 -10.50 -10.50 20.74
C LYS F 385 -9.72 -9.20 20.99
N TYR F 386 -8.57 -9.32 21.64
CA TYR F 386 -7.73 -8.16 21.98
C TYR F 386 -7.19 -7.44 20.75
N ARG F 387 -6.80 -8.18 19.72
CA ARG F 387 -6.30 -7.58 18.45
C ARG F 387 -7.42 -6.83 17.72
N GLU F 388 -8.66 -7.31 17.81
CA GLU F 388 -9.82 -6.59 17.27
C GLU F 388 -10.13 -5.32 18.06
N LEU F 389 -10.06 -5.42 19.39
CA LEU F 389 -10.24 -4.26 20.27
C LEU F 389 -9.11 -3.22 20.13
N GLN F 390 -7.89 -3.67 19.86
CA GLN F 390 -6.74 -2.77 19.65
C GLN F 390 -6.90 -1.83 18.44
N ASP F 391 -7.63 -2.27 17.41
CA ASP F 391 -7.95 -1.43 16.25
C ASP F 391 -9.04 -0.39 16.57
N ILE F 392 -9.93 -0.73 17.49
CA ILE F 392 -11.00 0.18 17.94
C ILE F 392 -10.44 1.31 18.84
N ILE F 393 -9.54 0.97 19.76
CA ILE F 393 -8.87 1.96 20.63
C ILE F 393 -8.03 3.00 19.85
N ALA F 394 -7.39 2.56 18.77
CA ALA F 394 -6.60 3.45 17.91
C ALA F 394 -7.49 4.46 17.19
N VAL F 395 -8.66 4.02 16.73
CA VAL F 395 -9.62 4.89 16.05
C VAL F 395 -10.37 5.74 17.09
N LEU F 396 -11.18 5.09 17.93
CA LEU F 396 -12.07 5.78 18.86
C LEU F 396 -11.34 6.27 20.11
N GLY F 397 -10.89 5.32 20.94
CA GLY F 397 -10.23 5.63 22.21
C GLY F 397 -10.45 4.55 23.25
N ILE F 398 -9.65 4.59 24.33
CA ILE F 398 -9.72 3.60 25.41
C ILE F 398 -11.03 3.74 26.21
N ASP F 399 -11.47 4.98 26.41
CA ASP F 399 -12.70 5.28 27.16
C ASP F 399 -13.99 4.89 26.41
N GLU F 400 -13.91 4.84 25.08
CA GLU F 400 -15.08 4.51 24.24
C GLU F 400 -15.55 3.04 24.36
N LEU F 401 -14.67 2.14 24.80
CA LEU F 401 -15.02 0.71 24.93
C LEU F 401 -16.08 0.44 26.00
N SER F 402 -16.71 -0.74 25.90
CA SER F 402 -17.75 -1.15 26.83
C SER F 402 -17.19 -1.56 28.20
N GLU F 403 -18.08 -1.81 29.15
CA GLU F 403 -17.69 -2.15 30.53
C GLU F 403 -17.04 -3.53 30.62
N GLU F 404 -17.63 -4.52 29.95
CA GLU F 404 -17.07 -5.88 29.93
C GLU F 404 -15.80 -5.97 29.07
N ASP F 405 -15.77 -5.22 27.96
CA ASP F 405 -14.60 -5.19 27.06
C ASP F 405 -13.35 -4.55 27.70
N LYS F 406 -13.55 -3.59 28.59
CA LYS F 406 -12.45 -3.00 29.39
C LYS F 406 -11.77 -4.04 30.29
N LEU F 407 -12.56 -4.93 30.89
CA LEU F 407 -12.02 -6.00 31.74
C LEU F 407 -11.26 -7.05 30.92
N ILE F 408 -11.72 -7.29 29.68
CA ILE F 408 -11.01 -8.17 28.75
C ILE F 408 -9.65 -7.57 28.36
N VAL F 409 -9.61 -6.27 28.14
CA VAL F 409 -8.35 -5.56 27.82
C VAL F 409 -7.36 -5.61 28.98
N ASP F 410 -7.84 -5.40 30.21
CA ASP F 410 -6.99 -5.49 31.42
C ASP F 410 -6.35 -6.87 31.59
N ARG F 411 -7.13 -7.92 31.32
CA ARG F 411 -6.61 -9.29 31.36
C ARG F 411 -5.72 -9.61 30.17
N ALA F 412 -6.15 -9.22 28.97
CA ALA F 412 -5.40 -9.47 27.74
C ALA F 412 -4.05 -8.74 27.70
N ARG F 413 -4.02 -7.52 28.23
CA ARG F 413 -2.77 -6.77 28.40
C ARG F 413 -1.82 -7.49 29.35
N LYS F 414 -2.36 -8.06 30.42
CA LYS F 414 -1.57 -8.88 31.35
C LYS F 414 -1.13 -10.22 30.74
N LEU F 415 -1.96 -10.81 29.88
CA LEU F 415 -1.60 -12.03 29.14
C LEU F 415 -0.40 -11.81 28.22
N VAL F 416 -0.37 -10.69 27.51
CA VAL F 416 0.76 -10.34 26.63
C VAL F 416 2.04 -10.10 27.44
N LYS F 417 1.91 -9.45 28.59
CA LYS F 417 3.05 -9.19 29.49
C LYS F 417 3.55 -10.48 30.16
N PHE F 418 2.62 -11.33 30.60
CA PHE F 418 2.95 -12.58 31.27
C PHE F 418 3.56 -13.63 30.32
N LEU F 419 3.28 -13.51 29.03
CA LEU F 419 3.91 -14.36 28.00
C LEU F 419 5.42 -14.09 27.83
N SER F 420 5.88 -12.89 28.22
CA SER F 420 7.31 -12.59 28.24
C SER F 420 8.01 -13.38 29.35
N GLN F 421 9.31 -13.64 29.16
CA GLN F 421 10.07 -14.49 30.07
C GLN F 421 11.57 -14.15 30.01
N PRO F 422 12.22 -13.92 31.17
CA PRO F 422 13.66 -13.68 31.17
C PRO F 422 14.41 -15.01 31.03
N PHE F 423 15.21 -15.10 29.97
CA PHE F 423 15.91 -16.35 29.63
C PHE F 423 17.20 -16.46 30.43
N GLN F 424 17.58 -17.70 30.76
CA GLN F 424 18.79 -17.97 31.54
C GLN F 424 20.09 -17.70 30.77
N VAL F 425 20.10 -17.98 29.46
CA VAL F 425 21.23 -17.61 28.61
C VAL F 425 21.32 -16.08 28.44
N ALA F 426 20.18 -15.40 28.43
CA ALA F 426 20.12 -13.95 28.31
C ALA F 426 20.07 -13.24 29.66
N GLU F 427 21.09 -13.50 30.50
CA GLU F 427 21.30 -12.76 31.75
C GLU F 427 22.06 -11.46 31.46
N VAL F 428 22.98 -11.52 30.50
CA VAL F 428 23.72 -10.33 30.03
C VAL F 428 22.77 -9.27 29.44
N PHE F 429 21.78 -9.69 28.66
CA PHE F 429 20.85 -8.77 28.00
C PHE F 429 19.84 -8.18 28.98
N THR F 430 19.10 -9.06 29.66
CA THR F 430 18.00 -8.66 30.56
C THR F 430 18.49 -8.04 31.88
N GLY F 431 19.66 -8.47 32.35
CA GLY F 431 20.19 -8.05 33.64
C GLY F 431 19.46 -8.66 34.83
N MET F 432 18.80 -9.81 34.61
CA MET F 432 18.09 -10.54 35.64
C MET F 432 18.28 -12.05 35.45
N THR F 433 18.23 -12.80 36.53
CA THR F 433 18.38 -14.26 36.50
C THR F 433 17.24 -14.93 35.73
N GLY F 434 17.54 -16.08 35.14
CA GLY F 434 16.57 -16.83 34.33
C GLY F 434 15.46 -17.49 35.14
N HIS F 435 14.45 -17.98 34.43
CA HIS F 435 13.31 -18.65 35.04
C HIS F 435 12.88 -19.86 34.20
N TYR F 436 13.10 -21.07 34.72
CA TYR F 436 12.53 -22.29 34.13
C TYR F 436 11.13 -22.44 34.75
N VAL F 437 10.09 -22.26 33.93
CA VAL F 437 8.71 -22.32 34.40
C VAL F 437 8.13 -23.70 34.08
N GLN F 438 7.67 -24.40 35.13
CA GLN F 438 7.14 -25.76 34.99
C GLN F 438 5.81 -25.75 34.25
N LEU F 439 5.50 -26.89 33.62
CA LEU F 439 4.26 -27.05 32.85
C LEU F 439 3.01 -26.90 33.73
N ASP F 440 3.09 -27.45 34.94
CA ASP F 440 2.01 -27.33 35.92
C ASP F 440 1.86 -25.89 36.42
N ASP F 441 2.98 -25.18 36.58
CA ASP F 441 2.98 -23.76 36.95
C ASP F 441 2.38 -22.90 35.82
N THR F 442 2.83 -23.16 34.59
CA THR F 442 2.37 -22.42 33.41
C THR F 442 0.85 -22.52 33.21
N ILE F 443 0.30 -23.71 33.34
CA ILE F 443 -1.15 -23.94 33.12
C ILE F 443 -1.99 -23.30 34.24
N ASP F 444 -1.57 -23.47 35.49
CA ASP F 444 -2.32 -22.96 36.65
C ASP F 444 -2.35 -21.42 36.73
N SER F 445 -1.18 -20.80 36.51
CA SER F 445 -1.06 -19.33 36.56
C SER F 445 -1.88 -18.64 35.47
N PHE F 446 -1.81 -19.15 34.25
CA PHE F 446 -2.62 -18.65 33.12
C PHE F 446 -4.12 -18.92 33.30
N SER F 447 -4.46 -20.06 33.91
CA SER F 447 -5.86 -20.42 34.20
C SER F 447 -6.51 -19.40 35.14
N GLY F 448 -5.81 -19.08 36.24
CA GLY F 448 -6.28 -18.09 37.21
C GLY F 448 -6.42 -16.68 36.66
N LEU F 449 -5.55 -16.30 35.74
CA LEU F 449 -5.59 -14.99 35.08
C LEU F 449 -6.84 -14.84 34.20
N LEU F 450 -7.22 -15.93 33.53
CA LEU F 450 -8.45 -15.98 32.71
C LEU F 450 -9.71 -15.93 33.56
N MET F 451 -9.71 -16.63 34.69
CA MET F 451 -10.80 -16.56 35.68
C MET F 451 -11.03 -15.15 36.20
N GLY F 452 -9.93 -14.40 36.39
CA GLY F 452 -9.96 -13.07 36.97
C GLY F 452 -9.59 -13.07 38.46
N THR F 453 -8.76 -14.03 38.88
CA THR F 453 -8.30 -14.11 40.26
C THR F 453 -7.17 -13.10 40.53
N TYR F 454 -6.47 -12.68 39.47
CA TYR F 454 -5.38 -11.70 39.57
C TYR F 454 -5.73 -10.38 38.86
N ASP F 455 -6.97 -9.93 39.01
CA ASP F 455 -7.41 -8.64 38.47
C ASP F 455 -6.84 -7.46 39.25
N GLN F 456 -6.77 -7.60 40.57
CA GLN F 456 -6.21 -6.55 41.45
C GLN F 456 -4.68 -6.49 41.42
N VAL F 457 -4.03 -7.52 40.87
CA VAL F 457 -2.58 -7.53 40.68
C VAL F 457 -2.23 -6.56 39.53
N PRO F 458 -1.21 -5.69 39.73
CA PRO F 458 -0.87 -4.71 38.67
C PRO F 458 -0.25 -5.35 37.41
N GLU F 459 -0.25 -4.58 36.33
CA GLU F 459 0.14 -5.07 35.01
C GLU F 459 1.64 -5.36 34.90
N MET F 460 2.46 -4.42 35.36
CA MET F 460 3.93 -4.55 35.29
C MET F 460 4.54 -5.63 36.21
N ALA F 461 3.75 -6.16 37.13
CA ALA F 461 4.14 -7.36 37.89
C ALA F 461 4.32 -8.58 36.99
N PHE F 462 3.47 -8.72 35.99
CA PHE F 462 3.51 -9.85 35.05
C PHE F 462 4.64 -9.77 34.00
N TYR F 463 5.15 -8.57 33.76
CA TYR F 463 6.19 -8.34 32.75
C TYR F 463 7.56 -8.93 33.18
N MET F 464 8.08 -9.84 32.36
CA MET F 464 9.42 -10.41 32.52
C MET F 464 9.64 -11.09 33.87
N VAL F 465 8.85 -12.14 34.10
CA VAL F 465 8.97 -13.01 35.26
C VAL F 465 8.63 -14.45 34.84
N GLY F 466 8.79 -15.41 35.74
CA GLY F 466 8.46 -16.81 35.47
C GLY F 466 7.01 -17.14 35.78
N GLY F 467 6.80 -17.97 36.81
CA GLY F 467 5.46 -18.37 37.26
C GLY F 467 4.81 -17.41 38.22
N ILE F 468 3.74 -17.86 38.86
CA ILE F 468 2.91 -16.99 39.72
C ILE F 468 3.60 -16.52 41.00
N ASN F 469 4.50 -17.33 41.55
CA ASN F 469 5.28 -16.95 42.75
C ASN F 469 6.18 -15.74 42.49
N SER F 470 6.80 -15.68 41.31
CA SER F 470 7.62 -14.53 40.92
C SER F 470 6.79 -13.29 40.56
N VAL F 471 5.55 -13.49 40.10
CA VAL F 471 4.60 -12.40 39.83
C VAL F 471 4.20 -11.72 41.15
N LEU F 472 3.76 -12.54 42.11
CA LEU F 472 3.36 -12.04 43.44
C LEU F 472 4.55 -11.49 44.24
N GLU F 473 5.76 -12.00 43.99
CA GLU F 473 6.99 -11.45 44.57
C GLU F 473 7.30 -10.04 44.04
N LYS F 474 7.21 -9.87 42.73
CA LYS F 474 7.42 -8.56 42.10
C LYS F 474 6.31 -7.56 42.46
N ALA F 475 5.08 -8.06 42.59
CA ALA F 475 3.95 -7.24 43.03
C ALA F 475 4.09 -6.76 44.49
N LYS F 476 4.72 -7.58 45.33
CA LYS F 476 5.05 -7.21 46.71
C LYS F 476 6.14 -6.12 46.72
N LYS F 477 7.17 -6.28 45.89
CA LYS F 477 8.23 -5.26 45.74
C LYS F 477 7.70 -3.94 45.17
N MET F 478 6.73 -4.02 44.26
CA MET F 478 6.06 -2.83 43.70
C MET F 478 5.20 -2.10 44.75
N ALA F 479 4.50 -2.88 45.57
CA ALA F 479 3.69 -2.32 46.66
C ALA F 479 4.55 -1.62 47.73
N GLU F 480 5.68 -2.23 48.07
CA GLU F 480 6.62 -1.68 49.06
C GLU F 480 7.33 -0.41 48.57
N GLU F 481 7.80 -0.40 47.33
CA GLU F 481 8.49 0.75 46.74
C GLU F 481 7.51 1.92 46.49
N ALA F 482 6.29 1.60 46.07
CA ALA F 482 5.22 2.60 45.90
C ALA F 482 4.79 3.21 47.26
N ALA F 483 4.83 2.40 48.31
CA ALA F 483 4.55 2.88 49.68
C ALA F 483 5.63 3.83 50.20
N GLU F 484 6.88 3.59 49.83
CA GLU F 484 8.01 4.45 50.25
C GLU F 484 8.02 5.80 49.53
N LEU F 485 7.81 5.78 48.21
CA LEU F 485 7.78 7.02 47.41
C LEU F 485 6.57 7.91 47.74
N GLU F 486 5.45 7.29 48.08
CA GLU F 486 4.25 7.99 48.55
C GLU F 486 4.47 8.66 49.91
N LYS F 487 5.19 7.98 50.80
CA LYS F 487 5.52 8.51 52.13
C LYS F 487 6.49 9.70 52.06
N MET F 488 7.35 9.73 51.05
CA MET F 488 8.25 10.86 50.79
C MET F 488 7.49 12.14 50.38
N ARG F 489 6.50 12.00 49.50
CA ARG F 489 5.65 13.13 49.09
C ARG F 489 4.58 13.50 50.15
N ARG F 490 4.32 12.60 51.10
CA ARG F 490 3.44 12.88 52.24
C ARG F 490 4.19 13.51 53.44
N ALA F 491 5.53 13.59 53.40
CA ALA F 491 6.31 14.09 54.55
C ALA F 491 6.08 15.56 54.82
N ARG F 492 6.17 16.38 53.76
CA ARG F 492 5.96 17.83 53.86
C ARG F 492 4.47 18.16 54.02
N VAL F 493 4.16 19.07 54.93
CA VAL F 493 2.79 19.55 55.15
C VAL F 493 2.77 21.05 55.44
N ALA F 494 1.80 21.76 54.85
CA ALA F 494 1.65 23.22 54.98
C ALA F 494 2.88 23.99 54.47
N GLY G 2 -5.23 -4.09 -7.96
CA GLY G 2 -5.58 -4.90 -6.74
C GLY G 2 -5.08 -4.25 -5.46
N LYS G 3 -3.83 -4.52 -5.11
CA LYS G 3 -3.19 -3.94 -3.92
C LYS G 3 -2.94 -2.43 -4.07
N LEU G 4 -2.68 -1.98 -5.30
CA LEU G 4 -2.46 -0.56 -5.58
C LEU G 4 -3.74 0.25 -5.33
N ARG G 5 -4.89 -0.32 -5.70
CA ARG G 5 -6.19 0.35 -5.54
C ARG G 5 -6.68 0.33 -4.10
N LEU G 6 -6.56 -0.81 -3.41
CA LEU G 6 -7.13 -0.98 -2.06
C LEU G 6 -6.38 -0.19 -0.99
N TYR G 7 -5.05 -0.16 -1.06
CA TYR G 7 -4.23 0.66 -0.14
C TYR G 7 -4.44 2.17 -0.34
N LYS G 8 -4.78 2.57 -1.57
CA LYS G 8 -5.20 3.94 -1.86
C LYS G 8 -6.57 4.23 -1.26
N GLU G 9 -7.51 3.29 -1.43
CA GLU G 9 -8.86 3.44 -0.85
C GLU G 9 -8.87 3.35 0.68
N LYS G 10 -7.93 2.61 1.25
CA LYS G 10 -7.68 2.64 2.71
C LYS G 10 -7.18 4.04 3.12
N LEU G 11 -6.22 4.57 2.37
CA LEU G 11 -5.68 5.92 2.60
C LEU G 11 -6.73 7.02 2.37
N GLU G 12 -7.58 6.85 1.36
CA GLU G 12 -8.71 7.76 1.11
C GLU G 12 -9.73 7.71 2.25
N GLY G 13 -9.89 6.55 2.87
CA GLY G 13 -10.72 6.37 4.06
C GLY G 13 -10.27 7.23 5.24
N TYR G 14 -8.97 7.19 5.53
CA TYR G 14 -8.40 7.99 6.61
C TYR G 14 -8.43 9.50 6.32
N ASN G 15 -8.35 9.88 5.04
CA ASN G 15 -8.46 11.29 4.64
C ASN G 15 -9.84 11.88 4.96
N ARG G 16 -10.88 11.11 4.67
CA ARG G 16 -12.25 11.47 5.06
C ARG G 16 -12.43 11.44 6.57
N PHE G 17 -11.77 10.49 7.24
CA PHE G 17 -11.79 10.38 8.70
C PHE G 17 -11.21 11.65 9.35
N TYR G 18 -10.07 12.11 8.85
CA TYR G 18 -9.41 13.30 9.38
C TYR G 18 -10.28 14.54 9.21
N SER G 19 -10.86 14.69 8.03
CA SER G 19 -11.70 15.86 7.69
C SER G 19 -12.95 15.98 8.57
N ILE G 20 -13.60 14.84 8.83
CA ILE G 20 -14.80 14.79 9.66
C ILE G 20 -14.47 15.03 11.14
N VAL G 21 -13.40 14.41 11.61
CA VAL G 21 -12.94 14.57 13.00
C VAL G 21 -12.40 16.00 13.22
N LYS G 22 -11.79 16.60 12.20
CA LYS G 22 -11.37 18.01 12.26
C LYS G 22 -12.57 18.97 12.35
N THR G 23 -13.70 18.61 11.74
CA THR G 23 -14.95 19.37 11.87
C THR G 23 -15.44 19.40 13.33
N ILE G 24 -15.28 18.29 14.04
CA ILE G 24 -15.65 18.21 15.47
C ILE G 24 -14.69 19.03 16.32
N LYS G 25 -13.39 18.90 16.03
CA LYS G 25 -12.34 19.69 16.68
C LYS G 25 -12.67 21.18 16.61
N MET G 26 -12.84 21.69 15.39
CA MET G 26 -13.05 23.12 15.14
C MET G 26 -14.39 23.64 15.69
N VAL G 27 -15.43 22.81 15.62
CA VAL G 27 -16.75 23.18 16.17
C VAL G 27 -16.70 23.26 17.70
N THR G 28 -15.98 22.34 18.35
CA THR G 28 -15.83 22.35 19.81
C THR G 28 -14.90 23.45 20.33
N LEU G 29 -14.02 23.98 19.46
CA LEU G 29 -13.25 25.19 19.80
C LEU G 29 -14.18 26.39 19.98
N ALA G 30 -15.09 26.55 19.03
CA ALA G 30 -16.10 27.63 19.08
C ALA G 30 -16.94 27.55 20.36
N LYS G 31 -17.33 26.33 20.73
CA LYS G 31 -18.06 26.08 21.97
C LYS G 31 -17.16 26.32 23.19
N TYR G 32 -15.89 25.93 23.10
CA TYR G 32 -14.91 26.18 24.17
C TYR G 32 -14.60 27.68 24.37
N ARG G 33 -14.57 28.44 23.29
CA ARG G 33 -14.42 29.91 23.36
C ARG G 33 -15.65 30.56 24.00
N ALA G 34 -16.83 30.09 23.62
CA ALA G 34 -18.08 30.53 24.25
C ALA G 34 -18.16 30.11 25.71
N ALA G 35 -17.70 28.88 26.00
CA ALA G 35 -17.74 28.32 27.35
C ALA G 35 -16.76 28.98 28.31
N GLN G 36 -15.55 29.33 27.82
CA GLN G 36 -14.55 30.00 28.66
C GLN G 36 -14.96 31.42 29.08
N GLY G 37 -15.91 32.02 28.36
CA GLY G 37 -16.59 33.24 28.80
C GLY G 37 -17.42 32.93 30.04
N ARG G 38 -16.74 32.79 31.16
CA ARG G 38 -17.27 32.16 32.37
C ARG G 38 -16.19 32.10 33.46
N ILE G 39 -15.00 31.59 33.10
CA ILE G 39 -13.87 31.42 34.02
C ILE G 39 -13.48 32.74 34.70
N ARG G 40 -13.55 33.84 33.93
CA ARG G 40 -13.31 35.19 34.46
C ARG G 40 -14.37 35.55 35.53
N THR G 41 -15.63 35.21 35.26
CA THR G 41 -16.72 35.35 36.24
C THR G 41 -16.69 34.17 37.24
N ARG G 42 -17.79 33.41 37.39
CA ARG G 42 -17.83 32.18 38.21
C ARG G 42 -17.62 32.40 39.72
N ASP G 43 -17.95 31.39 40.51
CA ASP G 43 -17.55 31.27 41.95
C ASP G 43 -18.20 32.26 42.93
N PHE G 44 -18.12 33.55 42.63
CA PHE G 44 -18.72 34.61 43.47
C PHE G 44 -20.26 34.55 43.52
N SER G 45 -20.87 33.92 42.53
CA SER G 45 -22.32 33.65 42.52
C SER G 45 -22.79 32.69 43.64
N LEU G 46 -21.93 31.73 44.01
CA LEU G 46 -22.26 30.75 45.06
C LEU G 46 -21.44 30.98 46.35
N ARG G 47 -21.44 32.23 46.83
CA ARG G 47 -20.77 32.55 48.09
C ARG G 47 -21.61 32.09 49.27
N TYR G 48 -22.86 32.56 49.33
CA TYR G 48 -23.81 32.19 50.39
C TYR G 48 -24.47 30.82 50.18
N THR G 49 -24.30 30.23 48.99
CA THR G 49 -24.66 28.82 48.76
C THR G 49 -23.77 27.87 49.58
N GLU G 50 -22.51 28.28 49.80
CA GLU G 50 -21.58 27.51 50.64
C GLU G 50 -22.05 27.43 52.09
N LEU G 51 -22.44 28.57 52.65
CA LEU G 51 -22.89 28.63 54.06
C LEU G 51 -24.14 27.78 54.33
N ALA G 52 -24.96 27.56 53.30
CA ALA G 52 -26.12 26.68 53.39
C ALA G 52 -25.75 25.20 53.38
N PHE G 53 -24.97 24.78 52.39
CA PHE G 53 -24.81 23.35 52.06
C PHE G 53 -23.43 22.71 52.25
N SER G 54 -22.41 23.49 52.59
CA SER G 54 -21.05 22.96 52.73
C SER G 54 -20.91 22.02 53.93
N LYS G 55 -20.87 20.72 53.64
CA LYS G 55 -20.73 19.68 54.66
C LYS G 55 -19.25 19.55 55.05
N PRO G 56 -18.95 19.24 56.34
CA PRO G 56 -17.56 18.92 56.70
C PRO G 56 -17.05 17.61 56.08
N GLN G 57 -17.75 16.51 56.30
CA GLN G 57 -17.39 15.20 55.74
C GLN G 57 -18.56 14.20 55.79
N ALA G 58 -18.40 13.09 55.06
CA ALA G 58 -19.37 11.98 55.03
C ALA G 58 -20.75 12.42 54.56
N ALA G 66 -27.03 5.82 56.02
CA ALA G 66 -27.98 5.37 55.01
C ALA G 66 -29.22 4.73 55.66
N LYS G 67 -30.25 5.55 55.89
CA LYS G 67 -31.49 5.07 56.53
C LYS G 67 -32.80 5.32 55.75
N ASN G 68 -32.82 6.27 54.81
CA ASN G 68 -34.04 6.57 54.04
C ASN G 68 -33.76 7.28 52.70
N ALA G 69 -33.37 6.48 51.71
CA ALA G 69 -33.22 6.91 50.29
C ALA G 69 -32.16 7.99 50.05
N LEU G 70 -31.01 7.59 49.53
CA LEU G 70 -29.94 8.53 49.13
C LEU G 70 -29.96 8.73 47.61
N VAL G 71 -30.35 9.92 47.17
CA VAL G 71 -30.42 10.26 45.74
C VAL G 71 -29.04 10.66 45.23
N TYR G 72 -28.73 10.29 44.00
CA TYR G 72 -27.48 10.66 43.32
C TYR G 72 -27.79 11.20 41.92
N ILE G 73 -27.21 12.35 41.59
CA ILE G 73 -27.45 13.04 40.32
C ILE G 73 -26.10 13.25 39.61
N PRO G 74 -25.56 12.19 38.97
CA PRO G 74 -24.32 12.33 38.21
C PRO G 74 -24.53 13.04 36.86
N ILE G 75 -23.71 14.06 36.60
CA ILE G 75 -23.82 14.87 35.38
C ILE G 75 -22.84 14.35 34.31
N THR G 76 -23.38 13.62 33.34
CA THR G 76 -22.61 13.01 32.26
C THR G 76 -22.77 13.77 30.93
N THR G 77 -21.98 13.38 29.94
CA THR G 77 -22.00 13.97 28.59
C THR G 77 -23.12 13.36 27.73
N ASN G 78 -23.53 14.09 26.70
CA ASN G 78 -24.43 13.54 25.67
C ASN G 78 -23.73 12.48 24.81
N ARG G 79 -23.00 12.89 23.77
CA ARG G 79 -22.30 11.96 22.89
C ARG G 79 -20.90 11.72 23.43
N GLY G 80 -20.34 10.55 23.16
CA GLY G 80 -19.01 10.18 23.64
C GLY G 80 -17.85 10.93 23.00
N SER G 81 -16.67 10.33 23.13
CA SER G 81 -15.39 10.89 22.65
C SER G 81 -14.91 12.07 23.49
N CYS G 82 -15.33 12.12 24.75
CA CYS G 82 -14.83 13.09 25.73
C CYS G 82 -13.67 12.52 26.55
N GLY G 83 -13.67 11.20 26.75
CA GLY G 83 -12.54 10.50 27.39
C GLY G 83 -12.80 10.23 28.85
N ALA G 84 -11.75 10.36 29.67
CA ALA G 84 -11.81 10.10 31.10
C ALA G 84 -12.66 11.17 31.79
N LEU G 85 -13.97 10.94 31.79
CA LEU G 85 -14.94 11.91 32.31
C LEU G 85 -16.25 11.21 32.72
N ASN G 86 -16.86 10.50 31.78
CA ASN G 86 -18.01 9.61 32.08
C ASN G 86 -17.55 8.40 32.88
N SER G 87 -16.39 7.85 32.52
CA SER G 87 -15.76 6.75 33.27
C SER G 87 -15.41 7.16 34.71
N ASN G 88 -14.96 8.40 34.87
CA ASN G 88 -14.63 8.95 36.20
C ASN G 88 -15.82 9.02 37.14
N ILE G 89 -16.98 9.39 36.62
CA ILE G 89 -18.22 9.48 37.40
C ILE G 89 -18.76 8.08 37.74
N VAL G 90 -18.59 7.12 36.83
CA VAL G 90 -18.99 5.73 37.09
C VAL G 90 -18.20 5.13 38.26
N ARG G 91 -16.91 5.49 38.39
CA ARG G 91 -16.08 5.06 39.52
C ARG G 91 -16.56 5.61 40.87
N CYS G 92 -17.07 6.85 40.87
CA CYS G 92 -17.65 7.46 42.07
C CYS G 92 -18.93 6.77 42.53
N ILE G 93 -19.77 6.36 41.57
CA ILE G 93 -21.01 5.62 41.84
C ILE G 93 -20.70 4.20 42.34
N ASP G 94 -19.73 3.54 41.72
CA ASP G 94 -19.30 2.20 42.12
C ASP G 94 -18.59 2.17 43.49
N SER G 95 -17.92 3.27 43.86
CA SER G 95 -17.22 3.37 45.14
C SER G 95 -18.17 3.55 46.33
N VAL G 96 -19.19 4.39 46.15
CA VAL G 96 -20.15 4.70 47.22
C VAL G 96 -21.15 3.55 47.40
N VAL G 97 -21.97 3.31 46.37
CA VAL G 97 -23.05 2.30 46.35
C VAL G 97 -23.45 1.67 47.70
N SER G 98 -24.34 2.35 48.42
CA SER G 98 -24.93 1.84 49.67
C SER G 98 -26.18 1.01 49.35
N SER G 99 -26.80 0.46 50.40
CA SER G 99 -28.06 -0.30 50.26
C SER G 99 -29.21 0.61 49.87
N LYS G 100 -29.40 1.68 50.65
CA LYS G 100 -30.36 2.74 50.32
C LYS G 100 -29.75 3.63 49.23
N MET G 101 -30.13 3.38 47.98
CA MET G 101 -29.58 4.11 46.83
C MET G 101 -30.61 4.26 45.70
N VAL G 102 -30.53 5.39 45.01
CA VAL G 102 -31.38 5.66 43.84
C VAL G 102 -30.68 6.66 42.92
N LEU G 103 -30.68 6.37 41.61
CA LEU G 103 -29.91 7.14 40.63
C LEU G 103 -30.82 7.89 39.67
N MET G 104 -30.49 9.15 39.41
CA MET G 104 -31.12 9.94 38.36
C MET G 104 -30.05 10.73 37.61
N PRO G 105 -29.35 10.06 36.65
CA PRO G 105 -28.24 10.70 35.95
C PRO G 105 -28.70 11.77 34.94
N VAL G 106 -27.73 12.54 34.45
CA VAL G 106 -27.99 13.64 33.52
C VAL G 106 -27.06 13.51 32.32
N GLY G 107 -27.63 13.17 31.16
CA GLY G 107 -26.87 12.94 29.93
C GLY G 107 -27.21 11.60 29.30
N LYS G 108 -27.09 11.50 27.98
CA LYS G 108 -27.42 10.28 27.24
C LYS G 108 -26.51 9.08 27.57
N ARG G 109 -25.23 9.34 27.82
CA ARG G 109 -24.28 8.29 28.25
C ARG G 109 -24.60 7.76 29.64
N GLY G 110 -24.98 8.65 30.56
CA GLY G 110 -25.44 8.27 31.89
C GLY G 110 -26.69 7.41 31.86
N ILE G 111 -27.66 7.81 31.03
CA ILE G 111 -28.88 7.03 30.80
C ILE G 111 -28.57 5.62 30.29
N ASP G 112 -27.68 5.52 29.30
CA ASP G 112 -27.31 4.24 28.70
C ASP G 112 -26.44 3.37 29.63
N SER G 113 -25.46 3.99 30.29
CA SER G 113 -24.50 3.24 31.12
C SER G 113 -25.07 2.79 32.47
N PHE G 114 -25.78 3.67 33.18
CA PHE G 114 -26.35 3.32 34.49
C PHE G 114 -27.58 2.41 34.40
N SER G 115 -28.31 2.43 33.29
CA SER G 115 -29.44 1.53 33.08
C SER G 115 -29.04 0.05 33.04
N LYS G 116 -27.89 -0.23 32.42
CA LYS G 116 -27.39 -1.61 32.29
C LYS G 116 -26.60 -2.06 33.52
N LEU G 117 -25.74 -1.17 34.05
CA LEU G 117 -24.92 -1.48 35.25
C LEU G 117 -25.73 -1.50 36.55
N TYR G 118 -26.73 -0.64 36.65
CA TYR G 118 -27.60 -0.55 37.83
C TYR G 118 -29.08 -0.48 37.43
N PRO G 119 -29.66 -1.62 37.00
CA PRO G 119 -31.11 -1.64 36.70
C PRO G 119 -32.04 -1.49 37.92
N ASP G 120 -31.54 -1.83 39.11
CA ASP G 120 -32.33 -1.74 40.34
C ASP G 120 -32.45 -0.31 40.87
N GLU G 121 -31.34 0.42 40.85
CA GLU G 121 -31.27 1.78 41.41
C GLU G 121 -31.70 2.88 40.43
N PHE G 122 -31.46 2.67 39.13
CA PHE G 122 -31.79 3.66 38.09
C PHE G 122 -33.30 3.84 37.90
N ARG G 123 -33.79 5.07 38.11
CA ARG G 123 -35.19 5.41 37.87
C ARG G 123 -35.34 5.94 36.43
N TYR G 124 -34.81 7.14 36.18
CA TYR G 124 -34.77 7.72 34.83
C TYR G 124 -33.71 8.83 34.75
N GLY G 125 -33.45 9.36 33.56
CA GLY G 125 -32.42 10.38 33.36
C GLY G 125 -32.86 11.55 32.52
N ILE G 126 -32.19 12.69 32.72
CA ILE G 126 -32.53 13.95 32.06
C ILE G 126 -31.56 14.19 30.89
N ILE G 127 -32.09 14.73 29.79
CA ILE G 127 -31.31 15.02 28.59
C ILE G 127 -31.44 16.49 28.24
N ASN G 128 -30.32 17.12 27.89
CA ASN G 128 -30.28 18.48 27.38
C ASN G 128 -29.58 18.44 26.03
N ASP G 129 -30.21 19.00 24.99
CA ASP G 129 -29.63 18.98 23.64
C ASP G 129 -28.51 20.01 23.39
N MET G 130 -28.21 20.85 24.39
CA MET G 130 -27.11 21.83 24.33
C MET G 130 -27.29 22.85 23.20
N LYS G 131 -28.55 23.28 23.01
CA LYS G 131 -28.90 24.26 21.98
C LYS G 131 -28.75 25.68 22.53
N GLU G 132 -29.29 25.89 23.74
CA GLU G 132 -29.10 27.13 24.50
C GLU G 132 -28.13 26.87 25.66
N SER G 133 -27.72 27.93 26.35
CA SER G 133 -26.76 27.83 27.46
C SER G 133 -27.38 27.22 28.72
N MET G 134 -26.51 26.82 29.64
CA MET G 134 -26.93 26.19 30.90
C MET G 134 -27.53 27.25 31.83
N HIS G 135 -28.84 27.20 32.01
CA HIS G 135 -29.59 28.25 32.73
C HIS G 135 -30.30 27.73 33.98
N PHE G 136 -30.84 28.65 34.78
CA PHE G 136 -31.51 28.35 36.04
C PHE G 136 -32.64 27.34 35.85
N GLY G 137 -33.49 27.60 34.87
CA GLY G 137 -34.58 26.69 34.47
C GLY G 137 -34.19 25.23 34.28
N TYR G 138 -33.03 25.01 33.67
CA TYR G 138 -32.47 23.67 33.52
C TYR G 138 -32.09 23.09 34.87
N ALA G 139 -31.48 23.91 35.72
CA ALA G 139 -31.12 23.51 37.09
C ALA G 139 -32.32 23.23 38.00
N THR G 140 -33.41 24.00 37.82
CA THR G 140 -34.67 23.74 38.55
C THR G 140 -35.34 22.47 38.07
N PHE G 141 -35.30 22.23 36.76
CA PHE G 141 -35.79 20.98 36.16
C PHE G 141 -35.06 19.76 36.71
N VAL G 142 -33.77 19.89 36.98
CA VAL G 142 -32.97 18.84 37.62
C VAL G 142 -33.39 18.65 39.09
N ILE G 143 -33.44 19.75 39.85
CA ILE G 143 -33.82 19.71 41.28
C ILE G 143 -35.25 19.19 41.49
N GLU G 144 -36.19 19.63 40.66
CA GLU G 144 -37.59 19.23 40.79
C GLU G 144 -37.85 17.78 40.37
N ASN G 145 -37.15 17.30 39.34
CA ASN G 145 -37.16 15.86 38.99
C ASN G 145 -36.42 14.99 40.03
N ALA G 146 -35.41 15.56 40.69
CA ALA G 146 -34.66 14.86 41.75
C ALA G 146 -35.52 14.49 42.97
N TYR G 147 -36.63 15.19 43.15
CA TYR G 147 -37.71 14.73 44.03
C TYR G 147 -39.08 14.88 43.35
N GLU G 148 -39.41 13.88 42.54
CA GLU G 148 -40.72 13.78 41.87
C GLU G 148 -41.21 12.33 41.93
N VAL G 149 -40.59 11.44 41.15
CA VAL G 149 -40.81 10.00 41.28
C VAL G 149 -39.87 9.44 42.35
N SER G 150 -38.67 10.03 42.45
CA SER G 150 -37.72 9.73 43.53
C SER G 150 -38.17 10.22 44.92
N LYS G 151 -39.09 11.20 44.94
CA LYS G 151 -39.72 11.75 46.17
C LYS G 151 -38.71 12.20 47.25
N ASP G 152 -39.10 12.19 48.54
CA ASP G 152 -38.21 12.61 49.62
C ASP G 152 -36.98 11.70 49.78
N ALA G 153 -36.02 12.17 50.57
CA ALA G 153 -34.73 11.51 50.73
C ALA G 153 -34.03 12.01 51.99
N ASP G 154 -32.84 11.47 52.27
CA ASP G 154 -31.98 12.00 53.32
C ASP G 154 -31.07 13.08 52.75
N ARG G 155 -30.51 12.85 51.56
CA ARG G 155 -29.80 13.89 50.81
C ARG G 155 -29.76 13.64 49.31
N TYR G 156 -29.55 14.73 48.56
CA TYR G 156 -29.41 14.70 47.10
C TYR G 156 -27.97 15.09 46.74
N GLN G 157 -27.17 14.08 46.41
CA GLN G 157 -25.79 14.29 45.99
C GLN G 157 -25.73 14.57 44.49
N VAL G 158 -24.86 15.49 44.08
CA VAL G 158 -24.73 15.91 42.69
C VAL G 158 -23.27 15.77 42.22
N ILE G 159 -22.95 14.62 41.63
CA ILE G 159 -21.60 14.35 41.13
C ILE G 159 -21.41 15.06 39.79
N PHE G 160 -20.32 15.79 39.65
CA PHE G 160 -20.05 16.57 38.43
C PHE G 160 -18.54 16.70 38.17
N ASN G 161 -18.18 17.37 37.07
CA ASN G 161 -16.79 17.57 36.69
C ASN G 161 -16.37 19.03 36.81
N ARG G 162 -15.51 19.30 37.80
CA ARG G 162 -14.90 20.61 38.00
C ARG G 162 -13.88 20.90 36.91
N PHE G 163 -13.79 22.15 36.49
CA PHE G 163 -12.81 22.61 35.50
C PHE G 163 -11.86 23.62 36.14
N VAL G 164 -10.70 23.15 36.56
CA VAL G 164 -9.64 24.03 37.08
C VAL G 164 -8.65 24.44 35.99
N SER G 165 -8.33 23.53 35.07
CA SER G 165 -7.38 23.79 33.99
C SER G 165 -7.76 23.03 32.72
N ALA G 166 -7.22 23.46 31.58
CA ALA G 166 -7.52 22.85 30.27
C ALA G 166 -7.16 21.36 30.21
N GLY G 167 -6.04 20.99 30.82
CA GLY G 167 -5.63 19.59 30.94
C GLY G 167 -6.27 18.86 32.12
N VAL G 168 -6.43 19.56 33.25
CA VAL G 168 -6.92 18.96 34.49
C VAL G 168 -8.43 19.20 34.69
N GLN G 169 -9.22 18.15 34.47
CA GLN G 169 -10.63 18.13 34.83
C GLN G 169 -10.77 17.38 36.16
N ARG G 170 -11.00 18.14 37.25
CA ARG G 170 -11.17 17.57 38.58
C ARG G 170 -12.58 17.01 38.77
N ASN G 171 -12.69 15.94 39.55
CA ASN G 171 -13.96 15.28 39.84
C ASN G 171 -14.45 15.72 41.23
N ALA G 172 -15.59 16.45 41.25
CA ALA G 172 -16.10 17.09 42.47
C ALA G 172 -17.58 16.82 42.70
N VAL G 173 -18.13 17.32 43.82
CA VAL G 173 -19.49 16.99 44.25
C VAL G 173 -20.14 18.07 45.13
N TYR G 174 -21.48 18.14 45.08
CA TYR G 174 -22.27 18.99 45.97
C TYR G 174 -23.25 18.13 46.76
N ASN G 175 -23.22 18.26 48.09
CA ASN G 175 -24.15 17.55 48.98
C ASN G 175 -25.29 18.47 49.43
N ILE G 176 -26.53 18.09 49.09
CA ILE G 176 -27.74 18.82 49.50
C ILE G 176 -28.54 17.91 50.44
N PRO G 177 -28.38 18.09 51.77
CA PRO G 177 -29.28 17.41 52.72
C PRO G 177 -30.75 17.80 52.56
N SER G 178 -31.65 16.93 53.01
CA SER G 178 -33.09 17.20 52.95
C SER G 178 -33.48 18.26 53.97
N TYR G 179 -34.60 18.95 53.70
CA TYR G 179 -35.03 20.12 54.48
C TYR G 179 -35.22 19.83 55.97
N GLU G 180 -35.69 18.63 56.31
CA GLU G 180 -35.84 18.21 57.71
C GLU G 180 -34.48 18.04 58.40
N LYS G 181 -33.55 17.36 57.74
CA LYS G 181 -32.18 17.22 58.25
C LYS G 181 -31.40 18.54 58.22
N TRP G 182 -31.66 19.38 57.21
CA TRP G 182 -30.97 20.66 57.04
C TRP G 182 -31.35 21.68 58.12
N LYS G 183 -32.63 21.74 58.47
CA LYS G 183 -33.13 22.65 59.51
C LYS G 183 -32.62 22.28 60.91
N GLU G 184 -32.39 20.98 61.15
CA GLU G 184 -31.82 20.50 62.42
C GLU G 184 -30.34 20.87 62.58
N ASP G 185 -29.57 20.74 61.51
CA ASP G 185 -28.18 21.20 61.47
C ASP G 185 -28.10 22.73 61.58
N LEU G 186 -29.06 23.41 60.97
CA LEU G 186 -29.17 24.87 61.04
C LEU G 186 -29.48 25.37 62.44
N ALA G 187 -30.40 24.68 63.13
CA ALA G 187 -30.77 25.02 64.51
C ALA G 187 -29.61 24.81 65.49
N ASP G 188 -28.81 23.78 65.26
CA ASP G 188 -27.58 23.56 66.03
C ASP G 188 -26.62 24.72 65.83
N ALA G 189 -26.39 25.10 64.58
CA ALA G 189 -25.50 26.22 64.22
C ALA G 189 -25.96 27.56 64.80
N ALA G 190 -27.28 27.77 64.87
CA ALA G 190 -27.84 29.01 65.39
C ALA G 190 -27.65 29.20 66.89
N SER G 191 -27.82 28.12 67.66
CA SER G 191 -27.82 28.19 69.13
C SER G 191 -26.74 27.28 69.77
N SER G 192 -25.50 27.46 69.31
CA SER G 192 -24.34 26.76 69.88
C SER G 192 -23.03 27.41 69.42
N ASP G 193 -21.98 27.24 70.22
CA ASP G 193 -20.63 27.66 69.80
C ASP G 193 -20.03 26.73 68.73
N ASN G 194 -20.60 25.53 68.59
CA ASN G 194 -20.30 24.63 67.46
C ASN G 194 -20.66 25.29 66.11
N GLN G 195 -19.95 24.85 65.05
CA GLN G 195 -20.07 25.37 63.67
C GLN G 195 -19.27 26.65 63.45
N LYS G 196 -19.64 27.73 64.15
CA LYS G 196 -18.88 29.00 64.18
C LYS G 196 -18.89 29.80 62.86
N ASN G 197 -18.54 29.15 61.75
CA ASN G 197 -18.66 29.72 60.40
C ASN G 197 -20.06 30.22 60.05
N ARG G 198 -21.10 29.58 60.60
CA ARG G 198 -22.49 29.98 60.37
C ARG G 198 -23.27 30.15 61.68
N TYR G 199 -22.73 30.96 62.58
CA TYR G 199 -23.40 31.31 63.83
C TYR G 199 -24.46 32.39 63.57
N LEU G 200 -24.02 33.54 63.07
CA LEU G 200 -24.93 34.66 62.76
C LEU G 200 -25.65 34.48 61.41
N PHE G 201 -25.17 33.56 60.57
CA PHE G 201 -25.86 33.18 59.34
C PHE G 201 -27.20 32.50 59.64
N ALA G 202 -27.15 31.48 60.49
CA ALA G 202 -28.34 30.73 60.89
C ALA G 202 -29.34 31.57 61.70
N ASN G 203 -28.81 32.47 62.56
CA ASN G 203 -29.65 33.38 63.34
C ASN G 203 -30.39 34.37 62.43
N ALA G 204 -29.68 34.94 61.46
CA ALA G 204 -30.27 35.89 60.50
C ALA G 204 -31.31 35.23 59.59
N LEU G 205 -31.08 33.96 59.23
CA LEU G 205 -32.01 33.21 58.38
C LEU G 205 -33.26 32.77 59.14
N GLN G 206 -33.08 32.21 60.34
CA GLN G 206 -34.20 31.76 61.17
C GLN G 206 -35.08 32.88 61.72
N ASN G 207 -34.54 34.10 61.84
CA ASN G 207 -35.33 35.30 62.18
C ASN G 207 -36.40 35.63 61.14
N GLU G 208 -36.14 35.28 59.88
CA GLU G 208 -37.11 35.46 58.80
C GLU G 208 -38.17 34.35 58.83
N GLU G 209 -39.27 34.56 58.10
CA GLU G 209 -40.43 33.65 58.14
C GLU G 209 -40.18 32.30 57.45
N GLU G 210 -41.08 31.35 57.69
CA GLU G 210 -40.88 29.94 57.32
C GLU G 210 -40.87 29.66 55.82
N GLN G 211 -41.70 30.38 55.04
CA GLN G 211 -41.67 30.27 53.58
C GLN G 211 -40.33 30.76 53.00
N LEU G 212 -39.82 31.86 53.56
CA LEU G 212 -38.53 32.43 53.13
C LEU G 212 -37.37 31.45 53.35
N ILE G 213 -37.38 30.73 54.47
CA ILE G 213 -36.34 29.74 54.79
C ILE G 213 -36.44 28.51 53.85
N ARG G 214 -37.67 28.11 53.51
CA ARG G 214 -37.91 27.02 52.55
C ARG G 214 -37.57 27.43 51.11
N ASP G 215 -37.88 28.66 50.73
CA ASP G 215 -37.53 29.18 49.41
C ASP G 215 -36.02 29.46 49.27
N PHE G 216 -35.38 29.84 50.37
CA PHE G 216 -33.92 29.95 50.43
C PHE G 216 -33.23 28.61 50.17
N PHE G 217 -33.78 27.54 50.74
CA PHE G 217 -33.30 26.18 50.51
C PHE G 217 -33.44 25.77 49.05
N ASP G 218 -34.64 25.93 48.49
CA ASP G 218 -34.92 25.60 47.08
C ASP G 218 -34.02 26.39 46.12
N PHE G 219 -33.90 27.69 46.37
CA PHE G 219 -33.11 28.60 45.53
C PHE G 219 -31.63 28.20 45.43
N HIS G 220 -30.96 28.09 46.57
CA HIS G 220 -29.54 27.73 46.62
C HIS G 220 -29.24 26.29 46.18
N ALA G 221 -30.24 25.40 46.28
CA ALA G 221 -30.13 24.04 45.76
C ALA G 221 -30.05 24.06 44.23
N ALA G 222 -30.98 24.77 43.60
CA ALA G 222 -30.98 24.97 42.15
C ALA G 222 -29.74 25.74 41.69
N LEU G 223 -29.27 26.68 42.51
CA LEU G 223 -28.06 27.45 42.21
C LEU G 223 -26.80 26.58 42.32
N ALA G 224 -26.80 25.65 43.27
CA ALA G 224 -25.72 24.66 43.40
C ALA G 224 -25.65 23.70 42.21
N VAL G 225 -26.83 23.28 41.72
CA VAL G 225 -26.94 22.44 40.52
C VAL G 225 -26.55 23.22 39.26
N LEU G 226 -27.01 24.46 39.16
CA LEU G 226 -26.69 25.34 38.02
C LEU G 226 -25.18 25.49 37.79
N ASN G 227 -24.43 25.59 38.88
CA ASN G 227 -22.96 25.62 38.83
C ASN G 227 -22.40 24.29 38.33
N ALA G 228 -22.92 23.19 38.88
CA ALA G 228 -22.44 21.83 38.54
C ALA G 228 -22.58 21.48 37.06
N VAL G 229 -23.76 21.71 36.50
CA VAL G 229 -24.01 21.46 35.06
C VAL G 229 -23.18 22.38 34.17
N GLY G 230 -23.10 23.66 34.53
CA GLY G 230 -22.30 24.64 33.79
C GLY G 230 -20.80 24.38 33.87
N GLU G 231 -20.35 23.88 35.02
CA GLU G 231 -18.96 23.48 35.21
C GLU G 231 -18.66 22.19 34.43
N ASN G 232 -19.63 21.27 34.40
CA ASN G 232 -19.50 20.04 33.62
C ASN G 232 -19.45 20.31 32.12
N GLU G 233 -20.28 21.25 31.64
CA GLU G 233 -20.26 21.68 30.24
C GLU G 233 -18.88 22.22 29.83
N LEU G 234 -18.27 23.00 30.72
CA LEU G 234 -16.93 23.55 30.50
C LEU G 234 -15.86 22.45 30.50
N SER G 235 -16.00 21.48 31.42
CA SER G 235 -15.14 20.28 31.45
C SER G 235 -15.35 19.38 30.24
N GLU G 236 -16.60 19.28 29.78
CA GLU G 236 -16.98 18.46 28.62
C GLU G 236 -16.26 18.91 27.35
N GLN G 237 -16.30 20.21 27.06
CA GLN G 237 -15.69 20.75 25.85
C GLN G 237 -14.16 20.73 25.89
N ALA G 238 -13.58 20.85 27.08
CA ALA G 238 -12.13 20.84 27.25
C ALA G 238 -11.55 19.45 27.07
N ALA G 239 -12.14 18.47 27.76
CA ALA G 239 -11.72 17.08 27.68
C ALA G 239 -11.89 16.49 26.28
N ARG G 240 -12.98 16.86 25.60
CA ARG G 240 -13.22 16.45 24.21
C ARG G 240 -12.19 17.04 23.24
N LEU G 241 -11.74 18.27 23.51
CA LEU G 241 -10.68 18.91 22.74
C LEU G 241 -9.38 18.08 22.79
N VAL G 242 -9.05 17.55 23.97
CA VAL G 242 -7.86 16.73 24.17
C VAL G 242 -8.02 15.34 23.52
N ALA G 243 -9.22 14.77 23.64
CA ALA G 243 -9.51 13.46 23.05
C ALA G 243 -9.57 13.49 21.52
N VAL G 244 -10.21 14.53 20.97
CA VAL G 244 -10.31 14.71 19.52
C VAL G 244 -8.95 15.02 18.88
N GLU G 245 -8.16 15.88 19.52
CA GLU G 245 -6.79 16.17 19.04
C GLU G 245 -5.86 14.96 19.21
N GLY G 246 -6.17 14.11 20.19
CA GLY G 246 -5.55 12.79 20.31
C GLY G 246 -5.98 11.84 19.21
N GLN G 247 -7.27 11.86 18.87
CA GLN G 247 -7.79 11.09 17.73
C GLN G 247 -7.14 11.49 16.41
N LEU G 248 -7.01 12.80 16.17
CA LEU G 248 -6.37 13.31 14.95
C LEU G 248 -4.93 12.82 14.81
N THR G 249 -4.16 12.87 15.90
CA THR G 249 -2.78 12.36 15.90
C THR G 249 -2.71 10.85 15.67
N ASN G 250 -3.72 10.11 16.14
CA ASN G 250 -3.86 8.69 15.84
C ASN G 250 -4.18 8.44 14.36
N ILE G 251 -5.06 9.26 13.80
CA ILE G 251 -5.41 9.16 12.37
C ILE G 251 -4.20 9.55 11.49
N SER G 252 -3.50 10.61 11.88
CA SER G 252 -2.32 11.06 11.13
C SER G 252 -1.15 10.07 11.19
N SER G 253 -0.97 9.39 12.32
CA SER G 253 0.05 8.34 12.45
C SER G 253 -0.27 7.12 11.59
N LEU G 254 -1.55 6.82 11.39
CA LEU G 254 -1.99 5.75 10.49
C LEU G 254 -1.82 6.13 9.02
N GLN G 255 -2.19 7.37 8.67
CA GLN G 255 -1.99 7.91 7.31
C GLN G 255 -0.53 7.81 6.83
N GLN G 256 0.42 8.04 7.75
CA GLN G 256 1.86 7.90 7.47
C GLN G 256 2.22 6.47 7.07
N ARG G 257 1.78 5.51 7.89
CA ARG G 257 2.16 4.10 7.72
C ARG G 257 1.44 3.38 6.58
N THR G 258 0.21 3.80 6.25
CA THR G 258 -0.50 3.26 5.08
C THR G 258 0.07 3.80 3.78
N SER G 259 0.41 5.09 3.76
CA SER G 259 1.07 5.72 2.60
C SER G 259 2.42 5.07 2.28
N SER G 260 3.17 4.73 3.33
CA SER G 260 4.43 3.99 3.17
C SER G 260 4.21 2.62 2.54
N LEU G 261 3.16 1.92 2.97
CA LEU G 261 2.78 0.62 2.39
C LEU G 261 2.30 0.73 0.94
N TYR G 262 1.61 1.83 0.61
CA TYR G 262 1.26 2.14 -0.78
C TYR G 262 2.52 2.34 -1.61
N ASN G 263 3.47 3.08 -1.07
CA ASN G 263 4.74 3.37 -1.73
C ASN G 263 5.66 2.15 -1.85
N LYS G 264 5.67 1.29 -0.84
CA LYS G 264 6.40 0.02 -0.91
C LYS G 264 5.77 -0.92 -1.95
N THR G 265 4.44 -1.00 -1.96
CA THR G 265 3.70 -1.80 -2.93
C THR G 265 3.84 -1.30 -4.38
N ARG G 266 3.97 0.01 -4.54
CA ARG G 266 4.21 0.62 -5.86
C ARG G 266 5.54 0.15 -6.46
N GLN G 267 6.59 0.20 -5.64
CA GLN G 267 7.95 -0.15 -6.07
C GLN G 267 8.15 -1.66 -6.18
N PHE G 268 7.66 -2.40 -5.18
CA PHE G 268 7.73 -3.86 -5.16
C PHE G 268 6.93 -4.45 -6.34
N GLY G 269 5.83 -3.81 -6.70
CA GLY G 269 5.03 -4.20 -7.86
C GLY G 269 5.78 -4.10 -9.17
N ILE G 270 6.48 -2.98 -9.37
CA ILE G 270 7.21 -2.74 -10.62
C ILE G 270 8.50 -3.60 -10.72
N THR G 271 9.12 -3.94 -9.60
CA THR G 271 10.23 -4.91 -9.60
C THR G 271 9.71 -6.27 -10.05
N ALA G 272 8.65 -6.74 -9.38
CA ALA G 272 8.05 -8.04 -9.64
C ALA G 272 7.43 -8.14 -11.04
N ALA G 273 6.86 -7.04 -11.52
CA ALA G 273 6.33 -6.96 -12.88
C ALA G 273 7.44 -7.26 -13.87
N LEU G 274 8.55 -6.54 -13.75
CA LEU G 274 9.64 -6.58 -14.74
C LEU G 274 10.54 -7.82 -14.65
N ILE G 275 10.67 -8.40 -13.47
CA ILE G 275 11.40 -9.66 -13.30
C ILE G 275 10.67 -10.77 -14.03
N GLU G 276 9.35 -10.83 -13.90
CA GLU G 276 8.52 -11.80 -14.64
C GLU G 276 8.57 -11.60 -16.16
N ILE G 277 8.44 -10.35 -16.59
CA ILE G 277 8.41 -10.00 -18.01
C ILE G 277 9.75 -10.34 -18.69
N LEU G 278 10.86 -10.00 -18.03
CA LEU G 278 12.21 -10.29 -18.58
C LEU G 278 12.71 -11.72 -18.28
N SER G 279 12.12 -12.38 -17.29
CA SER G 279 12.31 -13.83 -17.12
C SER G 279 11.60 -14.63 -18.21
N ALA G 280 10.59 -14.03 -18.85
CA ALA G 280 9.92 -14.63 -20.01
C ALA G 280 10.89 -14.72 -21.20
N MET G 281 11.49 -13.60 -21.57
CA MET G 281 12.39 -13.57 -22.75
C MET G 281 13.77 -14.19 -22.53
N SER G 282 14.12 -14.55 -21.29
CA SER G 282 15.26 -15.43 -21.03
C SER G 282 14.93 -16.88 -21.43
N SER G 283 13.65 -17.27 -21.28
CA SER G 283 13.15 -18.56 -21.77
C SER G 283 13.04 -18.61 -23.30
N LEU G 284 12.78 -17.45 -23.91
CA LEU G 284 12.69 -17.31 -25.37
C LEU G 284 14.03 -17.01 -26.07
N GLU G 285 15.12 -16.89 -25.31
CA GLU G 285 16.41 -16.36 -25.78
C GLU G 285 16.30 -14.90 -26.28
N HIS H 5 -8.24 10.70 48.53
CA HIS H 5 -8.98 9.41 48.57
C HIS H 5 -10.47 9.61 48.28
N ASP H 6 -11.11 10.50 49.04
CA ASP H 6 -12.53 10.86 48.86
C ASP H 6 -12.69 12.07 47.94
N LEU H 7 -13.94 12.35 47.55
CA LEU H 7 -14.25 13.41 46.57
C LEU H 7 -14.11 14.80 47.20
N PRO H 8 -13.28 15.69 46.61
CA PRO H 8 -13.28 17.09 47.04
C PRO H 8 -14.55 17.81 46.59
N GLU H 9 -15.27 18.44 47.52
CA GLU H 9 -16.54 19.11 47.19
C GLU H 9 -16.35 20.33 46.28
N GLY H 10 -17.45 20.73 45.63
CA GLY H 10 -17.42 21.79 44.62
C GLY H 10 -17.11 23.20 45.11
N PHE H 11 -17.25 23.44 46.42
CA PHE H 11 -16.94 24.75 47.03
C PHE H 11 -15.45 24.97 47.28
N GLU H 12 -14.66 23.88 47.33
CA GLU H 12 -13.22 23.96 47.64
C GLU H 12 -12.38 24.72 46.61
N PHE H 13 -12.84 24.78 45.36
CA PHE H 13 -12.10 25.45 44.27
C PHE H 13 -12.45 26.94 44.08
N MET H 14 -13.40 27.46 44.86
CA MET H 14 -13.94 28.81 44.66
C MET H 14 -13.13 29.94 45.29
N GLU H 15 -12.32 29.63 46.31
CA GLU H 15 -11.50 30.62 47.06
C GLU H 15 -12.34 31.65 47.83
N HIS H 16 -11.66 32.50 48.60
CA HIS H 16 -12.28 33.58 49.38
C HIS H 16 -13.23 33.04 50.44
N THR H 32 -17.81 52.29 54.60
CA THR H 32 -18.69 52.17 53.43
C THR H 32 -18.70 50.74 52.85
N LEU H 33 -19.70 50.47 52.00
CA LEU H 33 -20.07 49.10 51.58
C LEU H 33 -19.36 48.64 50.31
N ARG H 34 -19.36 47.33 50.07
CA ARG H 34 -18.84 46.73 48.83
C ARG H 34 -19.62 45.46 48.42
N LEU H 35 -20.49 45.58 47.43
CA LEU H 35 -21.42 44.50 47.03
C LEU H 35 -20.88 43.58 45.94
N THR H 36 -21.59 42.47 45.71
CA THR H 36 -21.27 41.51 44.64
C THR H 36 -22.57 41.03 43.97
N LEU H 37 -23.00 41.77 42.94
CA LEU H 37 -24.27 41.51 42.24
C LEU H 37 -24.07 40.48 41.13
N THR H 38 -24.75 39.34 41.23
CA THR H 38 -24.58 38.23 40.27
C THR H 38 -25.90 37.79 39.63
N ARG H 39 -25.77 37.01 38.56
CA ARG H 39 -26.90 36.42 37.85
C ARG H 39 -26.52 35.03 37.33
N GLN H 40 -27.46 34.09 37.37
CA GLN H 40 -27.23 32.71 36.93
C GLN H 40 -26.02 32.08 37.65
N ASP H 41 -24.83 32.21 37.06
CA ASP H 41 -23.59 31.72 37.67
C ASP H 41 -22.39 32.56 37.17
N GLU H 42 -22.56 33.88 37.22
CA GLU H 42 -21.54 34.83 36.78
C GLU H 42 -21.82 36.23 37.32
N PHE H 43 -20.81 36.85 37.93
CA PHE H 43 -20.98 38.19 38.52
C PHE H 43 -21.10 39.28 37.46
N LEU H 44 -21.89 40.31 37.76
CA LEU H 44 -21.89 41.56 37.01
C LEU H 44 -21.01 42.61 37.71
N LEU H 45 -21.00 42.59 39.04
CA LEU H 45 -20.06 43.38 39.85
C LEU H 45 -19.38 42.46 40.87
N ARG H 46 -18.09 42.68 41.10
CA ARG H 46 -17.28 41.85 42.00
C ARG H 46 -16.68 42.71 43.10
N GLU H 47 -17.33 42.72 44.28
CA GLU H 47 -16.80 43.37 45.48
C GLU H 47 -16.46 44.86 45.25
N GLU H 48 -17.30 45.53 44.46
CA GLU H 48 -17.05 46.91 44.04
C GLU H 48 -17.45 47.86 45.17
N PRO H 49 -16.54 48.77 45.61
CA PRO H 49 -16.90 49.79 46.61
C PRO H 49 -18.08 50.67 46.18
N VAL H 50 -19.02 50.88 47.10
CA VAL H 50 -20.31 51.52 46.77
C VAL H 50 -20.92 52.18 48.02
N LYS H 51 -21.69 53.25 47.81
CA LYS H 51 -22.37 53.95 48.91
C LYS H 51 -23.59 53.17 49.38
N CYS H 52 -24.45 52.77 48.44
CA CYS H 52 -25.62 51.94 48.75
C CYS H 52 -26.17 51.18 47.54
N VAL H 53 -27.11 50.28 47.82
CA VAL H 53 -27.91 49.61 46.79
C VAL H 53 -29.33 49.41 47.33
N THR H 54 -30.32 49.54 46.45
CA THR H 54 -31.73 49.53 46.85
C THR H 54 -32.53 48.43 46.16
N VAL H 55 -32.74 47.31 46.86
CA VAL H 55 -33.58 46.21 46.39
C VAL H 55 -35.05 46.47 46.75
N THR H 56 -35.93 45.56 46.29
CA THR H 56 -37.33 45.53 46.71
C THR H 56 -37.81 44.09 46.78
N GLY H 57 -38.54 43.74 47.84
CA GLY H 57 -39.12 42.40 47.97
C GLY H 57 -39.64 42.07 49.36
N THR H 58 -40.79 41.40 49.40
CA THR H 58 -41.47 40.98 50.64
C THR H 58 -41.90 42.15 51.55
N ASN H 59 -40.93 42.81 52.20
CA ASN H 59 -41.20 43.90 53.15
C ASN H 59 -40.83 45.27 52.55
N GLY H 60 -41.37 45.54 51.35
CA GLY H 60 -41.14 46.83 50.67
C GLY H 60 -39.72 46.98 50.12
N GLU H 61 -39.28 48.24 49.98
CA GLU H 61 -37.95 48.55 49.46
C GLU H 61 -36.97 48.95 50.56
N TYR H 62 -36.43 47.93 51.22
CA TYR H 62 -35.38 48.08 52.22
C TYR H 62 -34.06 48.40 51.50
N GLY H 63 -33.64 49.66 51.55
CA GLY H 63 -32.38 50.09 50.95
C GLY H 63 -31.19 49.59 51.75
N ILE H 64 -30.27 48.91 51.08
CA ILE H 64 -29.11 48.30 51.75
C ILE H 64 -28.01 49.35 51.88
N TYR H 65 -27.57 49.59 53.11
CA TYR H 65 -26.51 50.54 53.43
C TYR H 65 -25.41 49.84 54.25
N PRO H 66 -24.25 50.52 54.41
CA PRO H 66 -23.21 50.07 55.34
C PRO H 66 -23.74 49.87 56.75
N GLY H 67 -23.44 48.71 57.35
CA GLY H 67 -23.96 48.39 58.67
C GLY H 67 -23.34 47.12 59.26
N HIS H 68 -23.91 46.69 60.38
CA HIS H 68 -23.43 45.54 61.14
C HIS H 68 -24.56 44.55 61.38
N ALA H 69 -25.54 44.54 60.47
CA ALA H 69 -26.84 43.90 60.71
C ALA H 69 -26.80 42.39 60.50
N TYR H 70 -26.48 41.99 59.26
CA TYR H 70 -26.63 40.60 58.78
C TYR H 70 -28.11 40.26 58.62
N LYS H 71 -28.55 40.14 57.37
CA LYS H 71 -29.97 39.99 57.05
C LYS H 71 -30.15 39.40 55.65
N ILE H 72 -31.05 38.42 55.53
CA ILE H 72 -31.40 37.80 54.25
C ILE H 72 -32.69 38.44 53.76
N VAL H 73 -32.70 38.90 52.51
CA VAL H 73 -33.87 39.59 51.94
C VAL H 73 -34.25 38.95 50.60
N GLN H 74 -35.44 38.35 50.55
CA GLN H 74 -35.99 37.79 49.31
C GLN H 74 -36.45 38.91 48.38
N LEU H 75 -36.33 38.67 47.08
CA LEU H 75 -36.56 39.70 46.06
C LEU H 75 -37.80 39.41 45.21
N ASN H 76 -38.58 40.45 44.93
CA ASN H 76 -39.66 40.40 43.96
C ASN H 76 -39.15 40.91 42.60
N PRO H 77 -39.94 40.74 41.53
CA PRO H 77 -39.62 41.38 40.24
C PRO H 77 -39.55 42.90 40.36
N SER H 78 -38.34 43.42 40.53
CA SER H 78 -38.12 44.82 40.90
C SER H 78 -36.74 45.34 40.50
N PRO H 79 -36.56 46.67 40.41
CA PRO H 79 -35.27 47.23 40.02
C PRO H 79 -34.27 47.44 41.16
N LEU H 80 -32.98 47.36 40.83
CA LEU H 80 -31.90 47.83 41.70
C LEU H 80 -31.40 49.18 41.22
N THR H 81 -30.68 49.87 42.10
CA THR H 81 -30.05 51.15 41.78
C THR H 81 -28.73 51.23 42.56
N VAL H 82 -27.63 51.05 41.84
CA VAL H 82 -26.29 51.01 42.44
C VAL H 82 -25.66 52.40 42.40
N GLU H 83 -25.71 53.10 43.53
CA GLU H 83 -25.14 54.45 43.66
C GLU H 83 -23.73 54.39 44.27
N TYR H 84 -22.72 54.70 43.46
CA TYR H 84 -21.32 54.70 43.91
C TYR H 84 -21.03 55.98 44.70
N THR H 85 -19.93 55.95 45.49
CA THR H 85 -19.60 57.05 46.41
C THR H 85 -19.44 58.41 45.73
N ASP H 86 -18.92 58.42 44.50
CA ASP H 86 -18.72 59.66 43.74
C ASP H 86 -20.01 60.40 43.38
N GLY H 87 -21.05 59.67 42.98
CA GLY H 87 -22.33 60.26 42.57
C GLY H 87 -23.08 59.52 41.46
N THR H 88 -22.35 58.85 40.57
CA THR H 88 -22.94 58.16 39.42
C THR H 88 -23.84 56.98 39.83
N THR H 89 -24.76 56.62 38.94
CA THR H 89 -25.81 55.64 39.21
C THR H 89 -25.93 54.63 38.07
N LYS H 90 -26.12 53.35 38.43
CA LYS H 90 -26.30 52.26 37.46
C LYS H 90 -27.47 51.38 37.90
N LYS H 91 -28.59 51.49 37.18
CA LYS H 91 -29.83 50.79 37.52
C LYS H 91 -29.96 49.45 36.78
N TYR H 92 -30.52 48.46 37.49
CA TYR H 92 -30.81 47.13 36.94
C TYR H 92 -32.29 46.80 37.10
N PHE H 93 -32.70 45.64 36.59
CA PHE H 93 -34.02 45.05 36.91
C PHE H 93 -33.88 43.55 37.16
N VAL H 94 -34.50 43.07 38.24
CA VAL H 94 -34.33 41.72 38.75
C VAL H 94 -35.59 40.90 38.54
N SER H 95 -35.43 39.58 38.39
CA SER H 95 -36.54 38.63 38.30
C SER H 95 -36.87 38.03 39.67
N GLY H 96 -35.83 37.59 40.38
CA GLY H 96 -35.97 37.10 41.75
C GLY H 96 -34.63 36.84 42.41
N GLY H 97 -34.63 36.02 43.45
CA GLY H 97 -33.41 35.66 44.18
C GLY H 97 -33.39 36.21 45.60
N PHE H 98 -32.18 36.47 46.11
CA PHE H 98 -31.98 36.97 47.48
C PHE H 98 -30.88 38.03 47.56
N ALA H 99 -30.80 38.69 48.71
CA ALA H 99 -29.74 39.66 49.01
C ALA H 99 -29.14 39.35 50.38
N HIS H 100 -27.90 38.86 50.37
CA HIS H 100 -27.26 38.32 51.57
C HIS H 100 -26.28 39.32 52.21
N ILE H 101 -26.76 40.06 53.21
CA ILE H 101 -25.96 41.08 53.91
C ILE H 101 -25.12 40.43 55.02
N ASN H 102 -23.93 40.98 55.26
CA ASN H 102 -22.93 40.43 56.19
C ASN H 102 -22.68 41.37 57.39
N ASN H 103 -21.97 40.88 58.40
CA ASN H 103 -21.49 41.71 59.52
C ASN H 103 -20.51 42.78 59.03
N GLU H 104 -19.59 42.36 58.17
CA GLU H 104 -18.66 43.29 57.52
C GLU H 104 -19.42 44.03 56.41
N GLY H 105 -18.91 45.19 56.01
CA GLY H 105 -19.59 46.04 55.04
C GLY H 105 -19.59 45.47 53.64
N SER H 106 -20.42 44.45 53.42
CA SER H 106 -20.48 43.72 52.15
C SER H 106 -21.71 42.82 52.07
N CYS H 107 -22.27 42.70 50.85
CA CYS H 107 -23.37 41.77 50.58
C CYS H 107 -23.21 41.11 49.22
N ASP H 108 -23.89 40.00 49.01
CA ASP H 108 -23.90 39.28 47.74
C ASP H 108 -25.34 39.10 47.26
N VAL H 109 -25.76 39.96 46.33
CA VAL H 109 -27.11 39.92 45.78
C VAL H 109 -27.18 38.87 44.66
N ASN H 110 -27.43 37.62 45.06
CA ASN H 110 -27.50 36.49 44.12
C ASN H 110 -28.89 36.45 43.47
N THR H 111 -28.98 36.94 42.24
CA THR H 111 -30.22 36.91 41.47
C THR H 111 -30.22 35.73 40.49
N VAL H 112 -31.39 35.47 39.91
CA VAL H 112 -31.51 34.51 38.81
C VAL H 112 -31.23 35.23 37.50
N GLU H 113 -31.87 36.39 37.32
CA GLU H 113 -31.61 37.27 36.18
C GLU H 113 -31.54 38.72 36.66
N CYS H 114 -30.52 39.44 36.18
CA CYS H 114 -30.30 40.85 36.54
C CYS H 114 -29.96 41.67 35.29
N THR H 115 -30.99 42.04 34.54
CA THR H 115 -30.85 42.83 33.32
C THR H 115 -30.54 44.29 33.68
N LEU H 116 -29.81 44.98 32.81
CA LEU H 116 -29.52 46.41 32.98
C LEU H 116 -30.77 47.21 32.58
N LEU H 117 -31.10 48.24 33.37
CA LEU H 117 -32.29 49.07 33.09
C LEU H 117 -31.97 50.02 31.93
N ASP H 118 -32.05 49.45 30.73
CA ASP H 118 -31.57 50.05 29.48
C ASP H 118 -31.76 49.05 28.34
N ASP H 119 -31.40 47.79 28.60
CA ASP H 119 -31.70 46.67 27.71
C ASP H 119 -33.20 46.34 27.58
N LEU H 120 -34.04 46.88 28.46
CA LEU H 120 -35.50 46.69 28.38
C LEU H 120 -36.14 47.79 27.54
N ASP H 121 -37.26 47.45 26.91
CA ASP H 121 -37.99 48.37 26.01
C ASP H 121 -39.34 48.77 26.60
N LEU H 122 -39.68 50.06 26.49
CA LEU H 122 -40.95 50.58 26.98
C LEU H 122 -42.14 50.18 26.10
N ALA H 123 -41.95 50.21 24.78
CA ALA H 123 -43.02 49.93 23.80
C ALA H 123 -43.37 48.44 23.70
N ILE H 124 -42.36 47.58 23.76
CA ILE H 124 -42.55 46.12 23.69
C ILE H 124 -43.18 45.59 24.99
N ALA H 125 -42.78 46.16 26.13
CA ALA H 125 -43.32 45.77 27.44
C ALA H 125 -44.82 46.06 27.56
N GLU H 126 -45.22 47.27 27.14
CA GLU H 126 -46.64 47.67 27.14
C GLU H 126 -47.47 46.89 26.10
N LYS H 127 -46.84 46.50 24.99
CA LYS H 127 -47.45 45.61 24.00
C LYS H 127 -47.68 44.21 24.59
N GLU H 128 -46.69 43.70 25.33
CA GLU H 128 -46.79 42.40 26.02
C GLU H 128 -47.79 42.37 27.17
N LEU H 129 -48.05 43.52 27.79
CA LEU H 129 -49.08 43.64 28.84
C LEU H 129 -50.47 43.41 28.23
N ALA H 130 -50.74 44.08 27.12
CA ALA H 130 -52.01 43.95 26.39
C ALA H 130 -52.28 42.52 25.88
N ALA H 131 -51.22 41.80 25.51
CA ALA H 131 -51.33 40.43 25.03
C ALA H 131 -51.77 39.45 26.11
N GLN H 132 -51.12 39.52 27.27
CA GLN H 132 -51.37 38.56 28.37
C GLN H 132 -52.70 38.77 29.10
N GLN H 133 -53.21 40.01 29.11
CA GLN H 133 -54.54 40.30 29.66
C GLN H 133 -55.66 39.57 28.91
N ALA H 134 -55.51 39.43 27.60
CA ALA H 134 -56.45 38.68 26.78
C ALA H 134 -56.43 37.18 27.09
N ALA H 135 -55.23 36.65 27.35
CA ALA H 135 -55.06 35.24 27.76
C ALA H 135 -55.68 34.93 29.13
N LEU H 136 -55.75 35.93 30.00
CA LEU H 136 -56.36 35.80 31.33
C LEU H 136 -57.85 35.41 31.25
N GLY H 137 -58.58 36.08 30.36
CA GLY H 137 -60.01 35.83 30.17
C GLY H 137 -60.34 34.44 29.66
N SER H 138 -59.60 33.99 28.64
CA SER H 138 -59.75 32.65 28.08
C SER H 138 -58.57 31.76 28.51
N ALA H 139 -58.40 31.63 29.82
CA ALA H 139 -57.37 30.77 30.40
C ALA H 139 -57.84 29.32 30.42
N LYS H 140 -56.90 28.41 30.73
CA LYS H 140 -57.18 26.98 30.79
C LYS H 140 -58.02 26.64 32.02
N ASP H 141 -57.55 27.08 33.19
CA ASP H 141 -58.26 26.92 34.46
C ASP H 141 -57.68 27.90 35.49
N ASP H 142 -58.20 27.85 36.72
CA ASP H 142 -57.72 28.75 37.80
C ASP H 142 -56.26 28.53 38.22
N LYS H 143 -55.72 27.34 37.98
CA LYS H 143 -54.28 27.07 38.19
C LYS H 143 -53.43 27.80 37.16
N ALA H 144 -53.76 27.62 35.87
CA ALA H 144 -53.03 28.25 34.77
C ALA H 144 -53.20 29.77 34.70
N LYS H 145 -54.34 30.26 35.20
CA LYS H 145 -54.65 31.71 35.21
C LYS H 145 -53.79 32.50 36.20
N SER H 146 -53.40 31.87 37.31
CA SER H 146 -52.50 32.47 38.29
C SER H 146 -51.09 32.70 37.73
N VAL H 147 -50.63 31.80 36.86
CA VAL H 147 -49.33 31.92 36.19
C VAL H 147 -49.28 33.15 35.28
N VAL H 148 -50.40 33.45 34.62
CA VAL H 148 -50.50 34.63 33.75
C VAL H 148 -50.44 35.93 34.57
N GLU H 149 -51.01 35.91 35.78
CA GLU H 149 -50.94 37.07 36.70
C GLU H 149 -49.53 37.36 37.21
N ILE H 150 -48.67 36.34 37.28
CA ILE H 150 -47.25 36.54 37.60
C ILE H 150 -46.58 37.31 36.47
N ARG H 151 -46.92 36.91 35.23
CA ARG H 151 -46.38 37.54 34.01
C ARG H 151 -46.77 39.02 33.90
N ILE H 152 -48.01 39.33 34.28
CA ILE H 152 -48.49 40.72 34.28
C ILE H 152 -47.86 41.51 35.45
N SER H 153 -47.68 40.85 36.59
CA SER H 153 -47.04 41.46 37.77
C SER H 153 -45.59 41.89 37.54
N VAL H 154 -44.89 41.22 36.63
CA VAL H 154 -43.54 41.62 36.22
C VAL H 154 -43.61 42.79 35.23
N ILE H 155 -44.48 42.68 34.23
CA ILE H 155 -44.60 43.68 33.16
C ILE H 155 -44.98 45.07 33.71
N GLU H 156 -45.91 45.10 34.65
CA GLU H 156 -46.31 46.35 35.33
C GLU H 156 -45.15 46.98 36.11
N ALA H 157 -44.35 46.15 36.76
CA ALA H 157 -43.14 46.61 37.47
C ALA H 157 -42.03 47.04 36.51
N VAL H 158 -41.94 46.37 35.36
CA VAL H 158 -40.96 46.73 34.31
C VAL H 158 -41.25 48.12 33.72
N ILE H 159 -42.52 48.37 33.39
CA ILE H 159 -42.93 49.66 32.81
C ILE H 159 -42.80 50.79 33.83
N ALA H 160 -43.13 50.50 35.09
CA ALA H 160 -43.05 51.47 36.18
C ALA H 160 -41.63 51.99 36.45
N ALA H 161 -40.66 51.06 36.50
CA ALA H 161 -39.25 51.42 36.73
C ALA H 161 -38.66 52.26 35.60
N LEU H 162 -39.14 52.06 34.37
CA LEU H 162 -38.71 52.86 33.22
C LEU H 162 -39.21 54.30 33.31
N LYS H 163 -40.51 54.47 33.54
CA LYS H 163 -41.14 55.79 33.58
C LYS H 163 -40.73 56.58 34.83
N HIS H 164 -40.26 57.80 34.62
CA HIS H 164 -39.87 58.73 35.70
C HIS H 164 -38.65 58.26 36.52
N HIS H 165 -38.82 57.21 37.33
CA HIS H 165 -37.74 56.69 38.18
C HIS H 165 -36.80 55.81 37.35
N SER I 1 -56.80 31.92 40.31
CA SER I 1 -57.04 33.28 39.76
C SER I 1 -55.93 34.25 40.13
N SER I 2 -55.60 34.31 41.42
CA SER I 2 -54.59 35.23 41.96
C SER I 2 -53.36 34.48 42.48
N SER I 3 -53.56 33.62 43.50
CA SER I 3 -52.46 33.01 44.23
C SER I 3 -51.79 31.86 43.47
N TRP I 4 -50.59 32.14 42.95
CA TRP I 4 -49.75 31.10 42.32
C TRP I 4 -49.27 30.03 43.30
N ARG I 5 -49.05 30.43 44.56
CA ARG I 5 -48.62 29.49 45.62
C ARG I 5 -49.68 28.47 46.01
N ASP I 6 -50.93 28.91 46.09
CA ASP I 6 -52.03 28.05 46.53
C ASP I 6 -52.55 27.07 45.45
N HIS I 7 -52.11 27.22 44.20
CA HIS I 7 -52.39 26.24 43.14
C HIS I 7 -51.16 25.39 42.82
N GLY I 8 -50.51 24.87 43.86
CA GLY I 8 -49.23 24.16 43.71
C GLY I 8 -48.15 25.13 43.28
N ILE I 9 -47.32 24.73 42.31
CA ILE I 9 -46.31 25.59 41.67
C ILE I 9 -45.30 26.15 42.68
N SER I 10 -44.16 25.46 42.80
CA SER I 10 -43.13 25.84 43.78
C SER I 10 -42.47 27.18 43.46
N TYR I 11 -41.69 27.68 44.42
CA TYR I 11 -40.96 28.95 44.27
C TYR I 11 -40.07 28.98 43.03
N LEU I 12 -39.46 27.83 42.70
CA LEU I 12 -38.56 27.72 41.56
C LEU I 12 -39.26 27.90 40.21
N LYS I 13 -40.48 27.37 40.08
CA LYS I 13 -41.28 27.56 38.86
C LYS I 13 -41.70 29.02 38.67
N TYR I 14 -42.02 29.70 39.77
CA TYR I 14 -42.31 31.14 39.78
C TYR I 14 -41.13 31.97 39.25
N LEU I 15 -39.92 31.65 39.73
CA LEU I 15 -38.70 32.32 39.27
C LEU I 15 -38.49 32.14 37.76
N ASN I 16 -38.75 30.93 37.26
CA ASN I 16 -38.66 30.64 35.81
C ASN I 16 -39.68 31.43 35.01
N VAL I 17 -40.89 31.59 35.55
CA VAL I 17 -41.92 32.44 34.95
C VAL I 17 -41.49 33.92 35.02
N CYS I 18 -40.90 34.32 36.15
CA CYS I 18 -40.41 35.69 36.34
C CYS I 18 -39.24 36.05 35.42
N THR I 19 -38.29 35.14 35.24
CA THR I 19 -37.15 35.35 34.34
C THR I 19 -37.60 35.38 32.89
N GLU I 20 -38.38 34.37 32.48
CA GLU I 20 -38.90 34.26 31.10
C GLU I 20 -39.75 35.46 30.69
N THR I 21 -40.46 36.07 31.65
CA THR I 21 -41.16 37.33 31.44
C THR I 21 -40.16 38.48 31.27
N LEU I 22 -39.16 38.54 32.15
CA LEU I 22 -38.12 39.57 32.09
C LEU I 22 -37.27 39.51 30.81
N HIS I 23 -37.11 38.30 30.26
CA HIS I 23 -36.45 38.11 28.96
C HIS I 23 -37.33 38.51 27.78
N SER I 24 -38.65 38.32 27.89
CA SER I 24 -39.60 38.75 26.86
C SER I 24 -39.79 40.28 26.77
N THR I 25 -39.34 41.03 27.78
CA THR I 25 -39.37 42.50 27.77
C THR I 25 -38.05 43.15 27.31
N VAL I 26 -37.11 42.34 26.81
CA VAL I 26 -35.79 42.84 26.39
C VAL I 26 -35.89 43.54 25.03
N LYS I 27 -35.05 44.55 24.82
CA LYS I 27 -35.03 45.36 23.59
C LYS I 27 -34.68 44.50 22.37
N GLU I 28 -35.23 44.90 21.22
CA GLU I 28 -35.09 44.15 19.95
C GLU I 28 -33.64 43.93 19.54
N SER I 29 -32.80 44.95 19.77
CA SER I 29 -31.38 44.93 19.39
C SER I 29 -30.54 43.86 20.08
N ARG I 30 -30.92 43.47 21.29
CA ARG I 30 -30.11 42.53 22.10
C ARG I 30 -30.99 41.60 22.97
N ARG I 31 -31.95 40.95 22.31
CA ARG I 31 -32.83 39.95 22.95
C ARG I 31 -32.34 38.52 22.75
N ALA I 32 -31.62 38.26 21.65
CA ALA I 32 -31.05 36.93 21.37
C ALA I 32 -30.10 36.46 22.48
N LYS I 33 -29.25 37.37 22.96
CA LYS I 33 -28.30 37.11 24.05
C LYS I 33 -28.97 36.68 25.35
N TYR I 34 -30.10 37.30 25.69
CA TYR I 34 -30.81 37.03 26.95
C TYR I 34 -31.72 35.79 26.89
N GLU I 35 -32.34 35.53 25.73
CA GLU I 35 -33.26 34.38 25.58
C GLU I 35 -32.61 33.00 25.76
N ARG I 36 -31.32 32.89 25.47
CA ARG I 36 -30.58 31.62 25.65
C ARG I 36 -30.32 31.26 27.12
N TRP I 37 -30.59 32.15 28.07
CA TRP I 37 -30.55 31.83 29.50
C TRP I 37 -31.94 31.56 30.08
N SER I 38 -32.82 30.91 29.31
CA SER I 38 -34.22 30.71 29.73
C SER I 38 -34.99 29.72 28.86
N LYS I 39 -34.96 29.92 27.55
CA LYS I 39 -35.68 29.09 26.57
C LYS I 39 -35.55 27.58 26.87
N PRO I 40 -36.67 26.90 27.20
CA PRO I 40 -36.62 25.45 27.50
C PRO I 40 -36.13 24.59 26.33
N CYS I 41 -35.29 23.61 26.66
CA CYS I 41 -34.64 22.77 25.67
C CYS I 41 -34.05 21.51 26.33
N TYR I 42 -34.91 20.77 27.03
CA TYR I 42 -34.52 19.56 27.76
C TYR I 42 -35.74 18.71 28.10
N THR I 43 -35.51 17.41 28.26
CA THR I 43 -36.56 16.46 28.65
C THR I 43 -35.99 15.37 29.58
N ALA I 44 -36.90 14.65 30.23
CA ALA I 44 -36.57 13.51 31.08
C ALA I 44 -37.17 12.24 30.47
N GLN I 45 -36.35 11.18 30.38
CA GLN I 45 -36.76 9.93 29.72
C GLN I 45 -35.88 8.75 30.09
N ARG I 46 -36.36 7.55 29.76
CA ARG I 46 -35.61 6.30 29.98
C ARG I 46 -35.85 5.32 28.82
N PRO I 47 -34.86 4.46 28.51
CA PRO I 47 -35.02 3.52 27.39
C PRO I 47 -35.85 2.30 27.79
N ASP I 48 -36.86 1.98 26.98
CA ASP I 48 -37.72 0.81 27.22
C ASP I 48 -38.08 0.10 25.92
N GLY I 49 -38.26 -1.22 26.01
CA GLY I 49 -38.49 -2.05 24.84
C GLY I 49 -37.19 -2.31 24.10
N ALA I 50 -36.92 -1.49 23.08
CA ALA I 50 -35.69 -1.60 22.29
C ALA I 50 -35.45 -0.31 21.48
N GLY I 51 -34.68 0.62 22.06
CA GLY I 51 -34.39 1.91 21.43
C GLY I 51 -35.59 2.82 21.31
N GLY I 52 -36.53 2.71 22.25
CA GLY I 52 -37.77 3.48 22.26
C GLY I 52 -37.97 4.15 23.60
N GLN I 53 -37.49 5.40 23.71
CA GLN I 53 -37.53 6.15 24.98
C GLN I 53 -38.96 6.62 25.29
N GLU I 54 -39.31 6.58 26.57
CA GLU I 54 -40.69 6.85 27.01
C GLU I 54 -41.04 8.33 27.00
N THR I 55 -40.20 9.14 27.63
CA THR I 55 -40.49 10.54 28.01
C THR I 55 -41.47 10.54 29.19
N ILE I 56 -41.02 11.04 30.34
CA ILE I 56 -41.72 10.85 31.62
C ILE I 56 -42.93 11.77 31.76
N ASP I 57 -42.74 13.07 31.50
CA ASP I 57 -43.77 14.10 31.63
C ASP I 57 -44.31 14.22 33.07
N LYS I 58 -43.55 14.93 33.91
CA LYS I 58 -43.94 15.23 35.29
C LYS I 58 -43.63 16.68 35.64
N VAL I 59 -42.37 17.07 35.54
CA VAL I 59 -41.96 18.48 35.70
C VAL I 59 -42.28 19.19 34.36
N PRO I 60 -43.17 20.21 34.38
CA PRO I 60 -43.73 20.84 33.16
C PRO I 60 -42.81 21.23 31.98
N ILE I 61 -41.56 21.62 32.26
CA ILE I 61 -40.62 22.15 31.23
C ILE I 61 -41.03 23.55 30.76
N HIS I 62 -42.11 23.65 29.97
CA HIS I 62 -42.54 24.92 29.35
C HIS I 62 -43.27 25.81 30.36
N THR I 63 -43.34 27.10 30.04
CA THR I 63 -43.90 28.11 30.95
C THR I 63 -45.42 28.00 31.11
N LYS I 64 -46.13 27.80 30.01
CA LYS I 64 -47.61 27.80 30.02
C LYS I 64 -48.23 26.56 30.65
N ASP I 65 -47.46 25.47 30.72
CA ASP I 65 -47.91 24.23 31.39
C ASP I 65 -47.78 24.27 32.92
N TYR I 66 -47.11 25.29 33.48
CA TYR I 66 -47.04 25.50 34.93
C TYR I 66 -48.43 25.81 35.48
N ALA J 6 55.66 -26.32 35.72
CA ALA J 6 54.45 -27.17 35.43
C ALA J 6 53.86 -26.88 34.06
N LYS J 7 52.94 -27.75 33.64
CA LYS J 7 52.29 -27.64 32.33
C LYS J 7 51.11 -26.66 32.41
N LYS J 8 50.75 -26.09 31.27
CA LYS J 8 49.70 -25.06 31.17
C LYS J 8 48.92 -25.16 29.86
N TYR J 9 47.67 -24.71 29.88
CA TYR J 9 46.76 -24.77 28.71
C TYR J 9 45.98 -23.47 28.54
N ASP J 10 45.69 -23.11 27.29
CA ASP J 10 44.90 -21.91 26.97
C ASP J 10 43.39 -22.18 27.13
N LEU J 11 42.56 -21.18 26.81
CA LEU J 11 41.10 -21.27 26.97
C LEU J 11 40.42 -22.46 26.25
N PHE J 12 40.93 -22.84 25.07
CA PHE J 12 40.43 -24.02 24.36
C PHE J 12 40.92 -25.34 24.96
N GLY J 13 42.16 -25.33 25.48
CA GLY J 13 42.81 -26.54 26.01
C GLY J 13 44.00 -27.05 25.20
N TYR J 14 44.50 -26.24 24.26
CA TYR J 14 45.73 -26.57 23.51
C TYR J 14 46.95 -26.32 24.38
N GLU J 15 48.07 -26.94 24.00
CA GLU J 15 49.34 -26.74 24.71
C GLU J 15 49.88 -25.34 24.43
N VAL J 16 50.52 -24.76 25.44
CA VAL J 16 51.02 -23.38 25.38
C VAL J 16 52.48 -23.34 25.79
N ASP J 17 53.26 -22.51 25.09
CA ASP J 17 54.70 -22.40 25.34
C ASP J 17 54.97 -21.54 26.58
N THR J 18 55.32 -22.21 27.68
CA THR J 18 55.73 -21.53 28.92
C THR J 18 57.19 -21.08 28.92
N ASN J 19 57.96 -21.46 27.90
CA ASN J 19 59.37 -21.08 27.77
C ASN J 19 59.50 -19.56 27.57
N THR J 20 59.60 -18.85 28.69
CA THR J 20 59.61 -17.39 28.71
C THR J 20 61.02 -16.81 28.52
N ALA J 21 62.02 -17.44 29.16
CA ALA J 21 63.40 -16.92 29.25
C ALA J 21 64.07 -16.43 27.94
N PRO J 22 63.85 -17.12 26.80
CA PRO J 22 64.35 -16.61 25.51
C PRO J 22 63.81 -15.22 25.14
N TRP J 23 62.50 -15.02 25.36
CA TRP J 23 61.85 -13.75 25.04
C TRP J 23 62.16 -12.62 26.04
N ILE J 24 62.61 -12.99 27.25
CA ILE J 24 63.00 -12.01 28.27
C ILE J 24 64.27 -11.26 27.86
N GLU J 25 65.27 -12.00 27.39
CA GLU J 25 66.55 -11.41 26.96
C GLU J 25 66.41 -10.52 25.72
N LYS J 26 65.39 -10.76 24.90
CA LYS J 26 65.05 -9.86 23.79
C LYS J 26 64.57 -8.50 24.30
N ILE J 27 63.78 -8.51 25.37
CA ILE J 27 63.27 -7.28 25.99
C ILE J 27 64.37 -6.49 26.71
N LYS J 28 65.42 -7.18 27.19
CA LYS J 28 66.54 -6.51 27.85
C LYS J 28 67.38 -5.68 26.87
N LYS J 29 67.62 -6.22 25.68
CA LYS J 29 68.19 -5.44 24.56
C LYS J 29 67.06 -4.59 23.96
N CYS J 30 66.83 -3.44 24.58
CA CYS J 30 65.60 -2.66 24.37
C CYS J 30 65.84 -1.36 23.60
N LYS J 31 66.75 -0.51 24.10
CA LYS J 31 67.12 0.77 23.49
C LYS J 31 66.02 1.86 23.55
N TYR J 32 64.88 1.58 22.92
CA TYR J 32 63.68 2.43 23.03
C TYR J 32 62.48 1.55 23.39
N TYR J 33 61.60 2.04 24.27
CA TYR J 33 60.56 1.22 24.87
C TYR J 33 59.39 0.76 23.99
N ASP J 34 59.24 1.34 22.80
CA ASP J 34 58.20 0.86 21.87
C ASP J 34 58.61 -0.47 21.23
N GLU J 35 59.91 -0.76 21.18
CA GLU J 35 60.41 -2.06 20.70
C GLU J 35 60.04 -3.21 21.64
N ALA J 36 59.85 -2.92 22.93
CA ALA J 36 59.42 -3.92 23.91
C ALA J 36 58.02 -4.47 23.61
N GLY J 37 57.12 -3.57 23.20
CA GLY J 37 55.78 -3.96 22.75
C GLY J 37 55.80 -4.84 21.51
N GLU J 38 56.69 -4.52 20.57
CA GLU J 38 56.88 -5.33 19.36
C GLU J 38 57.33 -6.75 19.67
N VAL J 39 58.13 -6.92 20.73
CA VAL J 39 58.53 -8.25 21.22
C VAL J 39 57.33 -8.95 21.89
N LEU J 40 56.60 -8.23 22.74
CA LEU J 40 55.39 -8.75 23.40
C LEU J 40 54.33 -9.25 22.41
N VAL J 41 54.25 -8.61 21.26
CA VAL J 41 53.43 -9.09 20.14
C VAL J 41 53.96 -10.44 19.65
N ASN J 42 55.27 -10.49 19.36
CA ASN J 42 55.91 -11.68 18.80
C ASN J 42 55.88 -12.93 19.67
N MET J 43 55.74 -12.77 21.00
CA MET J 43 55.57 -13.93 21.89
C MET J 43 54.18 -14.52 21.73
N ASN J 44 53.16 -13.65 21.82
CA ASN J 44 51.75 -14.05 21.65
C ASN J 44 51.50 -14.71 20.30
N VAL J 45 52.13 -14.19 19.26
CA VAL J 45 52.04 -14.76 17.90
C VAL J 45 52.58 -16.20 17.87
N SER J 46 53.65 -16.46 18.62
CA SER J 46 54.22 -17.80 18.75
C SER J 46 53.71 -18.50 20.03
N ASN J 47 52.38 -18.59 20.16
CA ASN J 47 51.67 -19.19 21.31
C ASN J 47 52.43 -19.22 22.65
N CYS J 48 52.95 -18.06 23.05
CA CYS J 48 53.72 -17.90 24.28
C CYS J 48 53.24 -16.66 25.04
N PRO J 49 52.26 -16.82 25.96
CA PRO J 49 51.71 -15.66 26.66
C PRO J 49 52.71 -15.04 27.65
N PRO J 50 52.73 -13.69 27.76
CA PRO J 50 53.58 -13.00 28.72
C PRO J 50 53.48 -13.55 30.16
N ASP J 51 54.65 -13.80 30.77
CA ASP J 51 54.75 -14.25 32.15
C ASP J 51 54.67 -13.04 33.07
N ILE J 52 54.53 -13.28 34.37
CA ILE J 52 54.52 -12.21 35.36
C ILE J 52 55.88 -11.49 35.42
N ALA J 53 56.96 -12.24 35.19
CA ALA J 53 58.32 -11.68 35.11
C ALA J 53 58.54 -10.86 33.83
N THR J 54 57.88 -11.26 32.73
CA THR J 54 57.98 -10.56 31.45
C THR J 54 57.43 -9.14 31.49
N TYR J 55 56.27 -8.97 32.14
CA TYR J 55 55.67 -7.65 32.32
C TYR J 55 56.58 -6.73 33.13
N ASN J 56 57.21 -7.26 34.18
CA ASN J 56 58.17 -6.51 35.00
C ASN J 56 59.44 -6.16 34.22
N ALA J 57 59.89 -7.07 33.36
CA ALA J 57 61.02 -6.81 32.46
C ALA J 57 60.71 -5.72 31.42
N THR J 58 59.46 -5.66 30.98
CA THR J 58 58.99 -4.59 30.10
C THR J 58 58.94 -3.26 30.85
N LEU J 59 58.32 -3.28 32.03
CA LEU J 59 58.24 -2.11 32.92
C LEU J 59 59.61 -1.47 33.21
N GLN J 60 60.64 -2.31 33.32
CA GLN J 60 62.02 -1.85 33.46
C GLN J 60 62.48 -1.03 32.25
N CYS J 61 62.23 -1.55 31.05
CA CYS J 61 62.60 -0.87 29.80
C CYS J 61 61.88 0.47 29.60
N ILE J 62 60.64 0.57 30.05
CA ILE J 62 59.86 1.82 29.96
C ILE J 62 60.54 2.91 30.79
N TYR J 63 60.99 2.54 31.97
CA TYR J 63 61.69 3.46 32.88
C TYR J 63 63.06 3.91 32.34
N GLN J 64 63.89 2.96 31.92
CA GLN J 64 65.29 3.24 31.59
C GLN J 64 65.49 4.07 30.33
N SER J 65 64.89 3.65 29.23
CA SER J 65 65.11 4.26 27.90
C SER J 65 64.47 5.65 27.76
N PRO J 66 64.91 6.43 26.74
CA PRO J 66 64.49 7.84 26.68
C PRO J 66 63.06 8.00 26.19
N SER J 67 62.77 7.72 24.92
CA SER J 67 61.41 7.87 24.38
C SER J 67 60.94 6.60 23.64
N LYS J 68 59.77 6.75 23.02
CA LYS J 68 59.14 5.70 22.17
C LYS J 68 60.08 5.10 21.11
N GLN J 69 60.61 5.95 20.23
CA GLN J 69 61.42 5.48 19.11
C GLN J 69 62.48 6.53 18.70
N SER J 70 62.94 6.45 17.46
CA SER J 70 63.99 7.38 16.94
C SER J 70 63.55 8.84 17.03
N THR J 71 62.35 9.10 16.53
CA THR J 71 61.71 10.43 16.59
C THR J 71 60.84 10.49 17.84
N PRO J 72 60.59 11.69 18.41
CA PRO J 72 59.66 11.81 19.54
C PRO J 72 58.21 11.94 19.06
N VAL J 73 57.29 11.26 19.76
CA VAL J 73 55.86 11.30 19.41
C VAL J 73 55.23 12.39 20.29
N ASP J 74 54.05 12.85 19.89
CA ASP J 74 53.31 13.86 20.65
C ASP J 74 52.63 13.19 21.85
N ASN J 75 52.76 13.79 23.03
CA ASN J 75 52.15 13.29 24.27
C ASN J 75 52.60 11.87 24.62
N GLU J 76 53.93 11.70 24.74
CA GLU J 76 54.54 10.38 24.98
C GLU J 76 54.03 9.63 26.20
N SER J 77 54.23 10.20 27.39
CA SER J 77 53.75 9.63 28.66
C SER J 77 54.16 8.17 28.92
N LYS J 78 55.30 8.01 29.58
CA LYS J 78 55.78 6.69 30.02
C LYS J 78 54.80 6.06 31.01
N PHE J 79 54.18 6.89 31.84
CA PHE J 79 53.17 6.47 32.80
C PHE J 79 51.93 5.86 32.15
N CYS J 80 51.41 6.52 31.11
CA CYS J 80 50.23 6.05 30.40
C CYS J 80 50.47 4.75 29.63
N ALA J 81 51.63 4.64 29.00
CA ALA J 81 52.09 3.39 28.37
C ALA J 81 52.29 2.28 29.41
N MET J 82 52.83 2.67 30.56
CA MET J 82 53.08 1.76 31.68
C MET J 82 51.77 1.26 32.31
N MET J 83 50.84 2.17 32.60
CA MET J 83 49.56 1.81 33.22
C MET J 83 48.60 1.05 32.30
N ASP J 84 48.75 1.20 31.00
CA ASP J 84 48.03 0.38 30.02
C ASP J 84 48.44 -1.08 30.13
N LEU J 85 49.75 -1.31 30.25
CA LEU J 85 50.31 -2.67 30.36
C LEU J 85 49.84 -3.39 31.62
N LEU J 86 49.67 -2.65 32.72
CA LEU J 86 49.07 -3.18 33.95
C LEU J 86 47.61 -3.59 33.75
N GLU J 87 46.85 -2.75 33.06
CA GLU J 87 45.45 -3.04 32.74
C GLU J 87 45.31 -4.32 31.90
N GLU J 88 46.28 -4.56 31.01
CA GLU J 88 46.31 -5.76 30.17
C GLU J 88 46.53 -7.04 30.99
N MET J 89 47.46 -6.99 31.94
CA MET J 89 47.81 -8.16 32.74
C MET J 89 46.76 -8.49 33.82
N GLN J 90 46.17 -7.45 34.42
CA GLN J 90 45.17 -7.63 35.49
C GLN J 90 43.83 -8.17 34.96
N HIS J 91 43.21 -7.43 34.04
CA HIS J 91 41.84 -7.71 33.61
C HIS J 91 41.77 -8.82 32.57
N ARG J 92 42.45 -8.60 31.44
CA ARG J 92 42.35 -9.51 30.29
C ARG J 92 43.10 -10.83 30.49
N ASN J 93 44.40 -10.73 30.74
CA ASN J 93 45.25 -11.93 30.93
C ASN J 93 45.08 -12.61 32.30
N ARG J 94 44.50 -11.89 33.27
CA ARG J 94 44.17 -12.43 34.60
C ARG J 94 45.42 -12.79 35.42
N LEU J 95 46.22 -11.76 35.71
CA LEU J 95 47.47 -11.89 36.46
C LEU J 95 47.62 -10.72 37.41
N LYS J 96 47.74 -10.98 38.72
CA LYS J 96 47.97 -9.94 39.72
C LYS J 96 49.42 -9.45 39.66
N PRO J 97 49.64 -8.14 39.44
CA PRO J 97 51.02 -7.63 39.46
C PRO J 97 51.64 -7.68 40.87
N ASN J 98 52.84 -8.23 40.95
CA ASN J 98 53.55 -8.38 42.24
C ASN J 98 54.15 -7.05 42.72
N GLU J 99 54.89 -7.09 43.84
CA GLU J 99 55.48 -5.88 44.44
C GLU J 99 56.45 -5.15 43.51
N GLU J 100 57.18 -5.89 42.68
CA GLU J 100 58.10 -5.30 41.68
C GLU J 100 57.37 -4.42 40.66
N SER J 101 56.15 -4.82 40.27
CA SER J 101 55.38 -4.12 39.24
C SER J 101 55.11 -2.65 39.56
N TRP J 102 54.56 -2.39 40.75
CA TRP J 102 54.18 -1.03 41.15
C TRP J 102 55.37 -0.16 41.62
N THR J 103 56.49 -0.79 41.97
CA THR J 103 57.70 -0.04 42.33
C THR J 103 58.33 0.66 41.12
N TRP J 104 58.28 0.02 39.96
CA TRP J 104 58.68 0.64 38.68
C TRP J 104 57.83 1.88 38.33
N VAL J 105 56.56 1.84 38.71
CA VAL J 105 55.61 2.94 38.46
C VAL J 105 55.96 4.15 39.34
N MET J 106 56.26 3.90 40.61
CA MET J 106 56.64 4.95 41.57
C MET J 106 57.94 5.65 41.17
N LYS J 107 58.89 4.91 40.63
CA LYS J 107 60.16 5.47 40.14
C LYS J 107 59.96 6.51 39.03
N GLU J 108 59.07 6.21 38.10
CA GLU J 108 58.82 7.09 36.94
C GLU J 108 58.13 8.42 37.31
N CYS J 109 57.33 8.39 38.38
CA CYS J 109 56.67 9.60 38.89
C CYS J 109 57.68 10.62 39.44
N VAL J 110 58.60 10.12 40.27
CA VAL J 110 59.66 10.97 40.85
C VAL J 110 60.76 11.36 39.85
N LYS J 111 61.01 10.50 38.86
CA LYS J 111 62.05 10.76 37.84
C LYS J 111 61.61 11.86 36.87
N SER J 112 60.43 11.70 36.29
CA SER J 112 59.85 12.70 35.39
C SER J 112 59.39 13.98 36.12
N GLY J 113 59.09 13.86 37.40
CA GLY J 113 58.68 14.99 38.22
C GLY J 113 57.18 15.08 38.48
N GLN J 114 56.40 14.18 37.88
CA GLN J 114 54.95 14.14 38.09
C GLN J 114 54.63 13.59 39.49
N PHE J 115 54.73 14.49 40.48
CA PHE J 115 54.51 14.15 41.90
C PHE J 115 53.05 13.84 42.24
N ARG J 116 52.12 14.53 41.58
CA ARG J 116 50.67 14.35 41.83
C ARG J 116 50.21 12.90 41.61
N LEU J 117 50.76 12.26 40.57
CA LEU J 117 50.54 10.83 40.34
C LEU J 117 51.15 10.01 41.47
N GLY J 118 52.37 10.37 41.86
CA GLY J 118 53.09 9.74 42.98
C GLY J 118 52.32 9.65 44.29
N TYR J 119 51.55 10.69 44.60
CA TYR J 119 50.65 10.68 45.77
C TYR J 119 49.56 9.60 45.66
N CYS J 120 49.00 9.45 44.47
CA CYS J 120 47.97 8.43 44.21
C CYS J 120 48.51 7.00 44.26
N ILE J 121 49.73 6.79 43.80
CA ILE J 121 50.29 5.44 43.60
C ILE J 121 50.98 4.88 44.86
N GLN J 122 51.45 5.76 45.75
CA GLN J 122 51.91 5.32 47.08
C GLN J 122 50.73 4.86 47.95
N GLN J 123 49.58 5.51 47.78
CA GLN J 123 48.32 5.06 48.40
C GLN J 123 47.94 3.67 47.89
N VAL J 124 48.10 3.46 46.59
CA VAL J 124 47.90 2.15 45.94
C VAL J 124 48.89 1.10 46.45
N MET J 125 50.17 1.48 46.50
CA MET J 125 51.24 0.56 46.91
C MET J 125 51.14 0.20 48.40
N GLU J 126 50.72 1.15 49.22
CA GLU J 126 50.47 0.91 50.64
C GLU J 126 49.29 -0.03 50.88
N THR J 127 48.19 0.17 50.15
CA THR J 127 46.98 -0.64 50.33
C THR J 127 47.11 -2.01 49.64
N GLU J 128 47.47 -2.05 48.36
CA GLU J 128 47.37 -3.31 47.59
C GLU J 128 48.48 -4.30 47.94
N CYS J 129 49.72 -4.01 47.52
CA CYS J 129 50.85 -4.95 47.60
C CYS J 129 51.73 -4.58 48.79
N LYS J 130 51.46 -5.18 49.94
CA LYS J 130 52.10 -4.84 51.24
C LYS J 130 52.43 -3.33 51.49
N GLY J 131 53.47 -2.80 50.84
CA GLY J 131 54.01 -1.51 51.19
C GLY J 131 54.95 -0.83 50.23
N CYS J 132 55.20 0.44 50.55
CA CYS J 132 56.03 1.36 49.77
C CYS J 132 57.23 1.78 50.63
N PRO J 133 58.42 1.20 50.38
CA PRO J 133 59.54 1.34 51.30
C PRO J 133 60.32 2.66 51.16
N ALA J 134 59.73 3.72 51.70
CA ALA J 134 60.45 4.96 52.10
C ALA J 134 61.22 5.70 51.00
N ASP J 135 62.24 5.06 50.44
CA ASP J 135 63.14 5.60 49.42
C ASP J 135 62.48 6.64 48.51
N LEU J 136 61.43 6.23 47.81
CA LEU J 136 60.74 7.07 46.83
C LEU J 136 59.70 8.02 47.44
N VAL J 137 59.19 7.67 48.63
CA VAL J 137 58.20 8.50 49.34
C VAL J 137 58.77 9.89 49.68
N LYS J 138 60.01 9.91 50.18
CA LYS J 138 60.70 11.17 50.50
C LYS J 138 61.14 11.92 49.25
N ALA J 139 61.52 11.19 48.21
CA ALA J 139 61.83 11.77 46.90
C ALA J 139 60.59 12.37 46.22
N ASN J 140 59.43 11.76 46.45
CA ASN J 140 58.15 12.26 45.94
C ASN J 140 57.70 13.51 46.71
N GLU J 141 57.78 13.43 48.04
CA GLU J 141 57.49 14.57 48.92
C GLU J 141 58.43 15.77 48.70
N ALA J 142 59.66 15.50 48.26
CA ALA J 142 60.61 16.56 47.89
C ALA J 142 60.14 17.36 46.67
N ASN J 143 59.64 16.65 45.66
CA ASN J 143 59.08 17.29 44.46
C ASN J 143 57.79 18.06 44.73
N ALA J 144 57.02 17.63 45.73
CA ALA J 144 55.81 18.34 46.16
C ALA J 144 56.15 19.71 46.78
N GLN J 145 57.15 19.72 47.66
CA GLN J 145 57.64 20.96 48.27
C GLN J 145 58.40 21.83 47.27
N LYS J 146 59.05 21.20 46.29
CA LYS J 146 59.75 21.90 45.21
C LYS J 146 58.81 22.79 44.38
N ALA J 147 57.60 22.30 44.11
CA ALA J 147 56.59 23.07 43.36
C ALA J 147 56.04 24.25 44.16
N LYS J 148 55.85 24.06 45.48
CA LYS J 148 55.30 25.10 46.36
C LYS J 148 56.26 26.27 46.54
N THR J 149 57.50 25.97 46.94
CA THR J 149 58.49 26.99 47.25
C THR J 149 59.00 27.78 46.04
N GLU J 150 59.10 27.12 44.88
CA GLU J 150 59.62 27.75 43.65
C GLU J 150 58.67 28.80 43.08
N GLY J 151 57.43 28.40 42.85
CA GLY J 151 56.41 29.30 42.28
C GLY J 151 55.02 28.92 42.73
N LYS J 152 54.45 27.92 42.07
CA LYS J 152 53.11 27.40 42.41
C LYS J 152 52.93 25.99 41.87
N GLU J 153 51.99 25.26 42.47
CA GLU J 153 51.60 23.91 42.02
C GLU J 153 50.45 24.03 41.01
N HIS J 154 50.29 23.04 40.14
CA HIS J 154 49.29 23.06 39.04
C HIS J 154 49.73 24.02 37.91
N PRO J 155 49.04 23.99 36.75
CA PRO J 155 49.35 24.92 35.67
C PRO J 155 49.57 26.33 36.16
N GLY J 156 48.60 26.91 36.87
CA GLY J 156 48.64 28.34 37.23
C GLY J 156 47.74 29.22 36.36
N HIS J 157 47.60 28.89 35.08
CA HIS J 157 46.64 29.53 34.18
C HIS J 157 45.19 29.23 34.58
N LEU J 158 44.96 28.07 35.18
CA LEU J 158 43.64 27.65 35.65
C LEU J 158 43.25 28.39 36.95
N SER J 159 44.20 28.48 37.87
CA SER J 159 43.97 29.06 39.20
C SER J 159 43.59 30.55 39.18
N GLN J 160 44.35 31.35 38.45
CA GLN J 160 44.20 32.84 38.53
C GLN J 160 42.94 33.34 37.83
N GLN J 161 42.50 32.61 36.80
CA GLN J 161 41.40 33.06 35.92
C GLN J 161 40.04 33.03 36.63
N ALA J 162 39.54 34.21 37.02
CA ALA J 162 38.24 34.35 37.66
C ALA J 162 37.10 33.95 36.72
N GLY J 163 37.01 34.60 35.57
CA GLY J 163 36.05 34.25 34.54
C GLY J 163 34.69 34.81 34.91
N LEU J 164 33.78 33.94 35.35
CA LEU J 164 32.42 34.31 35.79
C LEU J 164 31.61 34.94 34.63
N PHE J 165 30.94 34.09 33.85
CA PHE J 165 30.18 34.49 32.65
C PHE J 165 31.04 34.64 31.39
N ASP J 166 32.17 35.35 31.50
CA ASP J 166 33.12 35.48 30.38
C ASP J 166 34.20 34.41 30.46
N VAL J 167 34.00 33.33 29.69
CA VAL J 167 34.96 32.21 29.59
C VAL J 167 35.07 31.84 28.11
N LYS J 168 36.31 31.77 27.61
CA LYS J 168 36.57 31.47 26.20
C LYS J 168 36.39 29.98 25.90
N VAL J 169 35.77 29.69 24.76
CA VAL J 169 35.56 28.32 24.28
C VAL J 169 36.26 28.15 22.94
N ALA K 6 -45.90 -49.45 -23.38
CA ALA K 6 -45.82 -48.13 -24.07
C ALA K 6 -44.38 -47.62 -24.18
N LYS K 7 -44.19 -46.59 -25.00
CA LYS K 7 -42.87 -46.00 -25.24
C LYS K 7 -42.52 -45.00 -24.13
N LYS K 8 -41.22 -44.78 -23.93
CA LYS K 8 -40.73 -43.91 -22.84
C LYS K 8 -39.41 -43.23 -23.23
N TYR K 9 -39.15 -42.07 -22.64
CA TYR K 9 -37.94 -41.28 -22.88
C TYR K 9 -37.36 -40.71 -21.60
N ASP K 10 -36.03 -40.58 -21.55
CA ASP K 10 -35.33 -40.01 -20.38
C ASP K 10 -35.37 -38.47 -20.42
N LEU K 11 -34.72 -37.84 -19.45
CA LEU K 11 -34.73 -36.36 -19.32
C LEU K 11 -34.24 -35.58 -20.56
N PHE K 12 -33.26 -36.12 -21.28
CA PHE K 12 -32.81 -35.51 -22.55
C PHE K 12 -33.77 -35.76 -23.71
N GLY K 13 -34.41 -36.93 -23.73
CA GLY K 13 -35.30 -37.34 -24.81
C GLY K 13 -34.81 -38.51 -25.65
N TYR K 14 -33.76 -39.20 -25.19
CA TYR K 14 -33.27 -40.42 -25.86
C TYR K 14 -34.20 -41.59 -25.54
N GLU K 15 -34.11 -42.64 -26.37
CA GLU K 15 -34.88 -43.86 -26.14
C GLU K 15 -34.34 -44.62 -24.94
N VAL K 16 -35.24 -45.26 -24.19
CA VAL K 16 -34.89 -45.94 -22.95
C VAL K 16 -35.44 -47.37 -22.98
N ASP K 17 -34.64 -48.32 -22.45
CA ASP K 17 -35.01 -49.72 -22.43
C ASP K 17 -36.02 -49.98 -21.30
N THR K 18 -37.29 -50.17 -21.67
CA THR K 18 -38.35 -50.53 -20.71
C THR K 18 -38.40 -52.04 -20.42
N ASN K 19 -37.62 -52.84 -21.16
CA ASN K 19 -37.57 -54.30 -20.96
C ASN K 19 -37.00 -54.64 -19.59
N THR K 20 -37.88 -54.74 -18.61
CA THR K 20 -37.52 -54.95 -17.21
C THR K 20 -37.36 -56.43 -16.87
N ALA K 21 -38.25 -57.27 -17.39
CA ALA K 21 -38.37 -58.70 -17.01
C ALA K 21 -37.07 -59.54 -16.97
N PRO K 22 -36.15 -59.33 -17.94
CA PRO K 22 -34.85 -60.02 -17.86
C PRO K 22 -34.04 -59.69 -16.60
N TRP K 23 -34.04 -58.42 -16.20
CA TRP K 23 -33.31 -57.97 -15.01
C TRP K 23 -34.01 -58.34 -13.69
N ILE K 24 -35.32 -58.63 -13.74
CA ILE K 24 -36.08 -59.06 -12.56
C ILE K 24 -35.65 -60.45 -12.10
N GLU K 25 -35.51 -61.38 -13.04
CA GLU K 25 -35.10 -62.75 -12.73
C GLU K 25 -33.66 -62.86 -12.20
N LYS K 26 -32.81 -61.88 -12.56
CA LYS K 26 -31.47 -61.75 -11.98
C LYS K 26 -31.53 -61.43 -10.48
N ILE K 27 -32.47 -60.55 -10.12
CA ILE K 27 -32.67 -60.15 -8.71
C ILE K 27 -33.29 -61.29 -7.88
N LYS K 28 -34.05 -62.18 -8.51
CA LYS K 28 -34.65 -63.33 -7.80
C LYS K 28 -33.58 -64.35 -7.37
N LYS K 29 -32.62 -64.61 -8.24
CA LYS K 29 -31.41 -65.38 -7.87
C LYS K 29 -30.47 -64.44 -7.11
N CYS K 30 -30.74 -64.29 -5.81
CA CYS K 30 -30.18 -63.20 -5.00
C CYS K 30 -29.13 -63.67 -3.99
N LYS K 31 -29.52 -64.62 -3.13
CA LYS K 31 -28.64 -65.27 -2.14
C LYS K 31 -28.23 -64.35 -0.98
N TYR K 32 -27.52 -63.26 -1.28
CA TYR K 32 -27.17 -62.22 -0.29
C TYR K 32 -27.56 -60.86 -0.86
N TYR K 33 -28.13 -59.97 -0.03
CA TYR K 33 -28.87 -58.78 -0.58
C TYR K 33 -28.03 -57.64 -1.17
N ASP K 34 -26.71 -57.66 -0.95
CA ASP K 34 -25.83 -56.67 -1.58
C ASP K 34 -25.66 -56.94 -3.09
N GLU K 35 -25.85 -58.19 -3.50
CA GLU K 35 -25.85 -58.56 -4.93
C GLU K 35 -26.99 -57.93 -5.73
N ALA K 36 -28.12 -57.66 -5.06
CA ALA K 36 -29.27 -57.00 -5.68
C ALA K 36 -28.95 -55.58 -6.13
N GLY K 37 -28.20 -54.85 -5.30
CA GLY K 37 -27.70 -53.52 -5.65
C GLY K 37 -26.77 -53.53 -6.85
N GLU K 38 -25.90 -54.53 -6.92
CA GLU K 38 -24.99 -54.72 -8.06
C GLU K 38 -25.75 -54.94 -9.38
N VAL K 39 -26.89 -55.61 -9.31
CA VAL K 39 -27.77 -55.78 -10.47
C VAL K 39 -28.44 -54.45 -10.82
N LEU K 40 -28.98 -53.75 -9.81
CA LEU K 40 -29.60 -52.43 -10.00
C LEU K 40 -28.66 -51.40 -10.65
N VAL K 41 -27.37 -51.51 -10.36
CA VAL K 41 -26.33 -50.74 -11.05
C VAL K 41 -26.30 -51.12 -12.53
N ASN K 42 -26.20 -52.43 -12.80
CA ASN K 42 -26.05 -52.95 -14.16
C ASN K 42 -27.24 -52.66 -15.11
N MET K 43 -28.44 -52.44 -14.56
CA MET K 43 -29.58 -52.04 -15.39
C MET K 43 -29.41 -50.59 -15.85
N ASN K 44 -29.14 -49.70 -14.89
CA ASN K 44 -28.92 -48.27 -15.17
C ASN K 44 -27.77 -48.04 -16.15
N VAL K 45 -26.71 -48.83 -16.01
CA VAL K 45 -25.56 -48.79 -16.93
C VAL K 45 -25.98 -49.12 -18.37
N SER K 46 -26.90 -50.07 -18.53
CA SER K 46 -27.46 -50.43 -19.84
C SER K 46 -28.81 -49.73 -20.08
N ASN K 47 -28.78 -48.39 -19.99
CA ASN K 47 -29.96 -47.51 -20.14
C ASN K 47 -31.34 -48.14 -19.89
N CYS K 48 -31.47 -48.78 -18.73
CA CYS K 48 -32.71 -49.46 -18.31
C CYS K 48 -33.04 -49.09 -16.86
N PRO K 49 -33.84 -48.01 -16.65
CA PRO K 49 -34.11 -47.56 -15.29
C PRO K 49 -35.02 -48.54 -14.52
N PRO K 50 -34.78 -48.73 -13.21
CA PRO K 50 -35.62 -49.58 -12.37
C PRO K 50 -37.12 -49.29 -12.48
N ASP K 51 -37.91 -50.35 -12.66
CA ASP K 51 -39.36 -50.27 -12.73
C ASP K 51 -39.91 -50.28 -11.30
N ILE K 52 -41.21 -50.00 -11.15
CA ILE K 52 -41.87 -50.05 -9.84
C ILE K 52 -41.89 -51.49 -9.28
N ALA K 53 -42.00 -52.47 -10.17
CA ALA K 53 -41.94 -53.88 -9.81
C ALA K 53 -40.52 -54.32 -9.41
N THR K 54 -39.51 -53.72 -10.02
CA THR K 54 -38.09 -54.02 -9.74
C THR K 54 -37.68 -53.66 -8.31
N TYR K 55 -38.13 -52.49 -7.85
CA TYR K 55 -37.88 -52.05 -6.47
C TYR K 55 -38.50 -53.01 -5.46
N ASN K 56 -39.73 -53.46 -5.74
CA ASN K 56 -40.42 -54.44 -4.89
C ASN K 56 -39.73 -55.81 -4.90
N ALA K 57 -39.20 -56.21 -6.07
CA ALA K 57 -38.42 -57.43 -6.20
C ALA K 57 -37.10 -57.36 -5.41
N THR K 58 -36.50 -56.17 -5.35
CA THR K 58 -35.30 -55.93 -4.52
C THR K 58 -35.67 -55.99 -3.04
N LEU K 59 -36.73 -55.27 -2.66
CA LEU K 59 -37.25 -55.27 -1.29
C LEU K 59 -37.51 -56.67 -0.74
N GLN K 60 -37.96 -57.57 -1.61
CA GLN K 60 -38.15 -59.00 -1.27
C GLN K 60 -36.81 -59.65 -0.88
N CYS K 61 -35.78 -59.44 -1.70
CA CYS K 61 -34.45 -60.00 -1.44
C CYS K 61 -33.80 -59.49 -0.14
N ILE K 62 -34.06 -58.22 0.20
CA ILE K 62 -33.53 -57.64 1.45
C ILE K 62 -34.11 -58.38 2.66
N TYR K 63 -35.41 -58.69 2.59
CA TYR K 63 -36.11 -59.41 3.65
C TYR K 63 -35.64 -60.86 3.80
N GLN K 64 -35.58 -61.59 2.69
CA GLN K 64 -35.36 -63.05 2.73
C GLN K 64 -33.95 -63.46 3.15
N SER K 65 -32.94 -62.90 2.49
CA SER K 65 -31.55 -63.32 2.66
C SER K 65 -30.93 -62.83 3.98
N PRO K 66 -29.75 -63.39 4.35
CA PRO K 66 -28.88 -62.67 5.30
C PRO K 66 -28.29 -61.38 4.68
N SER K 67 -27.35 -60.74 5.37
CA SER K 67 -26.73 -59.49 4.88
C SER K 67 -25.65 -59.67 3.79
N LYS K 68 -24.44 -59.10 3.95
CA LYS K 68 -23.58 -58.76 2.81
C LYS K 68 -23.20 -59.94 1.92
N GLN K 69 -22.49 -60.89 2.50
CA GLN K 69 -22.03 -62.11 1.82
C GLN K 69 -21.58 -63.12 2.91
N SER K 70 -20.48 -63.88 2.73
CA SER K 70 -19.97 -64.80 3.73
C SER K 70 -19.71 -64.13 5.07
N THR K 71 -19.01 -62.98 5.03
CA THR K 71 -18.72 -62.20 6.21
C THR K 71 -19.86 -61.21 6.52
N PRO K 72 -20.07 -60.90 7.81
CA PRO K 72 -21.02 -59.85 8.19
C PRO K 72 -20.35 -58.48 8.17
N VAL K 73 -21.10 -57.43 7.80
CA VAL K 73 -20.60 -56.05 7.95
C VAL K 73 -21.02 -55.51 9.30
N ASP K 74 -20.35 -54.47 9.79
CA ASP K 74 -20.70 -53.83 11.05
C ASP K 74 -21.93 -52.94 10.84
N ASN K 75 -22.90 -53.04 11.75
CA ASN K 75 -24.14 -52.25 11.71
C ASN K 75 -24.93 -52.44 10.41
N GLU K 76 -25.26 -53.71 10.12
CA GLU K 76 -25.94 -54.09 8.86
C GLU K 76 -27.22 -53.35 8.54
N SER K 77 -28.25 -53.49 9.37
CA SER K 77 -29.54 -52.81 9.23
C SER K 77 -30.21 -52.98 7.86
N LYS K 78 -31.03 -54.03 7.77
CA LYS K 78 -31.85 -54.28 6.57
C LYS K 78 -32.86 -53.15 6.35
N PHE K 79 -33.34 -52.57 7.44
CA PHE K 79 -34.25 -51.42 7.41
C PHE K 79 -33.63 -50.18 6.78
N CYS K 80 -32.40 -49.85 7.18
CA CYS K 80 -31.70 -48.68 6.65
C CYS K 80 -31.34 -48.83 5.17
N ALA K 81 -30.92 -50.02 4.77
CA ALA K 81 -30.70 -50.35 3.35
C ALA K 81 -32.02 -50.30 2.56
N MET K 82 -33.08 -50.79 3.20
CA MET K 82 -34.42 -50.79 2.62
C MET K 82 -34.99 -49.38 2.46
N MET K 83 -34.91 -48.57 3.50
CA MET K 83 -35.44 -47.19 3.47
C MET K 83 -34.66 -46.23 2.58
N ASP K 84 -33.37 -46.52 2.35
CA ASP K 84 -32.58 -45.79 1.36
C ASP K 84 -33.12 -45.99 -0.06
N LEU K 85 -33.47 -47.24 -0.38
CA LEU K 85 -34.01 -47.60 -1.69
C LEU K 85 -35.35 -46.91 -1.98
N LEU K 86 -36.17 -46.75 -0.93
CA LEU K 86 -37.42 -45.99 -1.03
C LEU K 86 -37.16 -44.51 -1.34
N GLU K 87 -36.17 -43.92 -0.65
CA GLU K 87 -35.77 -42.53 -0.89
C GLU K 87 -35.30 -42.31 -2.34
N GLU K 88 -34.63 -43.31 -2.91
CA GLU K 88 -34.17 -43.26 -4.29
C GLU K 88 -35.32 -43.24 -5.30
N MET K 89 -36.33 -44.08 -5.08
CA MET K 89 -37.45 -44.19 -6.02
C MET K 89 -38.44 -43.02 -5.91
N GLN K 90 -38.66 -42.51 -4.69
CA GLN K 90 -39.60 -41.41 -4.46
C GLN K 90 -39.07 -40.07 -4.97
N HIS K 91 -37.92 -39.64 -4.47
CA HIS K 91 -37.42 -38.28 -4.73
C HIS K 91 -36.71 -38.16 -6.08
N ARG K 92 -35.66 -38.96 -6.26
CA ARG K 92 -34.79 -38.85 -7.45
C ARG K 92 -35.42 -39.41 -8.72
N ASN K 93 -35.81 -40.67 -8.69
CA ASN K 93 -36.42 -41.33 -9.86
C ASN K 93 -37.89 -40.96 -10.09
N ARG K 94 -38.56 -40.38 -9.08
CA ARG K 94 -39.93 -39.87 -9.18
C ARG K 94 -40.96 -40.99 -9.42
N LEU K 95 -41.06 -41.88 -8.44
CA LEU K 95 -41.97 -43.04 -8.47
C LEU K 95 -42.58 -43.26 -7.10
N LYS K 96 -43.92 -43.23 -7.02
CA LYS K 96 -44.62 -43.48 -5.75
C LYS K 96 -44.61 -44.98 -5.46
N PRO K 97 -44.08 -45.40 -4.28
CA PRO K 97 -44.13 -46.83 -3.93
C PRO K 97 -45.55 -47.31 -3.66
N ASN K 98 -45.93 -48.42 -4.29
CA ASN K 98 -47.28 -48.99 -4.15
C ASN K 98 -47.45 -49.74 -2.81
N GLU K 99 -48.62 -50.35 -2.61
CA GLU K 99 -48.95 -51.07 -1.37
C GLU K 99 -47.97 -52.21 -1.02
N GLU K 100 -47.46 -52.89 -2.05
CA GLU K 100 -46.46 -53.95 -1.85
C GLU K 100 -45.16 -53.43 -1.22
N SER K 101 -44.76 -52.21 -1.58
CA SER K 101 -43.48 -51.63 -1.12
C SER K 101 -43.38 -51.54 0.40
N TRP K 102 -44.38 -50.94 1.04
CA TRP K 102 -44.35 -50.71 2.49
C TRP K 102 -44.71 -51.95 3.32
N THR K 103 -45.34 -52.95 2.70
CA THR K 103 -45.64 -54.21 3.38
C THR K 103 -44.36 -55.03 3.66
N TRP K 104 -43.42 -54.99 2.72
CA TRP K 104 -42.08 -55.58 2.92
C TRP K 104 -41.31 -54.93 4.09
N VAL K 105 -41.53 -53.63 4.30
CA VAL K 105 -40.89 -52.88 5.38
C VAL K 105 -41.45 -53.31 6.74
N MET K 106 -42.76 -53.46 6.82
CA MET K 106 -43.44 -53.90 8.05
C MET K 106 -43.04 -55.31 8.48
N LYS K 107 -42.84 -56.19 7.51
CA LYS K 107 -42.37 -57.57 7.77
C LYS K 107 -41.01 -57.61 8.48
N GLU K 108 -40.08 -56.77 8.03
CA GLU K 108 -38.71 -56.75 8.58
C GLU K 108 -38.64 -56.22 10.02
N CYS K 109 -39.57 -55.33 10.38
CA CYS K 109 -39.65 -54.81 11.75
C CYS K 109 -40.04 -55.89 12.75
N VAL K 110 -41.08 -56.66 12.42
CA VAL K 110 -41.53 -57.77 13.27
C VAL K 110 -40.60 -58.99 13.24
N LYS K 111 -39.90 -59.22 12.12
CA LYS K 111 -39.00 -60.36 11.97
C LYS K 111 -37.74 -60.18 12.81
N SER K 112 -37.07 -59.03 12.61
CA SER K 112 -35.86 -58.69 13.38
C SER K 112 -36.16 -58.34 14.84
N GLY K 113 -37.39 -57.91 15.13
CA GLY K 113 -37.82 -57.59 16.49
C GLY K 113 -37.84 -56.10 16.81
N GLN K 114 -37.42 -55.25 15.85
CA GLN K 114 -37.47 -53.80 16.03
C GLN K 114 -38.91 -53.29 15.95
N PHE K 115 -39.62 -53.42 17.06
CA PHE K 115 -41.04 -53.05 17.15
C PHE K 115 -41.27 -51.53 17.13
N ARG K 116 -40.35 -50.76 17.69
CA ARG K 116 -40.44 -49.29 17.74
C ARG K 116 -40.54 -48.65 16.36
N LEU K 117 -39.79 -49.19 15.41
CA LEU K 117 -39.92 -48.80 14.00
C LEU K 117 -41.30 -49.16 13.47
N GLY K 118 -41.74 -50.39 13.77
CA GLY K 118 -43.06 -50.91 13.41
C GLY K 118 -44.23 -50.01 13.76
N TYR K 119 -44.17 -49.38 14.94
CA TYR K 119 -45.17 -48.39 15.36
C TYR K 119 -45.22 -47.17 14.43
N CYS K 120 -44.04 -46.69 14.03
CA CYS K 120 -43.93 -45.55 13.12
C CYS K 120 -44.42 -45.84 11.70
N ILE K 121 -44.18 -47.06 11.22
CA ILE K 121 -44.44 -47.40 9.81
C ILE K 121 -45.86 -47.90 9.54
N GLN K 122 -46.54 -48.42 10.57
CA GLN K 122 -47.98 -48.71 10.45
C GLN K 122 -48.79 -47.41 10.41
N GLN K 123 -48.33 -46.38 11.13
CA GLN K 123 -48.88 -45.02 11.04
C GLN K 123 -48.73 -44.48 9.62
N VAL K 124 -47.55 -44.71 9.03
CA VAL K 124 -47.25 -44.35 7.63
C VAL K 124 -48.15 -45.13 6.65
N MET K 125 -48.23 -46.45 6.86
CA MET K 125 -49.00 -47.32 5.97
C MET K 125 -50.50 -47.05 6.04
N GLU K 126 -50.98 -46.71 7.24
CA GLU K 126 -52.39 -46.34 7.43
C GLU K 126 -52.73 -45.01 6.75
N THR K 127 -51.85 -44.01 6.89
CA THR K 127 -52.09 -42.69 6.30
C THR K 127 -51.81 -42.66 4.81
N GLU K 128 -50.62 -43.10 4.36
CA GLU K 128 -50.21 -42.85 2.97
C GLU K 128 -50.91 -43.80 1.99
N CYS K 129 -50.52 -45.07 2.01
CA CYS K 129 -50.95 -46.07 1.03
C CYS K 129 -52.14 -46.93 1.46
N LYS K 130 -52.89 -46.47 2.47
CA LYS K 130 -54.03 -47.20 3.07
C LYS K 130 -53.96 -48.74 3.13
N GLY K 131 -54.13 -49.41 1.99
CA GLY K 131 -54.18 -50.89 1.94
C GLY K 131 -54.99 -51.57 3.02
N CYS K 132 -54.44 -52.69 3.53
CA CYS K 132 -55.05 -53.46 4.62
C CYS K 132 -54.10 -53.48 5.80
N PRO K 133 -54.37 -52.68 6.84
CA PRO K 133 -53.47 -52.65 8.01
C PRO K 133 -53.70 -53.83 9.00
N ALA K 134 -53.24 -55.01 8.59
CA ALA K 134 -53.53 -56.26 9.34
C ALA K 134 -52.50 -57.38 9.17
N ASP K 135 -52.60 -58.39 10.03
CA ASP K 135 -51.66 -59.53 10.14
C ASP K 135 -50.41 -59.17 10.95
N LEU K 136 -49.67 -58.17 10.47
CA LEU K 136 -48.42 -57.73 11.09
C LEU K 136 -48.63 -56.76 12.27
N VAL K 137 -49.78 -56.08 12.31
CA VAL K 137 -50.10 -55.17 13.42
C VAL K 137 -50.15 -55.89 14.78
N LYS K 138 -50.78 -57.06 14.79
CA LYS K 138 -50.87 -57.88 16.01
C LYS K 138 -49.53 -58.55 16.34
N ALA K 139 -48.78 -58.93 15.31
CA ALA K 139 -47.41 -59.44 15.48
C ALA K 139 -46.44 -58.37 15.99
N ASN K 140 -46.68 -57.12 15.60
CA ASN K 140 -45.87 -55.99 16.08
C ASN K 140 -46.23 -55.64 17.52
N GLU K 141 -47.52 -55.58 17.80
CA GLU K 141 -48.03 -55.36 19.17
C GLU K 141 -47.63 -56.47 20.16
N ALA K 142 -47.45 -57.69 19.65
CA ALA K 142 -46.94 -58.81 20.45
C ALA K 142 -45.51 -58.58 20.93
N ASN K 143 -44.66 -58.08 20.03
CA ASN K 143 -43.27 -57.74 20.36
C ASN K 143 -43.15 -56.54 21.32
N ALA K 144 -44.12 -55.63 21.27
CA ALA K 144 -44.18 -54.50 22.20
C ALA K 144 -44.45 -54.97 23.63
N GLN K 145 -45.44 -55.87 23.78
CA GLN K 145 -45.76 -56.46 25.07
C GLN K 145 -44.67 -57.43 25.55
N LYS K 146 -44.00 -58.09 24.61
CA LYS K 146 -42.87 -58.99 24.90
C LYS K 146 -41.72 -58.27 25.63
N ALA K 147 -41.42 -57.03 25.22
CA ALA K 147 -40.38 -56.23 25.85
C ALA K 147 -40.75 -55.77 27.28
N LYS K 148 -42.04 -55.44 27.47
CA LYS K 148 -42.54 -54.97 28.78
C LYS K 148 -42.54 -56.08 29.83
N THR K 149 -43.16 -57.20 29.50
CA THR K 149 -43.36 -58.31 30.45
C THR K 149 -42.07 -59.06 30.81
N GLU K 150 -41.14 -59.17 29.86
CA GLU K 150 -39.90 -59.95 30.04
C GLU K 150 -38.94 -59.25 31.00
N GLY K 151 -38.63 -57.97 30.72
CA GLY K 151 -37.72 -57.19 31.54
C GLY K 151 -38.08 -55.72 31.54
N LYS K 152 -37.66 -55.02 30.50
CA LYS K 152 -37.97 -53.59 30.33
C LYS K 152 -37.78 -53.17 28.88
N GLU K 153 -38.44 -52.07 28.52
CA GLU K 153 -38.31 -51.44 27.20
C GLU K 153 -37.18 -50.40 27.23
N HIS K 154 -36.59 -50.11 26.08
CA HIS K 154 -35.44 -49.20 25.94
C HIS K 154 -34.16 -49.89 26.48
N PRO K 155 -32.98 -49.23 26.28
CA PRO K 155 -31.78 -49.55 27.10
C PRO K 155 -31.62 -48.92 28.53
N GLY K 156 -30.56 -49.32 29.21
CA GLY K 156 -30.25 -48.88 30.57
C GLY K 156 -29.51 -47.55 30.75
N HIS K 157 -28.88 -47.07 29.68
CA HIS K 157 -28.19 -45.77 29.70
C HIS K 157 -29.18 -44.60 29.80
N LEU K 158 -30.38 -44.79 29.24
CA LEU K 158 -31.44 -43.79 29.29
C LEU K 158 -32.13 -43.75 30.65
N SER K 159 -32.39 -44.93 31.22
CA SER K 159 -33.09 -45.04 32.51
C SER K 159 -32.36 -44.40 33.70
N GLN K 160 -31.06 -44.70 33.81
CA GLN K 160 -30.15 -44.22 34.86
C GLN K 160 -30.49 -43.20 35.96
N GLN K 161 -31.10 -42.05 35.62
CA GLN K 161 -31.51 -41.05 36.61
C GLN K 161 -30.37 -40.37 37.40
N ALA K 162 -29.15 -40.54 36.92
CA ALA K 162 -27.95 -39.98 37.58
C ALA K 162 -27.95 -38.45 37.57
N GLY K 163 -28.02 -37.86 36.39
CA GLY K 163 -27.84 -36.40 36.23
C GLY K 163 -26.57 -35.71 36.75
N LEU K 164 -26.65 -34.38 36.82
CA LEU K 164 -25.55 -33.52 37.28
C LEU K 164 -24.29 -33.66 36.39
N PHE K 165 -23.10 -33.81 36.98
CA PHE K 165 -21.82 -33.67 36.27
C PHE K 165 -21.32 -34.99 35.66
N ASP K 166 -22.19 -35.70 34.93
CA ASP K 166 -21.85 -36.98 34.29
C ASP K 166 -21.36 -36.80 32.85
N VAL K 167 -20.06 -37.00 32.65
CA VAL K 167 -19.42 -37.04 31.32
C VAL K 167 -19.49 -35.68 30.60
N ALA L 6 10.27 55.22 -38.13
CA ALA L 6 10.51 54.55 -39.44
C ALA L 6 10.89 53.08 -39.25
N LYS L 7 11.91 52.82 -38.44
CA LYS L 7 12.41 51.47 -38.21
C LYS L 7 11.58 50.77 -37.14
N LYS L 8 11.58 49.43 -37.17
CA LYS L 8 10.78 48.59 -36.28
C LYS L 8 11.46 47.24 -36.05
N TYR L 9 11.18 46.61 -34.91
CA TYR L 9 11.70 45.27 -34.57
C TYR L 9 10.62 44.38 -33.97
N ASP L 10 10.71 43.07 -34.24
CA ASP L 10 9.78 42.08 -33.67
C ASP L 10 10.16 41.71 -32.22
N LEU L 11 9.42 40.78 -31.62
CA LEU L 11 9.64 40.36 -30.22
C LEU L 11 11.06 39.87 -29.89
N PHE L 12 11.71 39.19 -30.83
CA PHE L 12 13.11 38.76 -30.66
C PHE L 12 14.11 39.90 -30.84
N GLY L 13 13.80 40.83 -31.74
CA GLY L 13 14.68 41.95 -32.08
C GLY L 13 15.27 41.91 -33.49
N TYR L 14 14.74 41.04 -34.36
CA TYR L 14 15.13 41.00 -35.77
C TYR L 14 14.47 42.16 -36.53
N GLU L 15 15.02 42.47 -37.71
CA GLU L 15 14.46 43.50 -38.57
C GLU L 15 13.15 43.02 -39.18
N VAL L 16 12.21 43.95 -39.36
CA VAL L 16 10.88 43.64 -39.88
C VAL L 16 10.54 44.54 -41.07
N ASP L 17 9.84 43.99 -42.05
CA ASP L 17 9.46 44.72 -43.26
C ASP L 17 8.30 45.68 -42.98
N THR L 18 8.62 46.97 -42.91
CA THR L 18 7.60 48.03 -42.77
C THR L 18 6.99 48.45 -44.11
N ASN L 19 7.50 47.93 -45.23
CA ASN L 19 6.95 48.23 -46.57
C ASN L 19 5.53 47.68 -46.70
N THR L 20 4.57 48.52 -46.35
CA THR L 20 3.15 48.15 -46.28
C THR L 20 2.45 48.33 -47.64
N ALA L 21 2.76 49.43 -48.34
CA ALA L 21 2.04 49.86 -49.55
C ALA L 21 1.80 48.81 -50.65
N PRO L 22 2.77 47.91 -50.92
CA PRO L 22 2.50 46.81 -51.86
C PRO L 22 1.35 45.89 -51.46
N TRP L 23 1.27 45.56 -50.17
CA TRP L 23 0.23 44.68 -49.63
C TRP L 23 -1.14 45.38 -49.50
N ILE L 24 -1.14 46.72 -49.45
CA ILE L 24 -2.38 47.51 -49.37
C ILE L 24 -3.17 47.40 -50.68
N GLU L 25 -2.49 47.54 -51.81
CA GLU L 25 -3.14 47.47 -53.13
C GLU L 25 -3.68 46.07 -53.46
N LYS L 26 -3.11 45.03 -52.85
CA LYS L 26 -3.66 43.67 -52.93
C LYS L 26 -5.02 43.57 -52.24
N ILE L 27 -5.16 44.25 -51.10
CA ILE L 27 -6.41 44.27 -50.34
C ILE L 27 -7.50 45.11 -51.04
N LYS L 28 -7.10 46.10 -51.84
CA LYS L 28 -8.06 46.92 -52.61
C LYS L 28 -8.74 46.12 -53.73
N LYS L 29 -7.97 45.30 -54.43
CA LYS L 29 -8.53 44.29 -55.35
C LYS L 29 -9.05 43.12 -54.52
N CYS L 30 -10.28 43.28 -54.01
CA CYS L 30 -10.82 42.43 -52.94
C CYS L 30 -11.92 41.49 -53.41
N LYS L 31 -12.97 42.04 -54.01
CA LYS L 31 -14.12 41.29 -54.56
C LYS L 31 -15.02 40.65 -53.48
N TYR L 32 -14.47 39.73 -52.68
CA TYR L 32 -15.15 39.16 -51.51
C TYR L 32 -14.23 39.26 -50.30
N TYR L 33 -14.80 39.59 -49.14
CA TYR L 33 -13.98 39.98 -47.97
C TYR L 33 -13.18 38.90 -47.25
N ASP L 34 -13.44 37.62 -47.55
CA ASP L 34 -12.61 36.54 -47.01
C ASP L 34 -11.21 36.49 -47.65
N GLU L 35 -11.10 37.01 -48.88
CA GLU L 35 -9.82 37.11 -49.57
C GLU L 35 -8.87 38.12 -48.90
N ALA L 36 -9.43 39.12 -48.21
CA ALA L 36 -8.63 40.10 -47.46
C ALA L 36 -7.85 39.47 -46.32
N GLY L 37 -8.49 38.52 -45.62
CA GLY L 37 -7.82 37.73 -44.58
C GLY L 37 -6.67 36.88 -45.11
N GLU L 38 -6.88 36.28 -46.29
CA GLU L 38 -5.84 35.50 -46.97
C GLU L 38 -4.61 36.35 -47.31
N VAL L 39 -4.82 37.62 -47.64
CA VAL L 39 -3.72 38.57 -47.87
C VAL L 39 -3.03 38.92 -46.54
N LEU L 40 -3.83 39.21 -45.51
CA LEU L 40 -3.31 39.49 -44.15
C LEU L 40 -2.43 38.38 -43.59
N VAL L 41 -2.76 37.13 -43.94
CA VAL L 41 -1.91 35.98 -43.64
C VAL L 41 -0.58 36.10 -44.38
N ASN L 42 -0.65 36.33 -45.68
CA ASN L 42 0.54 36.39 -46.56
C ASN L 42 1.54 37.50 -46.22
N MET L 43 1.10 38.59 -45.58
CA MET L 43 2.01 39.64 -45.10
C MET L 43 2.82 39.14 -43.92
N ASN L 44 2.11 38.62 -42.91
CA ASN L 44 2.73 38.06 -41.70
C ASN L 44 3.73 36.94 -42.01
N VAL L 45 3.37 36.10 -42.99
CA VAL L 45 4.26 35.02 -43.47
C VAL L 45 5.58 35.59 -44.02
N SER L 46 5.50 36.72 -44.73
CA SER L 46 6.69 37.41 -45.24
C SER L 46 7.12 38.55 -44.30
N ASN L 47 7.36 38.20 -43.03
CA ASN L 47 7.76 39.13 -41.95
C ASN L 47 7.36 40.61 -42.13
N CYS L 48 6.07 40.83 -42.41
CA CYS L 48 5.52 42.18 -42.62
C CYS L 48 4.22 42.32 -41.83
N PRO L 49 4.30 42.82 -40.57
CA PRO L 49 3.09 42.90 -39.75
C PRO L 49 2.11 43.99 -40.26
N PRO L 50 0.79 43.72 -40.17
CA PRO L 50 -0.23 44.71 -40.54
C PRO L 50 -0.03 46.09 -39.92
N ASP L 51 -0.09 47.13 -40.76
CA ASP L 51 0.02 48.53 -40.33
C ASP L 51 -1.36 48.99 -39.87
N ILE L 52 -1.41 50.17 -39.25
CA ILE L 52 -2.68 50.76 -38.81
C ILE L 52 -3.56 51.11 -40.03
N ALA L 53 -2.93 51.52 -41.13
CA ALA L 53 -3.63 51.78 -42.40
C ALA L 53 -4.15 50.49 -43.07
N THR L 54 -3.42 49.39 -42.89
CA THR L 54 -3.81 48.09 -43.47
C THR L 54 -5.11 47.55 -42.89
N TYR L 55 -5.27 47.67 -41.58
CA TYR L 55 -6.51 47.26 -40.90
C TYR L 55 -7.71 48.07 -41.40
N ASN L 56 -7.52 49.38 -41.60
CA ASN L 56 -8.55 50.26 -42.15
C ASN L 56 -8.87 49.93 -43.61
N ALA L 57 -7.85 49.56 -44.39
CA ALA L 57 -8.04 49.09 -45.77
C ALA L 57 -8.81 47.77 -45.85
N THR L 58 -8.61 46.90 -44.85
CA THR L 58 -9.38 45.66 -44.72
C THR L 58 -10.82 45.97 -44.35
N LEU L 59 -10.99 46.81 -43.32
CA LEU L 59 -12.32 47.27 -42.87
C LEU L 59 -13.18 47.85 -43.99
N GLN L 60 -12.53 48.54 -44.94
CA GLN L 60 -13.20 49.04 -46.15
C GLN L 60 -13.76 47.90 -47.01
N CYS L 61 -12.94 46.87 -47.24
CA CYS L 61 -13.36 45.71 -48.05
C CYS L 61 -14.51 44.91 -47.41
N ILE L 62 -14.54 44.84 -46.06
CA ILE L 62 -15.63 44.15 -45.35
C ILE L 62 -16.97 44.86 -45.62
N TYR L 63 -16.94 46.19 -45.61
CA TYR L 63 -18.12 47.01 -45.88
C TYR L 63 -18.62 46.89 -47.32
N GLN L 64 -17.71 47.06 -48.29
CA GLN L 64 -18.10 47.22 -49.70
C GLN L 64 -18.64 45.94 -50.34
N SER L 65 -17.88 44.84 -50.22
CA SER L 65 -18.20 43.59 -50.90
C SER L 65 -19.41 42.86 -50.30
N PRO L 66 -19.94 41.83 -51.00
CA PRO L 66 -20.74 40.80 -50.33
C PRO L 66 -19.89 39.95 -49.36
N SER L 67 -20.38 38.79 -48.93
CA SER L 67 -19.72 38.01 -47.88
C SER L 67 -18.53 37.15 -48.34
N LYS L 68 -18.37 35.93 -47.84
CA LYS L 68 -17.11 35.17 -47.90
C LYS L 68 -16.57 34.99 -49.31
N GLN L 69 -17.35 34.30 -50.16
CA GLN L 69 -16.99 34.09 -51.57
C GLN L 69 -18.27 33.80 -52.39
N SER L 70 -18.18 32.96 -53.43
CA SER L 70 -19.28 32.74 -54.37
C SER L 70 -20.55 32.24 -53.68
N THR L 71 -20.38 31.22 -52.84
CA THR L 71 -21.49 30.64 -52.07
C THR L 71 -21.64 31.39 -50.74
N PRO L 72 -22.88 31.46 -50.20
CA PRO L 72 -23.10 32.11 -48.92
C PRO L 72 -22.87 31.15 -47.74
N VAL L 73 -22.30 31.66 -46.65
CA VAL L 73 -22.11 30.92 -45.42
C VAL L 73 -23.34 31.12 -44.53
N ASP L 74 -23.56 30.21 -43.59
CA ASP L 74 -24.69 30.29 -42.67
C ASP L 74 -24.42 31.32 -41.60
N ASN L 75 -25.40 32.19 -41.33
CA ASN L 75 -25.32 33.25 -40.30
C ASN L 75 -24.15 34.20 -40.55
N GLU L 76 -24.15 34.81 -41.74
CA GLU L 76 -23.09 35.78 -42.13
C GLU L 76 -23.26 37.01 -41.19
N SER L 77 -22.13 37.63 -40.88
CA SER L 77 -22.08 38.80 -40.01
C SER L 77 -20.83 39.59 -40.29
N LYS L 78 -20.95 40.64 -41.10
CA LYS L 78 -19.85 41.55 -41.42
C LYS L 78 -19.34 42.25 -40.16
N PHE L 79 -20.27 42.54 -39.24
CA PHE L 79 -19.94 43.16 -37.94
C PHE L 79 -19.05 42.27 -37.08
N CYS L 80 -19.40 40.99 -36.98
CA CYS L 80 -18.62 40.03 -36.17
C CYS L 80 -17.23 39.78 -36.73
N ALA L 81 -17.13 39.66 -38.05
CA ALA L 81 -15.83 39.57 -38.75
C ALA L 81 -15.02 40.86 -38.57
N MET L 82 -15.73 41.99 -38.61
CA MET L 82 -15.13 43.32 -38.43
C MET L 82 -14.61 43.53 -37.01
N MET L 83 -15.45 43.22 -36.01
CA MET L 83 -15.07 43.39 -34.60
C MET L 83 -14.00 42.42 -34.09
N ASP L 84 -13.88 41.26 -34.74
CA ASP L 84 -12.77 40.33 -34.48
C ASP L 84 -11.44 40.95 -34.87
N LEU L 85 -11.41 41.61 -36.04
CA LEU L 85 -10.20 42.25 -36.55
C LEU L 85 -9.71 43.39 -35.65
N LEU L 86 -10.66 44.12 -35.06
CA LEU L 86 -10.34 45.15 -34.04
C LEU L 86 -9.72 44.53 -32.79
N GLU L 87 -10.27 43.41 -32.32
CA GLU L 87 -9.73 42.69 -31.17
C GLU L 87 -8.29 42.22 -31.42
N GLU L 88 -7.99 41.84 -32.66
CA GLU L 88 -6.64 41.42 -33.05
C GLU L 88 -5.63 42.57 -32.97
N MET L 89 -6.01 43.74 -33.47
CA MET L 89 -5.09 44.88 -33.52
C MET L 89 -4.89 45.55 -32.15
N GLN L 90 -5.95 45.60 -31.33
CA GLN L 90 -5.89 46.23 -30.00
C GLN L 90 -5.08 45.41 -29.00
N HIS L 91 -5.51 44.16 -28.76
CA HIS L 91 -4.96 43.35 -27.67
C HIS L 91 -3.64 42.68 -28.04
N ARG L 92 -3.68 41.88 -29.10
CA ARG L 92 -2.54 41.04 -29.48
C ARG L 92 -1.40 41.82 -30.15
N ASN L 93 -1.72 42.52 -31.24
CA ASN L 93 -0.71 43.31 -31.98
C ASN L 93 -0.36 44.65 -31.31
N ARG L 94 -1.19 45.11 -30.37
CA ARG L 94 -0.93 46.33 -29.57
C ARG L 94 -0.94 47.60 -30.42
N LEU L 95 -2.10 47.89 -31.02
CA LEU L 95 -2.30 49.05 -31.88
C LEU L 95 -3.68 49.66 -31.63
N LYS L 96 -3.71 50.93 -31.26
CA LYS L 96 -4.98 51.65 -31.02
C LYS L 96 -5.63 51.99 -32.38
N PRO L 97 -6.88 51.54 -32.61
CA PRO L 97 -7.55 51.93 -33.87
C PRO L 97 -7.89 53.42 -33.91
N ASN L 98 -7.54 54.09 -35.01
CA ASN L 98 -7.78 55.54 -35.16
C ASN L 98 -9.25 55.85 -35.49
N GLU L 99 -9.56 57.12 -35.74
CA GLU L 99 -10.93 57.58 -36.04
C GLU L 99 -11.55 56.91 -37.26
N GLU L 100 -10.74 56.61 -38.28
CA GLU L 100 -11.20 55.90 -39.48
C GLU L 100 -11.73 54.50 -39.17
N SER L 101 -11.11 53.81 -38.21
CA SER L 101 -11.45 52.42 -37.86
C SER L 101 -12.91 52.25 -37.45
N TRP L 102 -13.36 53.05 -36.49
CA TRP L 102 -14.72 52.93 -35.94
C TRP L 102 -15.81 53.56 -36.83
N THR L 103 -15.42 54.43 -37.76
CA THR L 103 -16.37 55.01 -38.72
C THR L 103 -16.86 53.96 -39.73
N TRP L 104 -15.97 53.06 -40.15
CA TRP L 104 -16.34 51.90 -40.98
C TRP L 104 -17.34 50.96 -40.28
N VAL L 105 -17.24 50.86 -38.95
CA VAL L 105 -18.13 50.03 -38.15
C VAL L 105 -19.54 50.64 -38.10
N MET L 106 -19.62 51.95 -37.91
CA MET L 106 -20.89 52.67 -37.87
C MET L 106 -21.65 52.60 -39.20
N LYS L 107 -20.91 52.64 -40.31
CA LYS L 107 -21.51 52.51 -41.66
C LYS L 107 -22.24 51.18 -41.85
N GLU L 108 -21.63 50.08 -41.38
CA GLU L 108 -22.20 48.74 -41.55
C GLU L 108 -23.47 48.51 -40.73
N CYS L 109 -23.59 49.18 -39.59
CA CYS L 109 -24.80 49.10 -38.76
C CYS L 109 -26.03 49.70 -39.45
N VAL L 110 -25.84 50.90 -40.01
CA VAL L 110 -26.92 51.59 -40.74
C VAL L 110 -27.21 50.97 -42.12
N LYS L 111 -26.18 50.38 -42.76
CA LYS L 111 -26.34 49.77 -44.09
C LYS L 111 -27.14 48.47 -44.01
N SER L 112 -26.71 47.56 -43.13
CA SER L 112 -27.41 46.29 -42.90
C SER L 112 -28.74 46.45 -42.16
N GLY L 113 -28.88 47.54 -41.41
CA GLY L 113 -30.11 47.85 -40.68
C GLY L 113 -30.08 47.52 -39.20
N GLN L 114 -28.97 46.94 -38.72
CA GLN L 114 -28.81 46.64 -37.29
C GLN L 114 -28.54 47.92 -36.50
N PHE L 115 -29.63 48.63 -36.20
CA PHE L 115 -29.59 49.91 -35.48
C PHE L 115 -29.19 49.78 -34.00
N ARG L 116 -29.59 48.68 -33.36
CA ARG L 116 -29.29 48.44 -31.93
C ARG L 116 -27.79 48.41 -31.64
N LEU L 117 -27.02 47.82 -32.56
CA LEU L 117 -25.55 47.89 -32.50
C LEU L 117 -25.08 49.33 -32.66
N GLY L 118 -25.65 50.04 -33.64
CA GLY L 118 -25.37 51.46 -33.89
C GLY L 118 -25.48 52.39 -32.69
N TYR L 119 -26.45 52.14 -31.82
CA TYR L 119 -26.58 52.87 -30.55
C TYR L 119 -25.38 52.64 -29.63
N CYS L 120 -24.90 51.39 -29.57
CA CYS L 120 -23.75 51.04 -28.74
C CYS L 120 -22.43 51.62 -29.27
N ILE L 121 -22.28 51.70 -30.58
CA ILE L 121 -21.00 52.06 -31.21
C ILE L 121 -20.81 53.58 -31.39
N GLN L 122 -21.91 54.33 -31.46
CA GLN L 122 -21.82 55.80 -31.39
C GLN L 122 -21.42 56.28 -29.99
N GLN L 123 -21.88 55.56 -28.97
CA GLN L 123 -21.42 55.76 -27.58
C GLN L 123 -19.91 55.51 -27.46
N VAL L 124 -19.45 54.44 -28.11
CA VAL L 124 -18.02 54.11 -28.21
C VAL L 124 -17.24 55.19 -28.96
N MET L 125 -17.75 55.59 -30.12
CA MET L 125 -17.09 56.58 -30.98
C MET L 125 -17.04 57.97 -30.33
N GLU L 126 -18.10 58.32 -29.59
CA GLU L 126 -18.14 59.57 -28.85
C GLU L 126 -17.14 59.59 -27.69
N THR L 127 -17.04 58.49 -26.94
CA THR L 127 -16.15 58.42 -25.77
C THR L 127 -14.73 58.13 -26.23
N GLU L 128 -13.72 58.47 -25.41
CA GLU L 128 -12.32 58.09 -25.68
C GLU L 128 -11.70 58.77 -26.91
N CYS L 129 -12.23 58.42 -28.08
CA CYS L 129 -11.90 59.07 -29.35
C CYS L 129 -12.79 60.28 -29.72
N LYS L 130 -13.49 60.87 -28.74
CA LYS L 130 -13.98 62.26 -28.77
C LYS L 130 -14.52 62.79 -30.09
N GLY L 131 -15.26 61.97 -30.84
CA GLY L 131 -15.76 62.35 -32.17
C GLY L 131 -17.15 61.82 -32.49
N CYS L 132 -18.03 62.74 -32.94
CA CYS L 132 -19.42 62.45 -33.26
C CYS L 132 -19.63 62.77 -34.75
N PRO L 133 -19.69 61.72 -35.61
CA PRO L 133 -19.76 61.96 -37.05
C PRO L 133 -21.11 62.34 -37.63
N ALA L 134 -22.17 62.57 -36.84
CA ALA L 134 -23.43 63.16 -37.28
C ALA L 134 -24.15 62.53 -38.46
N ASP L 135 -23.53 62.56 -39.65
CA ASP L 135 -24.03 61.89 -40.88
C ASP L 135 -24.76 60.59 -40.59
N LEU L 136 -24.08 59.66 -39.92
CA LEU L 136 -24.61 58.33 -39.63
C LEU L 136 -25.51 58.28 -38.40
N VAL L 137 -25.35 59.23 -37.47
CA VAL L 137 -26.17 59.30 -36.25
C VAL L 137 -27.66 59.48 -36.59
N LYS L 138 -27.95 60.37 -37.53
CA LYS L 138 -29.32 60.61 -37.98
C LYS L 138 -29.85 59.47 -38.85
N ALA L 139 -28.98 58.86 -39.64
CA ALA L 139 -29.31 57.65 -40.40
C ALA L 139 -29.58 56.44 -39.52
N ASN L 140 -28.89 56.37 -38.37
CA ASN L 140 -29.10 55.31 -37.37
C ASN L 140 -30.40 55.54 -36.61
N GLU L 141 -30.62 56.78 -36.18
CA GLU L 141 -31.87 57.19 -35.52
C GLU L 141 -33.11 57.04 -36.41
N ALA L 142 -32.92 57.17 -37.73
CA ALA L 142 -33.99 56.93 -38.72
C ALA L 142 -34.44 55.46 -38.72
N ASN L 143 -33.48 54.54 -38.67
CA ASN L 143 -33.76 53.10 -38.60
C ASN L 143 -34.40 52.69 -37.27
N ALA L 144 -34.10 53.41 -36.19
CA ALA L 144 -34.73 53.18 -34.88
C ALA L 144 -36.22 53.53 -34.91
N GLN L 145 -36.55 54.67 -35.49
CA GLN L 145 -37.94 55.11 -35.65
C GLN L 145 -38.67 54.26 -36.72
N LYS L 146 -37.94 53.78 -37.72
CA LYS L 146 -38.48 52.89 -38.76
C LYS L 146 -39.05 51.59 -38.17
N ALA L 147 -38.36 51.03 -37.17
CA ALA L 147 -38.81 49.80 -36.51
C ALA L 147 -40.04 50.02 -35.63
N LYS L 148 -40.12 51.18 -34.97
CA LYS L 148 -41.24 51.52 -34.08
C LYS L 148 -42.55 51.75 -34.85
N THR L 149 -42.49 52.62 -35.85
CA THR L 149 -43.69 53.02 -36.61
C THR L 149 -44.25 51.92 -37.51
N GLU L 150 -43.38 51.07 -38.07
CA GLU L 150 -43.79 50.00 -38.98
C GLU L 150 -44.58 48.88 -38.28
N GLY L 151 -43.99 48.32 -37.24
CA GLY L 151 -44.62 47.25 -36.46
C GLY L 151 -44.10 47.20 -35.04
N LYS L 152 -42.91 46.62 -34.88
CA LYS L 152 -42.25 46.51 -33.57
C LYS L 152 -40.74 46.30 -33.74
N GLU L 153 -39.99 46.64 -32.69
CA GLU L 153 -38.52 46.77 -32.79
C GLU L 153 -37.80 45.49 -32.38
N HIS L 154 -38.19 44.90 -31.24
CA HIS L 154 -37.66 43.60 -30.78
C HIS L 154 -38.16 42.44 -31.63
N PRO L 155 -37.72 41.19 -31.33
CA PRO L 155 -38.23 40.01 -32.04
C PRO L 155 -39.74 40.06 -32.23
N GLY L 156 -40.50 40.22 -31.16
CA GLY L 156 -41.92 40.54 -31.24
C GLY L 156 -42.71 39.39 -30.67
N HIS L 157 -42.56 38.21 -31.24
CA HIS L 157 -43.33 37.02 -30.80
C HIS L 157 -42.88 36.53 -29.42
N LEU L 158 -41.60 36.75 -29.12
CA LEU L 158 -41.02 36.37 -27.82
C LEU L 158 -41.41 37.37 -26.72
N SER L 159 -41.36 38.67 -27.06
CA SER L 159 -41.61 39.75 -26.10
C SER L 159 -43.03 39.76 -25.51
N GLN L 160 -44.05 39.68 -26.36
CA GLN L 160 -45.44 39.88 -25.93
C GLN L 160 -46.00 38.71 -25.12
N GLN L 161 -45.50 37.52 -25.41
CA GLN L 161 -46.03 36.26 -24.83
C GLN L 161 -45.76 36.13 -23.33
N ALA L 162 -46.77 36.37 -22.50
CA ALA L 162 -46.65 36.25 -21.05
C ALA L 162 -46.38 34.80 -20.62
N GLY L 163 -45.15 34.56 -20.16
CA GLY L 163 -44.69 33.24 -19.75
C GLY L 163 -45.26 32.89 -18.40
N LEU L 164 -44.46 33.02 -17.35
CA LEU L 164 -44.85 32.73 -15.95
C LEU L 164 -45.29 31.26 -15.79
N PHE L 165 -44.31 30.38 -15.50
CA PHE L 165 -44.50 28.92 -15.37
C PHE L 165 -44.51 28.18 -16.72
N ASP L 166 -45.25 28.68 -17.70
CA ASP L 166 -45.28 28.10 -19.05
C ASP L 166 -44.24 28.79 -19.96
N VAL L 167 -43.10 28.12 -20.10
CA VAL L 167 -42.04 28.52 -21.04
C VAL L 167 -41.56 27.26 -21.77
N LYS L 168 -41.53 27.32 -23.10
CA LYS L 168 -41.14 26.17 -23.93
C LYS L 168 -39.62 25.97 -23.90
N VAL L 169 -39.20 24.71 -23.75
CA VAL L 169 -37.77 24.36 -23.62
C VAL L 169 -37.10 23.99 -24.96
N GLU L 170 -37.89 23.46 -25.91
CA GLU L 170 -37.42 23.10 -27.25
C GLU L 170 -36.37 22.00 -27.23
PB ADP M . -15.81 8.84 -21.85
O1B ADP M . -15.03 9.13 -20.60
O2B ADP M . -15.17 9.41 -23.09
O3B ADP M . -16.26 7.41 -21.99
PA ADP M . -18.18 10.06 -22.85
O1A ADP M . -17.78 11.39 -23.43
O2A ADP M . -18.32 8.85 -23.75
O3A ADP M . -17.17 9.69 -21.65
O5' ADP M . -19.57 10.28 -22.08
C5' ADP M . -20.21 9.21 -21.39
C4' ADP M . -21.66 9.58 -21.11
O4' ADP M . -21.71 10.74 -20.28
C3' ADP M . -22.44 9.87 -22.38
O3' ADP M . -23.59 9.01 -22.47
C2' ADP M . -22.83 11.34 -22.29
O2' ADP M . -24.18 11.58 -22.70
C1' ADP M . -22.62 11.71 -20.83
N9 ADP M . -22.09 13.09 -20.68
C8 ADP M . -20.85 13.50 -21.02
N7 ADP M . -20.69 14.82 -20.76
C5 ADP M . -21.84 15.28 -20.26
C6 ADP M . -22.36 16.58 -19.77
N6 ADP M . -21.58 17.68 -19.79
N1 ADP M . -23.64 16.62 -19.33
C2 ADP M . -24.44 15.53 -19.30
N3 ADP M . -24.03 14.32 -19.73
C4 ADP M . -22.77 14.13 -20.20
MG MG N . -14.37 8.33 -24.81
PB ADP O . 25.37 10.77 7.01
O1B ADP O . 24.07 10.05 7.34
O2B ADP O . 26.58 9.90 7.20
O3B ADP O . 25.34 11.57 5.73
PA ADP O . 26.85 12.72 8.47
O1A ADP O . 27.70 11.93 9.43
O2A ADP O . 27.44 13.19 7.17
O3A ADP O . 25.49 11.88 8.18
O5' ADP O . 26.28 14.01 9.24
C5' ADP O . 25.34 14.90 8.65
C4' ADP O . 25.54 16.31 9.18
O4' ADP O . 25.34 16.32 10.61
C3' ADP O . 26.94 16.84 8.92
O3' ADP O . 26.87 18.19 8.44
C2' ADP O . 27.64 16.77 10.27
O2' ADP O . 28.56 17.83 10.49
C1' ADP O . 26.50 16.82 11.27
N9 ADP O . 26.79 16.03 12.49
C8 ADP O . 27.08 14.71 12.55
N7 ADP O . 27.28 14.31 13.82
C5 ADP O . 27.11 15.37 14.62
C6 ADP O . 27.17 15.64 16.08
N6 ADP O . 27.46 14.66 16.95
N1 ADP O . 26.92 16.91 16.49
C2 ADP O . 26.62 17.91 15.63
N3 ADP O . 26.56 17.74 14.29
C4 ADP O . 26.78 16.51 13.74
MG MG P . 27.63 9.29 5.39
PB ADP Q . -4.65 -27.54 7.56
O1B ADP Q . -5.09 -26.14 7.22
O2B ADP Q . -5.07 -28.58 6.54
O3B ADP Q . -3.21 -27.66 8.00
PA ADP Q . -5.60 -29.40 9.48
O1A ADP Q . -6.90 -30.02 9.04
O2A ADP Q . -4.31 -30.13 9.24
O3A ADP Q . -5.51 -27.91 8.86
O5' ADP Q . -5.73 -29.09 11.05
C5' ADP Q . -4.70 -28.44 11.78
C4' ADP Q . -4.88 -28.75 13.27
O4' ADP Q . -6.13 -28.24 13.71
C3' ADP Q . -4.86 -30.25 13.54
O3' ADP Q . -3.96 -30.56 14.60
C2' ADP Q . -6.29 -30.59 13.90
O2' ADP Q . -6.37 -31.56 14.95
C1' ADP Q . -6.91 -29.26 14.33
N9 ADP Q . -8.35 -29.18 13.94
C8 ADP Q . -8.84 -29.23 12.69
N7 ADP Q . -10.20 -29.13 12.68
C5 ADP Q . -10.59 -29.01 13.95
C6 ADP Q . -11.88 -28.84 14.66
N6 ADP Q . -13.04 -28.80 13.97
N1 ADP Q . -11.85 -28.74 16.01
C2 ADP Q . -10.69 -28.77 16.72
N3 ADP Q . -9.49 -28.91 16.12
C4 ADP Q . -9.37 -29.03 14.78
MG MG R . -3.63 -29.71 5.37
PB ADP S . -20.52 -16.02 -11.69
O1B ADP S . -20.89 -14.62 -11.23
O2B ADP S . -21.02 -16.35 -13.07
O3B ADP S . -19.08 -16.38 -11.47
PA ADP S . -22.94 -17.26 -10.72
O1A ADP S . -23.59 -16.23 -11.62
O2A ADP S . -23.15 -18.72 -11.01
O3A ADP S . -21.34 -17.00 -10.68
O5' ADP S . -23.42 -16.98 -9.20
C5' ADP S . -23.12 -17.89 -8.14
C4' ADP S . -23.85 -17.60 -6.82
O4' ADP S . -24.32 -16.25 -6.74
C3' ADP S . -25.07 -18.48 -6.60
O3' ADP S . -24.78 -19.55 -5.69
C2' ADP S . -26.16 -17.58 -6.04
O2' ADP S . -26.48 -17.91 -4.68
C1' ADP S . -25.60 -16.16 -6.11
N9 ADP S . -26.51 -15.26 -6.89
C8 ADP S . -26.12 -14.45 -7.89
N7 ADP S . -27.16 -13.75 -8.40
C5 ADP S . -28.25 -14.10 -7.72
C6 ADP S . -29.69 -13.73 -7.74
N6 ADP S . -30.17 -12.83 -8.63
N1 ADP S . -30.52 -14.34 -6.85
C2 ADP S . -30.06 -15.24 -5.95
N3 ADP S . -28.76 -15.61 -5.87
C4 ADP S . -27.82 -15.09 -6.71
MG MG T . -20.41 -18.06 -14.29
PB ADP U . 7.13 28.85 -12.76
O1B ADP U . 8.52 28.62 -12.23
O2B ADP U . 6.19 27.71 -12.48
O3B ADP U . 7.07 29.38 -14.18
PA ADP U . 7.19 31.54 -11.83
O1A ADP U . 8.59 31.44 -11.25
O2A ADP U . 7.00 32.17 -13.19
O3A ADP U . 6.55 30.06 -11.85
O5' ADP U . 6.25 32.32 -10.78
C5' ADP U . 4.83 32.33 -10.94
C4' ADP U . 4.25 33.68 -10.53
O4' ADP U . 4.66 34.04 -9.21
C3' ADP U . 4.65 34.82 -11.46
O3' ADP U . 3.62 35.10 -12.41
C2' ADP U . 4.95 36.00 -10.55
O2' ADP U . 3.94 37.01 -10.66
C1' ADP U . 4.97 35.44 -9.12
N9 ADP U . 6.30 35.67 -8.49
C8 ADP U . 7.29 34.75 -8.35
N7 ADP U . 8.37 35.29 -7.72
C5 ADP U . 8.08 36.57 -7.44
C6 ADP U . 8.78 37.71 -6.78
N6 ADP U . 10.03 37.59 -6.29
N1 ADP U . 8.12 38.90 -6.69
C2 ADP U . 6.86 39.05 -7.17
N3 ADP U . 6.18 38.05 -7.77
C4 ADP U . 6.71 36.81 -7.94
PB ADP V . 18.47 -13.81 15.30
O1B ADP V . 17.10 -13.79 15.93
O2B ADP V . 19.05 -15.18 15.16
O3B ADP V . 18.56 -13.00 14.03
PA ADP V . 19.64 -13.41 17.90
O1A ADP V . 18.76 -14.57 18.26
O2A ADP V . 21.13 -13.51 18.11
O3A ADP V . 19.41 -13.00 16.35
O5' ADP V . 19.10 -12.13 18.72
C5' ADP V . 19.64 -10.82 18.47
C4' ADP V . 19.23 -9.82 19.54
O4' ADP V . 17.89 -10.02 20.04
C3' ADP V . 20.14 -9.89 20.76
O3' ADP V . 21.24 -8.99 20.62
C2' ADP V . 19.26 -9.53 21.94
O2' ADP V . 19.47 -8.18 22.39
C1' ADP V . 17.82 -9.70 21.44
N9 ADP V . 17.13 -10.76 22.23
C8 ADP V . 16.66 -11.93 21.76
N7 ADP V . 16.09 -12.68 22.74
C5 ADP V . 16.19 -11.97 23.88
C6 ADP V . 15.79 -12.17 25.29
N6 ADP V . 15.15 -13.29 25.69
N1 ADP V . 16.06 -11.17 26.18
C2 ADP V . 16.69 -10.03 25.80
N3 ADP V . 17.09 -9.80 24.52
C4 ADP V . 16.87 -10.71 23.54
MG MG W . 20.90 -16.03 14.37
#